data_9IKI
#
_entry.id   9IKI
#
_cell.length_a   181.900
_cell.length_b   204.000
_cell.length_c   177.700
_cell.angle_alpha   90.00
_cell.angle_beta   90.00
_cell.angle_gamma   90.00
#
_symmetry.space_group_name_H-M   'P 21 21 21'
#
loop_
_entity.id
_entity.type
_entity.pdbx_description
1 polymer 'Cytochrome c oxidase subunit 1'
2 polymer 'Cytochrome c oxidase subunit 2'
3 polymer 'Cytochrome c oxidase subunit 3'
4 polymer 'Cytochrome c oxidase subunit 4 isoform 1, mitochondrial'
5 polymer 'Cytochrome c oxidase subunit 5A'
6 polymer 'Cytochrome c oxidase subunit 5B, mitochondrial'
7 polymer 'Cytochrome c oxidase subunit 6A2, mitochondrial'
8 polymer 'Cytochrome c oxidase subunit 6B1'
9 polymer 'Cytochrome c oxidase subunit 6C'
10 polymer 'Cytochrome c oxidase subunit 7A1'
11 polymer 'Cytochrome c oxidase subunit 7B, mitochondrial'
12 polymer 'Cytochrome c oxidase subunit 7C, mitochondrial'
13 polymer 'Cytochrome c oxidase subunit 8B, mitochondrial'
14 non-polymer HEME-A
15 non-polymer 'COPPER (II) ION'
16 non-polymer 'MAGNESIUM ION'
17 non-polymer 'SODIUM ION'
18 non-polymer 'NITROUS OXIDE'
19 non-polymer EICOSANE
20 non-polymer DECYL-BETA-D-MALTOPYRANOSIDE
21 non-polymer 1,2-ETHANEDIOL
22 non-polymer '(1R)-2-{[{[(2S)-2,3-DIHYDROXYPROPYL]OXY}(HYDROXY)PHOSPHORYL]OXY}-1-[(PALMITOYLOXY)METHYL]ETHYL (11E)-OCTADEC-11-ENOATE'
23 non-polymer 'DINUCLEAR COPPER ION'
24 non-polymer 'CHOLIC ACID'
25 non-polymer 'UNKNOWN ATOM OR ION'
26 non-polymer CARDIOLIPIN
27 non-polymer 'ZINC ION'
28 non-polymer '(1S)-2-{[(2-AMINOETHOXY)(HYDROXY)PHOSPHORYL]OXY}-1-[(STEAROYLOXY)METHYL]ETHYL (5E,8E,11E,14E)-ICOSA-5,8,11,14-TETRAENOATE'
29 water water
#
loop_
_entity_poly.entity_id
_entity_poly.type
_entity_poly.pdbx_seq_one_letter_code
_entity_poly.pdbx_strand_id
1 'polypeptide(L)'
;(FME)FINRWLFSTNHKDIGTLYLLFGAWAGMVGTALSLLIRAELGQPGTLLGDDQIYNVVVTAHAFVMIFFMVMPIMIG
GFGNWLVPLMIGAPDMAFPRMNNMSFWLLPPSFLLLLASSMVEAGAGTGWTVYPPLAGNLAHAGASVDLTIFSLHLAGVS
SILGAINFITTIINMKPPAMSQYQTPLFVWSVMITAVLLLLSLPVLAAGITMLLTDRNLNTTFFDPAGGGDPILYQHLFW
FFGHPEVYILILPGFGMISHIVTYYSGKKEPFGYMGMVWAMMSIGFLGFIVWAHHMFTVGMDVDTRAYFTSATMIIAIPT
GVKVFSWLATLHGGNIKWSPAMMWALGFIFLFTVGGLTGIVLANSSLDIVLHDTYYVVAHFHYVLSMGAVFAIMGGFVHW
FPLFSGYTLNDTWAKIHFAIMFVGVNMTFFPQHFLGLSGMPRRYSDYPDAYTMWNTISSMGSFISLTAVMLMVFIIWEAF
ASKREVLTVDLTTTNLEWLNGCPPPYHTFEEPTYVNLK
;
A,N
2 'polypeptide(L)'
;(FME)AYPMQLGFQDATSPIMEELLHFHDHTLMIVFLISSLVLYIISLMLTTKLTHTSTMDAQEVETIWTILPAIILILI
ALPSLRILYMMDEINNPSLTVKTMGHQWYWSYEYTDYEDLSFDSYMIPTSELKPGELRLLEVDNRVVLPMEMTIRMLVSS
EDVLHSWAVPSLGLKTDAIPGRLNQTTLMSSRPGLYYGQCSEICGSNHSFMPIVLELVPLKYFEKWSASML
;
B,O
3 'polypeptide(L)'
;MTHQTHAYHMVNPSPWPLTGALSALLMTSGLTMWFHFNSMTLLMIGLTTNMLTMYQWWRDVIRESTFQGHHTPAVQKGLR
YGMILFIISEVLFFTGFFWAFYHSSLAPTPELGGCWPPTGIHPLNPLEVPLLNTSVLLASGVSITWAHHSLMEGDRKHML
QALFITITLGVYFTLLQASEYYEAPFTISDGVYGSTFFVATGFHGLHVIIGSTFLIVCFFRQLKFHFTSNHHFGFEAAAW
YWHFVDVVWLFLYVSIYWWGS
;
C,P
4 'polypeptide(L)'
;AHGSVVKSEDYALPSYVDRRDYPLPDVAHVKNLSASQKALKEKEKASWSSLSIDEKVELYRLKFKESFAEMNRSTNEWKT
VVGAAMFFIGFTALLLIWEKHYVYGPIPHTFEEEWVAKQTKRMLDMKVAPIQGFSAKWDYDKNEWKK
;
D,Q
5 'polypeptide(L)'
;SHGSHETDEEFDARWVTYFNKPDIDAWELRKGMNTLVGYDLVPEPKIIDAALRACRRLNDFASAVRILEVVKDKAGPHKE
IYPYVIQELRPTLNELGISTPEELGLDKV
;
E,R
6 'polypeptide(L)'
;ASGGGVPTDEEQATGLEREVMLAARKGQDPYNILAPKATSGTKEDPNLVPSITNKRIVGCICEEDNSTVIWFWLHKGEAQ
RCPSCGTHYKLVPHQLAH
;
F,S
7 'polypeptide(L)'
;ASAAKGDHGGTGARTWRFLTFGLALPSVALCTLNSWLHSGHRERPAFIPYHHLRIRTKPFSWGDGNHTFFHNPRVNPLPT
GYEKP
;
G,T
8 'polypeptide(L)'
;AEDIQAKIKNYQTAPFDSRFPNQNQTRNCWQNYLDFHRCEKAMTAKGGDVSVCEWYRRVYKSLCPISWVSTWDDRRAEGT
FPGKI
;
H,U
9 'polypeptide(L)' STALAKPQMRGLLARRLRFHIVGAFMVSLGFATFYKFAVAEKRKKAYADFYRNYDSMKDFEEMRKAGIFQSAK I,V
10 'polypeptide(L)' FENRVAEKQKLFQEDNGLPVHLKGGATDNILYRVTMTLCLGGTLYSLYCLGWASFPHKK J,W
11 'polypeptide(L)' IHQKRAPDFHDKYGNAVLASGATFCVAVWVYMATQIGIEWNPSPVGRVTPKEWREQ K,X
12 'polypeptide(L)' SHYEEGPGKNIPFSVENKWRLLAMMTLFFGSGFAAPFFIVRHQLLKK L,Y
13 'polypeptide(L)' ITAKPAKTPTSPKEQAIGLSVTFLSFLLPAGWVLYHLDNYKKSSAA M,Z
#
loop_
_chem_comp.id
_chem_comp.type
_chem_comp.name
_chem_comp.formula
CDL non-polymer CARDIOLIPIN 'C81 H156 O17 P2 -2'
CHD non-polymer 'CHOLIC ACID' 'C24 H40 O5'
CU non-polymer 'COPPER (II) ION' 'Cu 2'
CUA non-polymer 'DINUCLEAR COPPER ION' Cu2
DMU D-saccharide DECYL-BETA-D-MALTOPYRANOSIDE 'C22 H42 O11'
EDO non-polymer 1,2-ETHANEDIOL 'C2 H6 O2'
HEA non-polymer HEME-A 'C49 H56 Fe N4 O6'
LFA non-polymer EICOSANE 'C20 H42'
MG non-polymer 'MAGNESIUM ION' 'Mg 2'
N2O non-polymer 'NITROUS OXIDE' 'N2 O'
NA non-polymer 'SODIUM ION' 'Na 1'
PEK non-polymer '(1S)-2-{[(2-AMINOETHOXY)(HYDROXY)PHOSPHORYL]OXY}-1-[(STEAROYLOXY)METHYL]ETHYL (5E,8E,11E,14E)-ICOSA-5,8,11,14-TETRAENOATE' 'C43 H78 N O8 P'
PGV non-polymer '(1R)-2-{[{[(2S)-2,3-DIHYDROXYPROPYL]OXY}(HYDROXY)PHOSPHORYL]OXY}-1-[(PALMITOYLOXY)METHYL]ETHYL (11E)-OCTADEC-11-ENOATE' 'C40 H77 O10 P'
UNX non-polymer 'UNKNOWN ATOM OR ION' ?
ZN non-polymer 'ZINC ION' 'Zn 2'
#
# COMPACT_ATOMS: atom_id res chain seq x y z
N FME A 1 39.62 35.97 6.06
CN FME A 1 38.38 36.23 6.50
O1 FME A 1 37.44 35.44 6.47
CA FME A 1 40.01 34.66 5.49
CB FME A 1 41.47 34.67 5.02
CG FME A 1 41.62 34.02 3.67
SD FME A 1 40.94 35.00 2.28
CE FME A 1 39.20 34.56 2.10
C FME A 1 39.79 33.51 6.46
O FME A 1 39.30 32.44 6.07
N PHE A 2 40.17 33.72 7.72
CA PHE A 2 40.01 32.71 8.74
C PHE A 2 38.51 32.39 8.93
N ILE A 3 37.67 33.42 9.07
CA ILE A 3 36.23 33.20 9.24
C ILE A 3 35.69 32.50 7.98
N ASN A 4 36.06 32.95 6.76
CA ASN A 4 35.51 32.36 5.53
C ASN A 4 35.91 30.87 5.54
N ARG A 5 37.14 30.57 5.94
CA ARG A 5 37.67 29.20 5.82
C ARG A 5 37.05 28.28 6.91
N TRP A 6 36.95 28.74 8.15
CA TRP A 6 36.70 27.84 9.30
C TRP A 6 35.29 27.99 9.86
N LEU A 7 34.61 29.11 9.59
CA LEU A 7 33.21 29.30 10.02
C LEU A 7 32.25 29.09 8.84
N PHE A 8 32.67 29.39 7.60
CA PHE A 8 31.84 29.37 6.38
C PHE A 8 32.27 28.21 5.45
N SER A 9 32.91 27.17 6.00
CA SER A 9 33.45 26.09 5.15
C SER A 9 32.38 25.47 4.25
N THR A 10 32.80 25.11 3.04
CA THR A 10 32.11 24.14 2.13
C THR A 10 33.10 23.06 1.67
N ASN A 11 34.06 22.73 2.52
CA ASN A 11 35.20 21.85 2.16
C ASN A 11 35.16 20.59 3.05
N HIS A 12 35.08 19.42 2.43
CA HIS A 12 34.95 18.16 3.22
C HIS A 12 36.13 17.93 4.18
N LYS A 13 37.34 18.31 3.79
CA LYS A 13 38.55 18.10 4.63
C LYS A 13 38.52 19.01 5.84
N ASP A 14 38.31 20.31 5.60
CA ASP A 14 38.27 21.27 6.71
C ASP A 14 37.15 20.89 7.69
N ILE A 15 35.98 20.49 7.17
CA ILE A 15 34.83 20.11 8.02
C ILE A 15 35.21 18.86 8.82
N GLY A 16 35.79 17.87 8.16
CA GLY A 16 36.37 16.71 8.85
C GLY A 16 37.28 17.15 10.00
N THR A 17 38.20 18.10 9.74
CA THR A 17 39.14 18.61 10.76
C THR A 17 38.38 19.23 11.93
N LEU A 18 37.35 20.02 11.65
CA LEU A 18 36.51 20.61 12.70
C LEU A 18 35.91 19.48 13.56
N TYR A 19 35.31 18.50 12.92
CA TYR A 19 34.75 17.35 13.65
C TYR A 19 35.79 16.64 14.54
N LEU A 20 37.01 16.42 14.06
CA LEU A 20 38.04 15.73 14.85
C LEU A 20 38.43 16.58 16.08
N LEU A 21 38.60 17.89 15.88
CA LEU A 21 38.91 18.80 17.02
C LEU A 21 37.77 18.76 18.06
N PHE A 22 36.52 18.85 17.61
CA PHE A 22 35.30 18.82 18.45
C PHE A 22 35.26 17.50 19.23
N GLY A 23 35.43 16.40 18.50
CA GLY A 23 35.39 15.06 19.12
C GLY A 23 36.48 14.88 20.17
N ALA A 24 37.67 15.37 19.88
CA ALA A 24 38.80 15.23 20.82
C ALA A 24 38.50 16.04 22.12
N TRP A 25 38.00 17.27 21.99
CA TRP A 25 37.60 18.12 23.14
C TRP A 25 36.51 17.38 23.95
N ALA A 26 35.47 16.91 23.25
CA ALA A 26 34.38 16.09 23.84
C ALA A 26 34.96 14.89 24.60
N GLY A 27 35.93 14.20 24.01
CA GLY A 27 36.52 13.03 24.68
C GLY A 27 37.20 13.43 25.99
N MET A 28 37.79 14.63 26.08
CA MET A 28 38.36 15.08 27.37
C MET A 28 37.21 15.28 28.38
N VAL A 29 36.08 15.84 27.94
CA VAL A 29 34.92 16.04 28.85
C VAL A 29 34.41 14.68 29.33
N GLY A 30 34.22 13.78 28.40
CA GLY A 30 33.64 12.45 28.72
C GLY A 30 34.56 11.66 29.65
N THR A 31 35.86 11.80 29.46
CA THR A 31 36.90 11.16 30.28
C THR A 31 36.87 11.71 31.72
N ALA A 32 36.79 13.04 31.89
CA ALA A 32 36.72 13.66 33.21
C ALA A 32 35.49 13.09 33.96
N LEU A 33 34.34 13.07 33.25
CA LEU A 33 33.07 12.57 33.83
C LEU A 33 33.32 11.11 34.25
N SER A 34 33.97 10.30 33.40
CA SER A 34 34.26 8.87 33.74
C SER A 34 35.15 8.77 34.98
N LEU A 35 36.11 9.68 35.17
CA LEU A 35 37.02 9.64 36.33
C LEU A 35 36.25 10.02 37.61
N LEU A 36 35.30 10.96 37.55
CA LEU A 36 34.44 11.31 38.70
C LEU A 36 33.59 10.07 39.08
N ILE A 37 33.01 9.38 38.12
CA ILE A 37 32.26 8.13 38.38
C ILE A 37 33.16 7.20 39.22
N ARG A 38 34.35 6.94 38.72
CA ARG A 38 35.22 5.92 39.33
C ARG A 38 35.81 6.45 40.66
N ALA A 39 35.94 7.77 40.83
CA ALA A 39 36.40 8.36 42.09
C ALA A 39 35.33 8.10 43.16
N GLU A 40 34.06 8.33 42.83
CA GLU A 40 32.93 8.08 43.76
C GLU A 40 32.91 6.61 44.22
N LEU A 41 33.24 5.71 43.30
CA LEU A 41 33.17 4.24 43.55
C LEU A 41 34.49 3.64 44.03
N GLY A 42 35.55 4.44 44.13
CA GLY A 42 36.91 3.97 44.37
C GLY A 42 37.15 3.50 45.80
N GLN A 43 36.33 3.95 46.73
CA GLN A 43 36.29 3.38 48.10
C GLN A 43 34.83 3.42 48.54
N PRO A 44 34.46 2.52 49.46
CA PRO A 44 33.10 2.45 49.98
C PRO A 44 32.80 3.76 50.72
N GLY A 45 31.56 4.17 50.71
CA GLY A 45 31.12 5.44 51.31
C GLY A 45 30.78 6.39 50.22
N THR A 46 30.65 7.67 50.58
CA THR A 46 30.32 8.73 49.62
C THR A 46 31.57 9.60 49.45
N LEU A 47 31.84 9.99 48.22
CA LEU A 47 32.82 11.05 47.93
C LEU A 47 32.08 12.39 47.71
N LEU A 48 31.11 12.43 46.79
CA LEU A 48 30.45 13.71 46.42
C LEU A 48 29.45 14.12 47.51
N GLY A 49 28.92 13.19 48.29
CA GLY A 49 27.89 13.47 49.30
C GLY A 49 26.60 13.94 48.67
N ASP A 50 26.36 13.66 47.38
CA ASP A 50 25.18 14.17 46.66
C ASP A 50 24.96 13.24 45.48
N ASP A 51 24.05 12.30 45.65
CA ASP A 51 23.85 11.26 44.63
C ASP A 51 23.12 11.84 43.42
N GLN A 52 22.41 12.99 43.56
CA GLN A 52 21.84 13.64 42.38
C GLN A 52 23.02 13.98 41.46
N ILE A 53 24.09 14.53 42.04
CA ILE A 53 25.26 14.95 41.23
C ILE A 53 25.87 13.69 40.63
N TYR A 54 26.06 12.64 41.41
CA TYR A 54 26.59 11.38 40.82
C TYR A 54 25.74 11.02 39.59
N ASN A 55 24.39 11.03 39.71
CA ASN A 55 23.48 10.58 38.63
C ASN A 55 23.65 11.50 37.41
N VAL A 56 23.82 12.79 37.64
CA VAL A 56 24.04 13.78 36.57
C VAL A 56 25.35 13.45 35.85
N VAL A 57 26.40 13.18 36.62
CA VAL A 57 27.73 12.83 36.07
C VAL A 57 27.63 11.57 35.18
N VAL A 58 26.94 10.54 35.65
CA VAL A 58 26.79 9.28 34.85
C VAL A 58 26.05 9.61 33.55
N THR A 59 24.96 10.37 33.65
CA THR A 59 24.08 10.70 32.50
C THR A 59 24.93 11.44 31.45
N ALA A 60 25.68 12.49 31.87
CA ALA A 60 26.43 13.37 30.95
C ALA A 60 27.60 12.56 30.38
N HIS A 61 28.22 11.75 31.21
CA HIS A 61 29.28 10.86 30.69
C HIS A 61 28.83 10.17 29.39
N ALA A 62 27.67 9.50 29.43
CA ALA A 62 27.16 8.70 28.28
C ALA A 62 26.84 9.62 27.09
N PHE A 63 26.09 10.71 27.35
CA PHE A 63 25.72 11.61 26.25
C PHE A 63 26.97 12.15 25.54
N VAL A 64 27.97 12.57 26.33
CA VAL A 64 29.20 13.18 25.77
C VAL A 64 29.93 12.10 24.99
N MET A 65 30.13 10.94 25.59
CA MET A 65 30.93 9.89 24.86
C MET A 65 30.24 9.49 23.55
N ILE A 66 28.93 9.34 23.54
CA ILE A 66 28.18 8.82 22.35
C ILE A 66 27.98 9.94 21.33
N PHE A 67 27.34 11.06 21.74
CA PHE A 67 26.89 12.09 20.79
C PHE A 67 28.01 13.07 20.42
N PHE A 68 28.99 13.35 21.29
CA PHE A 68 30.00 14.40 21.07
C PHE A 68 31.40 13.82 20.83
N MET A 69 31.67 12.56 21.19
CA MET A 69 33.00 11.98 20.94
C MET A 69 32.88 10.98 19.81
N VAL A 70 32.19 9.85 20.00
CA VAL A 70 32.31 8.78 18.96
C VAL A 70 31.65 9.21 17.64
N MET A 71 30.38 9.64 17.65
CA MET A 71 29.69 9.90 16.37
C MET A 71 30.41 11.02 15.59
N PRO A 72 30.75 12.16 16.21
CA PRO A 72 31.44 13.19 15.45
C PRO A 72 32.79 12.72 14.87
N ILE A 73 33.58 12.02 15.67
CA ILE A 73 34.91 11.55 15.21
C ILE A 73 34.68 10.55 14.05
N MET A 74 33.87 9.51 14.24
CA MET A 74 33.82 8.42 13.20
C MET A 74 33.15 8.94 11.93
N ILE A 75 32.00 9.59 12.07
CA ILE A 75 31.16 9.95 10.90
C ILE A 75 31.59 11.34 10.41
N GLY A 76 31.54 12.33 11.31
CA GLY A 76 31.89 13.69 10.92
C GLY A 76 33.35 13.84 10.52
N GLY A 77 34.29 13.20 11.24
CA GLY A 77 35.72 13.43 11.05
C GLY A 77 36.29 12.46 10.01
N PHE A 78 36.39 11.17 10.34
CA PHE A 78 36.88 10.18 9.35
C PHE A 78 35.97 10.16 8.13
N GLY A 79 34.63 10.12 8.30
CA GLY A 79 33.72 10.06 7.14
C GLY A 79 33.94 11.24 6.19
N ASN A 80 33.91 12.48 6.69
CA ASN A 80 34.11 13.66 5.80
C ASN A 80 35.52 13.64 5.18
N TRP A 81 36.56 13.32 5.93
CA TRP A 81 37.92 13.33 5.37
C TRP A 81 38.04 12.26 4.28
N LEU A 82 37.61 11.03 4.60
CA LEU A 82 38.03 9.86 3.79
C LEU A 82 37.04 9.51 2.68
N VAL A 83 35.73 9.68 2.88
CA VAL A 83 34.74 9.15 1.93
C VAL A 83 34.92 9.77 0.55
N PRO A 84 34.96 11.13 0.42
CA PRO A 84 35.13 11.73 -0.88
C PRO A 84 36.45 11.24 -1.50
N LEU A 85 37.52 11.20 -0.73
CA LEU A 85 38.85 10.81 -1.29
C LEU A 85 38.78 9.36 -1.76
N MET A 86 38.13 8.48 -1.02
CA MET A 86 38.10 7.03 -1.37
C MET A 86 37.24 6.75 -2.62
N ILE A 87 36.35 7.66 -3.00
CA ILE A 87 35.55 7.50 -4.27
C ILE A 87 35.94 8.53 -5.35
N GLY A 88 37.04 9.25 -5.16
CA GLY A 88 37.51 10.20 -6.17
C GLY A 88 36.52 11.34 -6.37
N ALA A 89 35.75 11.66 -5.36
CA ALA A 89 34.73 12.75 -5.45
C ALA A 89 35.34 14.08 -5.04
N PRO A 90 34.88 15.19 -5.64
CA PRO A 90 35.48 16.50 -5.37
C PRO A 90 35.08 17.14 -4.04
N ASP A 91 33.97 16.66 -3.46
CA ASP A 91 33.49 17.04 -2.12
C ASP A 91 32.28 16.15 -1.83
N MET A 92 31.54 16.48 -0.77
CA MET A 92 30.21 15.91 -0.43
C MET A 92 29.14 16.46 -1.39
N ALA A 93 28.01 15.75 -1.53
CA ALA A 93 26.90 16.12 -2.39
C ALA A 93 26.43 17.52 -1.92
N PHE A 94 26.38 17.78 -0.61
CA PHE A 94 25.73 19.02 -0.06
C PHE A 94 26.74 19.70 0.85
N PRO A 95 27.77 20.34 0.23
CA PRO A 95 28.95 20.79 0.96
C PRO A 95 28.60 21.88 1.94
N ARG A 96 27.55 22.65 1.66
CA ARG A 96 27.11 23.74 2.58
C ARG A 96 26.26 23.12 3.70
N MET A 97 25.29 22.27 3.37
CA MET A 97 24.51 21.56 4.44
C MET A 97 25.48 20.78 5.38
N ASN A 98 26.58 20.25 4.82
CA ASN A 98 27.61 19.53 5.62
C ASN A 98 28.14 20.42 6.77
N ASN A 99 28.35 21.69 6.48
CA ASN A 99 28.85 22.67 7.48
C ASN A 99 27.82 22.86 8.59
N MET A 100 26.52 22.78 8.28
CA MET A 100 25.49 22.97 9.32
C MET A 100 25.44 21.72 10.22
N SER A 101 25.63 20.53 9.67
CA SER A 101 25.75 19.35 10.53
C SER A 101 26.82 19.60 11.59
N PHE A 102 27.99 20.08 11.18
CA PHE A 102 29.08 20.40 12.14
C PHE A 102 28.61 21.48 13.13
N TRP A 103 28.18 22.64 12.64
CA TRP A 103 27.89 23.77 13.58
C TRP A 103 26.68 23.55 14.49
N LEU A 104 25.82 22.57 14.21
CA LEU A 104 24.77 22.17 15.17
C LEU A 104 25.40 21.57 16.44
N LEU A 105 26.62 21.03 16.39
CA LEU A 105 27.09 20.27 17.55
C LEU A 105 27.55 21.19 18.69
N PRO A 106 28.28 22.30 18.48
CA PRO A 106 28.63 23.17 19.62
C PRO A 106 27.39 23.61 20.41
N PRO A 107 26.32 24.07 19.74
CA PRO A 107 25.08 24.38 20.46
C PRO A 107 24.41 23.19 21.16
N SER A 108 24.37 22.02 20.51
CA SER A 108 23.90 20.81 21.19
C SER A 108 24.68 20.66 22.50
N PHE A 109 26.02 20.76 22.46
CA PHE A 109 26.92 20.52 23.62
C PHE A 109 26.62 21.60 24.68
N LEU A 110 26.49 22.83 24.21
CA LEU A 110 26.12 23.95 25.12
C LEU A 110 24.81 23.62 25.87
N LEU A 111 23.79 23.09 25.20
CA LEU A 111 22.51 22.79 25.86
C LEU A 111 22.76 21.67 26.90
N LEU A 112 23.58 20.69 26.58
CA LEU A 112 23.86 19.64 27.58
C LEU A 112 24.60 20.25 28.78
N LEU A 113 25.63 21.05 28.57
N LEU A 113 25.63 21.10 28.54
CA LEU A 113 26.35 21.63 29.74
CA LEU A 113 26.31 21.90 29.62
C LEU A 113 25.38 22.64 30.47
C LEU A 113 25.21 22.51 30.48
N ALA A 114 24.37 23.26 29.80
CA ALA A 114 23.35 24.11 30.48
C ALA A 114 22.47 23.22 31.39
N SER A 115 22.05 22.04 30.89
N SER A 115 22.04 22.06 30.88
CA SER A 115 21.23 21.05 31.65
CA SER A 115 21.24 21.08 31.63
C SER A 115 21.89 20.80 33.00
C SER A 115 21.89 20.82 33.00
N SER A 116 23.24 20.71 33.03
CA SER A 116 24.00 20.25 34.23
C SER A 116 24.23 21.42 35.20
N MET A 117 24.06 22.64 34.72
N MET A 117 24.11 22.66 34.72
CA MET A 117 24.41 23.89 35.46
CA MET A 117 24.40 23.87 35.53
C MET A 117 23.15 24.50 36.09
C MET A 117 23.12 24.40 36.16
N VAL A 118 21.98 24.27 35.48
CA VAL A 118 20.69 24.83 36.00
C VAL A 118 20.07 23.80 36.95
N GLU A 119 19.29 24.26 37.91
CA GLU A 119 18.64 23.43 38.94
C GLU A 119 19.65 22.38 39.45
N ALA A 120 19.29 21.10 39.47
CA ALA A 120 20.10 20.03 40.06
C ALA A 120 20.55 19.09 38.93
N GLY A 121 20.47 19.53 37.67
CA GLY A 121 20.84 18.70 36.51
C GLY A 121 19.83 17.59 36.19
N ALA A 122 20.11 16.87 35.10
CA ALA A 122 19.32 15.70 34.67
C ALA A 122 20.02 14.43 35.16
N GLY A 123 19.59 13.96 36.32
CA GLY A 123 20.12 12.73 36.93
C GLY A 123 19.26 11.55 36.53
N THR A 124 19.18 11.27 35.24
CA THR A 124 18.12 10.41 34.68
C THR A 124 18.66 9.05 34.20
N GLY A 125 19.96 8.95 33.99
CA GLY A 125 20.54 7.99 33.03
C GLY A 125 20.36 8.48 31.60
N TRP A 126 21.18 8.01 30.67
CA TRP A 126 21.14 8.45 29.24
C TRP A 126 19.87 7.97 28.53
N THR A 127 19.14 7.05 29.13
CA THR A 127 17.82 6.54 28.69
C THR A 127 16.69 7.56 28.94
N VAL A 128 16.85 8.44 29.92
CA VAL A 128 15.88 9.53 30.22
C VAL A 128 14.46 8.96 30.39
N TYR A 129 14.31 7.82 31.08
CA TYR A 129 12.97 7.20 31.31
C TYR A 129 12.08 8.09 32.15
N PRO A 130 10.83 8.30 31.73
CA PRO A 130 9.77 8.76 32.63
C PRO A 130 9.32 7.59 33.51
N PRO A 131 8.72 7.85 34.68
CA PRO A 131 8.49 9.21 35.21
C PRO A 131 9.66 9.92 35.92
N LEU A 132 10.81 9.23 36.12
CA LEU A 132 11.98 9.93 36.72
C LEU A 132 12.33 11.23 35.94
N ALA A 133 12.29 11.20 34.60
CA ALA A 133 12.63 12.33 33.72
C ALA A 133 11.43 13.29 33.55
N GLY A 134 10.29 12.99 34.19
CA GLY A 134 9.06 13.78 34.09
C GLY A 134 9.11 15.03 34.95
N ASN A 135 8.07 15.85 34.83
CA ASN A 135 8.06 17.20 35.47
C ASN A 135 7.81 17.19 37.00
N LEU A 136 7.59 16.02 37.62
N LEU A 136 7.63 16.03 37.65
CA LEU A 136 7.42 15.91 39.10
CA LEU A 136 7.46 15.98 39.13
C LEU A 136 8.78 15.51 39.71
C LEU A 136 8.73 15.46 39.80
N ALA A 137 9.35 14.39 39.27
CA ALA A 137 10.61 13.84 39.79
C ALA A 137 11.81 14.60 39.22
N HIS A 138 11.67 15.31 38.09
CA HIS A 138 12.73 16.21 37.57
C HIS A 138 12.10 17.56 37.14
N ALA A 139 11.46 18.24 38.10
CA ALA A 139 10.90 19.59 37.87
C ALA A 139 11.99 20.53 37.34
N GLY A 140 11.64 21.42 36.41
CA GLY A 140 12.56 22.48 35.99
C GLY A 140 13.27 22.19 34.66
N ALA A 141 14.22 23.02 34.28
CA ALA A 141 14.73 23.10 32.90
C ALA A 141 15.69 21.96 32.50
N SER A 142 16.33 21.28 33.43
CA SER A 142 17.47 20.37 33.12
C SER A 142 17.06 19.33 32.07
N VAL A 143 15.97 18.61 32.29
CA VAL A 143 15.62 17.51 31.33
C VAL A 143 15.24 18.14 29.98
N ASP A 144 14.59 19.30 29.97
CA ASP A 144 14.20 19.91 28.69
C ASP A 144 15.46 20.29 27.91
N LEU A 145 16.48 20.82 28.59
CA LEU A 145 17.75 21.21 27.94
C LEU A 145 18.40 19.94 27.38
N THR A 146 18.30 18.84 28.09
CA THR A 146 18.84 17.56 27.56
C THR A 146 18.08 17.16 26.29
N ILE A 147 16.74 17.24 26.30
CA ILE A 147 15.90 16.88 25.13
C ILE A 147 16.34 17.75 23.97
N PHE A 148 16.45 19.06 24.18
CA PHE A 148 16.82 19.93 23.08
C PHE A 148 18.24 19.62 22.57
N SER A 149 19.17 19.30 23.47
CA SER A 149 20.53 18.86 23.09
C SER A 149 20.41 17.68 22.10
N LEU A 150 19.60 16.69 22.46
CA LEU A 150 19.38 15.54 21.58
C LEU A 150 18.70 15.94 20.25
N HIS A 151 17.76 16.89 20.26
CA HIS A 151 17.12 17.38 19.03
C HIS A 151 18.18 17.92 18.07
N LEU A 152 19.05 18.80 18.53
CA LEU A 152 20.05 19.42 17.63
C LEU A 152 21.05 18.33 17.18
N ALA A 153 21.53 17.49 18.09
CA ALA A 153 22.43 16.39 17.64
C ALA A 153 21.71 15.50 16.62
N GLY A 154 20.43 15.22 16.85
CA GLY A 154 19.51 14.49 15.94
C GLY A 154 19.50 15.05 14.54
N VAL A 155 19.20 16.35 14.44
CA VAL A 155 19.13 17.01 13.15
C VAL A 155 20.50 16.92 12.47
N SER A 156 21.57 17.23 13.21
CA SER A 156 22.94 17.20 12.68
C SER A 156 23.15 15.85 11.98
N SER A 157 22.87 14.75 12.68
CA SER A 157 23.16 13.38 12.17
C SER A 157 22.18 12.99 11.06
N ILE A 158 20.92 13.41 11.09
CA ILE A 158 19.95 13.11 10.01
C ILE A 158 20.43 13.78 8.72
N LEU A 159 20.72 15.07 8.77
CA LEU A 159 21.18 15.78 7.56
C LEU A 159 22.50 15.16 7.11
N GLY A 160 23.38 14.82 8.06
CA GLY A 160 24.66 14.17 7.73
C GLY A 160 24.43 12.83 7.03
N ALA A 161 23.46 12.04 7.50
CA ALA A 161 23.08 10.73 6.88
C ALA A 161 22.60 10.96 5.44
N ILE A 162 21.75 11.99 5.22
CA ILE A 162 21.27 12.33 3.86
C ILE A 162 22.49 12.62 2.95
N ASN A 163 23.44 13.39 3.48
CA ASN A 163 24.66 13.85 2.77
C ASN A 163 25.49 12.60 2.38
N PHE A 164 25.76 11.77 3.33
CA PHE A 164 26.64 10.57 3.07
C PHE A 164 25.97 9.60 2.10
N ILE A 165 24.69 9.29 2.28
CA ILE A 165 23.98 8.32 1.37
C ILE A 165 24.03 8.89 -0.06
N THR A 166 23.64 10.17 -0.23
CA THR A 166 23.63 10.81 -1.54
C THR A 166 25.04 10.78 -2.16
N THR A 167 26.07 11.17 -1.39
CA THR A 167 27.46 11.28 -1.89
C THR A 167 27.89 9.86 -2.38
N ILE A 168 27.65 8.89 -1.52
CA ILE A 168 28.13 7.50 -1.78
C ILE A 168 27.39 6.92 -2.98
N ILE A 169 26.09 7.14 -3.12
CA ILE A 169 25.29 6.61 -4.26
C ILE A 169 25.60 7.37 -5.55
N ASN A 170 25.71 8.68 -5.47
CA ASN A 170 25.62 9.54 -6.67
C ASN A 170 27.00 9.97 -7.16
N MET A 171 28.07 9.98 -6.35
CA MET A 171 29.33 10.69 -6.71
C MET A 171 30.53 9.76 -6.88
N LYS A 172 30.29 8.50 -7.19
CA LYS A 172 31.41 7.61 -7.55
C LYS A 172 31.78 7.80 -9.02
N PRO A 173 32.99 7.40 -9.45
CA PRO A 173 33.28 7.36 -10.88
C PRO A 173 32.19 6.54 -11.57
N PRO A 174 31.76 6.94 -12.77
CA PRO A 174 30.67 6.26 -13.46
C PRO A 174 30.95 4.77 -13.73
N ALA A 175 32.19 4.33 -13.86
CA ALA A 175 32.51 2.89 -14.02
C ALA A 175 32.44 2.16 -12.68
N MET A 176 32.50 2.88 -11.55
CA MET A 176 32.58 2.23 -10.21
C MET A 176 31.21 1.78 -9.73
N SER A 177 30.99 0.48 -9.61
CA SER A 177 29.74 -0.01 -8.98
C SER A 177 29.89 0.08 -7.46
N GLN A 178 28.77 -0.10 -6.76
CA GLN A 178 28.78 -0.16 -5.29
C GLN A 178 29.70 -1.30 -4.84
N TYR A 179 29.90 -2.33 -5.66
CA TYR A 179 30.76 -3.47 -5.25
C TYR A 179 32.22 -3.18 -5.64
N GLN A 180 32.54 -1.93 -6.00
CA GLN A 180 33.95 -1.50 -6.18
C GLN A 180 34.31 -0.34 -5.23
N THR A 181 33.50 -0.13 -4.22
CA THR A 181 33.82 0.89 -3.22
C THR A 181 34.47 0.23 -2.02
N PRO A 182 35.41 0.91 -1.38
CA PRO A 182 36.02 0.39 -0.17
C PRO A 182 35.04 0.14 0.99
N LEU A 183 35.40 -0.83 1.82
CA LEU A 183 34.62 -1.23 3.01
C LEU A 183 34.33 -0.03 3.94
N PHE A 184 35.25 0.90 4.10
CA PHE A 184 34.98 2.03 5.02
C PHE A 184 33.78 2.82 4.44
N VAL A 185 33.75 2.98 3.12
CA VAL A 185 32.66 3.69 2.42
C VAL A 185 31.35 2.93 2.63
N TRP A 186 31.35 1.60 2.47
CA TRP A 186 30.18 0.79 2.81
C TRP A 186 29.76 1.05 4.27
N SER A 187 30.71 1.01 5.21
CA SER A 187 30.42 1.08 6.65
C SER A 187 29.73 2.43 6.93
N VAL A 188 30.13 3.50 6.22
CA VAL A 188 29.54 4.85 6.46
C VAL A 188 28.13 4.90 5.82
N MET A 189 27.94 4.28 4.65
CA MET A 189 26.62 4.28 3.97
C MET A 189 25.59 3.57 4.86
N ILE A 190 25.94 2.41 5.39
CA ILE A 190 25.04 1.59 6.22
C ILE A 190 24.75 2.32 7.55
N THR A 191 25.77 2.91 8.18
CA THR A 191 25.63 3.73 9.40
C THR A 191 24.61 4.85 9.08
N ALA A 192 24.77 5.50 7.94
CA ALA A 192 23.90 6.65 7.53
C ALA A 192 22.44 6.18 7.39
N VAL A 193 22.24 4.99 6.83
CA VAL A 193 20.87 4.43 6.67
C VAL A 193 20.29 4.20 8.07
N LEU A 194 21.07 3.62 8.98
CA LEU A 194 20.61 3.40 10.37
C LEU A 194 20.22 4.75 11.04
N LEU A 195 21.03 5.76 10.88
CA LEU A 195 20.76 7.10 11.48
C LEU A 195 19.46 7.69 10.90
N LEU A 196 19.29 7.62 9.58
CA LEU A 196 18.15 8.13 8.82
C LEU A 196 16.85 7.57 9.41
N LEU A 197 16.82 6.26 9.69
CA LEU A 197 15.58 5.60 10.10
C LEU A 197 15.38 5.67 11.63
N SER A 198 16.44 5.66 12.43
CA SER A 198 16.36 5.47 13.89
C SER A 198 16.17 6.83 14.58
N LEU A 199 16.96 7.80 14.21
CA LEU A 199 16.91 9.12 14.93
C LEU A 199 15.53 9.77 14.89
N PRO A 200 14.73 9.71 13.80
CA PRO A 200 13.39 10.31 13.85
C PRO A 200 12.46 9.65 14.87
N VAL A 201 12.69 8.36 15.19
CA VAL A 201 11.86 7.68 16.17
C VAL A 201 12.27 8.21 17.55
N LEU A 202 13.56 8.35 17.80
CA LEU A 202 14.03 8.99 19.05
C LEU A 202 13.40 10.39 19.14
N ALA A 203 13.46 11.16 18.07
CA ALA A 203 12.96 12.57 18.06
C ALA A 203 11.48 12.58 18.43
N ALA A 204 10.71 11.60 17.90
CA ALA A 204 9.28 11.47 18.26
C ALA A 204 9.15 11.19 19.76
N GLY A 205 9.86 10.22 20.27
CA GLY A 205 9.74 9.85 21.69
C GLY A 205 10.11 11.00 22.64
N ILE A 206 11.24 11.67 22.42
CA ILE A 206 11.74 12.72 23.35
C ILE A 206 10.83 13.95 23.17
N THR A 207 10.23 14.13 22.02
CA THR A 207 9.22 15.22 21.81
C THR A 207 7.96 14.93 22.67
N MET A 208 7.52 13.67 22.72
N MET A 208 7.54 13.67 22.74
CA MET A 208 6.41 13.23 23.58
CA MET A 208 6.39 13.26 23.57
C MET A 208 6.82 13.47 25.04
C MET A 208 6.80 13.38 25.04
N LEU A 209 8.07 13.19 25.39
CA LEU A 209 8.53 13.48 26.78
C LEU A 209 8.45 15.01 27.06
N LEU A 210 8.84 15.79 26.09
CA LEU A 210 8.81 17.28 26.17
C LEU A 210 7.37 17.80 26.40
N THR A 211 6.39 17.30 25.64
CA THR A 211 4.97 17.69 25.72
C THR A 211 4.40 17.15 27.04
N ASP A 212 4.80 15.94 27.48
CA ASP A 212 4.32 15.46 28.80
C ASP A 212 4.83 16.42 29.90
N ARG A 213 6.05 16.94 29.74
CA ARG A 213 6.68 17.78 30.79
C ARG A 213 6.09 19.20 30.72
N ASN A 214 5.63 19.69 29.56
CA ASN A 214 5.32 21.16 29.42
C ASN A 214 3.96 21.49 28.81
N LEU A 215 3.28 20.55 28.14
CA LEU A 215 1.96 20.82 27.49
C LEU A 215 0.85 19.91 28.04
N ASN A 216 1.06 19.22 29.16
CA ASN A 216 0.01 18.43 29.84
C ASN A 216 -0.45 17.28 28.95
N THR A 217 0.41 16.79 28.06
CA THR A 217 0.13 15.49 27.41
C THR A 217 0.41 14.40 28.44
N THR A 218 0.00 13.18 28.11
CA THR A 218 0.09 12.04 29.05
C THR A 218 0.49 10.78 28.27
N PHE A 219 1.33 10.91 27.28
CA PHE A 219 1.86 9.74 26.52
C PHE A 219 2.40 8.66 27.47
N PHE A 220 3.12 9.09 28.50
CA PHE A 220 3.92 8.21 29.37
C PHE A 220 3.34 8.21 30.80
N ASP A 221 2.18 8.83 30.99
CA ASP A 221 1.59 9.07 32.32
C ASP A 221 0.31 8.24 32.44
N PRO A 222 0.32 7.19 33.29
CA PRO A 222 -0.88 6.37 33.46
C PRO A 222 -2.15 7.14 33.87
N ALA A 223 -2.01 8.24 34.61
CA ALA A 223 -3.21 9.05 35.01
C ALA A 223 -4.03 9.43 33.76
N GLY A 224 -3.41 9.72 32.61
CA GLY A 224 -4.12 10.03 31.35
C GLY A 224 -4.29 8.84 30.42
N GLY A 225 -3.97 7.63 30.87
CA GLY A 225 -3.99 6.43 30.01
C GLY A 225 -2.68 6.17 29.29
N GLY A 226 -1.61 6.88 29.67
CA GLY A 226 -0.28 6.74 29.06
C GLY A 226 0.43 5.52 29.67
N ASP A 227 1.66 5.28 29.25
CA ASP A 227 2.43 4.09 29.61
C ASP A 227 3.91 4.47 29.55
N PRO A 228 4.62 4.45 30.70
CA PRO A 228 6.07 4.64 30.72
C PRO A 228 6.77 3.64 29.79
N ILE A 229 6.20 2.44 29.62
CA ILE A 229 6.89 1.42 28.78
C ILE A 229 6.85 1.83 27.29
N LEU A 230 5.86 2.61 26.86
CA LEU A 230 5.88 3.10 25.46
C LEU A 230 7.18 3.90 25.22
N TYR A 231 7.55 4.80 26.14
CA TYR A 231 8.80 5.59 25.97
C TYR A 231 9.98 4.62 25.72
N GLN A 232 10.03 3.59 26.53
CA GLN A 232 11.16 2.61 26.46
C GLN A 232 11.22 2.01 25.06
N HIS A 233 10.08 1.61 24.49
CA HIS A 233 10.05 1.05 23.11
C HIS A 233 10.59 2.07 22.10
N LEU A 234 10.15 3.32 22.17
CA LEU A 234 10.58 4.33 21.20
C LEU A 234 12.07 4.58 21.36
N PHE A 235 12.54 4.72 22.62
CA PHE A 235 13.94 4.99 22.94
C PHE A 235 14.80 3.85 22.37
N TRP A 236 14.48 2.62 22.74
CA TRP A 236 15.35 1.49 22.30
C TRP A 236 15.14 1.12 20.83
N PHE A 237 13.99 1.44 20.21
CA PHE A 237 13.85 1.27 18.74
C PHE A 237 14.96 2.05 18.05
N PHE A 238 15.30 3.24 18.58
CA PHE A 238 16.49 4.02 18.17
C PHE A 238 17.78 3.39 18.75
N GLY A 239 17.79 3.14 20.05
CA GLY A 239 18.98 2.85 20.84
C GLY A 239 19.74 1.60 20.37
N HIS A 240 19.07 0.52 19.98
CA HIS A 240 19.85 -0.64 19.45
C HIS A 240 20.48 -0.29 18.10
N PRO A 241 19.77 0.24 17.08
CA PRO A 241 20.48 0.73 15.90
C PRO A 241 21.66 1.64 16.28
N GLU A 242 21.46 2.52 17.26
CA GLU A 242 22.50 3.47 17.68
C GLU A 242 23.78 2.70 18.09
N VAL A 243 23.67 1.58 18.80
CA VAL A 243 24.93 0.87 19.19
C VAL A 243 25.62 0.29 17.94
N TYR A 244 24.89 -0.13 16.92
CA TYR A 244 25.52 -0.55 15.62
C TYR A 244 26.09 0.66 14.85
N ILE A 245 25.40 1.78 14.90
CA ILE A 245 25.90 3.07 14.39
C ILE A 245 27.29 3.36 14.96
N LEU A 246 27.46 3.15 16.26
CA LEU A 246 28.69 3.52 17.01
C LEU A 246 29.82 2.60 16.60
N ILE A 247 29.53 1.37 16.19
CA ILE A 247 30.64 0.43 15.83
C ILE A 247 30.86 0.29 14.32
N LEU A 248 29.85 0.47 13.46
CA LEU A 248 29.99 0.20 11.99
C LEU A 248 31.16 0.93 11.35
N PRO A 249 31.32 2.25 11.47
CA PRO A 249 32.46 2.91 10.89
C PRO A 249 33.78 2.39 11.47
N GLY A 250 33.78 1.94 12.72
CA GLY A 250 34.93 1.29 13.34
C GLY A 250 35.24 -0.02 12.64
N PHE A 251 34.24 -0.83 12.36
CA PHE A 251 34.40 -2.04 11.47
C PHE A 251 35.08 -1.63 10.17
N GLY A 252 34.63 -0.51 9.58
CA GLY A 252 35.19 -0.11 8.29
C GLY A 252 36.65 0.26 8.42
N MET A 253 37.01 1.08 9.42
CA MET A 253 38.43 1.51 9.63
C MET A 253 39.28 0.26 9.94
N ILE A 254 38.77 -0.65 10.72
CA ILE A 254 39.50 -1.90 11.10
C ILE A 254 39.81 -2.69 9.83
N SER A 255 38.85 -2.85 8.91
CA SER A 255 39.09 -3.55 7.62
C SER A 255 40.26 -2.91 6.87
N HIS A 256 40.34 -1.58 6.81
CA HIS A 256 41.38 -0.84 6.07
C HIS A 256 42.74 -1.02 6.78
N ILE A 257 42.80 -0.87 8.11
CA ILE A 257 44.04 -0.93 8.93
C ILE A 257 44.61 -2.35 8.85
N VAL A 258 43.78 -3.35 9.05
CA VAL A 258 44.24 -4.78 9.03
C VAL A 258 44.80 -5.11 7.63
N THR A 259 44.10 -4.66 6.59
CA THR A 259 44.51 -4.87 5.20
C THR A 259 45.88 -4.23 4.98
N TYR A 260 45.98 -2.94 5.30
CA TYR A 260 47.17 -2.11 5.08
C TYR A 260 48.39 -2.74 5.81
N TYR A 261 48.31 -3.03 7.12
CA TYR A 261 49.48 -3.42 7.93
C TYR A 261 49.69 -4.93 7.75
N SER A 262 48.81 -5.60 7.02
CA SER A 262 49.10 -7.01 6.63
C SER A 262 49.83 -6.99 5.28
N GLY A 263 50.01 -5.81 4.67
CA GLY A 263 50.64 -5.74 3.34
C GLY A 263 49.79 -6.33 2.23
N LYS A 264 48.47 -6.37 2.39
CA LYS A 264 47.54 -6.91 1.38
C LYS A 264 46.95 -5.77 0.52
N LYS A 265 46.60 -6.12 -0.70
CA LYS A 265 45.92 -5.21 -1.62
C LYS A 265 44.42 -5.12 -1.27
N GLU A 266 43.87 -6.06 -0.51
CA GLU A 266 42.43 -6.23 -0.31
C GLU A 266 42.15 -7.03 0.94
N PRO A 267 41.01 -6.74 1.59
CA PRO A 267 40.54 -7.50 2.73
C PRO A 267 40.06 -8.84 2.22
N PHE A 268 40.17 -9.85 3.07
CA PHE A 268 39.62 -11.18 2.76
C PHE A 268 38.07 -11.11 2.69
N GLY A 269 37.50 -11.71 1.65
CA GLY A 269 36.06 -11.96 1.51
C GLY A 269 35.27 -10.64 1.46
N TYR A 270 35.61 -9.75 0.57
CA TYR A 270 34.98 -8.39 0.40
C TYR A 270 33.43 -8.50 0.44
N MET A 271 32.86 -9.35 -0.42
CA MET A 271 31.40 -9.43 -0.54
C MET A 271 30.79 -9.99 0.76
N GLY A 272 31.44 -10.96 1.44
CA GLY A 272 31.06 -11.36 2.80
C GLY A 272 31.05 -10.20 3.78
N MET A 273 32.03 -9.32 3.70
CA MET A 273 32.15 -8.18 4.63
C MET A 273 30.97 -7.21 4.38
N VAL A 274 30.64 -6.97 3.11
CA VAL A 274 29.48 -6.14 2.69
C VAL A 274 28.21 -6.81 3.21
N TRP A 275 28.05 -8.09 2.94
CA TRP A 275 26.90 -8.89 3.43
C TRP A 275 26.76 -8.75 4.94
N ALA A 276 27.87 -8.91 5.67
CA ALA A 276 27.85 -8.92 7.16
C ALA A 276 27.38 -7.55 7.66
N MET A 277 27.91 -6.49 7.09
CA MET A 277 27.52 -5.13 7.58
C MET A 277 26.04 -4.86 7.28
N MET A 278 25.55 -5.23 6.08
N MET A 278 25.58 -5.22 6.07
CA MET A 278 24.12 -5.02 5.74
CA MET A 278 24.16 -5.07 5.68
C MET A 278 23.24 -5.90 6.64
C MET A 278 23.28 -5.89 6.65
N SER A 279 23.65 -7.14 6.91
CA SER A 279 22.88 -8.03 7.77
C SER A 279 22.77 -7.44 9.20
N ILE A 280 23.90 -6.99 9.75
CA ILE A 280 23.98 -6.45 11.12
C ILE A 280 23.07 -5.22 11.09
N GLY A 281 23.14 -4.44 10.05
CA GLY A 281 22.28 -3.21 9.99
C GLY A 281 20.81 -3.55 10.00
N PHE A 282 20.41 -4.58 9.25
CA PHE A 282 19.01 -5.04 9.16
C PHE A 282 18.55 -5.63 10.51
N LEU A 283 19.29 -6.61 11.02
CA LEU A 283 18.92 -7.28 12.28
C LEU A 283 18.90 -6.26 13.44
N GLY A 284 19.75 -5.26 13.38
CA GLY A 284 19.80 -4.17 14.37
C GLY A 284 18.47 -3.44 14.61
N PHE A 285 17.50 -3.59 13.72
CA PHE A 285 16.16 -2.94 13.85
C PHE A 285 15.13 -3.88 14.50
N ILE A 286 15.44 -5.18 14.67
CA ILE A 286 14.40 -6.16 15.09
C ILE A 286 14.73 -6.82 16.46
N VAL A 287 15.59 -6.19 17.27
CA VAL A 287 16.08 -6.80 18.54
C VAL A 287 15.89 -5.88 19.77
N TRP A 288 15.35 -4.65 19.60
CA TRP A 288 15.43 -3.58 20.64
C TRP A 288 14.93 -4.05 21.99
N ALA A 289 13.92 -4.94 22.06
CA ALA A 289 13.29 -5.22 23.34
C ALA A 289 14.17 -6.09 24.26
N HIS A 290 15.38 -6.47 23.82
CA HIS A 290 16.38 -7.10 24.72
C HIS A 290 16.87 -6.09 25.78
N HIS A 291 16.51 -4.80 25.64
CA HIS A 291 16.76 -3.78 26.67
C HIS A 291 15.60 -3.72 27.68
N MET A 292 14.59 -4.59 27.56
CA MET A 292 13.32 -4.51 28.30
C MET A 292 12.89 -5.88 28.84
N PHE A 293 13.82 -6.83 29.00
CA PHE A 293 13.45 -8.20 29.43
C PHE A 293 12.88 -8.21 30.84
N THR A 294 13.04 -7.16 31.64
CA THR A 294 12.54 -7.17 33.04
C THR A 294 11.30 -6.27 33.19
N VAL A 295 10.73 -5.75 32.10
CA VAL A 295 9.61 -4.77 32.21
C VAL A 295 8.28 -5.51 32.38
N GLY A 296 8.25 -6.85 32.27
CA GLY A 296 6.99 -7.59 32.28
C GLY A 296 6.45 -7.91 30.88
N MET A 297 7.25 -8.16 29.84
N MET A 297 7.31 -8.69 30.26
CA MET A 297 6.68 -8.51 28.50
CA MET A 297 7.30 -9.10 28.85
C MET A 297 6.34 -10.02 28.52
C MET A 297 6.78 -10.53 28.79
N ASP A 298 5.64 -10.55 27.49
N ASP A 298 5.70 -10.73 28.02
CA ASP A 298 5.12 -11.95 27.46
CA ASP A 298 5.14 -12.06 27.72
C ASP A 298 6.27 -12.95 27.16
C ASP A 298 6.31 -12.95 27.30
N VAL A 299 6.15 -14.22 27.62
CA VAL A 299 7.21 -15.23 27.39
C VAL A 299 7.53 -15.36 25.89
N ASP A 300 6.56 -15.34 24.98
CA ASP A 300 6.84 -15.62 23.54
C ASP A 300 7.59 -14.41 22.96
N THR A 301 7.25 -13.20 23.39
CA THR A 301 8.00 -12.02 22.96
C THR A 301 9.45 -12.16 23.45
N ARG A 302 9.66 -12.58 24.68
CA ARG A 302 11.01 -12.78 25.21
C ARG A 302 11.74 -13.85 24.38
N ALA A 303 11.04 -14.92 23.97
CA ALA A 303 11.69 -16.01 23.22
C ALA A 303 12.11 -15.45 21.86
N TYR A 304 11.26 -14.63 21.24
CA TYR A 304 11.56 -14.04 19.92
C TYR A 304 12.80 -13.13 20.05
N PHE A 305 12.84 -12.22 21.04
CA PHE A 305 13.93 -11.22 21.13
C PHE A 305 15.23 -11.93 21.50
N THR A 306 15.15 -12.97 22.32
CA THR A 306 16.35 -13.79 22.59
C THR A 306 16.93 -14.33 21.27
N SER A 307 16.09 -14.97 20.49
CA SER A 307 16.50 -15.66 19.24
C SER A 307 17.01 -14.67 18.18
N ALA A 308 16.24 -13.65 17.87
CA ALA A 308 16.64 -12.64 16.87
C ALA A 308 17.97 -12.04 17.30
N THR A 309 18.15 -11.71 18.58
CA THR A 309 19.42 -11.07 19.04
C THR A 309 20.59 -12.04 18.77
N MET A 310 20.42 -13.34 19.08
CA MET A 310 21.57 -14.26 18.87
C MET A 310 22.04 -14.34 17.43
N ILE A 311 21.12 -14.17 16.46
N ILE A 311 21.14 -14.25 16.44
CA ILE A 311 21.37 -14.25 14.99
CA ILE A 311 21.56 -14.57 15.06
C ILE A 311 22.51 -13.29 14.63
C ILE A 311 22.52 -13.49 14.54
N ILE A 312 22.59 -12.10 15.24
N ILE A 312 22.59 -12.30 15.17
CA ILE A 312 23.62 -11.09 14.88
CA ILE A 312 23.54 -11.25 14.74
C ILE A 312 25.04 -11.68 15.01
C ILE A 312 25.01 -11.72 14.97
N ALA A 313 25.26 -12.68 15.87
CA ALA A 313 26.60 -13.30 16.02
C ALA A 313 27.08 -13.89 14.68
N ILE A 314 26.18 -14.36 13.80
CA ILE A 314 26.61 -15.03 12.54
C ILE A 314 27.31 -14.04 11.61
N PRO A 315 26.65 -12.96 11.13
CA PRO A 315 27.37 -12.03 10.29
C PRO A 315 28.60 -11.47 11.00
N THR A 316 28.47 -11.22 12.31
CA THR A 316 29.57 -10.57 13.06
C THR A 316 30.77 -11.54 13.05
N GLY A 317 30.52 -12.82 13.23
CA GLY A 317 31.62 -13.78 13.16
C GLY A 317 32.32 -13.78 11.82
N VAL A 318 31.57 -13.68 10.72
CA VAL A 318 32.15 -13.62 9.37
C VAL A 318 33.13 -12.45 9.32
N LYS A 319 32.81 -11.31 9.93
CA LYS A 319 33.77 -10.21 9.87
C LYS A 319 35.02 -10.53 10.69
N VAL A 320 34.86 -11.04 11.92
CA VAL A 320 36.00 -11.34 12.82
C VAL A 320 36.91 -12.35 12.11
N PHE A 321 36.31 -13.39 11.56
CA PHE A 321 37.14 -14.43 10.91
C PHE A 321 37.76 -13.89 9.61
N SER A 322 37.05 -12.99 8.91
CA SER A 322 37.59 -12.31 7.72
C SER A 322 38.78 -11.41 8.05
N TRP A 323 38.77 -10.75 9.19
CA TRP A 323 39.96 -9.99 9.64
C TRP A 323 41.13 -10.95 9.92
N LEU A 324 40.87 -12.03 10.61
CA LEU A 324 41.94 -13.03 10.85
C LEU A 324 42.49 -13.53 9.52
N ALA A 325 41.62 -13.85 8.57
CA ALA A 325 42.02 -14.34 7.24
C ALA A 325 42.74 -13.22 6.45
N THR A 326 42.51 -11.94 6.74
CA THR A 326 43.29 -10.89 6.08
C THR A 326 44.74 -10.94 6.63
N LEU A 327 44.91 -11.12 7.95
CA LEU A 327 46.26 -11.19 8.61
C LEU A 327 47.00 -12.42 8.05
N HIS A 328 46.28 -13.51 7.82
CA HIS A 328 46.85 -14.80 7.38
C HIS A 328 47.77 -14.58 6.17
N GLY A 329 49.05 -14.84 6.32
CA GLY A 329 49.98 -14.74 5.19
C GLY A 329 50.42 -13.33 4.94
N GLY A 330 50.06 -12.38 5.81
CA GLY A 330 50.56 -11.04 5.53
C GLY A 330 52.04 -10.85 5.88
N ASN A 331 52.60 -9.87 5.25
CA ASN A 331 53.84 -9.22 5.69
C ASN A 331 53.45 -8.26 6.81
N ILE A 332 53.45 -8.72 8.05
CA ILE A 332 52.85 -7.94 9.16
C ILE A 332 53.77 -6.78 9.49
N LYS A 333 53.25 -5.54 9.49
CA LYS A 333 53.95 -4.39 10.03
C LYS A 333 53.32 -4.08 11.39
N TRP A 334 54.14 -4.14 12.43
CA TRP A 334 53.75 -3.89 13.83
C TRP A 334 53.78 -2.39 14.10
N SER A 335 53.05 -1.67 13.32
CA SER A 335 52.79 -0.22 13.57
C SER A 335 51.85 -0.05 14.76
N PRO A 336 51.87 1.14 15.37
CA PRO A 336 50.91 1.44 16.41
C PRO A 336 49.44 1.25 15.95
N ALA A 337 49.09 1.60 14.71
CA ALA A 337 47.71 1.42 14.20
C ALA A 337 47.37 -0.08 14.17
N MET A 338 48.30 -0.92 13.73
CA MET A 338 48.06 -2.38 13.73
C MET A 338 47.77 -2.83 15.16
N MET A 339 48.52 -2.35 16.16
CA MET A 339 48.32 -2.76 17.56
C MET A 339 46.91 -2.38 17.99
N TRP A 340 46.48 -1.15 17.71
CA TRP A 340 45.10 -0.72 18.02
C TRP A 340 44.10 -1.72 17.41
N ALA A 341 44.29 -2.06 16.13
CA ALA A 341 43.34 -2.90 15.37
C ALA A 341 43.36 -4.31 15.96
N LEU A 342 44.52 -4.81 16.34
CA LEU A 342 44.56 -6.18 16.97
C LEU A 342 43.91 -6.15 18.37
N GLY A 343 44.13 -5.09 19.14
CA GLY A 343 43.40 -4.98 20.41
C GLY A 343 41.89 -4.92 20.15
N PHE A 344 41.46 -4.17 19.12
CA PHE A 344 40.04 -4.07 18.73
C PHE A 344 39.47 -5.48 18.54
N ILE A 345 40.12 -6.27 17.69
CA ILE A 345 39.56 -7.60 17.31
C ILE A 345 39.29 -8.38 18.60
N PHE A 346 40.26 -8.39 19.50
CA PHE A 346 40.20 -9.19 20.74
C PHE A 346 39.12 -8.64 21.71
N LEU A 347 39.17 -7.36 22.00
CA LEU A 347 38.28 -6.74 23.02
C LEU A 347 36.85 -6.73 22.49
N PHE A 348 36.66 -6.49 21.20
CA PHE A 348 35.31 -6.50 20.56
C PHE A 348 34.73 -7.92 20.71
N THR A 349 35.54 -8.92 20.41
CA THR A 349 35.08 -10.31 20.52
C THR A 349 34.63 -10.58 21.95
N VAL A 350 35.43 -10.23 22.96
CA VAL A 350 35.03 -10.47 24.38
C VAL A 350 33.69 -9.75 24.63
N GLY A 351 33.57 -8.48 24.28
CA GLY A 351 32.29 -7.80 24.58
C GLY A 351 31.12 -8.39 23.78
N GLY A 352 31.38 -8.77 22.53
CA GLY A 352 30.33 -9.39 21.72
C GLY A 352 29.81 -10.64 22.37
N LEU A 353 30.72 -11.43 22.92
CA LEU A 353 30.34 -12.70 23.56
C LEU A 353 29.55 -12.44 24.85
N THR A 354 29.93 -11.44 25.67
CA THR A 354 29.08 -11.15 26.86
C THR A 354 27.72 -10.64 26.40
N GLY A 355 27.65 -10.05 25.22
CA GLY A 355 26.32 -9.68 24.63
C GLY A 355 25.44 -10.90 24.38
N ILE A 356 26.07 -11.95 23.85
CA ILE A 356 25.33 -13.20 23.61
C ILE A 356 24.79 -13.78 24.93
N VAL A 357 25.56 -13.70 26.02
CA VAL A 357 25.12 -14.11 27.39
C VAL A 357 23.85 -13.31 27.72
N LEU A 358 23.91 -11.97 27.59
CA LEU A 358 22.76 -11.11 27.90
C LEU A 358 21.56 -11.36 26.99
N ALA A 359 21.76 -11.84 25.75
CA ALA A 359 20.68 -12.09 24.79
C ALA A 359 19.72 -13.12 25.39
N ASN A 360 20.23 -13.95 26.29
CA ASN A 360 19.41 -15.01 26.90
C ASN A 360 18.55 -14.39 27.98
N SER A 361 17.27 -14.15 27.71
N SER A 361 17.26 -14.20 27.65
CA SER A 361 16.41 -13.38 28.65
CA SER A 361 16.24 -13.51 28.50
C SER A 361 16.43 -14.02 30.05
C SER A 361 16.24 -14.07 29.93
N SER A 362 16.40 -15.35 30.16
N SER A 362 16.47 -15.37 30.10
CA SER A 362 16.40 -16.00 31.50
CA SER A 362 16.38 -15.98 31.45
C SER A 362 17.62 -15.51 32.30
C SER A 362 17.61 -15.55 32.29
N LEU A 363 18.81 -15.47 31.69
CA LEU A 363 20.03 -15.01 32.40
C LEU A 363 19.95 -13.48 32.56
N ASP A 364 19.39 -12.82 31.58
CA ASP A 364 19.30 -11.32 31.60
C ASP A 364 18.48 -10.86 32.81
N ILE A 365 17.50 -11.65 33.26
CA ILE A 365 16.73 -11.30 34.49
C ILE A 365 17.73 -10.95 35.60
N VAL A 366 18.74 -11.81 35.79
CA VAL A 366 19.70 -11.65 36.90
C VAL A 366 20.79 -10.66 36.50
N LEU A 367 21.11 -10.46 35.20
CA LEU A 367 22.26 -9.59 34.85
C LEU A 367 21.80 -8.15 34.53
N HIS A 368 20.54 -7.98 34.20
CA HIS A 368 19.95 -6.68 33.78
C HIS A 368 20.22 -5.64 34.88
N ASP A 369 20.62 -4.42 34.51
CA ASP A 369 20.76 -3.32 35.50
C ASP A 369 21.84 -3.70 36.53
N THR A 370 22.81 -4.52 36.10
CA THR A 370 24.00 -4.84 36.91
C THR A 370 25.26 -4.38 36.15
N TYR A 371 26.37 -4.37 36.89
CA TYR A 371 27.69 -4.11 36.28
C TYR A 371 28.02 -5.16 35.20
N TYR A 372 27.30 -6.29 35.05
CA TYR A 372 27.61 -7.17 33.91
C TYR A 372 27.33 -6.42 32.58
N VAL A 373 26.24 -5.67 32.55
CA VAL A 373 25.87 -4.93 31.30
C VAL A 373 26.95 -3.86 31.07
N VAL A 374 27.34 -3.19 32.16
CA VAL A 374 28.39 -2.12 32.07
C VAL A 374 29.68 -2.71 31.49
N ALA A 375 30.08 -3.87 31.97
CA ALA A 375 31.26 -4.59 31.46
C ALA A 375 31.07 -4.92 29.97
N HIS A 376 29.95 -5.51 29.60
CA HIS A 376 29.64 -5.83 28.18
C HIS A 376 29.88 -4.59 27.31
N PHE A 377 29.23 -3.45 27.60
CA PHE A 377 29.27 -2.36 26.62
C PHE A 377 30.59 -1.60 26.69
N HIS A 378 31.31 -1.56 27.80
CA HIS A 378 32.65 -0.88 27.83
C HIS A 378 33.67 -1.74 27.05
N TYR A 379 33.48 -3.06 26.97
CA TYR A 379 34.30 -3.87 26.03
C TYR A 379 33.87 -3.52 24.59
N VAL A 380 32.61 -3.75 24.21
CA VAL A 380 32.22 -3.83 22.76
C VAL A 380 32.07 -2.40 22.28
N LEU A 381 31.57 -1.51 23.10
CA LEU A 381 31.39 -0.12 22.61
C LEU A 381 32.56 0.77 23.03
N SER A 382 32.81 0.90 24.30
CA SER A 382 33.84 1.83 24.81
C SER A 382 35.20 1.50 24.24
N MET A 383 35.71 0.29 24.45
CA MET A 383 37.00 -0.14 23.89
C MET A 383 36.87 -0.34 22.36
N GLY A 384 35.84 -1.01 21.85
CA GLY A 384 35.67 -1.15 20.40
C GLY A 384 35.77 0.17 19.66
N ALA A 385 34.90 1.14 20.00
CA ALA A 385 34.89 2.45 19.33
C ALA A 385 36.25 3.15 19.54
N VAL A 386 36.74 3.19 20.77
CA VAL A 386 37.95 3.95 21.13
C VAL A 386 39.14 3.30 20.41
N PHE A 387 39.25 1.97 20.40
CA PHE A 387 40.43 1.35 19.77
C PHE A 387 40.39 1.63 18.27
N ALA A 388 39.21 1.52 17.63
CA ALA A 388 39.08 1.77 16.18
C ALA A 388 39.41 3.25 15.91
N ILE A 389 38.91 4.15 16.77
CA ILE A 389 39.23 5.58 16.61
C ILE A 389 40.74 5.81 16.75
N MET A 390 41.39 5.21 17.75
CA MET A 390 42.83 5.47 17.94
C MET A 390 43.59 4.85 16.76
N GLY A 391 43.18 3.66 16.32
CA GLY A 391 43.77 3.04 15.12
C GLY A 391 43.68 3.94 13.90
N GLY A 392 42.47 4.38 13.62
CA GLY A 392 42.27 5.27 12.48
C GLY A 392 43.05 6.56 12.66
N PHE A 393 43.10 7.10 13.86
CA PHE A 393 43.75 8.42 14.11
C PHE A 393 45.27 8.28 13.84
N VAL A 394 45.91 7.28 14.41
N VAL A 394 45.87 7.28 14.44
CA VAL A 394 47.37 7.15 14.20
CA VAL A 394 47.31 6.97 14.26
C VAL A 394 47.66 6.76 12.74
C VAL A 394 47.61 6.77 12.77
N HIS A 395 46.80 5.95 12.11
CA HIS A 395 47.01 5.55 10.69
C HIS A 395 46.88 6.75 9.78
N TRP A 396 45.84 7.55 9.95
CA TRP A 396 45.57 8.64 8.98
C TRP A 396 46.05 10.02 9.45
N PHE A 397 46.57 10.18 10.64
CA PHE A 397 47.15 11.49 11.08
C PHE A 397 48.12 12.05 10.06
N PRO A 398 49.05 11.26 9.49
CA PRO A 398 49.98 11.83 8.53
C PRO A 398 49.32 12.29 7.23
N LEU A 399 48.23 11.62 6.79
CA LEU A 399 47.46 12.07 5.61
C LEU A 399 46.85 13.44 5.98
N PHE A 400 46.23 13.54 7.14
CA PHE A 400 45.45 14.76 7.50
C PHE A 400 46.40 15.93 7.73
N SER A 401 47.53 15.66 8.39
CA SER A 401 48.45 16.73 8.88
C SER A 401 49.64 16.95 7.93
N GLY A 402 50.09 15.91 7.19
CA GLY A 402 51.38 15.97 6.52
C GLY A 402 52.60 15.70 7.43
N TYR A 403 52.39 15.33 8.68
CA TYR A 403 53.45 15.10 9.70
C TYR A 403 53.32 13.68 10.27
N THR A 404 54.45 13.11 10.68
CA THR A 404 54.45 11.81 11.37
C THR A 404 54.41 11.97 12.90
N LEU A 405 53.74 11.00 13.52
CA LEU A 405 53.86 10.70 14.96
C LEU A 405 55.19 10.01 15.24
N ASN A 406 55.58 10.07 16.51
CA ASN A 406 56.67 9.25 17.06
C ASN A 406 56.06 7.84 17.31
N ASP A 407 56.48 6.87 16.52
CA ASP A 407 55.88 5.51 16.59
C ASP A 407 56.15 4.87 17.97
N THR A 408 57.33 5.11 18.53
CA THR A 408 57.67 4.55 19.85
C THR A 408 56.72 5.12 20.91
N TRP A 409 56.55 6.44 20.95
CA TRP A 409 55.56 7.04 21.88
C TRP A 409 54.19 6.40 21.64
N ALA A 410 53.78 6.25 20.38
CA ALA A 410 52.43 5.76 20.03
C ALA A 410 52.29 4.33 20.55
N LYS A 411 53.37 3.52 20.47
CA LYS A 411 53.27 2.12 21.01
C LYS A 411 53.18 2.18 22.54
N ILE A 412 53.89 3.12 23.17
CA ILE A 412 53.81 3.29 24.66
C ILE A 412 52.35 3.60 25.03
N HIS A 413 51.74 4.49 24.25
CA HIS A 413 50.38 4.98 24.50
C HIS A 413 49.40 3.79 24.41
N PHE A 414 49.54 2.99 23.37
CA PHE A 414 48.72 1.77 23.19
C PHE A 414 48.86 0.84 24.41
N ALA A 415 50.08 0.59 24.86
CA ALA A 415 50.36 -0.37 25.96
C ALA A 415 49.70 0.13 27.26
N ILE A 416 49.86 1.42 27.56
CA ILE A 416 49.25 1.96 28.80
C ILE A 416 47.72 1.81 28.72
N MET A 417 47.12 2.19 27.58
N MET A 417 47.11 2.21 27.59
CA MET A 417 45.65 2.13 27.38
CA MET A 417 45.64 2.11 27.42
C MET A 417 45.14 0.69 27.48
C MET A 417 45.17 0.66 27.56
N PHE A 418 45.86 -0.29 26.92
CA PHE A 418 45.41 -1.70 26.95
C PHE A 418 45.32 -2.16 28.40
N VAL A 419 46.37 -1.86 29.19
CA VAL A 419 46.42 -2.25 30.63
C VAL A 419 45.27 -1.53 31.34
N GLY A 420 45.14 -0.23 31.13
CA GLY A 420 44.15 0.56 31.91
C GLY A 420 42.72 0.09 31.67
N VAL A 421 42.31 -0.08 30.41
CA VAL A 421 40.88 -0.41 30.13
C VAL A 421 40.56 -1.83 30.66
N ASN A 422 41.49 -2.80 30.56
CA ASN A 422 41.24 -4.16 31.06
C ASN A 422 41.15 -4.14 32.59
N MET A 423 42.05 -3.41 33.26
N MET A 423 42.05 -3.41 33.26
CA MET A 423 42.02 -3.33 34.73
CA MET A 423 42.03 -3.31 34.73
C MET A 423 40.71 -2.65 35.14
C MET A 423 40.72 -2.66 35.14
N THR A 424 40.26 -1.66 34.36
CA THR A 424 39.04 -0.93 34.71
C THR A 424 37.82 -1.85 34.59
N PHE A 425 37.66 -2.49 33.44
CA PHE A 425 36.37 -3.12 33.06
C PHE A 425 36.37 -4.63 33.34
N PHE A 426 37.48 -5.34 33.29
CA PHE A 426 37.32 -6.82 33.42
C PHE A 426 36.68 -7.17 34.76
N PRO A 427 37.09 -6.57 35.92
CA PRO A 427 36.47 -6.90 37.20
C PRO A 427 34.97 -6.57 37.33
N GLN A 428 34.43 -5.73 36.44
CA GLN A 428 33.00 -5.35 36.46
C GLN A 428 32.15 -6.59 36.13
N HIS A 429 32.70 -7.58 35.39
CA HIS A 429 32.00 -8.87 35.19
C HIS A 429 31.69 -9.51 36.54
N PHE A 430 32.66 -9.56 37.45
CA PHE A 430 32.50 -10.22 38.77
C PHE A 430 31.44 -9.45 39.58
N LEU A 431 31.56 -8.12 39.55
CA LEU A 431 30.56 -7.28 40.23
C LEU A 431 29.16 -7.59 39.69
N GLY A 432 28.97 -7.71 38.37
CA GLY A 432 27.63 -7.99 37.83
C GLY A 432 27.15 -9.38 38.18
N LEU A 433 27.97 -10.41 37.96
CA LEU A 433 27.50 -11.79 38.29
C LEU A 433 27.13 -11.84 39.78
N SER A 434 27.89 -11.17 40.66
CA SER A 434 27.64 -11.25 42.10
C SER A 434 26.54 -10.24 42.50
N GLY A 435 25.95 -9.52 41.56
CA GLY A 435 24.69 -8.78 41.83
C GLY A 435 24.81 -7.27 42.10
N MET A 436 25.95 -6.66 41.88
CA MET A 436 26.06 -5.19 42.10
C MET A 436 25.25 -4.45 41.03
N PRO A 437 24.23 -3.65 41.42
CA PRO A 437 23.49 -2.83 40.47
C PRO A 437 24.38 -1.78 39.81
N ARG A 438 24.03 -1.43 38.59
CA ARG A 438 24.63 -0.26 37.92
C ARG A 438 23.88 0.97 38.46
N ARG A 439 24.40 2.13 38.16
CA ARG A 439 23.78 3.47 38.48
C ARG A 439 23.71 3.68 39.98
N TYR A 440 24.63 3.07 40.73
CA TYR A 440 24.80 3.17 42.17
C TYR A 440 26.01 4.07 42.51
N SER A 441 25.83 4.93 43.53
CA SER A 441 26.90 5.80 44.07
C SER A 441 27.74 5.06 45.13
N ASP A 442 27.23 3.94 45.63
CA ASP A 442 27.89 3.19 46.71
C ASP A 442 27.37 1.76 46.70
N TYR A 443 28.09 0.87 47.35
CA TYR A 443 27.88 -0.60 47.22
C TYR A 443 28.03 -1.27 48.58
N PRO A 444 27.26 -2.34 48.80
CA PRO A 444 27.55 -3.25 49.91
C PRO A 444 29.05 -3.62 49.91
N ASP A 445 29.55 -3.75 51.13
CA ASP A 445 30.97 -3.84 51.48
C ASP A 445 31.60 -5.02 50.74
N ALA A 446 30.88 -6.10 50.47
CA ALA A 446 31.47 -7.28 49.75
C ALA A 446 32.07 -6.88 48.38
N TYR A 447 31.56 -5.84 47.74
CA TYR A 447 31.92 -5.42 46.37
C TYR A 447 33.19 -4.56 46.35
N THR A 448 33.81 -4.31 47.49
CA THR A 448 34.87 -3.29 47.63
C THR A 448 36.09 -3.65 46.76
N MET A 449 36.61 -4.88 46.85
CA MET A 449 37.86 -5.20 46.14
C MET A 449 37.74 -4.88 44.63
N TRP A 450 36.71 -5.36 43.93
CA TRP A 450 36.67 -5.17 42.46
C TRP A 450 36.43 -3.68 42.14
N ASN A 451 35.63 -2.98 42.94
CA ASN A 451 35.43 -1.53 42.68
C ASN A 451 36.77 -0.79 42.86
N THR A 452 37.57 -1.16 43.86
CA THR A 452 38.88 -0.54 44.13
C THR A 452 39.79 -0.72 42.90
N ILE A 453 39.92 -1.96 42.45
CA ILE A 453 40.79 -2.29 41.31
C ILE A 453 40.29 -1.52 40.06
N SER A 454 38.97 -1.51 39.82
CA SER A 454 38.38 -0.86 38.64
C SER A 454 38.76 0.63 38.67
N SER A 455 38.62 1.28 39.83
CA SER A 455 38.91 2.74 39.91
C SER A 455 40.40 2.97 39.69
N MET A 456 41.26 2.10 40.21
CA MET A 456 42.71 2.22 39.95
C MET A 456 43.00 2.10 38.45
N GLY A 457 42.32 1.16 37.75
CA GLY A 457 42.43 1.06 36.26
C GLY A 457 42.09 2.41 35.61
N SER A 458 41.06 3.08 36.14
CA SER A 458 40.57 4.29 35.46
C SER A 458 41.70 5.34 35.39
N PHE A 459 42.57 5.38 36.39
CA PHE A 459 43.71 6.32 36.48
C PHE A 459 44.79 5.96 35.48
N ILE A 460 44.94 4.66 35.18
CA ILE A 460 45.96 4.26 34.19
C ILE A 460 45.53 4.80 32.81
N SER A 461 44.25 4.66 32.44
CA SER A 461 43.72 5.17 31.16
C SER A 461 43.84 6.71 31.15
N LEU A 462 43.65 7.37 32.29
CA LEU A 462 43.90 8.85 32.34
C LEU A 462 45.35 9.18 31.93
N THR A 463 46.32 8.44 32.48
CA THR A 463 47.74 8.65 32.10
C THR A 463 47.90 8.48 30.57
N ALA A 464 47.28 7.45 29.99
CA ALA A 464 47.26 7.27 28.51
C ALA A 464 46.70 8.52 27.80
N VAL A 465 45.55 9.02 28.27
CA VAL A 465 44.91 10.19 27.60
C VAL A 465 45.88 11.37 27.65
N MET A 466 46.50 11.64 28.78
CA MET A 466 47.44 12.78 28.91
C MET A 466 48.63 12.61 27.94
N LEU A 467 49.17 11.39 27.81
CA LEU A 467 50.31 11.11 26.94
C LEU A 467 49.87 11.34 25.49
N MET A 468 48.64 10.90 25.12
CA MET A 468 48.13 11.10 23.76
C MET A 468 48.22 12.60 23.42
N VAL A 469 47.80 13.46 24.34
CA VAL A 469 47.85 14.92 24.00
C VAL A 469 49.31 15.31 23.77
N PHE A 470 50.22 14.87 24.64
CA PHE A 470 51.66 15.16 24.48
C PHE A 470 52.15 14.65 23.10
N ILE A 471 51.69 13.46 22.69
CA ILE A 471 52.18 12.82 21.44
C ILE A 471 51.72 13.66 20.24
N ILE A 472 50.48 14.10 20.23
CA ILE A 472 50.01 14.99 19.15
C ILE A 472 50.85 16.28 19.18
N TRP A 473 51.08 16.86 20.35
CA TRP A 473 51.93 18.09 20.43
C TRP A 473 53.31 17.81 19.82
N GLU A 474 53.92 16.67 20.18
CA GLU A 474 55.30 16.35 19.75
C GLU A 474 55.34 16.28 18.21
N ALA A 475 54.34 15.68 17.56
CA ALA A 475 54.25 15.61 16.08
C ALA A 475 54.22 17.02 15.45
N PHE A 476 53.33 17.87 15.89
CA PHE A 476 53.28 19.25 15.36
C PHE A 476 54.50 20.08 15.72
N ALA A 477 55.07 19.85 16.92
CA ALA A 477 56.31 20.51 17.42
C ALA A 477 57.51 20.18 16.54
N SER A 478 57.70 18.93 16.13
CA SER A 478 58.91 18.41 15.46
C SER A 478 58.86 18.60 13.95
N LYS A 479 57.67 18.53 13.35
CA LYS A 479 57.40 18.77 11.91
C LYS A 479 58.25 17.83 11.05
N ARG A 480 58.08 16.53 11.25
CA ARG A 480 58.62 15.49 10.32
C ARG A 480 57.64 15.34 9.14
N GLU A 481 57.99 15.80 7.96
CA GLU A 481 57.06 15.85 6.79
C GLU A 481 57.09 14.51 6.06
N VAL A 482 55.91 14.01 5.75
CA VAL A 482 55.69 12.73 5.05
C VAL A 482 56.40 12.79 3.70
N LEU A 483 57.06 11.68 3.32
CA LEU A 483 57.64 11.52 1.97
C LEU A 483 56.84 10.44 1.26
N THR A 484 57.05 9.16 1.54
CA THR A 484 56.42 8.14 0.70
C THR A 484 55.54 7.26 1.58
N VAL A 485 54.42 6.87 1.00
CA VAL A 485 53.45 5.97 1.63
C VAL A 485 53.34 4.73 0.74
N ASP A 486 53.40 3.56 1.34
CA ASP A 486 53.28 2.28 0.59
C ASP A 486 51.80 2.04 0.26
N LEU A 487 51.55 1.20 -0.73
CA LEU A 487 50.24 0.60 -1.08
C LEU A 487 49.24 1.67 -1.55
N THR A 488 49.70 2.78 -2.13
CA THR A 488 48.76 3.78 -2.70
C THR A 488 47.90 3.13 -3.80
N THR A 489 48.34 2.03 -4.45
CA THR A 489 47.54 1.43 -5.52
C THR A 489 46.22 0.92 -4.94
N THR A 490 46.13 0.61 -3.63
CA THR A 490 44.85 0.15 -3.06
C THR A 490 44.44 1.03 -1.89
N ASN A 491 44.82 2.31 -1.88
CA ASN A 491 44.48 3.24 -0.77
C ASN A 491 44.44 4.65 -1.36
N LEU A 492 43.45 4.86 -2.19
CA LEU A 492 43.28 6.08 -3.03
C LEU A 492 43.38 7.37 -2.20
N GLU A 493 42.98 7.31 -0.93
CA GLU A 493 42.93 8.54 -0.09
C GLU A 493 44.34 9.13 0.08
N TRP A 494 45.40 8.34 -0.10
CA TRP A 494 46.81 8.80 0.06
C TRP A 494 47.39 9.37 -1.25
N LEU A 495 46.74 9.15 -2.39
CA LEU A 495 47.42 9.35 -3.69
C LEU A 495 47.53 10.82 -4.07
N ASN A 496 46.85 11.73 -3.37
CA ASN A 496 47.02 13.19 -3.60
C ASN A 496 48.04 13.82 -2.63
N GLY A 497 48.85 13.01 -1.93
CA GLY A 497 49.84 13.60 -1.00
C GLY A 497 49.27 13.94 0.39
N CYS A 498 50.16 14.40 1.26
CA CYS A 498 49.96 14.56 2.73
C CYS A 498 50.40 15.96 3.13
N PRO A 499 49.48 16.88 3.50
CA PRO A 499 48.05 16.71 3.32
C PRO A 499 47.69 16.90 1.85
N PRO A 500 46.54 16.37 1.40
CA PRO A 500 46.11 16.59 0.03
C PRO A 500 45.76 18.06 -0.15
N PRO A 501 45.80 18.59 -1.37
CA PRO A 501 45.37 19.98 -1.59
C PRO A 501 43.90 20.23 -1.18
N TYR A 502 43.57 21.47 -0.87
CA TYR A 502 42.22 21.90 -0.50
C TYR A 502 41.20 21.28 -1.45
N HIS A 503 41.42 21.47 -2.76
CA HIS A 503 40.57 20.88 -3.83
C HIS A 503 41.28 19.64 -4.35
N THR A 504 40.70 18.48 -4.19
CA THR A 504 41.19 17.26 -4.89
C THR A 504 40.13 16.80 -5.91
N PHE A 505 40.59 16.02 -6.89
CA PHE A 505 39.74 15.42 -7.94
C PHE A 505 38.97 16.53 -8.67
N GLU A 506 39.55 17.72 -8.86
CA GLU A 506 38.99 18.74 -9.78
C GLU A 506 38.91 18.14 -11.17
N GLU A 507 39.94 17.37 -11.49
CA GLU A 507 39.89 16.45 -12.64
C GLU A 507 39.59 15.09 -12.05
N PRO A 508 38.45 14.46 -12.36
CA PRO A 508 38.10 13.20 -11.74
C PRO A 508 39.04 12.08 -12.23
N THR A 509 39.06 10.97 -11.50
CA THR A 509 39.79 9.77 -11.95
C THR A 509 39.23 9.25 -13.27
N TYR A 510 40.05 8.53 -13.99
CA TYR A 510 39.72 7.81 -15.23
C TYR A 510 39.54 6.35 -14.85
N VAL A 511 38.35 5.83 -15.02
CA VAL A 511 38.06 4.40 -14.76
C VAL A 511 37.26 3.84 -15.94
N ASN A 512 37.78 2.85 -16.67
CA ASN A 512 37.03 2.44 -17.88
C ASN A 512 36.22 1.21 -17.52
N LEU A 513 35.31 0.80 -18.39
CA LEU A 513 34.58 -0.48 -18.25
C LEU A 513 35.18 -1.52 -19.21
N FME B 1 23.39 -13.25 49.90
CN FME B 1 22.08 -13.34 50.08
O1 FME B 1 21.27 -12.43 49.89
CA FME B 1 24.09 -12.01 49.55
CB FME B 1 24.32 -11.15 50.81
CG FME B 1 25.04 -12.07 51.83
SD FME B 1 25.43 -11.21 53.24
CE FME B 1 26.42 -9.91 52.54
C FME B 1 25.45 -12.32 48.94
O FME B 1 25.94 -13.44 49.07
N ALA B 2 26.05 -11.31 48.30
CA ALA B 2 27.42 -11.45 47.86
C ALA B 2 28.41 -11.41 49.04
N TYR B 3 29.54 -12.11 48.84
CA TYR B 3 30.67 -12.18 49.79
C TYR B 3 31.89 -11.54 49.13
N PRO B 4 32.90 -11.13 49.90
CA PRO B 4 34.06 -10.46 49.31
C PRO B 4 34.82 -11.37 48.35
N MET B 5 35.25 -10.72 47.26
CA MET B 5 36.07 -11.30 46.18
C MET B 5 35.23 -12.28 45.37
N GLN B 6 33.91 -12.21 45.45
CA GLN B 6 33.05 -13.14 44.68
C GLN B 6 33.28 -12.95 43.17
N LEU B 7 33.38 -14.06 42.43
CA LEU B 7 33.61 -14.02 40.97
C LEU B 7 32.31 -14.29 40.22
N GLY B 8 31.45 -15.19 40.70
CA GLY B 8 30.26 -15.63 39.96
C GLY B 8 28.95 -15.30 40.66
N PHE B 9 27.92 -16.04 40.31
CA PHE B 9 26.57 -15.87 40.88
C PHE B 9 26.56 -16.27 42.36
N GLN B 10 25.72 -15.57 43.12
CA GLN B 10 25.30 -15.97 44.48
C GLN B 10 24.75 -17.41 44.41
N ASP B 11 24.96 -18.16 45.46
CA ASP B 11 24.48 -19.56 45.48
C ASP B 11 22.94 -19.53 45.28
N ALA B 12 22.41 -20.53 44.57
CA ALA B 12 20.97 -20.61 44.23
C ALA B 12 20.17 -20.93 45.51
N THR B 13 19.14 -20.12 45.74
CA THR B 13 18.12 -20.28 46.80
C THR B 13 16.88 -21.01 46.26
N SER B 14 16.63 -20.93 44.95
CA SER B 14 15.42 -21.50 44.27
C SER B 14 15.85 -22.48 43.18
N PRO B 15 14.99 -23.45 42.79
CA PRO B 15 15.32 -24.35 41.65
C PRO B 15 15.59 -23.60 40.33
N ILE B 16 14.83 -22.56 40.02
N ILE B 16 14.81 -22.57 40.07
CA ILE B 16 15.11 -21.82 38.76
CA ILE B 16 14.99 -21.68 38.88
C ILE B 16 16.50 -21.18 38.84
C ILE B 16 16.44 -21.17 38.87
N MET B 17 16.91 -20.65 40.01
CA MET B 17 18.25 -20.08 40.09
C MET B 17 19.27 -21.22 39.87
N GLU B 18 19.01 -22.43 40.38
N GLU B 18 19.04 -22.45 40.34
CA GLU B 18 19.90 -23.60 40.15
CA GLU B 18 20.05 -23.50 40.08
C GLU B 18 20.07 -23.79 38.64
C GLU B 18 20.09 -23.81 38.58
N GLU B 19 18.94 -23.81 37.91
CA GLU B 19 18.88 -23.98 36.44
C GLU B 19 19.71 -22.93 35.74
N LEU B 20 19.57 -21.65 36.14
CA LEU B 20 20.34 -20.55 35.55
C LEU B 20 21.84 -20.79 35.76
N LEU B 21 22.24 -21.31 36.92
CA LEU B 21 23.69 -21.53 37.17
C LEU B 21 24.22 -22.55 36.16
N HIS B 22 23.54 -23.69 36.00
N HIS B 22 23.55 -23.70 36.00
CA HIS B 22 23.99 -24.75 35.06
CA HIS B 22 23.98 -24.76 35.04
C HIS B 22 23.99 -24.19 33.62
C HIS B 22 24.01 -24.16 33.62
N PHE B 23 23.01 -23.37 33.28
CA PHE B 23 22.91 -22.75 31.93
C PHE B 23 24.07 -21.75 31.72
N HIS B 24 24.38 -20.95 32.76
CA HIS B 24 25.53 -20.01 32.70
C HIS B 24 26.82 -20.81 32.53
N ASP B 25 26.99 -21.87 33.31
CA ASP B 25 28.21 -22.71 33.16
C ASP B 25 28.35 -23.16 31.70
N HIS B 26 27.31 -23.66 31.07
CA HIS B 26 27.31 -24.13 29.66
C HIS B 26 27.67 -22.98 28.75
N THR B 27 27.07 -21.79 28.94
CA THR B 27 27.26 -20.64 28.04
C THR B 27 28.70 -20.15 28.20
N LEU B 28 29.16 -20.09 29.45
CA LEU B 28 30.48 -19.50 29.75
C LEU B 28 31.55 -20.41 29.17
N MET B 29 31.34 -21.72 29.20
CA MET B 29 32.37 -22.61 28.59
C MET B 29 32.55 -22.18 27.12
N ILE B 30 31.42 -21.96 26.43
CA ILE B 30 31.37 -21.57 24.98
C ILE B 30 32.03 -20.23 24.79
N VAL B 31 31.74 -19.27 25.67
CA VAL B 31 32.40 -17.93 25.59
C VAL B 31 33.93 -18.06 25.74
N PHE B 32 34.37 -18.83 26.73
N PHE B 32 34.41 -18.84 26.70
CA PHE B 32 35.81 -19.08 27.02
CA PHE B 32 35.87 -18.96 26.97
C PHE B 32 36.45 -19.61 25.74
C PHE B 32 36.55 -19.70 25.82
N LEU B 33 35.90 -20.71 25.23
CA LEU B 33 36.40 -21.42 24.03
C LEU B 33 36.54 -20.48 22.82
N ILE B 34 35.49 -19.69 22.51
CA ILE B 34 35.52 -18.84 21.30
C ILE B 34 36.54 -17.75 21.54
N SER B 35 36.56 -17.15 22.73
CA SER B 35 37.51 -16.06 23.10
C SER B 35 38.95 -16.54 22.89
N SER B 36 39.21 -17.69 23.49
CA SER B 36 40.55 -18.32 23.48
C SER B 36 40.95 -18.64 22.05
N LEU B 37 40.04 -19.28 21.33
CA LEU B 37 40.30 -19.65 19.92
C LEU B 37 40.57 -18.39 19.07
N VAL B 38 39.82 -17.31 19.24
CA VAL B 38 40.16 -16.07 18.53
C VAL B 38 41.55 -15.57 18.94
N LEU B 39 41.90 -15.54 20.23
CA LEU B 39 43.21 -14.99 20.68
C LEU B 39 44.29 -15.90 20.10
N TYR B 40 44.04 -17.20 20.11
CA TYR B 40 45.05 -18.16 19.63
C TYR B 40 45.29 -17.96 18.11
N ILE B 41 44.22 -17.84 17.34
CA ILE B 41 44.35 -17.61 15.87
C ILE B 41 44.98 -16.26 15.59
N ILE B 42 44.59 -15.18 16.24
CA ILE B 42 45.38 -13.93 16.08
C ILE B 42 46.87 -14.25 16.22
N SER B 43 47.26 -14.82 17.35
CA SER B 43 48.69 -15.04 17.67
C SER B 43 49.29 -15.98 16.58
N LEU B 44 48.54 -16.93 16.05
CA LEU B 44 49.06 -17.83 14.98
C LEU B 44 49.30 -17.03 13.67
N MET B 45 48.35 -16.16 13.34
CA MET B 45 48.44 -15.29 12.12
C MET B 45 49.67 -14.38 12.20
N LEU B 46 50.11 -14.03 13.43
CA LEU B 46 51.13 -12.97 13.66
C LEU B 46 52.51 -13.57 13.95
N THR B 47 52.67 -14.89 13.95
CA THR B 47 53.95 -15.47 14.41
C THR B 47 54.69 -16.21 13.28
N THR B 48 54.53 -15.84 12.01
CA THR B 48 55.35 -16.43 10.94
C THR B 48 55.87 -15.37 9.97
N LYS B 49 57.08 -15.57 9.49
CA LYS B 49 57.69 -14.81 8.37
C LYS B 49 57.22 -15.32 7.01
N LEU B 50 56.54 -16.48 6.94
CA LEU B 50 55.97 -16.96 5.67
C LEU B 50 54.83 -16.05 5.22
N THR B 51 54.74 -15.83 3.92
CA THR B 51 53.72 -14.92 3.36
C THR B 51 52.96 -15.60 2.21
N HIS B 52 51.75 -15.11 2.04
CA HIS B 52 50.82 -15.38 0.91
C HIS B 52 49.92 -14.14 0.77
N THR B 53 50.23 -13.24 -0.14
CA THR B 53 49.61 -11.88 -0.25
C THR B 53 48.78 -11.76 -1.51
N SER B 54 48.68 -12.84 -2.29
CA SER B 54 47.86 -12.89 -3.51
C SER B 54 46.40 -13.09 -3.09
N THR B 55 45.46 -12.90 -4.05
CA THR B 55 43.98 -12.99 -3.80
C THR B 55 43.65 -14.38 -3.26
N MET B 56 42.90 -14.45 -2.15
CA MET B 56 42.48 -15.74 -1.52
C MET B 56 41.00 -15.98 -1.75
N ASP B 57 40.62 -17.18 -2.17
CA ASP B 57 39.20 -17.60 -2.37
C ASP B 57 38.50 -17.83 -1.02
N ALA B 58 37.32 -17.21 -0.84
CA ALA B 58 36.61 -17.10 0.44
C ALA B 58 35.48 -18.14 0.56
N GLN B 59 34.94 -18.72 -0.52
CA GLN B 59 33.54 -19.25 -0.38
C GLN B 59 33.52 -20.51 0.48
N GLU B 60 34.46 -21.44 0.28
CA GLU B 60 34.44 -22.70 1.09
C GLU B 60 34.55 -22.30 2.55
N VAL B 61 35.46 -21.40 2.89
CA VAL B 61 35.70 -21.22 4.33
C VAL B 61 34.46 -20.51 4.91
N GLU B 62 33.73 -19.71 4.11
CA GLU B 62 32.61 -18.95 4.72
C GLU B 62 31.50 -19.92 5.09
N THR B 63 31.48 -21.10 4.50
CA THR B 63 30.48 -22.11 4.92
C THR B 63 30.75 -22.50 6.37
N ILE B 64 32.01 -22.78 6.68
CA ILE B 64 32.40 -23.28 8.03
C ILE B 64 32.07 -22.15 8.99
N TRP B 65 32.39 -20.95 8.63
CA TRP B 65 32.31 -19.94 9.71
C TRP B 65 30.95 -19.23 9.77
N THR B 66 29.95 -19.76 9.07
CA THR B 66 28.50 -19.48 9.29
C THR B 66 27.82 -20.69 9.94
N ILE B 67 28.11 -21.88 9.43
CA ILE B 67 27.42 -23.11 9.96
C ILE B 67 27.83 -23.41 11.40
N LEU B 68 29.14 -23.39 11.70
CA LEU B 68 29.58 -23.70 13.09
C LEU B 68 28.97 -22.69 14.06
N PRO B 69 29.10 -21.38 13.85
CA PRO B 69 28.41 -20.43 14.72
C PRO B 69 26.90 -20.70 14.84
N ALA B 70 26.22 -21.03 13.74
CA ALA B 70 24.76 -21.29 13.77
C ALA B 70 24.49 -22.45 14.72
N ILE B 71 25.25 -23.53 14.55
CA ILE B 71 25.05 -24.71 15.44
C ILE B 71 25.31 -24.29 16.90
N ILE B 72 26.40 -23.58 17.16
CA ILE B 72 26.70 -23.12 18.54
C ILE B 72 25.52 -22.29 19.08
N LEU B 73 24.96 -21.39 18.29
CA LEU B 73 23.83 -20.57 18.79
C LEU B 73 22.63 -21.47 19.11
N ILE B 74 22.38 -22.48 18.28
CA ILE B 74 21.26 -23.41 18.57
C ILE B 74 21.55 -24.14 19.89
N LEU B 75 22.78 -24.61 20.11
CA LEU B 75 23.12 -25.30 21.38
C LEU B 75 22.98 -24.33 22.58
N ILE B 76 23.07 -23.03 22.39
CA ILE B 76 22.78 -22.07 23.51
C ILE B 76 21.26 -21.91 23.66
N ALA B 77 20.59 -21.68 22.53
CA ALA B 77 19.18 -21.26 22.50
C ALA B 77 18.30 -22.35 23.10
N LEU B 78 18.59 -23.62 22.79
CA LEU B 78 17.73 -24.74 23.22
C LEU B 78 17.57 -24.71 24.75
N PRO B 79 18.63 -24.87 25.57
CA PRO B 79 18.45 -24.85 27.02
C PRO B 79 17.97 -23.45 27.49
N SER B 80 18.35 -22.40 26.77
CA SER B 80 17.93 -21.02 27.14
C SER B 80 16.41 -20.99 27.19
N LEU B 81 15.80 -21.43 26.10
CA LEU B 81 14.35 -21.31 25.95
C LEU B 81 13.65 -22.34 26.86
N ARG B 82 14.24 -23.52 27.06
CA ARG B 82 13.64 -24.51 27.98
C ARG B 82 13.48 -23.84 29.35
N ILE B 83 14.50 -23.16 29.85
CA ILE B 83 14.41 -22.47 31.17
C ILE B 83 13.37 -21.35 31.06
N LEU B 84 13.40 -20.59 29.96
CA LEU B 84 12.42 -19.46 29.85
C LEU B 84 11.00 -19.99 30.09
N TYR B 85 10.65 -21.11 29.45
CA TYR B 85 9.26 -21.65 29.44
C TYR B 85 8.98 -22.37 30.75
N MET B 86 9.99 -23.01 31.33
CA MET B 86 9.87 -23.61 32.69
C MET B 86 9.52 -22.49 33.67
N MET B 87 10.23 -21.37 33.76
N MET B 87 10.22 -21.34 33.53
CA MET B 87 9.80 -20.31 34.73
CA MET B 87 10.14 -19.99 34.18
C MET B 87 8.34 -19.96 34.43
C MET B 87 8.70 -19.44 34.17
N ASP B 88 7.93 -19.82 33.16
CA ASP B 88 6.59 -19.24 32.83
C ASP B 88 5.51 -20.22 33.29
N GLU B 89 5.79 -21.54 33.33
CA GLU B 89 4.78 -22.63 33.47
C GLU B 89 3.97 -22.44 34.77
N ILE B 90 2.69 -22.86 34.74
CA ILE B 90 1.60 -22.62 35.77
C ILE B 90 1.99 -23.38 37.05
N ASN B 91 1.91 -22.68 38.17
CA ASN B 91 2.51 -23.29 39.39
C ASN B 91 1.51 -23.32 40.53
N ASN B 92 0.41 -22.57 40.46
CA ASN B 92 -0.53 -22.52 41.60
C ASN B 92 0.17 -22.00 42.85
N PRO B 93 0.22 -20.68 43.03
CA PRO B 93 0.69 -20.12 44.30
C PRO B 93 -0.29 -20.38 45.47
N SER B 94 0.27 -20.47 46.67
CA SER B 94 -0.43 -20.59 47.98
C SER B 94 -0.69 -19.20 48.54
N LEU B 95 0.05 -18.20 48.09
CA LEU B 95 0.09 -16.86 48.73
C LEU B 95 0.39 -15.81 47.66
N THR B 96 -0.28 -14.65 47.77
CA THR B 96 0.05 -13.46 46.96
C THR B 96 0.50 -12.34 47.89
N VAL B 97 1.64 -11.76 47.55
CA VAL B 97 2.20 -10.57 48.19
C VAL B 97 2.42 -9.50 47.13
N LYS B 98 2.02 -8.27 47.44
CA LYS B 98 2.35 -7.13 46.57
C LYS B 98 3.53 -6.34 47.18
N THR B 99 4.37 -5.79 46.33
CA THR B 99 5.35 -4.76 46.71
C THR B 99 5.12 -3.54 45.82
N MET B 100 5.12 -2.35 46.46
CA MET B 100 5.07 -1.02 45.81
C MET B 100 6.40 -0.29 46.07
N GLY B 101 7.08 0.05 44.98
CA GLY B 101 8.25 0.92 44.95
C GLY B 101 7.84 2.36 45.27
N HIS B 102 8.70 3.03 46.01
CA HIS B 102 8.57 4.46 46.32
C HIS B 102 9.98 5.07 46.38
N GLN B 103 10.08 6.38 46.21
CA GLN B 103 11.29 7.14 46.52
C GLN B 103 11.33 7.37 48.05
N TRP B 104 12.21 6.70 48.80
CA TRP B 104 13.12 5.62 48.41
C TRP B 104 13.02 4.48 49.43
N TYR B 105 12.07 3.58 49.21
CA TYR B 105 11.66 2.50 50.16
C TYR B 105 10.62 1.64 49.44
N TRP B 106 10.45 0.42 49.94
CA TRP B 106 9.47 -0.55 49.46
C TRP B 106 8.35 -0.63 50.50
N SER B 107 7.11 -0.72 50.04
CA SER B 107 5.98 -1.14 50.88
C SER B 107 5.56 -2.56 50.42
N TYR B 108 5.04 -3.33 51.35
CA TYR B 108 4.54 -4.69 51.12
C TYR B 108 3.08 -4.77 51.58
N GLU B 109 2.28 -5.50 50.80
CA GLU B 109 0.86 -5.72 51.09
C GLU B 109 0.60 -7.23 51.03
N TYR B 110 0.11 -7.77 52.12
CA TYR B 110 -0.35 -9.18 52.18
C TYR B 110 -1.84 -9.17 52.43
N THR B 111 -2.66 -9.20 51.37
CA THR B 111 -4.12 -8.93 51.51
C THR B 111 -4.98 -10.10 51.03
N ASP B 112 -4.44 -11.32 51.01
CA ASP B 112 -5.25 -12.56 50.83
C ASP B 112 -6.39 -12.68 51.87
N TYR B 113 -6.15 -12.33 53.13
CA TYR B 113 -7.09 -12.52 54.27
C TYR B 113 -7.30 -11.24 55.08
N GLU B 114 -6.26 -10.59 55.53
CA GLU B 114 -6.33 -9.39 56.40
C GLU B 114 -5.63 -8.25 55.68
N ASP B 115 -5.83 -7.01 56.15
CA ASP B 115 -5.17 -5.86 55.50
C ASP B 115 -3.82 -5.70 56.22
N LEU B 116 -2.84 -6.47 55.83
CA LEU B 116 -1.47 -6.33 56.34
C LEU B 116 -0.66 -5.52 55.32
N SER B 117 -0.13 -4.38 55.75
CA SER B 117 0.84 -3.64 54.91
C SER B 117 1.82 -2.87 55.80
N PHE B 118 3.02 -2.64 55.31
CA PHE B 118 4.07 -1.92 56.03
C PHE B 118 5.15 -1.49 55.03
N ASP B 119 5.96 -0.56 55.52
CA ASP B 119 7.05 0.11 54.79
C ASP B 119 8.34 -0.57 55.22
N SER B 120 9.31 -0.56 54.32
CA SER B 120 10.59 -1.27 54.48
C SER B 120 11.67 -0.33 54.00
N TYR B 121 12.41 0.23 54.98
CA TYR B 121 13.49 1.20 54.73
C TYR B 121 14.84 0.58 55.08
N MET B 122 15.87 1.03 54.35
CA MET B 122 17.28 0.79 54.66
C MET B 122 17.59 1.23 56.10
N ILE B 123 18.31 0.40 56.84
CA ILE B 123 18.90 0.77 58.15
C ILE B 123 20.04 1.74 57.84
N PRO B 124 20.00 3.02 58.34
CA PRO B 124 21.14 3.90 58.20
C PRO B 124 22.45 3.26 58.75
N THR B 125 23.56 3.59 58.13
CA THR B 125 24.87 3.04 58.49
C THR B 125 25.19 3.28 59.97
N SER B 126 24.85 4.47 60.49
CA SER B 126 25.07 4.90 61.90
C SER B 126 24.18 4.11 62.88
N GLU B 127 23.13 3.41 62.42
CA GLU B 127 22.20 2.64 63.28
C GLU B 127 22.34 1.13 63.11
N LEU B 128 23.29 0.66 62.31
CA LEU B 128 23.47 -0.81 62.17
C LEU B 128 23.82 -1.41 63.52
N LYS B 129 23.20 -2.54 63.79
CA LYS B 129 23.54 -3.40 64.94
C LYS B 129 24.77 -4.22 64.57
N PRO B 130 25.61 -4.49 65.56
CA PRO B 130 26.87 -5.20 65.33
C PRO B 130 26.67 -6.49 64.48
N GLY B 131 27.42 -6.62 63.39
CA GLY B 131 27.29 -7.80 62.51
C GLY B 131 26.35 -7.58 61.34
N GLU B 132 25.63 -6.45 61.33
CA GLU B 132 24.71 -6.10 60.24
C GLU B 132 25.44 -5.48 59.05
N LEU B 133 24.83 -5.64 57.90
CA LEU B 133 25.42 -5.32 56.59
C LEU B 133 25.02 -3.92 56.13
N ARG B 134 26.03 -3.11 55.90
CA ARG B 134 25.91 -1.75 55.33
C ARG B 134 25.17 -1.84 53.97
N LEU B 135 24.19 -0.98 53.83
CA LEU B 135 23.35 -0.69 52.66
C LEU B 135 22.34 -1.81 52.36
N LEU B 136 22.27 -2.88 53.13
CA LEU B 136 21.46 -4.08 52.81
C LEU B 136 20.35 -4.36 53.83
N GLU B 137 20.56 -4.15 55.13
CA GLU B 137 19.51 -4.39 56.15
C GLU B 137 18.35 -3.37 55.99
N VAL B 138 17.16 -3.83 56.32
CA VAL B 138 15.91 -3.01 56.37
C VAL B 138 15.36 -3.11 57.79
N ASP B 139 14.57 -2.12 58.19
CA ASP B 139 13.84 -2.16 59.48
C ASP B 139 12.84 -3.34 59.48
N ASN B 140 12.05 -3.50 58.41
CA ASN B 140 10.90 -4.43 58.35
C ASN B 140 11.13 -5.39 57.18
N ARG B 141 11.47 -6.62 57.49
CA ARG B 141 11.78 -7.62 56.45
C ARG B 141 10.50 -8.19 55.83
N VAL B 142 10.69 -8.76 54.65
CA VAL B 142 9.58 -9.40 53.90
C VAL B 142 9.57 -10.84 54.40
N VAL B 143 8.82 -11.11 55.45
CA VAL B 143 8.68 -12.47 55.99
C VAL B 143 7.76 -13.27 55.05
N LEU B 144 8.20 -14.48 54.70
CA LEU B 144 7.57 -15.38 53.71
C LEU B 144 7.74 -16.84 54.15
N PRO B 145 6.76 -17.68 53.81
CA PRO B 145 6.86 -19.12 54.12
C PRO B 145 7.86 -19.79 53.16
N MET B 146 8.83 -20.52 53.71
CA MET B 146 9.75 -21.34 52.90
C MET B 146 8.99 -22.53 52.27
N GLU B 147 9.54 -23.04 51.17
CA GLU B 147 9.09 -24.29 50.51
C GLU B 147 7.64 -24.12 49.99
N MET B 148 7.26 -22.91 49.62
CA MET B 148 5.91 -22.63 49.08
C MET B 148 6.03 -21.70 47.87
N THR B 149 5.22 -21.98 46.85
CA THR B 149 5.13 -21.13 45.66
C THR B 149 4.39 -19.84 46.04
N ILE B 150 5.04 -18.71 45.85
CA ILE B 150 4.46 -17.40 46.23
C ILE B 150 4.37 -16.54 44.98
N ARG B 151 3.23 -15.90 44.79
CA ARG B 151 3.04 -14.93 43.69
C ARG B 151 3.41 -13.56 44.24
N MET B 152 4.42 -12.93 43.67
CA MET B 152 4.80 -11.54 43.98
C MET B 152 4.24 -10.66 42.85
N LEU B 153 3.56 -9.59 43.24
CA LEU B 153 3.03 -8.59 42.30
C LEU B 153 3.73 -7.27 42.63
N VAL B 154 4.27 -6.63 41.61
CA VAL B 154 5.21 -5.50 41.71
C VAL B 154 4.61 -4.31 40.96
N SER B 155 4.55 -3.17 41.63
CA SER B 155 4.18 -1.88 41.03
C SER B 155 4.91 -0.76 41.75
N SER B 156 4.55 0.48 41.42
CA SER B 156 5.16 1.68 42.00
C SER B 156 4.06 2.71 42.20
N GLU B 157 4.25 3.57 43.17
CA GLU B 157 3.37 4.74 43.35
C GLU B 157 4.12 6.02 42.95
N ASP B 158 5.30 5.94 42.33
CA ASP B 158 5.92 7.17 41.79
C ASP B 158 6.67 6.87 40.48
N VAL B 159 7.97 6.75 40.53
CA VAL B 159 8.84 6.61 39.34
C VAL B 159 9.08 5.08 39.15
N LEU B 160 9.87 4.72 38.17
CA LEU B 160 10.23 3.28 37.97
C LEU B 160 11.16 2.85 39.12
N HIS B 161 10.90 1.68 39.66
CA HIS B 161 11.91 0.96 40.49
C HIS B 161 12.05 -0.43 39.88
N SER B 162 12.84 -1.29 40.50
CA SER B 162 12.90 -2.72 40.07
C SER B 162 13.22 -3.55 41.30
N TRP B 163 12.38 -4.56 41.54
CA TRP B 163 12.41 -5.41 42.75
C TRP B 163 13.25 -6.66 42.41
N ALA B 164 14.44 -6.78 43.01
CA ALA B 164 15.43 -7.82 42.64
C ALA B 164 15.89 -8.59 43.88
N VAL B 165 16.10 -9.91 43.70
CA VAL B 165 16.69 -10.80 44.71
C VAL B 165 17.53 -11.81 43.93
N PRO B 166 18.83 -11.48 43.71
CA PRO B 166 19.67 -12.26 42.82
C PRO B 166 19.70 -13.77 43.16
N SER B 167 19.72 -14.12 44.43
CA SER B 167 19.88 -15.54 44.82
C SER B 167 18.60 -16.32 44.49
N LEU B 168 17.47 -15.63 44.24
CA LEU B 168 16.24 -16.35 43.80
C LEU B 168 16.05 -16.24 42.28
N GLY B 169 16.98 -15.57 41.59
CA GLY B 169 16.90 -15.27 40.17
C GLY B 169 15.79 -14.28 39.84
N LEU B 170 15.51 -13.31 40.70
CA LEU B 170 14.31 -12.46 40.53
C LEU B 170 14.72 -11.05 40.17
N LYS B 171 14.04 -10.48 39.19
CA LYS B 171 14.10 -9.03 38.88
C LYS B 171 12.86 -8.65 38.06
N THR B 172 11.98 -7.86 38.69
CA THR B 172 10.74 -7.41 38.06
C THR B 172 10.63 -5.90 38.25
N ASP B 173 10.52 -5.19 37.16
CA ASP B 173 10.43 -3.71 37.17
C ASP B 173 9.12 -3.32 37.86
N ALA B 174 9.20 -2.21 38.60
CA ALA B 174 8.07 -1.63 39.36
C ALA B 174 7.64 -0.37 38.62
N ILE B 175 6.50 -0.47 37.92
CA ILE B 175 6.00 0.55 36.96
C ILE B 175 4.65 1.03 37.49
N PRO B 176 4.47 2.36 37.67
CA PRO B 176 3.18 2.88 38.10
C PRO B 176 2.13 2.58 37.04
N GLY B 177 0.93 2.22 37.50
CA GLY B 177 -0.21 1.88 36.63
C GLY B 177 -0.11 0.45 36.11
N ARG B 178 0.90 -0.31 36.52
CA ARG B 178 1.13 -1.69 36.01
C ARG B 178 1.32 -2.64 37.19
N LEU B 179 0.77 -3.85 37.09
CA LEU B 179 0.93 -4.86 38.13
C LEU B 179 1.73 -6.03 37.53
N ASN B 180 3.02 -6.09 37.78
CA ASN B 180 3.87 -7.12 37.16
C ASN B 180 3.96 -8.34 38.07
N GLN B 181 3.82 -9.51 37.50
CA GLN B 181 3.76 -10.76 38.32
C GLN B 181 5.06 -11.54 38.22
N THR B 182 5.50 -12.11 39.31
CA THR B 182 6.60 -13.11 39.29
C THR B 182 6.29 -14.13 40.40
N THR B 183 6.95 -15.29 40.31
CA THR B 183 6.84 -16.34 41.32
C THR B 183 8.19 -16.54 42.01
N LEU B 184 8.13 -16.89 43.27
CA LEU B 184 9.25 -16.97 44.25
C LEU B 184 8.99 -18.29 44.94
N MET B 185 10.00 -19.14 45.02
CA MET B 185 9.93 -20.35 45.87
C MET B 185 11.32 -20.59 46.50
N SER B 186 11.45 -20.53 47.83
CA SER B 186 12.75 -20.74 48.49
C SER B 186 12.87 -22.19 48.95
N SER B 187 13.94 -22.88 48.56
CA SER B 187 14.24 -24.27 49.01
C SER B 187 14.68 -24.24 50.47
N ARG B 188 14.99 -23.07 51.01
CA ARG B 188 15.67 -22.98 52.33
C ARG B 188 15.13 -21.83 53.16
N PRO B 189 15.21 -21.95 54.49
CA PRO B 189 14.98 -20.81 55.37
C PRO B 189 16.18 -19.86 55.17
N GLY B 190 16.02 -18.61 55.63
CA GLY B 190 17.15 -17.71 55.78
C GLY B 190 16.78 -16.29 55.41
N LEU B 191 17.81 -15.51 55.12
CA LEU B 191 17.73 -14.10 54.76
C LEU B 191 18.31 -13.96 53.35
N TYR B 192 17.53 -13.42 52.44
CA TYR B 192 17.90 -13.27 51.02
C TYR B 192 17.71 -11.79 50.64
N TYR B 193 18.79 -11.23 50.15
CA TYR B 193 18.97 -9.77 49.94
C TYR B 193 18.94 -9.39 48.46
N GLY B 194 18.41 -8.19 48.19
CA GLY B 194 18.44 -7.56 46.89
C GLY B 194 18.33 -6.04 47.01
N GLN B 195 18.41 -5.37 45.87
CA GLN B 195 18.63 -3.92 45.76
C GLN B 195 17.81 -3.37 44.60
N CYS B 196 17.25 -2.19 44.78
CA CYS B 196 16.44 -1.57 43.73
C CYS B 196 17.26 -1.52 42.42
N SER B 197 16.67 -1.96 41.29
CA SER B 197 17.40 -2.22 40.04
C SER B 197 16.85 -1.43 38.85
N GLU B 198 16.31 -0.24 39.12
CA GLU B 198 15.95 0.80 38.13
C GLU B 198 16.10 2.21 38.79
N ILE B 199 16.98 2.93 38.08
CA ILE B 199 17.49 4.22 38.54
C ILE B 199 16.22 5.04 38.79
N CYS B 200 16.07 5.45 40.04
CA CYS B 200 14.84 6.06 40.58
C CYS B 200 15.14 7.36 41.34
N GLY B 201 16.33 7.88 41.14
CA GLY B 201 16.74 9.21 41.61
C GLY B 201 17.84 9.09 42.64
N SER B 202 17.91 10.07 43.51
CA SER B 202 19.11 10.34 44.31
C SER B 202 19.32 9.24 45.38
N ASN B 203 18.33 8.42 45.76
CA ASN B 203 18.58 7.33 46.77
C ASN B 203 18.36 5.91 46.21
N HIS B 204 18.50 5.76 44.92
CA HIS B 204 18.50 4.47 44.15
C HIS B 204 19.37 3.40 44.84
N SER B 205 20.52 3.82 45.34
CA SER B 205 21.56 2.95 45.95
C SER B 205 21.10 2.42 47.30
N PHE B 206 20.00 2.94 47.89
CA PHE B 206 19.71 2.86 49.34
C PHE B 206 18.25 2.49 49.60
N MET B 207 17.66 1.60 48.78
CA MET B 207 16.31 1.04 49.09
C MET B 207 16.34 -0.46 48.81
N PRO B 208 16.99 -1.22 49.70
CA PRO B 208 17.15 -2.66 49.50
C PRO B 208 15.92 -3.49 49.92
N ILE B 209 16.06 -4.78 49.65
CA ILE B 209 15.03 -5.81 49.79
C ILE B 209 15.63 -6.91 50.64
N VAL B 210 14.93 -7.29 51.70
CA VAL B 210 15.31 -8.40 52.61
C VAL B 210 14.14 -9.36 52.76
N LEU B 211 14.32 -10.58 52.21
CA LEU B 211 13.35 -11.69 52.39
C LEU B 211 13.78 -12.50 53.60
N GLU B 212 12.81 -12.83 54.45
CA GLU B 212 13.00 -13.68 55.65
C GLU B 212 12.14 -14.94 55.45
N LEU B 213 12.80 -16.08 55.21
CA LEU B 213 12.14 -17.33 54.80
C LEU B 213 12.12 -18.22 56.03
N VAL B 214 10.91 -18.60 56.47
CA VAL B 214 10.65 -19.33 57.74
C VAL B 214 9.52 -20.32 57.51
N PRO B 215 9.30 -21.29 58.44
CA PRO B 215 8.18 -22.22 58.33
C PRO B 215 6.84 -21.47 58.36
N LEU B 216 5.88 -22.01 57.60
CA LEU B 216 4.50 -21.49 57.50
C LEU B 216 3.97 -21.05 58.89
N LYS B 217 4.11 -21.86 59.95
CA LYS B 217 3.49 -21.54 61.26
C LYS B 217 4.07 -20.22 61.81
N TYR B 218 5.36 -20.00 61.61
CA TYR B 218 6.04 -18.76 62.02
C TYR B 218 5.53 -17.58 61.17
N PHE B 219 5.41 -17.77 59.84
CA PHE B 219 4.86 -16.76 58.93
C PHE B 219 3.45 -16.34 59.37
N GLU B 220 2.61 -17.31 59.74
CA GLU B 220 1.20 -17.07 60.14
C GLU B 220 1.16 -16.17 61.38
N LYS B 221 1.95 -16.52 62.41
CA LYS B 221 1.96 -15.79 63.69
C LYS B 221 2.57 -14.41 63.47
N TRP B 222 3.60 -14.29 62.61
CA TRP B 222 4.19 -12.98 62.30
C TRP B 222 3.12 -12.08 61.63
N SER B 223 2.44 -12.62 60.63
CA SER B 223 1.35 -11.97 59.87
C SER B 223 0.32 -11.41 60.85
N ALA B 224 -0.18 -12.27 61.73
CA ALA B 224 -1.18 -11.88 62.75
C ALA B 224 -0.63 -10.72 63.60
N SER B 225 0.63 -10.78 64.01
CA SER B 225 1.27 -9.82 64.93
C SER B 225 1.54 -8.47 64.22
N MET B 226 1.54 -8.46 62.89
CA MET B 226 1.82 -7.26 62.09
C MET B 226 0.54 -6.51 61.66
N LEU B 227 -0.67 -6.94 62.05
CA LEU B 227 -1.93 -6.24 61.67
C LEU B 227 -2.06 -4.89 62.38
N GLN C 4 37.84 22.62 -13.18
CA GLN C 4 37.04 21.35 -12.89
C GLN C 4 36.64 20.73 -14.23
N THR C 5 36.82 19.42 -14.33
CA THR C 5 36.24 18.63 -15.44
C THR C 5 35.35 17.53 -14.88
N HIS C 6 34.76 17.72 -13.68
CA HIS C 6 33.57 16.95 -13.25
C HIS C 6 32.35 17.88 -13.32
N ALA C 7 31.14 17.35 -13.09
CA ALA C 7 29.87 18.09 -13.20
C ALA C 7 29.32 18.54 -11.85
N TYR C 8 30.03 18.40 -10.75
CA TYR C 8 29.47 18.64 -9.41
C TYR C 8 29.72 20.09 -9.00
N HIS C 9 29.00 20.48 -7.95
CA HIS C 9 28.89 21.91 -7.55
C HIS C 9 29.77 22.16 -6.31
N MET C 10 30.86 22.91 -6.50
CA MET C 10 31.70 23.42 -5.40
C MET C 10 31.01 24.74 -4.95
N VAL C 11 30.43 24.70 -3.77
CA VAL C 11 29.59 25.79 -3.24
C VAL C 11 30.49 26.89 -2.66
N ASN C 12 30.15 28.15 -2.94
CA ASN C 12 30.87 29.29 -2.33
C ASN C 12 30.78 29.18 -0.81
N PRO C 13 31.85 29.52 -0.07
CA PRO C 13 31.79 29.57 1.37
C PRO C 13 30.58 30.43 1.77
N SER C 14 29.81 29.92 2.73
CA SER C 14 28.47 30.42 3.12
C SER C 14 28.37 30.58 4.63
N PRO C 15 27.77 31.71 5.09
CA PRO C 15 27.43 31.90 6.48
C PRO C 15 26.15 31.18 6.98
N TRP C 16 25.29 30.66 6.08
CA TRP C 16 23.93 30.27 6.45
C TRP C 16 23.99 29.02 7.31
N PRO C 17 24.95 28.09 7.10
CA PRO C 17 25.02 26.95 8.02
C PRO C 17 25.20 27.41 9.48
N LEU C 18 26.13 28.36 9.70
CA LEU C 18 26.34 28.92 11.06
C LEU C 18 25.07 29.67 11.52
N THR C 19 24.44 30.49 10.68
CA THR C 19 23.24 31.21 11.17
C THR C 19 22.13 30.19 11.45
N GLY C 20 22.04 29.13 10.66
CA GLY C 20 21.02 28.11 10.93
C GLY C 20 21.26 27.42 12.27
N ALA C 21 22.52 27.04 12.54
CA ALA C 21 22.92 26.34 13.78
C ALA C 21 22.59 27.26 14.96
N LEU C 22 22.97 28.52 14.83
CA LEU C 22 22.68 29.47 15.95
C LEU C 22 21.18 29.65 16.11
N SER C 23 20.40 29.70 15.02
N SER C 23 20.42 29.72 15.01
CA SER C 23 18.94 29.87 15.14
CA SER C 23 18.94 29.83 15.06
C SER C 23 18.36 28.64 15.87
C SER C 23 18.39 28.64 15.89
N ALA C 24 18.93 27.45 15.67
CA ALA C 24 18.50 26.24 16.40
C ALA C 24 18.77 26.41 17.91
N LEU C 25 19.95 26.94 18.29
CA LEU C 25 20.29 27.25 19.69
C LEU C 25 19.28 28.26 20.24
N LEU C 26 18.97 29.32 19.47
CA LEU C 26 18.08 30.37 20.02
C LEU C 26 16.65 29.83 20.11
N MET C 27 16.21 28.97 19.17
CA MET C 27 14.84 28.38 19.24
C MET C 27 14.70 27.45 20.44
N THR C 28 15.68 26.58 20.67
CA THR C 28 15.61 25.61 21.78
C THR C 28 15.78 26.30 23.14
N SER C 29 16.84 27.09 23.31
CA SER C 29 17.04 27.87 24.54
C SER C 29 15.83 28.79 24.67
N GLY C 30 15.27 29.31 23.57
CA GLY C 30 14.03 30.15 23.68
C GLY C 30 12.81 29.38 24.18
N LEU C 31 12.62 28.14 23.75
CA LEU C 31 11.51 27.31 24.25
C LEU C 31 11.71 27.06 25.74
N THR C 32 12.97 26.81 26.12
CA THR C 32 13.31 26.56 27.55
C THR C 32 12.85 27.79 28.33
N MET C 33 13.22 28.96 27.83
N MET C 33 13.24 28.97 27.87
CA MET C 33 13.00 30.25 28.51
CA MET C 33 12.91 30.20 28.62
C MET C 33 11.48 30.56 28.58
C MET C 33 11.39 30.36 28.69
N TRP C 34 10.71 30.13 27.57
CA TRP C 34 9.24 30.22 27.54
C TRP C 34 8.59 29.24 28.53
N PHE C 35 8.96 27.98 28.50
CA PHE C 35 8.37 26.94 29.37
C PHE C 35 8.71 27.21 30.86
N HIS C 36 9.88 27.77 31.21
CA HIS C 36 10.36 27.82 32.61
C HIS C 36 10.64 29.23 33.13
N PHE C 37 10.86 30.23 32.30
CA PHE C 37 11.32 31.55 32.84
C PHE C 37 10.39 32.61 32.32
N ASN C 38 9.19 32.19 31.94
CA ASN C 38 8.06 33.03 31.58
C ASN C 38 8.47 34.11 30.53
N SER C 39 9.29 33.80 29.52
CA SER C 39 9.75 34.82 28.55
C SER C 39 9.83 34.25 27.12
N MET C 40 9.38 35.05 26.16
CA MET C 40 9.34 34.69 24.71
C MET C 40 10.49 35.30 23.92
N THR C 41 11.33 36.12 24.54
CA THR C 41 12.32 36.93 23.80
C THR C 41 13.32 36.06 23.01
N LEU C 42 14.07 35.18 23.65
CA LEU C 42 14.99 34.30 22.91
C LEU C 42 14.20 33.59 21.79
N LEU C 43 13.03 33.05 22.10
CA LEU C 43 12.30 32.26 21.10
C LEU C 43 12.02 33.12 19.87
N MET C 44 11.59 34.38 20.05
N MET C 44 11.57 34.37 20.07
CA MET C 44 11.21 35.17 18.86
CA MET C 44 11.24 35.22 18.91
C MET C 44 12.46 35.55 18.00
C MET C 44 12.47 35.44 18.01
N ILE C 45 13.62 35.73 18.64
CA ILE C 45 14.91 36.02 17.94
C ILE C 45 15.26 34.73 17.19
N GLY C 46 15.07 33.59 17.82
CA GLY C 46 15.41 32.32 17.14
C GLY C 46 14.52 32.09 15.93
N LEU C 47 13.21 32.31 16.08
CA LEU C 47 12.27 32.13 14.94
C LEU C 47 12.65 33.09 13.81
N THR C 48 12.97 34.35 14.16
CA THR C 48 13.34 35.35 13.15
C THR C 48 14.61 34.93 12.38
N THR C 49 15.67 34.53 13.09
CA THR C 49 16.97 34.18 12.46
C THR C 49 16.78 32.87 11.68
N ASN C 50 15.91 32.01 12.16
CA ASN C 50 15.60 30.76 11.40
C ASN C 50 14.98 31.13 10.05
N MET C 51 14.01 32.04 10.03
N MET C 51 14.01 32.05 10.04
CA MET C 51 13.31 32.39 8.77
CA MET C 51 13.31 32.42 8.79
C MET C 51 14.30 33.10 7.83
C MET C 51 14.32 33.10 7.83
N LEU C 52 15.15 34.00 8.40
CA LEU C 52 16.20 34.72 7.62
C LEU C 52 17.15 33.71 7.01
N THR C 53 17.53 32.72 7.79
CA THR C 53 18.50 31.68 7.29
C THR C 53 17.87 30.94 6.10
N MET C 54 16.67 30.42 6.30
N MET C 54 16.65 30.44 6.30
CA MET C 54 15.92 29.68 5.27
CA MET C 54 15.90 29.66 5.28
C MET C 54 15.79 30.54 4.01
C MET C 54 15.73 30.52 4.02
N TYR C 55 15.31 31.77 4.15
CA TYR C 55 15.14 32.68 3.02
C TYR C 55 16.47 32.80 2.22
N GLN C 56 17.57 33.16 2.88
CA GLN C 56 18.84 33.47 2.17
C GLN C 56 19.46 32.15 1.63
N TRP C 57 19.33 31.08 2.36
CA TRP C 57 19.95 29.79 1.92
C TRP C 57 19.25 29.33 0.61
N TRP C 58 17.91 29.30 0.61
CA TRP C 58 17.16 28.83 -0.58
C TRP C 58 17.22 29.86 -1.70
N ARG C 59 17.25 31.15 -1.37
CA ARG C 59 17.54 32.18 -2.38
C ARG C 59 18.84 31.82 -3.12
N ASP C 60 19.90 31.54 -2.37
CA ASP C 60 21.25 31.24 -2.94
C ASP C 60 21.16 29.97 -3.80
N VAL C 61 20.35 29.02 -3.41
CA VAL C 61 20.18 27.78 -4.24
C VAL C 61 19.55 28.16 -5.59
N ILE C 62 18.56 29.06 -5.57
CA ILE C 62 17.96 29.56 -6.83
C ILE C 62 19.04 30.32 -7.65
N ARG C 63 19.84 31.16 -6.99
CA ARG C 63 20.93 31.91 -7.68
C ARG C 63 21.87 30.90 -8.34
N GLU C 64 22.21 29.86 -7.60
CA GLU C 64 23.22 28.89 -8.07
C GLU C 64 22.72 28.10 -9.30
N SER C 65 21.40 27.90 -9.39
CA SER C 65 20.74 27.00 -10.38
C SER C 65 20.18 27.80 -11.56
N THR C 66 19.08 28.50 -11.34
CA THR C 66 18.41 29.33 -12.36
C THR C 66 19.39 30.39 -12.90
N PHE C 67 20.16 31.07 -12.04
CA PHE C 67 20.94 32.24 -12.50
C PHE C 67 22.35 31.84 -12.91
N GLN C 68 22.97 30.82 -12.30
CA GLN C 68 24.42 30.55 -12.51
C GLN C 68 24.67 29.22 -13.25
N GLY C 69 23.67 28.33 -13.31
CA GLY C 69 23.76 27.14 -14.17
C GLY C 69 24.50 25.96 -13.53
N HIS C 70 24.63 25.90 -12.18
CA HIS C 70 25.44 24.85 -11.51
C HIS C 70 24.68 23.52 -11.43
N HIS C 71 23.40 23.48 -11.75
CA HIS C 71 22.56 22.25 -11.58
C HIS C 71 22.61 21.47 -12.89
N THR C 72 23.76 20.85 -13.10
CA THR C 72 23.95 19.78 -14.10
C THR C 72 23.04 18.57 -13.79
N PRO C 73 22.85 17.63 -14.73
CA PRO C 73 22.11 16.40 -14.41
C PRO C 73 22.63 15.66 -13.18
N ALA C 74 23.93 15.62 -12.96
CA ALA C 74 24.52 14.91 -11.80
C ALA C 74 24.07 15.59 -10.50
N VAL C 75 24.08 16.92 -10.48
CA VAL C 75 23.69 17.70 -9.28
C VAL C 75 22.21 17.44 -8.98
N GLN C 76 21.38 17.54 -10.01
CA GLN C 76 19.92 17.33 -9.90
C GLN C 76 19.66 15.92 -9.35
N LYS C 77 20.39 14.93 -9.88
CA LYS C 77 20.18 13.54 -9.38
C LYS C 77 20.45 13.51 -7.85
N GLY C 78 21.54 14.16 -7.41
CA GLY C 78 21.86 14.23 -5.98
C GLY C 78 20.71 14.87 -5.21
N LEU C 79 20.16 15.98 -5.72
CA LEU C 79 19.06 16.66 -4.98
C LEU C 79 17.81 15.73 -4.89
N ARG C 80 17.59 14.94 -5.96
CA ARG C 80 16.49 13.94 -6.00
C ARG C 80 16.67 12.98 -4.83
N TYR C 81 17.85 12.36 -4.74
CA TYR C 81 18.09 11.42 -3.61
C TYR C 81 17.95 12.18 -2.28
N GLY C 82 18.51 13.39 -2.20
CA GLY C 82 18.44 14.12 -0.94
C GLY C 82 17.00 14.30 -0.46
N MET C 83 16.10 14.66 -1.36
CA MET C 83 14.66 14.93 -1.02
C MET C 83 13.97 13.60 -0.69
N ILE C 84 14.28 12.57 -1.44
CA ILE C 84 13.70 11.24 -1.10
C ILE C 84 14.08 10.86 0.35
N LEU C 85 15.36 10.97 0.69
CA LEU C 85 15.88 10.56 2.01
C LEU C 85 15.29 11.47 3.10
N PHE C 86 15.18 12.75 2.80
CA PHE C 86 14.55 13.67 3.76
C PHE C 86 13.13 13.17 4.08
N ILE C 87 12.35 12.86 3.01
CA ILE C 87 10.94 12.40 3.15
C ILE C 87 10.90 11.10 3.95
N ILE C 88 11.80 10.17 3.66
CA ILE C 88 11.87 8.93 4.48
C ILE C 88 12.06 9.28 5.97
N SER C 89 13.00 10.18 6.30
CA SER C 89 13.20 10.57 7.72
C SER C 89 11.88 11.12 8.29
N GLU C 90 11.12 11.89 7.51
CA GLU C 90 9.87 12.47 8.04
C GLU C 90 8.81 11.36 8.23
N VAL C 91 8.80 10.37 7.36
CA VAL C 91 7.93 9.19 7.54
C VAL C 91 8.24 8.51 8.89
N LEU C 92 9.51 8.24 9.20
CA LEU C 92 9.85 7.57 10.48
C LEU C 92 9.47 8.47 11.68
N PHE C 93 9.59 9.76 11.56
CA PHE C 93 9.14 10.67 12.66
C PHE C 93 7.65 10.43 12.94
N PHE C 94 6.82 10.47 11.90
CA PHE C 94 5.37 10.22 12.05
C PHE C 94 5.14 8.82 12.57
N THR C 95 5.94 7.84 12.12
CA THR C 95 5.77 6.47 12.61
C THR C 95 5.78 6.44 14.15
N GLY C 96 6.66 7.20 14.79
CA GLY C 96 6.72 7.23 16.26
C GLY C 96 5.38 7.67 16.86
N PHE C 97 4.73 8.70 16.28
CA PHE C 97 3.42 9.15 16.79
C PHE C 97 2.36 8.07 16.54
N PHE C 98 2.38 7.42 15.38
CA PHE C 98 1.39 6.34 15.07
C PHE C 98 1.61 5.20 16.05
N TRP C 99 2.86 4.85 16.33
CA TRP C 99 3.15 3.80 17.36
C TRP C 99 2.52 4.22 18.73
N ALA C 100 2.72 5.46 19.16
CA ALA C 100 2.16 5.97 20.42
C ALA C 100 0.63 5.78 20.39
N PHE C 101 0.02 6.17 19.28
CA PHE C 101 -1.47 6.11 19.13
C PHE C 101 -1.94 4.66 19.25
N TYR C 102 -1.35 3.77 18.47
CA TYR C 102 -1.78 2.33 18.50
C TYR C 102 -1.51 1.72 19.89
N HIS C 103 -0.37 2.03 20.51
CA HIS C 103 0.01 1.53 21.85
C HIS C 103 -1.08 1.84 22.87
N SER C 104 -1.54 3.12 22.92
CA SER C 104 -2.53 3.65 23.87
C SER C 104 -3.93 3.10 23.59
N SER C 105 -4.33 3.02 22.31
CA SER C 105 -5.72 2.74 21.87
C SER C 105 -5.97 1.25 21.81
N LEU C 106 -4.92 0.45 21.53
CA LEU C 106 -5.16 -1.00 21.47
C LEU C 106 -5.19 -1.60 22.86
N ALA C 107 -4.69 -0.93 23.89
CA ALA C 107 -4.72 -1.55 25.24
C ALA C 107 -5.09 -0.49 26.24
N PRO C 108 -6.34 -0.01 26.14
CA PRO C 108 -6.76 1.14 26.94
C PRO C 108 -6.67 0.77 28.42
N THR C 109 -6.06 1.63 29.22
CA THR C 109 -5.82 1.33 30.64
C THR C 109 -7.08 1.59 31.47
N PRO C 110 -7.11 1.07 32.72
CA PRO C 110 -8.22 1.33 33.62
C PRO C 110 -8.53 2.83 33.84
N GLU C 111 -7.52 3.68 33.81
CA GLU C 111 -7.77 5.15 34.02
C GLU C 111 -8.72 5.69 32.94
N LEU C 112 -8.73 5.06 31.75
CA LEU C 112 -9.56 5.50 30.62
C LEU C 112 -10.95 4.90 30.74
N GLY C 113 -11.18 4.03 31.72
CA GLY C 113 -12.36 3.16 31.73
C GLY C 113 -12.09 1.83 31.04
N GLY C 114 -10.85 1.56 30.62
CA GLY C 114 -10.51 0.29 29.95
C GLY C 114 -11.12 0.16 28.57
N CYS C 115 -11.45 1.28 27.93
CA CYS C 115 -12.11 1.35 26.60
C CYS C 115 -11.50 2.47 25.77
N TRP C 116 -11.66 2.37 24.46
CA TRP C 116 -11.31 3.42 23.47
C TRP C 116 -12.51 3.63 22.57
N PRO C 117 -12.97 4.87 22.36
CA PRO C 117 -12.38 6.04 23.00
C PRO C 117 -12.55 6.04 24.50
N PRO C 118 -11.70 6.76 25.29
CA PRO C 118 -11.91 6.81 26.74
C PRO C 118 -13.29 7.34 27.14
N THR C 119 -13.69 6.91 28.32
CA THR C 119 -14.84 7.50 29.03
C THR C 119 -14.68 9.04 29.03
N GLY C 120 -15.77 9.77 28.71
CA GLY C 120 -15.80 11.24 28.71
C GLY C 120 -15.23 11.84 27.44
N ILE C 121 -14.73 11.02 26.49
CA ILE C 121 -14.24 11.55 25.18
C ILE C 121 -15.37 11.40 24.16
N HIS C 122 -15.72 12.48 23.45
CA HIS C 122 -16.75 12.53 22.39
C HIS C 122 -16.00 12.83 21.11
N PRO C 123 -15.55 11.81 20.36
CA PRO C 123 -14.80 12.08 19.13
C PRO C 123 -15.61 12.90 18.16
N LEU C 124 -14.87 13.60 17.29
CA LEU C 124 -15.43 14.25 16.08
C LEU C 124 -16.07 13.19 15.21
N ASN C 125 -17.12 13.57 14.49
CA ASN C 125 -17.73 12.70 13.45
C ASN C 125 -16.80 12.66 12.24
N PRO C 126 -16.23 11.49 11.89
CA PRO C 126 -15.29 11.40 10.78
C PRO C 126 -15.92 11.62 9.40
N LEU C 127 -17.24 11.61 9.35
CA LEU C 127 -17.97 11.85 8.10
C LEU C 127 -18.26 13.34 7.93
N GLU C 128 -17.87 14.20 8.87
CA GLU C 128 -18.17 15.65 8.69
C GLU C 128 -16.90 16.33 8.19
N VAL C 129 -16.29 17.22 8.96
CA VAL C 129 -15.11 18.03 8.48
C VAL C 129 -13.93 17.08 8.20
N PRO C 130 -13.67 16.03 8.98
CA PRO C 130 -12.57 15.14 8.63
C PRO C 130 -12.66 14.57 7.21
N LEU C 131 -13.86 14.19 6.78
CA LEU C 131 -14.08 13.66 5.41
C LEU C 131 -13.84 14.79 4.41
N LEU C 132 -14.36 15.99 4.69
CA LEU C 132 -14.14 17.14 3.80
C LEU C 132 -12.62 17.32 3.64
N ASN C 133 -11.86 17.33 4.74
CA ASN C 133 -10.40 17.53 4.67
C ASN C 133 -9.75 16.44 3.84
N THR C 134 -10.22 15.21 3.95
CA THR C 134 -9.74 14.12 3.07
C THR C 134 -9.99 14.45 1.59
N SER C 135 -11.21 14.90 1.24
CA SER C 135 -11.54 15.25 -0.16
C SER C 135 -10.59 16.35 -0.62
N VAL C 136 -10.29 17.29 0.28
CA VAL C 136 -9.54 18.50 -0.10
C VAL C 136 -8.09 18.09 -0.41
N LEU C 137 -7.46 17.35 0.49
CA LEU C 137 -6.07 16.92 0.22
C LEU C 137 -6.00 15.96 -0.98
N LEU C 138 -6.93 15.00 -1.11
CA LEU C 138 -6.92 14.17 -2.34
C LEU C 138 -7.08 15.04 -3.60
N ALA C 139 -8.01 15.99 -3.59
CA ALA C 139 -8.20 16.88 -4.75
C ALA C 139 -6.89 17.63 -5.08
N SER C 140 -6.17 18.10 -4.06
CA SER C 140 -4.91 18.86 -4.24
C SER C 140 -3.86 17.93 -4.85
N GLY C 141 -3.91 16.63 -4.57
CA GLY C 141 -2.99 15.64 -5.18
C GLY C 141 -3.28 15.54 -6.68
N VAL C 142 -4.55 15.65 -7.06
CA VAL C 142 -4.93 15.68 -8.50
C VAL C 142 -4.47 17.01 -9.15
N SER C 143 -4.79 18.14 -8.52
CA SER C 143 -4.48 19.43 -9.16
C SER C 143 -2.95 19.58 -9.27
N ILE C 144 -2.18 19.14 -8.28
N ILE C 144 -2.17 19.15 -8.27
CA ILE C 144 -0.70 19.33 -8.38
CA ILE C 144 -0.70 19.33 -8.37
C ILE C 144 -0.19 18.43 -9.52
C ILE C 144 -0.19 18.43 -9.51
N THR C 145 -0.86 17.33 -9.80
CA THR C 145 -0.44 16.45 -10.92
C THR C 145 -0.75 17.14 -12.26
N TRP C 146 -1.91 17.77 -12.36
CA TRP C 146 -2.24 18.63 -13.52
C TRP C 146 -1.14 19.71 -13.67
N ALA C 147 -0.74 20.35 -12.57
CA ALA C 147 0.30 21.42 -12.62
C ALA C 147 1.59 20.85 -13.22
N HIS C 148 1.99 19.68 -12.76
CA HIS C 148 3.25 19.06 -13.23
C HIS C 148 3.19 18.85 -14.75
N HIS C 149 2.12 18.21 -15.25
CA HIS C 149 1.97 17.89 -16.69
C HIS C 149 1.91 19.20 -17.49
N SER C 150 1.21 20.22 -16.99
CA SER C 150 1.19 21.53 -17.68
C SER C 150 2.61 22.08 -17.88
N LEU C 151 3.41 22.04 -16.81
CA LEU C 151 4.81 22.53 -16.85
C LEU C 151 5.61 21.70 -17.86
N MET C 152 5.52 20.36 -17.80
CA MET C 152 6.27 19.50 -18.77
C MET C 152 5.84 19.76 -20.23
N GLU C 153 4.56 20.09 -20.44
CA GLU C 153 4.02 20.40 -21.78
C GLU C 153 4.23 21.88 -22.12
N GLY C 154 4.87 22.65 -21.25
CA GLY C 154 5.23 24.04 -21.61
C GLY C 154 4.09 25.03 -21.52
N ASP C 155 3.08 24.72 -20.72
CA ASP C 155 1.83 25.51 -20.64
C ASP C 155 1.91 26.38 -19.37
N ARG C 156 2.36 27.62 -19.51
CA ARG C 156 2.52 28.54 -18.34
C ARG C 156 1.18 28.78 -17.64
N LYS C 157 0.17 29.21 -18.39
CA LYS C 157 -1.13 29.62 -17.78
C LYS C 157 -1.75 28.43 -17.00
N HIS C 158 -1.78 27.24 -17.58
CA HIS C 158 -2.41 26.08 -16.90
C HIS C 158 -1.56 25.61 -15.71
N MET C 159 -0.22 25.65 -15.81
CA MET C 159 0.61 25.39 -14.62
C MET C 159 0.19 26.32 -13.49
N LEU C 160 0.12 27.64 -13.76
CA LEU C 160 -0.23 28.63 -12.70
C LEU C 160 -1.62 28.34 -12.11
N GLN C 161 -2.60 28.06 -12.97
N GLN C 161 -2.62 28.08 -12.99
CA GLN C 161 -3.98 27.81 -12.50
CA GLN C 161 -4.02 27.79 -12.59
C GLN C 161 -4.01 26.55 -11.64
C GLN C 161 -4.03 26.56 -11.67
N ALA C 162 -3.40 25.47 -12.11
CA ALA C 162 -3.39 24.19 -11.34
C ALA C 162 -2.70 24.40 -9.98
N LEU C 163 -1.54 25.06 -9.97
CA LEU C 163 -0.73 25.26 -8.74
C LEU C 163 -1.51 26.20 -7.82
N PHE C 164 -2.17 27.21 -8.36
CA PHE C 164 -2.98 28.11 -7.50
C PHE C 164 -4.12 27.30 -6.86
N ILE C 165 -4.79 26.46 -7.64
CA ILE C 165 -5.88 25.61 -7.08
C ILE C 165 -5.28 24.74 -5.96
N THR C 166 -4.06 24.22 -6.18
CA THR C 166 -3.45 23.29 -5.21
C THR C 166 -3.20 24.07 -3.91
N ILE C 167 -2.62 25.26 -4.03
CA ILE C 167 -2.35 26.11 -2.84
C ILE C 167 -3.68 26.41 -2.14
N THR C 168 -4.71 26.83 -2.85
CA THR C 168 -6.04 27.18 -2.27
C THR C 168 -6.57 26.01 -1.46
N LEU C 169 -6.43 24.80 -1.97
CA LEU C 169 -6.89 23.59 -1.23
C LEU C 169 -6.08 23.43 0.06
N GLY C 170 -4.75 23.58 0.04
CA GLY C 170 -3.89 23.52 1.23
C GLY C 170 -4.33 24.54 2.27
N VAL C 171 -4.59 25.77 1.83
CA VAL C 171 -5.13 26.83 2.73
C VAL C 171 -6.49 26.37 3.27
N TYR C 172 -7.41 25.88 2.43
CA TYR C 172 -8.76 25.43 2.85
C TYR C 172 -8.59 24.38 3.97
N PHE C 173 -7.72 23.39 3.76
CA PHE C 173 -7.48 22.33 4.75
C PHE C 173 -7.06 22.98 6.08
N THR C 174 -6.10 23.90 5.99
CA THR C 174 -5.48 24.58 7.16
C THR C 174 -6.58 25.36 7.90
N LEU C 175 -7.45 26.08 7.20
CA LEU C 175 -8.54 26.83 7.87
C LEU C 175 -9.55 25.85 8.46
N LEU C 176 -9.91 24.78 7.75
CA LEU C 176 -10.86 23.78 8.29
C LEU C 176 -10.28 23.19 9.57
N GLN C 177 -8.99 22.88 9.56
CA GLN C 177 -8.37 22.19 10.71
C GLN C 177 -8.32 23.17 11.90
N ALA C 178 -7.97 24.44 11.65
CA ALA C 178 -7.96 25.50 12.69
C ALA C 178 -9.33 25.57 13.34
N SER C 179 -10.36 25.64 12.51
CA SER C 179 -11.75 25.68 12.97
C SER C 179 -12.07 24.41 13.77
N GLU C 180 -11.68 23.22 13.30
N GLU C 180 -11.69 23.24 13.28
CA GLU C 180 -12.00 21.98 14.03
CA GLU C 180 -11.93 21.97 13.99
C GLU C 180 -11.28 21.98 15.40
C GLU C 180 -11.29 22.03 15.39
N TYR C 181 -10.04 22.52 15.44
CA TYR C 181 -9.26 22.58 16.69
C TYR C 181 -10.07 23.41 17.68
N TYR C 182 -10.53 24.55 17.20
CA TYR C 182 -11.27 25.49 18.07
C TYR C 182 -12.58 24.83 18.56
N GLU C 183 -13.30 24.15 17.66
CA GLU C 183 -14.62 23.56 17.96
C GLU C 183 -14.48 22.26 18.78
N ALA C 184 -13.33 21.59 18.79
CA ALA C 184 -13.22 20.27 19.43
C ALA C 184 -13.55 20.36 20.92
N PRO C 185 -14.46 19.50 21.45
CA PRO C 185 -14.80 19.51 22.87
C PRO C 185 -13.71 18.92 23.77
N PHE C 186 -12.72 18.28 23.15
CA PHE C 186 -11.55 17.69 23.86
C PHE C 186 -10.33 18.56 23.52
N THR C 187 -9.32 18.53 24.38
CA THR C 187 -8.06 19.31 24.29
C THR C 187 -6.86 18.38 24.35
N ILE C 188 -5.67 18.98 24.21
CA ILE C 188 -4.39 18.23 24.29
C ILE C 188 -4.22 17.67 25.72
N SER C 189 -4.85 18.28 26.71
CA SER C 189 -4.77 17.85 28.13
C SER C 189 -5.84 16.78 28.48
N ASP C 190 -6.65 16.30 27.52
CA ASP C 190 -7.69 15.28 27.75
C ASP C 190 -7.04 13.89 27.56
N GLY C 191 -6.06 13.62 28.40
CA GLY C 191 -5.38 12.32 28.48
C GLY C 191 -4.72 11.96 27.17
N VAL C 192 -4.50 10.66 27.00
CA VAL C 192 -3.71 10.17 25.87
C VAL C 192 -4.54 10.32 24.57
N TYR C 193 -5.88 10.35 24.66
CA TYR C 193 -6.74 10.64 23.47
C TYR C 193 -6.38 12.05 22.92
N GLY C 194 -6.41 13.07 23.78
CA GLY C 194 -6.08 14.44 23.34
C GLY C 194 -4.62 14.54 22.93
N SER C 195 -3.75 13.84 23.64
CA SER C 195 -2.28 13.89 23.42
C SER C 195 -2.01 13.36 21.99
N THR C 196 -2.46 12.14 21.72
CA THR C 196 -2.25 11.53 20.40
C THR C 196 -2.94 12.40 19.33
N PHE C 197 -4.18 12.80 19.58
CA PHE C 197 -4.94 13.51 18.52
C PHE C 197 -4.20 14.79 18.13
N PHE C 198 -3.91 15.66 19.08
CA PHE C 198 -3.38 17.02 18.77
C PHE C 198 -1.90 16.96 18.36
N VAL C 199 -1.10 16.11 18.98
CA VAL C 199 0.34 16.08 18.62
C VAL C 199 0.46 15.51 17.20
N ALA C 200 -0.23 14.41 16.87
CA ALA C 200 -0.12 13.77 15.53
C ALA C 200 -0.72 14.68 14.47
N THR C 201 -1.98 15.09 14.67
CA THR C 201 -2.61 16.02 13.70
C THR C 201 -1.90 17.37 13.68
N GLY C 202 -1.36 17.80 14.81
CA GLY C 202 -0.62 19.08 14.90
C GLY C 202 0.66 19.11 14.09
N PHE C 203 1.49 18.07 14.21
CA PHE C 203 2.71 17.94 13.37
C PHE C 203 2.27 17.87 11.91
N HIS C 204 1.21 17.12 11.60
CA HIS C 204 0.69 17.05 10.20
C HIS C 204 0.30 18.47 9.72
N GLY C 205 -0.47 19.18 10.53
CA GLY C 205 -0.84 20.58 10.22
C GLY C 205 0.38 21.46 9.89
N LEU C 206 1.42 21.36 10.74
CA LEU C 206 2.69 22.06 10.50
C LEU C 206 3.24 21.65 9.14
N HIS C 207 3.26 20.34 8.82
CA HIS C 207 3.79 19.90 7.52
C HIS C 207 2.95 20.49 6.36
N VAL C 208 1.62 20.57 6.50
CA VAL C 208 0.72 21.15 5.46
C VAL C 208 1.10 22.61 5.28
N ILE C 209 1.40 23.30 6.35
CA ILE C 209 1.81 24.73 6.23
C ILE C 209 3.18 24.82 5.55
N ILE C 210 4.13 23.99 5.94
CA ILE C 210 5.46 23.96 5.27
C ILE C 210 5.26 23.66 3.78
N GLY C 211 4.50 22.61 3.46
CA GLY C 211 4.24 22.20 2.07
C GLY C 211 3.57 23.31 1.26
N SER C 212 2.57 23.94 1.87
CA SER C 212 1.84 25.07 1.21
C SER C 212 2.84 26.18 0.90
N THR C 213 3.75 26.47 1.84
CA THR C 213 4.79 27.54 1.72
C THR C 213 5.71 27.20 0.53
N PHE C 214 6.12 25.95 0.43
CA PHE C 214 6.99 25.46 -0.65
C PHE C 214 6.23 25.65 -1.98
N LEU C 215 4.96 25.26 -2.04
CA LEU C 215 4.16 25.44 -3.29
C LEU C 215 4.09 26.94 -3.60
N ILE C 216 3.94 27.78 -2.60
CA ILE C 216 3.83 29.25 -2.89
C ILE C 216 5.17 29.74 -3.43
N VAL C 217 6.26 29.22 -2.88
CA VAL C 217 7.60 29.52 -3.45
C VAL C 217 7.61 29.10 -4.93
N CYS C 218 7.24 27.86 -5.27
CA CYS C 218 7.18 27.42 -6.69
C CYS C 218 6.24 28.36 -7.49
N PHE C 219 5.11 28.76 -6.94
CA PHE C 219 4.17 29.65 -7.66
C PHE C 219 4.90 30.95 -8.07
N PHE C 220 5.60 31.61 -7.15
CA PHE C 220 6.31 32.88 -7.49
C PHE C 220 7.48 32.60 -8.44
N ARG C 221 8.20 31.51 -8.25
CA ARG C 221 9.30 31.19 -9.20
C ARG C 221 8.74 30.98 -10.61
N GLN C 222 7.61 30.28 -10.74
CA GLN C 222 6.92 30.08 -12.03
C GLN C 222 6.53 31.44 -12.59
N LEU C 223 5.89 32.29 -11.79
CA LEU C 223 5.53 33.65 -12.29
C LEU C 223 6.76 34.33 -12.88
N LYS C 224 7.95 34.15 -12.26
CA LYS C 224 9.24 34.76 -12.72
C LYS C 224 9.97 33.92 -13.78
N PHE C 225 9.33 32.88 -14.32
CA PHE C 225 9.80 32.08 -15.49
C PHE C 225 11.04 31.25 -15.15
N HIS C 226 11.24 30.92 -13.89
CA HIS C 226 12.48 30.23 -13.43
C HIS C 226 12.51 28.81 -14.01
N PHE C 227 11.36 28.16 -14.09
CA PHE C 227 11.28 26.73 -14.47
C PHE C 227 11.29 26.57 -15.99
N THR C 228 12.07 25.61 -16.47
CA THR C 228 11.90 25.19 -17.86
C THR C 228 10.98 23.96 -17.87
N SER C 229 10.53 23.61 -19.07
CA SER C 229 9.62 22.47 -19.32
C SER C 229 10.35 21.17 -18.91
N ASN C 230 11.67 21.17 -18.82
CA ASN C 230 12.45 19.94 -18.45
C ASN C 230 13.24 20.08 -17.13
N HIS C 231 13.46 21.28 -16.63
CA HIS C 231 14.28 21.51 -15.41
C HIS C 231 13.46 22.32 -14.41
N HIS C 232 13.05 21.67 -13.31
CA HIS C 232 12.11 22.24 -12.34
C HIS C 232 12.12 21.38 -11.09
N PHE C 233 13.32 21.10 -10.56
CA PHE C 233 13.42 20.18 -9.40
C PHE C 233 12.68 20.74 -8.19
N GLY C 234 12.71 22.05 -7.97
CA GLY C 234 12.01 22.61 -6.78
C GLY C 234 10.53 22.29 -6.84
N PHE C 235 9.92 22.41 -8.01
CA PHE C 235 8.52 21.98 -8.22
C PHE C 235 8.41 20.47 -7.93
N GLU C 236 9.28 19.61 -8.48
CA GLU C 236 9.14 18.15 -8.20
C GLU C 236 9.21 17.86 -6.70
N ALA C 237 10.21 18.43 -6.01
CA ALA C 237 10.44 18.30 -4.58
C ALA C 237 9.18 18.75 -3.83
N ALA C 238 8.61 19.90 -4.19
CA ALA C 238 7.42 20.37 -3.49
C ALA C 238 6.25 19.38 -3.73
N ALA C 239 6.15 18.85 -4.93
CA ALA C 239 5.06 17.90 -5.29
C ALA C 239 5.27 16.60 -4.48
N TRP C 240 6.51 16.10 -4.39
CA TRP C 240 6.75 14.86 -3.60
C TRP C 240 6.41 15.15 -2.12
N TYR C 241 6.84 16.30 -1.62
CA TYR C 241 6.52 16.66 -0.23
C TYR C 241 5.00 16.70 -0.03
N TRP C 242 4.29 17.24 -1.01
CA TRP C 242 2.82 17.43 -0.95
C TRP C 242 2.13 16.04 -0.96
N HIS C 243 2.58 15.13 -1.81
CA HIS C 243 2.06 13.74 -1.78
C HIS C 243 2.29 13.09 -0.41
N PHE C 244 3.45 13.30 0.18
CA PHE C 244 3.80 12.78 1.53
C PHE C 244 2.79 13.34 2.53
N VAL C 245 2.59 14.64 2.49
CA VAL C 245 1.58 15.24 3.39
C VAL C 245 0.20 14.60 3.16
N ASP C 246 -0.24 14.37 1.91
CA ASP C 246 -1.55 13.71 1.64
CA ASP C 246 -1.40 13.84 1.50
C ASP C 246 -1.53 12.33 2.29
C ASP C 246 -1.54 12.39 2.07
N VAL C 247 -0.49 11.56 2.01
CA VAL C 247 -0.51 10.16 2.50
C VAL C 247 -0.51 10.14 4.03
N VAL C 248 0.24 11.02 4.70
CA VAL C 248 0.17 11.05 6.17
C VAL C 248 -1.28 11.31 6.62
N TRP C 249 -1.97 12.22 5.94
CA TRP C 249 -3.37 12.55 6.26
C TRP C 249 -4.23 11.28 6.15
N LEU C 250 -4.14 10.57 5.04
CA LEU C 250 -4.92 9.31 4.83
C LEU C 250 -4.68 8.37 6.01
N PHE C 251 -3.44 8.21 6.48
CA PHE C 251 -3.16 7.30 7.63
C PHE C 251 -3.77 7.88 8.92
N LEU C 252 -3.67 9.18 9.12
CA LEU C 252 -4.31 9.81 10.31
C LEU C 252 -5.82 9.58 10.29
N TYR C 253 -6.43 9.82 9.14
CA TYR C 253 -7.89 9.74 8.98
C TYR C 253 -8.32 8.31 9.34
N VAL C 254 -7.70 7.35 8.69
CA VAL C 254 -8.08 5.93 8.94
C VAL C 254 -7.81 5.58 10.40
N SER C 255 -6.66 5.97 10.96
CA SER C 255 -6.22 5.49 12.30
C SER C 255 -6.95 6.26 13.40
N ILE C 256 -6.80 7.56 13.42
CA ILE C 256 -7.21 8.37 14.59
C ILE C 256 -8.68 8.72 14.48
N TYR C 257 -9.11 9.19 13.33
CA TYR C 257 -10.47 9.75 13.16
C TYR C 257 -11.52 8.65 13.01
N TRP C 258 -11.22 7.60 12.25
CA TRP C 258 -12.20 6.57 11.84
C TRP C 258 -12.04 5.38 12.77
N TRP C 259 -10.95 4.62 12.64
CA TRP C 259 -10.74 3.44 13.51
C TRP C 259 -10.73 3.85 14.99
N GLY C 260 -10.13 4.99 15.37
CA GLY C 260 -10.08 5.39 16.78
C GLY C 260 -11.37 6.04 17.30
N SER C 261 -12.44 6.13 16.54
CA SER C 261 -13.68 6.82 17.00
C SER C 261 -14.55 5.81 17.72
N SER D 4 70.34 10.17 -2.40
CA SER D 4 69.02 10.20 -3.17
C SER D 4 67.95 11.02 -2.44
N VAL D 5 67.82 12.32 -2.72
CA VAL D 5 66.95 13.20 -1.89
C VAL D 5 65.51 13.10 -2.38
N VAL D 6 64.62 12.69 -1.52
CA VAL D 6 63.21 12.55 -1.94
C VAL D 6 62.43 13.80 -1.50
N LYS D 7 61.64 14.35 -2.42
CA LYS D 7 60.99 15.67 -2.28
C LYS D 7 59.47 15.45 -2.14
N SER D 8 58.87 16.25 -1.28
CA SER D 8 57.40 16.44 -1.15
C SER D 8 56.73 16.55 -2.52
N GLU D 9 57.23 17.44 -3.39
CA GLU D 9 56.58 17.76 -4.70
C GLU D 9 56.64 16.51 -5.62
N ASP D 10 57.25 15.39 -5.17
CA ASP D 10 57.45 14.16 -6.01
C ASP D 10 56.39 13.11 -5.69
N TYR D 11 55.38 13.42 -4.89
CA TYR D 11 54.44 12.39 -4.37
C TYR D 11 53.75 11.64 -5.51
N ALA D 12 53.53 12.24 -6.69
CA ALA D 12 52.75 11.60 -7.77
C ALA D 12 53.64 10.73 -8.66
N LEU D 13 54.97 10.74 -8.46
CA LEU D 13 55.90 9.99 -9.35
C LEU D 13 56.13 8.62 -8.73
N PRO D 14 56.50 7.60 -9.54
CA PRO D 14 56.91 6.32 -8.95
C PRO D 14 58.06 6.54 -7.96
N SER D 15 58.02 5.88 -6.81
CA SER D 15 59.00 6.06 -5.74
C SER D 15 59.68 4.72 -5.39
N TYR D 16 60.75 4.79 -4.63
CA TYR D 16 61.55 3.64 -4.17
C TYR D 16 60.95 3.15 -2.85
N VAL D 17 60.95 1.83 -2.64
N VAL D 17 60.97 1.84 -2.58
CA VAL D 17 60.59 1.18 -1.36
CA VAL D 17 60.64 1.32 -1.23
C VAL D 17 61.54 0.02 -1.09
C VAL D 17 61.34 -0.01 -1.02
N ASP D 18 61.86 -0.21 0.19
CA ASP D 18 62.49 -1.43 0.71
C ASP D 18 61.38 -2.17 1.41
N ARG D 19 60.83 -3.17 0.75
CA ARG D 19 59.79 -4.05 1.33
C ARG D 19 60.08 -5.49 0.86
N ARG D 20 60.08 -6.42 1.76
CA ARG D 20 60.56 -7.80 1.42
C ARG D 20 59.56 -8.48 0.47
N ASP D 21 58.30 -7.97 0.42
CA ASP D 21 57.15 -8.45 -0.40
C ASP D 21 57.10 -7.67 -1.74
N TYR D 22 58.08 -6.79 -2.02
CA TYR D 22 58.11 -5.95 -3.24
C TYR D 22 59.59 -5.77 -3.58
N PRO D 23 60.31 -6.88 -3.86
CA PRO D 23 61.75 -6.87 -3.94
C PRO D 23 62.38 -5.99 -5.02
N LEU D 24 61.69 -5.80 -6.14
CA LEU D 24 62.15 -5.01 -7.31
C LEU D 24 61.30 -3.76 -7.42
N PRO D 25 61.67 -2.69 -6.71
CA PRO D 25 60.84 -1.48 -6.72
C PRO D 25 60.81 -0.76 -8.08
N ASP D 26 59.95 0.24 -8.18
CA ASP D 26 59.56 0.86 -9.46
C ASP D 26 60.71 1.72 -10.02
N VAL D 27 61.66 2.17 -9.19
CA VAL D 27 62.80 2.99 -9.65
C VAL D 27 64.04 2.48 -8.94
N ALA D 28 65.20 2.85 -9.51
CA ALA D 28 66.52 2.70 -8.87
C ALA D 28 66.61 3.61 -7.65
N HIS D 29 67.22 3.12 -6.57
CA HIS D 29 67.62 3.97 -5.42
C HIS D 29 68.36 5.22 -5.92
N VAL D 30 69.33 5.04 -6.83
CA VAL D 30 70.21 6.14 -7.29
C VAL D 30 69.93 6.34 -8.77
N LYS D 31 69.43 7.50 -9.16
CA LYS D 31 69.18 7.79 -10.60
C LYS D 31 70.34 8.51 -11.29
N ASN D 32 70.95 9.47 -10.64
CA ASN D 32 72.08 10.21 -11.22
C ASN D 32 73.38 9.43 -11.03
N LEU D 33 74.20 9.36 -12.07
CA LEU D 33 75.49 8.63 -12.08
C LEU D 33 76.64 9.58 -12.32
N SER D 34 77.68 9.48 -11.49
CA SER D 34 78.98 10.15 -11.72
C SER D 34 79.69 9.58 -12.97
N ALA D 35 80.82 10.16 -13.39
CA ALA D 35 81.68 9.58 -14.45
C ALA D 35 82.01 8.11 -14.08
N SER D 36 82.48 7.81 -12.87
CA SER D 36 82.93 6.43 -12.57
C SER D 36 81.71 5.48 -12.48
N GLN D 37 80.55 5.96 -12.02
CA GLN D 37 79.32 5.14 -11.93
C GLN D 37 78.80 4.87 -13.33
N LYS D 38 78.94 5.79 -14.29
CA LYS D 38 78.60 5.54 -15.71
C LYS D 38 79.53 4.45 -16.26
N ALA D 39 80.82 4.49 -15.97
CA ALA D 39 81.80 3.51 -16.49
C ALA D 39 81.45 2.12 -15.90
N LEU D 40 81.00 2.09 -14.64
CA LEU D 40 80.56 0.86 -13.93
C LEU D 40 79.31 0.27 -14.62
N LYS D 41 78.32 1.10 -14.95
CA LYS D 41 77.13 0.60 -15.70
C LYS D 41 77.51 0.11 -17.11
N GLU D 42 78.51 0.70 -17.79
CA GLU D 42 79.00 0.15 -19.09
C GLU D 42 79.68 -1.22 -18.83
N LYS D 43 80.49 -1.35 -17.78
CA LYS D 43 81.21 -2.60 -17.45
C LYS D 43 80.18 -3.74 -17.17
N GLU D 44 79.06 -3.40 -16.56
CA GLU D 44 77.97 -4.35 -16.23
C GLU D 44 77.36 -4.94 -17.51
N LYS D 45 77.59 -4.32 -18.67
CA LYS D 45 77.10 -4.87 -19.96
C LYS D 45 78.02 -6.01 -20.44
N ALA D 46 79.20 -6.16 -19.86
CA ALA D 46 80.11 -7.30 -20.17
C ALA D 46 79.99 -8.36 -19.06
N SER D 47 80.81 -9.41 -19.14
CA SER D 47 80.73 -10.54 -18.19
C SER D 47 80.78 -10.03 -16.74
N TRP D 48 79.83 -10.45 -15.91
CA TRP D 48 79.84 -10.13 -14.45
C TRP D 48 81.02 -10.79 -13.74
N SER D 49 81.60 -11.86 -14.31
CA SER D 49 82.83 -12.51 -13.78
C SER D 49 84.00 -11.52 -13.73
N SER D 50 84.00 -10.53 -14.63
CA SER D 50 85.08 -9.50 -14.70
C SER D 50 84.83 -8.35 -13.72
N LEU D 51 83.67 -8.29 -13.09
CA LEU D 51 83.43 -7.28 -12.02
C LEU D 51 84.08 -7.77 -10.71
N SER D 52 84.74 -6.87 -9.99
CA SER D 52 85.25 -7.05 -8.61
C SER D 52 84.07 -7.15 -7.62
N ILE D 53 84.30 -7.73 -6.44
CA ILE D 53 83.35 -7.74 -5.30
C ILE D 53 82.92 -6.26 -5.04
N ASP D 54 83.85 -5.32 -4.99
CA ASP D 54 83.51 -3.90 -4.68
C ASP D 54 82.59 -3.34 -5.76
N GLU D 55 82.84 -3.69 -7.02
CA GLU D 55 82.03 -3.18 -8.13
C GLU D 55 80.60 -3.74 -8.06
N LYS D 56 80.46 -5.02 -7.71
CA LYS D 56 79.16 -5.69 -7.58
C LYS D 56 78.36 -5.04 -6.45
N VAL D 57 79.00 -4.78 -5.31
CA VAL D 57 78.35 -4.12 -4.13
C VAL D 57 77.91 -2.73 -4.59
N GLU D 58 78.75 -2.04 -5.35
CA GLU D 58 78.45 -0.67 -5.81
C GLU D 58 77.22 -0.72 -6.74
N LEU D 59 77.14 -1.69 -7.65
CA LEU D 59 75.97 -1.86 -8.54
C LEU D 59 74.71 -2.15 -7.71
N TYR D 60 74.83 -2.99 -6.69
CA TYR D 60 73.72 -3.30 -5.78
C TYR D 60 73.23 -2.01 -5.13
N ARG D 61 74.15 -1.20 -4.66
CA ARG D 61 73.84 0.01 -3.84
C ARG D 61 73.32 1.16 -4.73
N LEU D 62 73.61 1.18 -6.03
CA LEU D 62 72.95 2.10 -6.99
C LEU D 62 71.48 1.70 -7.18
N LYS D 63 71.25 0.40 -7.30
CA LYS D 63 69.88 -0.11 -7.53
C LYS D 63 69.00 -0.02 -6.25
N PHE D 64 69.57 -0.36 -5.10
CA PHE D 64 68.84 -0.59 -3.83
C PHE D 64 69.46 0.30 -2.76
N LYS D 65 68.60 0.69 -1.80
CA LYS D 65 69.05 1.38 -0.58
C LYS D 65 69.53 0.35 0.44
N GLU D 66 68.60 -0.39 1.06
CA GLU D 66 68.97 -1.42 2.08
C GLU D 66 68.86 -2.83 1.47
N SER D 67 69.72 -3.75 1.93
CA SER D 67 69.60 -5.20 1.65
C SER D 67 68.40 -5.76 2.41
N PHE D 68 68.05 -7.01 2.13
CA PHE D 68 67.03 -7.74 2.94
C PHE D 68 67.47 -7.78 4.41
N ALA D 69 68.73 -8.13 4.69
CA ALA D 69 69.18 -8.28 6.10
C ALA D 69 69.02 -6.92 6.83
N GLU D 70 69.37 -5.82 6.17
CA GLU D 70 69.27 -4.47 6.77
C GLU D 70 67.82 -4.13 6.98
N MET D 71 66.97 -4.28 5.96
CA MET D 71 65.58 -3.81 6.11
C MET D 71 64.82 -4.70 7.11
N ASN D 72 65.24 -5.95 7.31
CA ASN D 72 64.49 -6.88 8.20
C ASN D 72 65.07 -6.89 9.62
N ARG D 73 66.10 -6.10 9.96
CA ARG D 73 66.81 -6.29 11.25
C ARG D 73 65.82 -6.00 12.38
N SER D 74 66.00 -6.70 13.48
CA SER D 74 65.39 -6.50 14.81
C SER D 74 65.95 -5.27 15.46
N THR D 75 65.17 -4.74 16.40
CA THR D 75 65.57 -3.54 17.14
C THR D 75 65.35 -3.78 18.63
N ASN D 76 65.91 -2.89 19.42
CA ASN D 76 65.79 -2.85 20.90
C ASN D 76 64.56 -2.01 21.29
N GLU D 77 63.76 -1.54 20.32
CA GLU D 77 62.59 -0.67 20.59
C GLU D 77 61.71 -1.28 21.72
N TRP D 78 61.54 -2.60 21.79
CA TRP D 78 60.60 -3.19 22.76
C TRP D 78 61.00 -2.83 24.19
N LYS D 79 62.31 -2.72 24.45
CA LYS D 79 62.78 -2.37 25.78
C LYS D 79 62.29 -0.97 26.11
N THR D 80 62.40 -0.04 25.18
CA THR D 80 61.96 1.35 25.43
C THR D 80 60.44 1.35 25.67
N VAL D 81 59.68 0.62 24.85
CA VAL D 81 58.19 0.63 24.94
C VAL D 81 57.76 0.06 26.28
N VAL D 82 58.25 -1.12 26.61
CA VAL D 82 57.82 -1.80 27.85
C VAL D 82 58.26 -0.99 29.06
N GLY D 83 59.54 -0.58 29.11
CA GLY D 83 60.11 0.23 30.18
C GLY D 83 59.27 1.50 30.37
N ALA D 84 59.02 2.22 29.30
CA ALA D 84 58.30 3.52 29.38
C ALA D 84 56.86 3.26 29.83
N ALA D 85 56.24 2.18 29.36
CA ALA D 85 54.84 1.86 29.74
C ALA D 85 54.82 1.60 31.24
N MET D 86 55.79 0.87 31.76
CA MET D 86 55.87 0.60 33.21
C MET D 86 56.14 1.92 33.96
N PHE D 87 56.99 2.80 33.46
CA PHE D 87 57.24 4.11 34.12
C PHE D 87 55.89 4.82 34.30
N PHE D 88 55.07 4.86 33.25
CA PHE D 88 53.83 5.68 33.22
C PHE D 88 52.78 5.03 34.11
N ILE D 89 52.77 3.70 34.14
CA ILE D 89 51.90 2.93 35.06
C ILE D 89 52.37 3.21 36.50
N GLY D 90 53.67 3.19 36.75
CA GLY D 90 54.24 3.62 38.03
C GLY D 90 53.81 5.02 38.40
N PHE D 91 53.90 5.96 37.47
CA PHE D 91 53.47 7.37 37.71
C PHE D 91 51.99 7.38 38.12
N THR D 92 51.15 6.53 37.54
CA THR D 92 49.72 6.45 37.87
C THR D 92 49.53 6.15 39.36
N ALA D 93 50.29 5.21 39.92
CA ALA D 93 50.27 4.88 41.36
C ALA D 93 50.55 6.13 42.22
N LEU D 94 51.43 7.04 41.80
CA LEU D 94 51.68 8.32 42.52
C LEU D 94 50.37 9.13 42.56
N LEU D 95 49.65 9.21 41.46
CA LEU D 95 48.34 9.90 41.41
C LEU D 95 47.38 9.24 42.42
N LEU D 96 47.40 7.91 42.51
CA LEU D 96 46.49 7.15 43.37
C LEU D 96 46.90 7.35 44.83
N ILE D 97 48.19 7.48 45.13
CA ILE D 97 48.64 7.81 46.50
C ILE D 97 48.14 9.21 46.84
N TRP D 98 48.28 10.15 45.94
CA TRP D 98 47.83 11.55 46.18
C TRP D 98 46.33 11.51 46.46
N GLU D 99 45.58 10.77 45.66
CA GLU D 99 44.10 10.69 45.82
C GLU D 99 43.74 10.12 47.20
N LYS D 100 44.38 9.00 47.58
CA LYS D 100 44.13 8.38 48.89
C LYS D 100 44.44 9.40 49.98
N HIS D 101 45.53 10.15 49.91
CA HIS D 101 45.94 11.06 51.01
C HIS D 101 45.07 12.33 51.06
N TYR D 102 44.76 12.95 49.93
CA TYR D 102 44.15 14.30 49.94
C TYR D 102 42.70 14.30 49.49
N VAL D 103 42.19 13.24 48.86
CA VAL D 103 40.77 13.27 48.42
C VAL D 103 39.89 12.40 49.31
N TYR D 104 40.30 11.18 49.54
CA TYR D 104 39.47 10.22 50.29
C TYR D 104 39.57 10.51 51.79
N GLY D 105 38.39 10.56 52.43
CA GLY D 105 38.22 10.56 53.90
C GLY D 105 38.15 9.12 54.37
N PRO D 106 37.84 8.88 55.66
CA PRO D 106 37.75 7.51 56.18
C PRO D 106 36.63 6.69 55.52
N ILE D 107 36.85 5.39 55.44
CA ILE D 107 35.81 4.44 54.98
C ILE D 107 34.89 4.15 56.17
N PRO D 108 33.70 3.60 55.92
CA PRO D 108 32.74 3.32 56.97
C PRO D 108 33.25 2.38 58.10
N HIS D 109 32.61 2.50 59.25
CA HIS D 109 32.99 1.80 60.49
C HIS D 109 32.81 0.27 60.29
N THR D 110 32.04 -0.16 59.27
CA THR D 110 31.74 -1.58 59.03
C THR D 110 32.98 -2.34 58.56
N PHE D 111 34.06 -1.64 58.23
CA PHE D 111 35.35 -2.26 57.86
C PHE D 111 36.27 -2.39 59.09
N GLU D 112 35.89 -1.97 60.29
CA GLU D 112 36.73 -2.18 61.52
C GLU D 112 36.88 -3.68 61.73
N GLU D 113 38.02 -4.11 62.22
CA GLU D 113 38.33 -5.56 62.34
C GLU D 113 37.24 -6.24 63.18
N GLU D 114 36.76 -5.59 64.23
CA GLU D 114 35.77 -6.22 65.14
C GLU D 114 34.40 -6.32 64.44
N TRP D 115 33.99 -5.28 63.69
CA TRP D 115 32.77 -5.36 62.87
C TRP D 115 32.87 -6.57 61.92
N VAL D 116 33.94 -6.69 61.17
CA VAL D 116 34.11 -7.76 60.14
C VAL D 116 34.05 -9.14 60.84
N ALA D 117 34.61 -9.30 62.04
CA ALA D 117 34.60 -10.57 62.81
C ALA D 117 33.16 -10.97 63.15
N LYS D 118 32.37 -10.00 63.61
CA LYS D 118 30.96 -10.21 63.99
C LYS D 118 30.11 -10.49 62.76
N GLN D 119 30.30 -9.69 61.72
CA GLN D 119 29.55 -9.79 60.44
C GLN D 119 29.86 -11.15 59.81
N THR D 120 31.10 -11.61 59.93
CA THR D 120 31.50 -12.94 59.43
C THR D 120 30.69 -14.01 60.17
N LYS D 121 30.61 -13.93 61.49
CA LYS D 121 29.83 -14.93 62.27
C LYS D 121 28.36 -14.87 61.85
N ARG D 122 27.77 -13.68 61.77
CA ARG D 122 26.36 -13.53 61.38
C ARG D 122 26.15 -14.11 59.97
N MET D 123 27.04 -13.88 59.01
CA MET D 123 26.92 -14.48 57.67
C MET D 123 26.98 -16.03 57.77
N LEU D 124 27.83 -16.61 58.61
CA LEU D 124 27.86 -18.07 58.85
C LEU D 124 26.58 -18.55 59.54
N ASP D 125 26.00 -17.73 60.43
CA ASP D 125 24.77 -18.08 61.19
C ASP D 125 23.56 -18.09 60.24
N MET D 126 23.57 -17.22 59.22
CA MET D 126 22.48 -17.17 58.23
C MET D 126 22.85 -18.08 57.04
N LYS D 127 23.98 -18.77 57.15
CA LYS D 127 24.43 -19.78 56.14
C LYS D 127 24.49 -19.11 54.75
N VAL D 128 25.15 -17.95 54.67
CA VAL D 128 25.37 -17.29 53.36
C VAL D 128 26.13 -18.25 52.45
N ALA D 129 25.64 -18.41 51.21
CA ALA D 129 26.29 -19.28 50.18
C ALA D 129 26.75 -20.59 50.79
N PRO D 130 25.81 -21.42 51.28
CA PRO D 130 26.16 -22.65 51.98
C PRO D 130 26.48 -23.85 51.07
N ILE D 131 26.24 -23.74 49.77
CA ILE D 131 26.48 -24.88 48.82
C ILE D 131 27.93 -24.80 48.32
N GLN D 132 28.43 -23.62 47.95
CA GLN D 132 29.84 -23.47 47.45
C GLN D 132 30.52 -22.18 47.94
N GLY D 133 29.81 -21.06 48.01
CA GLY D 133 30.47 -19.73 48.00
C GLY D 133 31.15 -19.33 49.31
N PHE D 134 30.57 -19.60 50.46
CA PHE D 134 31.00 -18.94 51.72
C PHE D 134 30.87 -19.90 52.91
N SER D 135 29.65 -20.09 53.40
CA SER D 135 29.40 -20.98 54.55
C SER D 135 29.84 -22.41 54.21
N ALA D 136 29.87 -22.79 52.95
CA ALA D 136 30.36 -24.11 52.48
C ALA D 136 31.82 -24.28 52.92
N LYS D 137 32.55 -23.18 53.13
CA LYS D 137 34.01 -23.25 53.41
C LYS D 137 34.24 -23.28 54.92
N TRP D 138 33.16 -23.22 55.70
CA TRP D 138 33.18 -23.25 57.18
C TRP D 138 32.82 -24.65 57.65
N ASP D 139 33.54 -25.16 58.63
CA ASP D 139 33.31 -26.49 59.22
C ASP D 139 32.50 -26.27 60.48
N TYR D 140 31.20 -26.50 60.41
CA TYR D 140 30.27 -26.20 61.52
C TYR D 140 30.57 -27.15 62.67
N ASP D 141 31.09 -28.34 62.36
CA ASP D 141 31.35 -29.35 63.42
C ASP D 141 32.57 -28.95 64.23
N LYS D 142 33.62 -28.47 63.57
CA LYS D 142 34.89 -28.13 64.25
C LYS D 142 34.98 -26.64 64.57
N ASN D 143 34.04 -25.81 64.13
CA ASN D 143 34.10 -24.36 64.48
C ASN D 143 35.40 -23.73 63.93
N GLU D 144 35.74 -23.99 62.65
CA GLU D 144 36.92 -23.39 61.99
C GLU D 144 36.73 -23.46 60.47
N TRP D 145 37.55 -22.72 59.73
CA TRP D 145 37.55 -22.78 58.25
C TRP D 145 38.07 -24.15 57.83
N LYS D 146 37.48 -24.78 56.82
CA LYS D 146 37.94 -26.10 56.32
C LYS D 146 39.41 -26.00 55.84
N THR E 7 48.29 -27.83 -11.89
CA THR E 7 49.39 -28.67 -11.24
C THR E 7 50.73 -27.93 -11.11
N ASP E 8 51.55 -28.40 -10.20
CA ASP E 8 52.87 -27.78 -9.88
C ASP E 8 53.74 -27.65 -11.14
N GLU E 9 53.93 -28.74 -11.88
CA GLU E 9 54.78 -28.73 -13.08
C GLU E 9 54.27 -27.65 -14.04
N GLU E 10 52.96 -27.55 -14.21
CA GLU E 10 52.37 -26.61 -15.19
C GLU E 10 52.59 -25.17 -14.71
N PHE E 11 52.45 -24.91 -13.41
CA PHE E 11 52.71 -23.58 -12.81
C PHE E 11 54.19 -23.22 -13.08
N ASP E 12 55.09 -24.15 -12.78
CA ASP E 12 56.55 -23.88 -12.88
C ASP E 12 56.89 -23.59 -14.35
N ALA E 13 56.29 -24.34 -15.28
CA ALA E 13 56.58 -24.23 -16.73
C ALA E 13 56.13 -22.85 -17.23
N ARG E 14 54.98 -22.36 -16.76
CA ARG E 14 54.41 -21.03 -17.14
C ARG E 14 55.39 -19.93 -16.74
N TRP E 15 55.94 -20.06 -15.53
CA TRP E 15 56.90 -19.10 -14.93
C TRP E 15 58.26 -19.18 -15.62
N VAL E 16 58.77 -20.38 -15.93
CA VAL E 16 60.02 -20.52 -16.72
C VAL E 16 59.80 -19.77 -18.05
N THR E 17 58.70 -20.05 -18.75
CA THR E 17 58.40 -19.46 -20.07
C THR E 17 58.38 -17.94 -19.94
N TYR E 18 57.78 -17.44 -18.87
CA TYR E 18 57.64 -15.99 -18.63
C TYR E 18 59.04 -15.35 -18.62
N PHE E 19 59.96 -15.91 -17.84
CA PHE E 19 61.29 -15.28 -17.64
C PHE E 19 62.20 -15.54 -18.85
N ASN E 20 61.93 -16.59 -19.64
CA ASN E 20 62.75 -16.99 -20.81
C ASN E 20 62.41 -16.16 -22.05
N LYS E 21 61.33 -15.38 -22.07
CA LYS E 21 61.07 -14.53 -23.24
C LYS E 21 62.32 -13.72 -23.59
N PRO E 22 62.94 -13.94 -24.78
CA PRO E 22 64.22 -13.31 -25.11
C PRO E 22 64.21 -11.79 -24.84
N ASP E 23 63.19 -11.09 -25.30
CA ASP E 23 63.13 -9.60 -25.22
C ASP E 23 62.27 -9.17 -24.04
N ILE E 24 62.15 -9.95 -22.97
CA ILE E 24 61.51 -9.51 -21.70
C ILE E 24 62.06 -8.13 -21.36
N ASP E 25 61.19 -7.18 -20.95
CA ASP E 25 61.68 -5.82 -20.57
C ASP E 25 61.80 -5.72 -19.04
N ALA E 26 62.41 -4.63 -18.56
CA ALA E 26 62.67 -4.37 -17.14
C ALA E 26 61.35 -4.49 -16.36
N TRP E 27 60.28 -3.89 -16.92
CA TRP E 27 58.95 -3.81 -16.28
C TRP E 27 58.44 -5.23 -16.06
N GLU E 28 58.55 -6.04 -17.08
CA GLU E 28 58.11 -7.47 -17.04
C GLU E 28 58.92 -8.25 -16.01
N LEU E 29 60.22 -8.02 -15.93
CA LEU E 29 61.08 -8.70 -14.92
C LEU E 29 60.55 -8.38 -13.52
N ARG E 30 60.32 -7.09 -13.25
CA ARG E 30 59.86 -6.63 -11.92
C ARG E 30 58.46 -7.23 -11.67
N LYS E 31 57.56 -7.03 -12.62
CA LYS E 31 56.18 -7.53 -12.48
C LYS E 31 56.22 -9.04 -12.14
N GLY E 32 57.02 -9.77 -12.90
CA GLY E 32 57.17 -11.21 -12.65
C GLY E 32 57.59 -11.49 -11.22
N MET E 33 58.71 -10.92 -10.78
CA MET E 33 59.26 -11.24 -9.44
C MET E 33 58.30 -10.73 -8.35
N ASN E 34 57.73 -9.53 -8.51
CA ASN E 34 56.85 -8.95 -7.47
C ASN E 34 55.54 -9.76 -7.36
N THR E 35 55.06 -10.38 -8.45
CA THR E 35 53.84 -11.22 -8.45
C THR E 35 54.23 -12.58 -7.85
N LEU E 36 55.36 -13.14 -8.28
CA LEU E 36 55.74 -14.50 -7.83
C LEU E 36 55.85 -14.57 -6.30
N VAL E 37 56.39 -13.55 -5.65
CA VAL E 37 56.67 -13.63 -4.20
C VAL E 37 55.39 -13.50 -3.41
N GLY E 38 54.25 -13.19 -4.04
CA GLY E 38 52.92 -13.17 -3.39
C GLY E 38 52.38 -14.58 -3.12
N TYR E 39 52.88 -15.60 -3.81
CA TYR E 39 52.37 -16.99 -3.68
C TYR E 39 52.93 -17.68 -2.44
N ASP E 40 52.22 -18.72 -1.96
CA ASP E 40 52.66 -19.54 -0.83
C ASP E 40 53.62 -20.60 -1.37
N LEU E 41 54.81 -20.16 -1.75
CA LEU E 41 55.91 -21.08 -2.20
C LEU E 41 57.22 -20.31 -2.27
N VAL E 42 58.29 -21.08 -2.20
CA VAL E 42 59.62 -20.63 -2.63
C VAL E 42 59.78 -21.11 -4.06
N PRO E 43 60.06 -20.23 -5.04
CA PRO E 43 60.13 -20.65 -6.43
C PRO E 43 61.19 -21.72 -6.66
N GLU E 44 60.84 -22.73 -7.45
CA GLU E 44 61.79 -23.80 -7.86
C GLU E 44 63.03 -23.20 -8.48
N PRO E 45 64.20 -23.83 -8.30
CA PRO E 45 65.41 -23.37 -8.98
C PRO E 45 65.26 -23.07 -10.47
N LYS E 46 64.48 -23.88 -11.22
CA LYS E 46 64.35 -23.65 -12.68
C LYS E 46 63.67 -22.27 -12.90
N ILE E 47 62.79 -21.83 -12.02
CA ILE E 47 62.17 -20.49 -12.23
C ILE E 47 63.24 -19.42 -11.95
N ILE E 48 63.97 -19.55 -10.85
CA ILE E 48 65.02 -18.59 -10.45
C ILE E 48 66.08 -18.52 -11.56
N ASP E 49 66.52 -19.66 -12.08
CA ASP E 49 67.50 -19.74 -13.18
C ASP E 49 67.03 -18.83 -14.32
N ALA E 50 65.79 -19.04 -14.77
CA ALA E 50 65.22 -18.28 -15.91
C ALA E 50 65.14 -16.77 -15.55
N ALA E 51 64.76 -16.42 -14.33
CA ALA E 51 64.72 -15.00 -13.87
C ALA E 51 66.17 -14.42 -13.83
N LEU E 52 67.16 -15.20 -13.43
CA LEU E 52 68.57 -14.70 -13.36
C LEU E 52 69.08 -14.46 -14.79
N ARG E 53 68.74 -15.36 -15.73
CA ARG E 53 69.14 -15.18 -17.17
C ARG E 53 68.40 -13.97 -17.75
N ALA E 54 67.15 -13.73 -17.34
CA ALA E 54 66.47 -12.49 -17.75
C ALA E 54 67.29 -11.28 -17.27
N CYS E 55 67.74 -11.29 -16.00
CA CYS E 55 68.56 -10.17 -15.44
C CYS E 55 69.78 -9.99 -16.36
N ARG E 56 70.38 -11.10 -16.82
CA ARG E 56 71.59 -11.02 -17.64
C ARG E 56 71.24 -10.30 -18.95
N ARG E 57 70.14 -10.67 -19.60
CA ARG E 57 69.74 -10.07 -20.91
C ARG E 57 69.45 -8.58 -20.69
N LEU E 58 69.01 -8.21 -19.48
CA LEU E 58 68.68 -6.80 -19.14
C LEU E 58 69.87 -6.07 -18.50
N ASN E 59 71.08 -6.65 -18.47
CA ASN E 59 72.33 -6.03 -17.97
C ASN E 59 72.11 -5.46 -16.56
N ASP E 60 71.44 -6.26 -15.74
CA ASP E 60 71.01 -5.84 -14.38
C ASP E 60 71.53 -6.87 -13.36
N PHE E 61 72.79 -6.69 -12.94
CA PHE E 61 73.47 -7.51 -11.90
C PHE E 61 72.73 -7.39 -10.55
N ALA E 62 72.32 -6.18 -10.19
CA ALA E 62 71.82 -5.92 -8.85
C ALA E 62 70.53 -6.74 -8.66
N SER E 63 69.62 -6.75 -9.67
CA SER E 63 68.32 -7.44 -9.58
C SER E 63 68.57 -8.95 -9.42
N ALA E 64 69.62 -9.49 -10.05
CA ALA E 64 69.96 -10.92 -9.87
C ALA E 64 70.28 -11.19 -8.39
N VAL E 65 71.04 -10.33 -7.74
CA VAL E 65 71.35 -10.51 -6.29
C VAL E 65 70.05 -10.43 -5.46
N ARG E 66 69.20 -9.45 -5.77
CA ARG E 66 67.96 -9.20 -5.02
C ARG E 66 67.04 -10.43 -5.12
N ILE E 67 66.99 -11.04 -6.30
CA ILE E 67 66.20 -12.29 -6.54
C ILE E 67 66.73 -13.39 -5.59
N LEU E 68 68.04 -13.52 -5.45
CA LEU E 68 68.60 -14.48 -4.47
C LEU E 68 68.16 -14.11 -3.05
N GLU E 69 68.13 -12.82 -2.70
CA GLU E 69 67.68 -12.47 -1.34
C GLU E 69 66.20 -12.90 -1.14
N VAL E 70 65.37 -12.69 -2.15
CA VAL E 70 63.92 -12.88 -1.91
C VAL E 70 63.60 -14.37 -1.86
N VAL E 71 64.40 -15.24 -2.51
CA VAL E 71 64.30 -16.70 -2.29
C VAL E 71 64.52 -17.01 -0.79
N LYS E 72 65.63 -16.50 -0.21
CA LYS E 72 65.90 -16.71 1.22
C LYS E 72 64.70 -16.22 2.04
N ASP E 73 64.19 -15.04 1.71
CA ASP E 73 63.16 -14.39 2.57
C ASP E 73 61.88 -15.24 2.53
N LYS E 74 61.50 -15.74 1.35
CA LYS E 74 60.26 -16.52 1.12
C LYS E 74 60.30 -17.86 1.90
N ALA E 75 61.49 -18.33 2.28
CA ALA E 75 61.61 -19.61 3.02
C ALA E 75 61.29 -19.39 4.51
N GLY E 76 61.26 -18.14 4.99
CA GLY E 76 60.91 -17.95 6.41
C GLY E 76 61.88 -18.68 7.33
N PRO E 77 61.39 -19.43 8.34
CA PRO E 77 62.27 -20.10 9.30
C PRO E 77 62.80 -21.43 8.73
N HIS E 78 62.39 -21.82 7.52
CA HIS E 78 62.91 -23.08 6.88
C HIS E 78 64.31 -22.81 6.31
N LYS E 79 65.31 -22.78 7.18
CA LYS E 79 66.72 -22.46 6.85
C LYS E 79 67.31 -23.47 5.84
N GLU E 80 66.67 -24.60 5.59
CA GLU E 80 67.27 -25.61 4.68
C GLU E 80 67.01 -25.18 3.22
N ILE E 81 66.02 -24.30 2.93
CA ILE E 81 65.59 -24.11 1.51
C ILE E 81 66.63 -23.30 0.74
N TYR E 82 67.01 -22.13 1.26
CA TYR E 82 67.96 -21.24 0.54
C TYR E 82 69.25 -22.00 0.20
N PRO E 83 69.98 -22.62 1.15
CA PRO E 83 71.22 -23.33 0.79
C PRO E 83 70.98 -24.37 -0.33
N TYR E 84 69.81 -25.03 -0.35
CA TYR E 84 69.43 -26.01 -1.39
C TYR E 84 69.33 -25.28 -2.73
N VAL E 85 68.61 -24.16 -2.77
CA VAL E 85 68.39 -23.49 -4.07
C VAL E 85 69.76 -23.02 -4.62
N ILE E 86 70.59 -22.40 -3.77
CA ILE E 86 71.93 -21.89 -4.18
C ILE E 86 72.72 -23.08 -4.73
N GLN E 87 72.73 -24.17 -4.00
CA GLN E 87 73.41 -25.39 -4.51
C GLN E 87 72.96 -25.63 -5.95
N GLU E 88 71.63 -25.72 -6.18
CA GLU E 88 71.11 -26.12 -7.52
C GLU E 88 71.49 -25.04 -8.54
N LEU E 89 71.71 -23.80 -8.11
CA LEU E 89 71.95 -22.66 -9.03
C LEU E 89 73.46 -22.46 -9.30
N ARG E 90 74.32 -23.13 -8.53
CA ARG E 90 75.79 -22.94 -8.63
C ARG E 90 76.23 -22.93 -10.10
N PRO E 91 75.87 -23.91 -10.98
CA PRO E 91 76.32 -23.87 -12.38
C PRO E 91 75.93 -22.52 -13.04
N THR E 92 74.69 -22.06 -12.87
CA THR E 92 74.21 -20.76 -13.45
C THR E 92 74.96 -19.58 -12.83
N LEU E 93 75.18 -19.59 -11.52
CA LEU E 93 75.89 -18.49 -10.84
C LEU E 93 77.32 -18.38 -11.40
N ASN E 94 78.02 -19.50 -11.54
CA ASN E 94 79.40 -19.57 -12.07
C ASN E 94 79.38 -19.09 -13.52
N GLU E 95 78.46 -19.62 -14.33
CA GLU E 95 78.40 -19.25 -15.77
C GLU E 95 78.19 -17.73 -15.89
N LEU E 96 77.26 -17.14 -15.16
CA LEU E 96 76.86 -15.72 -15.34
C LEU E 96 77.68 -14.75 -14.45
N GLY E 97 78.56 -15.28 -13.61
CA GLY E 97 79.33 -14.49 -12.61
C GLY E 97 78.45 -13.76 -11.60
N ILE E 98 77.35 -14.40 -11.16
CA ILE E 98 76.49 -13.83 -10.10
C ILE E 98 77.08 -14.21 -8.75
N SER E 99 77.46 -13.22 -7.95
CA SER E 99 77.83 -13.40 -6.53
C SER E 99 76.55 -13.49 -5.70
N THR E 100 76.58 -14.35 -4.68
CA THR E 100 75.47 -14.48 -3.70
C THR E 100 75.50 -13.24 -2.81
N PRO E 101 74.36 -12.91 -2.18
CA PRO E 101 74.33 -11.88 -1.15
C PRO E 101 75.40 -12.11 -0.07
N GLU E 102 75.61 -13.39 0.27
CA GLU E 102 76.59 -13.77 1.30
C GLU E 102 78.01 -13.37 0.82
N GLU E 103 78.34 -13.70 -0.44
CA GLU E 103 79.67 -13.42 -1.04
C GLU E 103 79.89 -11.90 -1.09
N LEU E 104 78.82 -11.12 -1.15
CA LEU E 104 78.91 -9.64 -1.22
C LEU E 104 78.78 -9.01 0.18
N GLY E 105 78.60 -9.82 1.23
CA GLY E 105 78.42 -9.31 2.59
C GLY E 105 77.11 -8.56 2.78
N LEU E 106 76.14 -8.76 1.89
CA LEU E 106 74.80 -8.12 1.97
C LEU E 106 73.82 -8.87 2.90
N ASP E 107 74.25 -9.99 3.53
CA ASP E 107 73.54 -10.68 4.63
C ASP E 107 73.87 -10.06 6.01
N LYS E 108 74.76 -9.07 6.14
CA LYS E 108 75.20 -8.53 7.47
C LYS E 108 74.23 -7.45 7.98
N GLY F 3 -1.12 27.00 -25.93
CA GLY F 3 -0.80 27.62 -24.65
C GLY F 3 0.66 27.31 -24.33
N GLY F 4 1.55 28.30 -24.54
CA GLY F 4 3.02 28.21 -24.31
C GLY F 4 3.47 29.04 -23.08
N GLY F 5 4.65 29.67 -23.14
CA GLY F 5 5.10 30.64 -22.11
C GLY F 5 6.08 30.04 -21.10
N VAL F 6 6.43 28.76 -21.24
CA VAL F 6 7.46 28.10 -20.39
C VAL F 6 8.74 28.03 -21.23
N PRO F 7 9.87 28.60 -20.73
CA PRO F 7 11.13 28.53 -21.45
C PRO F 7 11.60 27.06 -21.50
N THR F 8 12.39 26.75 -22.54
CA THR F 8 13.10 25.47 -22.73
C THR F 8 14.52 25.60 -22.16
N ASP F 9 15.15 24.46 -21.92
CA ASP F 9 16.58 24.37 -21.61
C ASP F 9 17.39 25.07 -22.70
N GLU F 10 17.01 24.85 -23.96
CA GLU F 10 17.74 25.42 -25.11
C GLU F 10 17.69 26.94 -24.98
N GLU F 11 16.58 27.54 -24.55
CA GLU F 11 16.49 29.02 -24.43
C GLU F 11 17.21 29.49 -23.15
N GLN F 12 17.17 28.77 -22.06
CA GLN F 12 17.41 29.41 -20.74
C GLN F 12 18.50 28.71 -19.91
N ALA F 13 18.92 27.50 -20.25
CA ALA F 13 19.98 26.84 -19.46
C ALA F 13 21.24 27.68 -19.64
N THR F 14 22.05 27.76 -18.59
CA THR F 14 23.24 28.63 -18.57
C THR F 14 24.40 27.89 -17.90
N GLY F 15 25.59 28.52 -17.89
CA GLY F 15 26.73 28.06 -17.11
C GLY F 15 27.06 26.60 -17.43
N LEU F 16 27.42 25.83 -16.41
CA LEU F 16 27.94 24.46 -16.63
C LEU F 16 26.81 23.55 -17.16
N GLU F 17 25.58 23.79 -16.72
CA GLU F 17 24.41 23.01 -17.17
C GLU F 17 24.33 23.11 -18.70
N ARG F 18 24.42 24.34 -19.21
CA ARG F 18 24.38 24.56 -20.68
C ARG F 18 25.59 23.89 -21.34
N GLU F 19 26.78 24.00 -20.77
CA GLU F 19 28.01 23.43 -21.39
C GLU F 19 27.82 21.90 -21.50
N VAL F 20 27.27 21.28 -20.48
CA VAL F 20 27.03 19.80 -20.52
C VAL F 20 26.01 19.46 -21.60
N MET F 21 24.96 20.27 -21.70
N MET F 21 24.95 20.25 -21.72
CA MET F 21 23.81 20.10 -22.63
CA MET F 21 23.84 19.96 -22.67
C MET F 21 24.34 20.16 -24.07
C MET F 21 24.37 20.12 -24.10
N LEU F 22 25.14 21.19 -24.38
CA LEU F 22 25.63 21.43 -25.78
C LEU F 22 26.69 20.36 -26.09
N ALA F 23 27.49 19.94 -25.13
CA ALA F 23 28.53 18.95 -25.45
C ALA F 23 27.88 17.59 -25.76
N ALA F 24 26.85 17.20 -25.03
CA ALA F 24 26.13 15.92 -25.20
C ALA F 24 25.43 15.88 -26.57
N ARG F 25 24.91 16.98 -27.08
CA ARG F 25 24.30 17.01 -28.43
C ARG F 25 25.35 16.63 -29.47
N LYS F 26 26.62 17.01 -29.26
CA LYS F 26 27.76 16.70 -30.17
C LYS F 26 28.41 15.33 -29.87
N GLY F 27 27.86 14.54 -28.97
CA GLY F 27 28.44 13.27 -28.48
C GLY F 27 29.71 13.49 -27.68
N GLN F 28 29.90 14.63 -27.03
CA GLN F 28 31.21 14.89 -26.37
C GLN F 28 30.99 14.85 -24.85
N ASP F 29 32.02 14.55 -24.08
CA ASP F 29 31.89 14.35 -22.60
C ASP F 29 33.03 15.05 -21.87
N PRO F 30 33.17 16.40 -21.97
CA PRO F 30 34.23 17.14 -21.29
C PRO F 30 34.11 17.11 -19.75
N TYR F 31 32.93 16.82 -19.21
CA TYR F 31 32.77 16.81 -17.73
C TYR F 31 32.60 15.39 -17.20
N ASN F 32 33.06 14.40 -17.96
CA ASN F 32 33.35 13.05 -17.41
C ASN F 32 32.10 12.44 -16.79
N ILE F 33 30.99 12.55 -17.50
CA ILE F 33 29.70 12.02 -17.05
C ILE F 33 29.64 10.53 -17.39
N LEU F 34 30.30 10.10 -18.44
CA LEU F 34 30.18 8.69 -18.92
C LEU F 34 31.44 7.91 -18.50
N ALA F 35 31.28 6.59 -18.36
CA ALA F 35 32.44 5.70 -18.18
C ALA F 35 33.09 5.54 -19.53
N PRO F 36 34.41 5.75 -19.71
CA PRO F 36 35.03 5.42 -20.97
C PRO F 36 35.09 3.89 -21.20
N LYS F 37 35.06 3.53 -22.47
CA LYS F 37 35.02 2.13 -22.95
C LYS F 37 36.48 1.71 -23.17
N ALA F 38 36.96 0.63 -22.61
CA ALA F 38 38.38 0.16 -22.74
C ALA F 38 38.68 -0.17 -24.20
N THR F 39 39.91 0.04 -24.64
CA THR F 39 40.50 -0.65 -25.84
C THR F 39 41.01 -2.02 -25.41
N SER F 40 41.76 -2.71 -26.28
CA SER F 40 42.38 -4.01 -25.92
C SER F 40 43.49 -3.76 -24.90
N GLY F 41 43.97 -2.52 -24.79
CA GLY F 41 44.96 -2.12 -23.79
C GLY F 41 46.36 -2.65 -24.05
N THR F 42 46.72 -2.98 -25.29
CA THR F 42 48.11 -3.41 -25.69
C THR F 42 48.98 -2.16 -25.82
N LYS F 43 50.31 -2.32 -25.94
CA LYS F 43 51.21 -1.15 -26.21
C LYS F 43 50.80 -0.49 -27.53
N GLU F 44 50.27 -1.26 -28.49
CA GLU F 44 49.92 -0.77 -29.86
C GLU F 44 48.58 -0.05 -29.75
N ASP F 45 47.72 -0.50 -28.84
CA ASP F 45 46.33 0.00 -28.71
C ASP F 45 46.06 0.41 -27.27
N PRO F 46 46.79 1.42 -26.72
CA PRO F 46 46.63 1.80 -25.32
C PRO F 46 45.27 2.47 -25.09
N ASN F 47 44.77 2.36 -23.86
CA ASN F 47 43.60 3.14 -23.35
C ASN F 47 44.00 4.61 -23.35
N LEU F 48 43.19 5.46 -23.97
CA LEU F 48 43.61 6.85 -24.21
C LEU F 48 42.93 7.69 -23.14
N VAL F 49 43.74 8.27 -22.26
CA VAL F 49 43.23 9.03 -21.08
C VAL F 49 43.33 10.54 -21.32
N PRO F 50 42.19 11.22 -21.60
CA PRO F 50 42.20 12.68 -21.74
C PRO F 50 42.57 13.32 -20.41
N SER F 51 43.28 14.43 -20.47
CA SER F 51 43.58 15.24 -19.27
C SER F 51 43.63 16.70 -19.69
N ILE F 52 43.27 17.62 -18.78
CA ILE F 52 43.59 19.06 -18.99
C ILE F 52 44.94 19.39 -18.35
N THR F 53 45.69 18.43 -17.81
CA THR F 53 46.98 18.73 -17.15
C THR F 53 47.92 17.61 -17.62
N ASN F 54 49.08 17.45 -17.00
CA ASN F 54 50.12 16.49 -17.47
C ASN F 54 50.11 15.19 -16.68
N LYS F 55 49.10 15.01 -15.84
CA LYS F 55 48.93 13.73 -15.10
C LYS F 55 47.47 13.60 -14.65
N ARG F 56 46.99 12.37 -14.54
CA ARG F 56 45.61 12.10 -14.06
C ARG F 56 45.62 10.74 -13.39
N ILE F 57 44.80 10.58 -12.36
CA ILE F 57 44.68 9.29 -11.65
C ILE F 57 43.85 8.32 -12.49
N VAL F 58 44.41 7.12 -12.71
CA VAL F 58 43.69 6.02 -13.34
C VAL F 58 43.32 5.05 -12.24
N GLY F 59 42.11 4.53 -12.33
CA GLY F 59 41.63 3.38 -11.58
C GLY F 59 41.47 2.24 -12.55
N CYS F 60 42.11 1.11 -12.29
CA CYS F 60 42.02 -0.06 -13.21
C CYS F 60 41.25 -1.16 -12.51
N ILE F 61 40.08 -1.51 -13.05
CA ILE F 61 39.26 -2.70 -12.65
C ILE F 61 39.75 -3.84 -13.55
N CYS F 62 40.72 -4.59 -13.09
CA CYS F 62 41.60 -5.41 -13.98
C CYS F 62 40.77 -6.49 -14.68
N GLU F 63 39.85 -7.07 -13.94
CA GLU F 63 38.90 -8.07 -14.45
C GLU F 63 37.51 -7.67 -14.00
N GLU F 64 36.58 -8.07 -14.83
CA GLU F 64 35.16 -7.76 -14.62
C GLU F 64 34.78 -8.20 -13.21
N ASP F 65 34.16 -7.33 -12.46
CA ASP F 65 33.62 -7.74 -11.11
C ASP F 65 34.69 -7.86 -10.01
N ASN F 66 35.97 -7.61 -10.28
CA ASN F 66 36.94 -7.35 -9.20
C ASN F 66 36.30 -6.27 -8.30
N SER F 67 36.38 -6.44 -7.01
CA SER F 67 35.99 -5.40 -6.02
C SER F 67 37.17 -4.45 -5.79
N THR F 68 38.40 -4.90 -6.05
CA THR F 68 39.64 -4.14 -5.81
C THR F 68 39.94 -3.29 -7.06
N VAL F 69 39.94 -1.98 -6.94
CA VAL F 69 40.43 -1.03 -7.95
C VAL F 69 41.90 -0.68 -7.67
N ILE F 70 42.71 -0.66 -8.73
CA ILE F 70 44.15 -0.37 -8.68
C ILE F 70 44.36 1.05 -9.16
N TRP F 71 44.84 1.91 -8.26
CA TRP F 71 44.93 3.36 -8.53
C TRP F 71 46.38 3.78 -8.79
N PHE F 72 46.61 4.61 -9.81
CA PHE F 72 47.96 5.17 -10.04
C PHE F 72 47.87 6.46 -10.85
N TRP F 73 48.89 7.29 -10.72
CA TRP F 73 49.05 8.50 -11.55
C TRP F 73 49.57 8.09 -12.92
N LEU F 74 48.89 8.52 -13.96
CA LEU F 74 49.38 8.42 -15.34
C LEU F 74 49.90 9.81 -15.76
N HIS F 75 51.16 9.84 -16.16
CA HIS F 75 51.95 11.02 -16.58
C HIS F 75 51.98 11.11 -18.10
N LYS F 76 52.05 12.34 -18.62
CA LYS F 76 52.34 12.62 -20.03
C LYS F 76 53.64 11.91 -20.41
N GLY F 77 53.65 11.28 -21.58
CA GLY F 77 54.82 10.63 -22.19
C GLY F 77 54.51 9.20 -22.53
N GLU F 78 55.49 8.31 -22.38
CA GLU F 78 55.32 6.90 -22.81
C GLU F 78 54.15 6.27 -22.05
N ALA F 79 53.40 5.39 -22.72
CA ALA F 79 52.36 4.54 -22.07
C ALA F 79 52.91 3.86 -20.82
N GLN F 80 52.06 3.80 -19.80
CA GLN F 80 52.33 3.13 -18.53
C GLN F 80 51.36 1.96 -18.40
N ARG F 81 51.68 1.06 -17.48
CA ARG F 81 50.95 -0.21 -17.33
C ARG F 81 50.37 -0.26 -15.93
N CYS F 82 49.13 -0.72 -15.84
CA CYS F 82 48.54 -1.11 -14.54
C CYS F 82 49.49 -2.06 -13.84
N PRO F 83 49.88 -1.75 -12.59
CA PRO F 83 50.84 -2.57 -11.87
C PRO F 83 50.32 -3.95 -11.48
N SER F 84 49.02 -4.16 -11.62
CA SER F 84 48.35 -5.44 -11.31
C SER F 84 48.20 -6.27 -12.58
N CYS F 85 47.65 -5.74 -13.68
CA CYS F 85 47.27 -6.57 -14.86
C CYS F 85 48.15 -6.20 -16.10
N GLY F 86 48.98 -5.16 -16.03
CA GLY F 86 49.79 -4.71 -17.16
C GLY F 86 49.06 -4.01 -18.31
N THR F 87 47.73 -3.78 -18.21
N THR F 87 47.73 -3.82 -18.25
CA THR F 87 46.91 -3.02 -19.19
CA THR F 87 47.03 -3.13 -19.36
C THR F 87 47.58 -1.65 -19.44
C THR F 87 47.62 -1.73 -19.48
N HIS F 88 47.68 -1.23 -20.70
CA HIS F 88 48.42 0.00 -21.10
C HIS F 88 47.46 1.18 -21.11
N TYR F 89 47.93 2.32 -20.65
CA TYR F 89 47.21 3.62 -20.63
C TYR F 89 48.18 4.69 -21.11
N LYS F 90 47.69 5.59 -21.95
CA LYS F 90 48.49 6.73 -22.45
C LYS F 90 47.73 8.03 -22.21
N LEU F 91 48.39 9.03 -21.65
CA LEU F 91 47.77 10.35 -21.41
C LEU F 91 47.70 11.10 -22.74
N VAL F 92 46.55 11.73 -22.97
CA VAL F 92 46.37 12.61 -24.16
C VAL F 92 45.97 13.97 -23.57
N PRO F 93 46.93 14.81 -23.20
CA PRO F 93 46.61 16.12 -22.60
C PRO F 93 45.73 17.06 -23.48
N GLY G 12 -1.31 13.36 -19.69
CA GLY G 12 -1.35 14.56 -20.28
C GLY G 12 -1.95 15.50 -19.26
N ALA G 13 -1.58 16.75 -19.39
CA ALA G 13 -2.21 17.86 -18.70
C ALA G 13 -3.75 17.77 -18.87
N ARG G 14 -4.22 17.49 -20.09
CA ARG G 14 -5.65 17.56 -20.43
C ARG G 14 -6.42 16.58 -19.54
N THR G 15 -5.90 15.38 -19.41
CA THR G 15 -6.52 14.34 -18.59
C THR G 15 -6.54 14.77 -17.11
N TRP G 16 -5.42 15.25 -16.57
CA TRP G 16 -5.34 15.61 -15.12
C TRP G 16 -6.24 16.83 -14.83
N ARG G 17 -6.36 17.75 -15.77
CA ARG G 17 -7.35 18.85 -15.61
C ARG G 17 -8.78 18.27 -15.62
N PHE G 18 -9.08 17.39 -16.55
CA PHE G 18 -10.38 16.69 -16.63
C PHE G 18 -10.71 16.07 -15.25
N LEU G 19 -9.74 15.38 -14.64
CA LEU G 19 -9.93 14.79 -13.29
C LEU G 19 -10.08 15.89 -12.22
N THR G 20 -9.32 16.95 -12.33
CA THR G 20 -9.40 18.03 -11.33
C THR G 20 -10.83 18.57 -11.30
N PHE G 21 -11.33 19.00 -12.45
CA PHE G 21 -12.64 19.67 -12.55
C PHE G 21 -13.80 18.67 -12.60
N GLY G 22 -13.57 17.43 -13.06
CA GLY G 22 -14.65 16.48 -13.32
C GLY G 22 -14.93 15.58 -12.14
N LEU G 23 -13.95 15.38 -11.27
CA LEU G 23 -14.05 14.38 -10.19
C LEU G 23 -13.61 15.04 -8.89
N ALA G 24 -12.41 15.61 -8.84
CA ALA G 24 -11.78 16.04 -7.57
C ALA G 24 -12.55 17.25 -7.00
N LEU G 25 -12.75 18.30 -7.79
CA LEU G 25 -13.42 19.48 -7.18
C LEU G 25 -14.92 19.22 -6.97
N PRO G 26 -15.64 18.47 -7.85
CA PRO G 26 -17.00 18.05 -7.49
C PRO G 26 -17.09 17.27 -6.14
N SER G 27 -16.09 16.43 -5.84
CA SER G 27 -16.04 15.71 -4.55
C SER G 27 -15.95 16.70 -3.40
N VAL G 28 -15.08 17.68 -3.52
CA VAL G 28 -14.87 18.70 -2.47
C VAL G 28 -16.17 19.46 -2.31
N ALA G 29 -16.84 19.80 -3.38
CA ALA G 29 -18.14 20.55 -3.34
C ALA G 29 -19.22 19.70 -2.62
N LEU G 30 -19.28 18.41 -2.91
CA LEU G 30 -20.22 17.48 -2.25
C LEU G 30 -19.89 17.35 -0.76
N CYS G 31 -18.62 17.14 -0.39
CA CYS G 31 -18.26 17.03 1.05
C CYS G 31 -18.51 18.36 1.75
N THR G 32 -18.29 19.49 1.07
CA THR G 32 -18.53 20.85 1.63
C THR G 32 -20.02 20.98 1.97
N LEU G 33 -20.92 20.69 1.03
CA LEU G 33 -22.39 20.54 1.25
C LEU G 33 -22.67 19.61 2.45
N ASN G 34 -22.20 18.36 2.44
CA ASN G 34 -22.41 17.39 3.55
C ASN G 34 -22.00 18.08 4.87
N SER G 35 -20.82 18.68 4.97
CA SER G 35 -20.34 19.35 6.21
C SER G 35 -21.25 20.52 6.55
N TRP G 36 -21.57 21.35 5.57
CA TRP G 36 -22.49 22.51 5.68
C TRP G 36 -23.77 22.05 6.39
N LEU G 37 -24.30 20.90 5.97
CA LEU G 37 -25.67 20.46 6.35
C LEU G 37 -25.65 19.92 7.77
N HIS G 38 -24.55 19.37 8.24
CA HIS G 38 -24.42 18.72 9.56
C HIS G 38 -23.73 19.67 10.52
N SER G 39 -23.70 20.96 10.18
CA SER G 39 -23.01 21.94 11.03
C SER G 39 -24.06 22.44 12.03
N GLY G 40 -23.67 23.33 12.90
CA GLY G 40 -24.58 23.76 13.98
C GLY G 40 -24.25 23.02 15.25
N HIS G 41 -24.21 23.78 16.33
CA HIS G 41 -23.62 23.40 17.65
C HIS G 41 -24.46 22.26 18.26
N ARG G 42 -23.87 21.10 18.59
CA ARG G 42 -24.62 20.04 19.33
C ARG G 42 -24.60 20.43 20.83
N GLU G 43 -25.49 19.90 21.68
CA GLU G 43 -25.65 20.34 23.10
C GLU G 43 -24.50 19.77 23.94
N ARG G 44 -23.83 20.58 24.74
CA ARG G 44 -22.61 20.11 25.43
C ARG G 44 -23.01 19.17 26.56
N PRO G 45 -22.18 18.14 26.80
CA PRO G 45 -22.50 17.12 27.83
C PRO G 45 -22.24 17.63 29.25
N ALA G 46 -22.98 17.03 30.21
CA ALA G 46 -22.83 17.21 31.67
C ALA G 46 -21.31 17.18 31.96
N PHE G 47 -20.82 18.16 32.70
CA PHE G 47 -19.45 18.17 33.20
C PHE G 47 -19.31 17.07 34.24
N ILE G 48 -18.28 16.27 34.10
CA ILE G 48 -17.86 15.28 35.13
C ILE G 48 -16.35 15.44 35.28
N PRO G 49 -15.86 15.73 36.52
CA PRO G 49 -14.43 15.94 36.73
C PRO G 49 -13.57 14.64 36.71
N TYR G 50 -13.66 13.88 35.63
CA TYR G 50 -12.81 12.70 35.43
C TYR G 50 -11.33 13.08 35.55
N HIS G 51 -10.59 12.22 36.20
CA HIS G 51 -9.18 12.42 36.61
C HIS G 51 -8.25 12.14 35.44
N HIS G 52 -8.73 11.46 34.38
CA HIS G 52 -7.91 11.18 33.17
C HIS G 52 -8.02 12.31 32.15
N LEU G 53 -8.84 13.31 32.44
CA LEU G 53 -9.10 14.45 31.52
C LEU G 53 -8.74 15.76 32.23
N ARG G 54 -8.65 16.86 31.49
CA ARG G 54 -8.27 18.17 32.04
C ARG G 54 -6.98 18.04 32.82
N ILE G 55 -5.97 17.36 32.26
CA ILE G 55 -4.73 17.09 33.00
C ILE G 55 -4.03 18.42 33.27
N ARG G 56 -3.54 18.56 34.48
CA ARG G 56 -2.68 19.71 34.88
C ARG G 56 -1.52 19.18 35.73
N THR G 57 -0.39 18.86 35.15
CA THR G 57 0.83 18.54 35.89
C THR G 57 1.72 19.79 35.93
N LYS G 58 1.57 20.71 34.99
CA LYS G 58 2.36 21.97 35.06
C LYS G 58 1.50 23.05 34.43
N PRO G 59 1.50 24.29 34.93
CA PRO G 59 0.71 25.31 34.28
C PRO G 59 1.19 25.50 32.84
N PHE G 60 0.26 25.73 31.92
CA PHE G 60 0.56 26.16 30.54
C PHE G 60 1.33 27.49 30.60
N SER G 61 2.22 27.66 29.63
CA SER G 61 3.14 28.83 29.55
C SER G 61 2.45 30.04 28.96
N TRP G 62 1.13 30.16 28.96
CA TRP G 62 0.39 31.39 28.48
C TRP G 62 -0.82 31.61 29.40
N GLY G 63 -1.44 32.78 29.28
CA GLY G 63 -2.71 33.09 29.94
C GLY G 63 -2.57 32.88 31.43
N ASP G 64 -3.58 32.31 32.07
CA ASP G 64 -3.54 32.12 33.55
C ASP G 64 -2.95 30.73 33.82
N GLY G 65 -2.35 30.05 32.84
CA GLY G 65 -1.76 28.70 33.12
C GLY G 65 -2.79 27.58 33.10
N ASN G 66 -4.10 27.88 33.00
CA ASN G 66 -5.15 26.85 33.24
C ASN G 66 -6.05 26.66 32.00
N HIS G 67 -5.77 27.40 30.92
CA HIS G 67 -6.56 27.41 29.67
C HIS G 67 -5.71 26.74 28.59
N THR G 68 -6.29 25.84 27.84
CA THR G 68 -5.59 25.27 26.67
C THR G 68 -5.43 26.32 25.57
N PHE G 69 -4.55 26.01 24.64
CA PHE G 69 -4.13 26.99 23.61
C PHE G 69 -5.29 27.45 22.72
N PHE G 70 -6.21 26.56 22.39
N PHE G 70 -6.17 26.52 22.30
CA PHE G 70 -7.37 26.91 21.54
CA PHE G 70 -7.40 26.77 21.49
C PHE G 70 -8.63 26.62 22.38
C PHE G 70 -8.64 26.58 22.39
N HIS G 71 -8.55 27.06 23.64
CA HIS G 71 -9.68 27.02 24.62
C HIS G 71 -10.96 27.63 24.00
N ASN G 72 -12.05 26.86 24.01
CA ASN G 72 -13.37 27.28 23.52
C ASN G 72 -14.28 27.24 24.73
N PRO G 73 -14.67 28.40 25.32
CA PRO G 73 -15.48 28.39 26.51
C PRO G 73 -16.77 27.56 26.37
N ARG G 74 -17.35 27.49 25.18
CA ARG G 74 -18.66 26.81 24.96
C ARG G 74 -18.48 25.31 25.20
N VAL G 75 -17.35 24.71 24.88
CA VAL G 75 -17.25 23.21 24.79
C VAL G 75 -16.07 22.64 25.59
N ASN G 76 -15.14 23.46 26.08
CA ASN G 76 -13.95 23.02 26.87
C ASN G 76 -14.11 23.46 28.32
N PRO G 77 -14.54 22.58 29.22
CA PRO G 77 -14.53 22.88 30.65
C PRO G 77 -13.08 22.89 31.17
N LEU G 78 -12.88 23.70 32.19
CA LEU G 78 -11.67 23.74 33.06
C LEU G 78 -11.75 22.52 33.99
N PRO G 79 -10.65 22.21 34.70
CA PRO G 79 -10.68 21.19 35.76
C PRO G 79 -11.86 21.33 36.72
N THR G 80 -12.34 22.56 36.98
CA THR G 80 -13.45 22.85 37.93
C THR G 80 -14.80 22.94 37.19
N GLY G 81 -14.85 22.84 35.86
CA GLY G 81 -16.13 22.77 35.13
C GLY G 81 -16.17 23.88 34.11
N TYR G 82 -17.32 24.08 33.47
CA TYR G 82 -17.50 25.08 32.37
C TYR G 82 -17.39 26.47 32.98
N GLU G 83 -16.80 27.40 32.26
CA GLU G 83 -16.65 28.81 32.70
C GLU G 83 -18.01 29.52 32.86
N TYR H 11 -10.29 -20.95 50.34
CA TYR H 11 -9.56 -19.79 49.62
C TYR H 11 -8.21 -19.59 50.31
N GLN H 12 -7.11 -19.79 49.58
CA GLN H 12 -5.76 -19.32 49.96
C GLN H 12 -5.47 -18.01 49.20
N THR H 13 -5.32 -18.05 47.88
CA THR H 13 -5.13 -16.84 47.04
C THR H 13 -5.88 -17.03 45.75
N ALA H 14 -5.81 -16.01 44.91
CA ALA H 14 -6.47 -15.97 43.58
C ALA H 14 -5.82 -17.07 42.75
N PRO H 15 -6.58 -18.02 42.17
CA PRO H 15 -5.97 -18.99 41.28
C PRO H 15 -5.57 -18.34 39.94
N PHE H 16 -4.71 -19.05 39.23
CA PHE H 16 -4.42 -18.85 37.80
C PHE H 16 -5.75 -18.64 37.08
N ASP H 17 -5.77 -17.66 36.19
CA ASP H 17 -6.94 -17.29 35.37
C ASP H 17 -6.45 -17.23 33.92
N SER H 18 -6.97 -18.10 33.06
CA SER H 18 -6.43 -18.25 31.69
C SER H 18 -6.73 -16.99 30.88
N ARG H 19 -7.68 -16.16 31.32
CA ARG H 19 -7.96 -14.84 30.68
C ARG H 19 -6.75 -13.91 30.85
N PHE H 20 -5.94 -14.08 31.91
CA PHE H 20 -4.84 -13.16 32.24
C PHE H 20 -3.58 -13.98 32.50
N PRO H 21 -2.94 -14.57 31.46
CA PRO H 21 -1.89 -15.54 31.72
C PRO H 21 -0.49 -14.93 31.77
N ASN H 22 -0.39 -13.61 31.58
CA ASN H 22 0.94 -12.99 31.33
C ASN H 22 1.43 -12.17 32.53
N GLN H 23 2.58 -11.57 32.42
CA GLN H 23 3.29 -10.91 33.53
C GLN H 23 2.41 -9.72 33.97
N ASN H 24 1.76 -9.03 33.03
CA ASN H 24 0.95 -7.86 33.42
C ASN H 24 -0.42 -8.33 33.87
N GLN H 25 -0.67 -8.15 35.15
CA GLN H 25 -1.88 -8.59 35.88
C GLN H 25 -2.79 -7.40 36.15
N THR H 26 -2.51 -6.23 35.57
CA THR H 26 -3.38 -5.03 35.80
C THR H 26 -4.85 -5.37 35.50
N ARG H 27 -5.17 -5.99 34.36
CA ARG H 27 -6.57 -6.19 33.90
C ARG H 27 -7.27 -7.17 34.83
N ASN H 28 -6.53 -8.12 35.40
CA ASN H 28 -7.07 -9.15 36.32
C ASN H 28 -7.60 -8.45 37.57
N CYS H 29 -6.80 -7.60 38.17
CA CYS H 29 -7.18 -6.76 39.32
C CYS H 29 -8.42 -5.94 38.91
N TRP H 30 -8.34 -5.26 37.78
CA TRP H 30 -9.42 -4.35 37.31
C TRP H 30 -10.72 -5.14 37.08
N GLN H 31 -10.62 -6.23 36.35
CA GLN H 31 -11.80 -7.05 35.99
C GLN H 31 -12.50 -7.49 37.27
N ASN H 32 -11.77 -8.00 38.23
CA ASN H 32 -12.34 -8.54 39.49
C ASN H 32 -12.94 -7.41 40.33
N TYR H 33 -12.34 -6.22 40.32
CA TYR H 33 -12.90 -5.06 41.05
C TYR H 33 -14.24 -4.66 40.43
N LEU H 34 -14.28 -4.55 39.11
CA LEU H 34 -15.53 -4.27 38.34
C LEU H 34 -16.59 -5.33 38.66
N ASP H 35 -16.24 -6.64 38.49
CA ASP H 35 -17.16 -7.79 38.72
C ASP H 35 -17.74 -7.75 40.15
N PHE H 36 -16.92 -7.46 41.16
CA PHE H 36 -17.43 -7.35 42.54
C PHE H 36 -18.45 -6.22 42.61
N HIS H 37 -18.11 -5.04 42.09
CA HIS H 37 -18.98 -3.86 42.25
C HIS H 37 -20.23 -4.00 41.38
N ARG H 38 -20.15 -4.63 40.20
CA ARG H 38 -21.37 -4.87 39.35
C ARG H 38 -22.29 -5.85 40.10
N CYS H 39 -21.71 -6.89 40.67
CA CYS H 39 -22.50 -7.93 41.36
C CYS H 39 -23.16 -7.32 42.59
N GLU H 40 -22.42 -6.51 43.33
CA GLU H 40 -22.92 -5.85 44.55
C GLU H 40 -24.06 -4.90 44.18
N LYS H 41 -23.96 -4.22 43.02
CA LYS H 41 -25.04 -3.33 42.59
C LYS H 41 -26.29 -4.18 42.26
N ALA H 42 -26.12 -5.20 41.43
CA ALA H 42 -27.18 -6.15 41.02
C ALA H 42 -27.89 -6.68 42.27
N MET H 43 -27.14 -7.07 43.33
CA MET H 43 -27.67 -7.73 44.56
C MET H 43 -28.33 -6.70 45.51
N THR H 44 -27.83 -5.48 45.64
CA THR H 44 -28.40 -4.43 46.56
C THR H 44 -29.73 -3.87 46.02
N ALA H 45 -29.78 -3.74 44.69
CA ALA H 45 -30.91 -3.22 43.93
C ALA H 45 -32.12 -4.12 44.22
N LYS H 46 -32.06 -5.43 43.95
CA LYS H 46 -33.22 -6.32 44.28
C LYS H 46 -33.29 -6.55 45.81
N GLY H 47 -32.42 -5.91 46.60
CA GLY H 47 -32.32 -6.13 48.06
C GLY H 47 -31.83 -7.53 48.40
N GLY H 48 -31.33 -8.28 47.37
CA GLY H 48 -30.78 -9.66 47.39
C GLY H 48 -29.53 -9.78 48.24
N ASP H 49 -28.69 -10.82 48.08
CA ASP H 49 -27.56 -11.05 49.05
C ASP H 49 -26.16 -10.85 48.42
N VAL H 50 -25.40 -9.88 48.94
CA VAL H 50 -24.03 -9.50 48.44
C VAL H 50 -23.04 -10.67 48.67
N SER H 51 -23.38 -11.68 49.46
CA SER H 51 -22.54 -12.88 49.67
C SER H 51 -22.30 -13.63 48.36
N VAL H 52 -23.18 -13.57 47.36
CA VAL H 52 -22.96 -14.26 46.05
C VAL H 52 -21.76 -13.64 45.34
N CYS H 53 -21.39 -12.41 45.69
CA CYS H 53 -20.32 -11.60 45.05
C CYS H 53 -18.93 -11.90 45.67
N GLU H 54 -18.90 -12.73 46.70
CA GLU H 54 -17.71 -12.95 47.59
C GLU H 54 -16.48 -13.36 46.77
N TRP H 55 -16.62 -14.21 45.76
CA TRP H 55 -15.41 -14.68 45.04
C TRP H 55 -14.67 -13.49 44.41
N TYR H 56 -15.39 -12.62 43.71
CA TYR H 56 -14.82 -11.40 43.08
C TYR H 56 -14.13 -10.54 44.15
N ARG H 57 -14.78 -10.40 45.30
CA ARG H 57 -14.23 -9.59 46.41
C ARG H 57 -12.86 -10.14 46.84
N ARG H 58 -12.76 -11.46 47.08
CA ARG H 58 -11.53 -12.11 47.57
C ARG H 58 -10.44 -11.94 46.51
N VAL H 59 -10.77 -12.08 45.25
CA VAL H 59 -9.74 -12.04 44.17
C VAL H 59 -9.20 -10.60 44.06
N TYR H 60 -10.08 -9.60 43.98
CA TYR H 60 -9.56 -8.22 43.81
C TYR H 60 -8.77 -7.80 45.04
N LYS H 61 -9.14 -8.25 46.25
CA LYS H 61 -8.45 -7.85 47.49
C LYS H 61 -7.06 -8.48 47.51
N SER H 62 -6.93 -9.74 47.05
CA SER H 62 -5.65 -10.44 46.89
C SER H 62 -4.75 -9.70 45.89
N LEU H 63 -5.26 -9.35 44.69
CA LEU H 63 -4.40 -8.90 43.57
C LEU H 63 -4.15 -7.39 43.59
N CYS H 64 -5.14 -6.61 43.98
CA CYS H 64 -5.13 -5.15 43.71
C CYS H 64 -4.34 -4.44 44.77
N PRO H 65 -3.38 -3.57 44.39
CA PRO H 65 -2.77 -2.65 45.34
C PRO H 65 -3.81 -1.86 46.14
N ILE H 66 -3.58 -1.73 47.45
CA ILE H 66 -4.44 -0.96 48.39
C ILE H 66 -4.76 0.44 47.79
N SER H 67 -3.76 1.15 47.27
CA SER H 67 -3.91 2.54 46.75
C SER H 67 -4.80 2.55 45.50
N TRP H 68 -4.82 1.48 44.70
CA TRP H 68 -5.70 1.43 43.50
C TRP H 68 -7.16 1.32 43.96
N VAL H 69 -7.44 0.39 44.86
CA VAL H 69 -8.80 0.14 45.41
C VAL H 69 -9.28 1.44 46.06
N SER H 70 -8.43 2.05 46.84
CA SER H 70 -8.73 3.26 47.63
C SER H 70 -9.12 4.39 46.65
N THR H 71 -8.33 4.57 45.59
CA THR H 71 -8.57 5.60 44.55
C THR H 71 -9.86 5.30 43.77
N TRP H 72 -10.03 4.06 43.35
CA TRP H 72 -11.26 3.61 42.65
C TRP H 72 -12.49 3.82 43.55
N ASP H 73 -12.45 3.44 44.84
CA ASP H 73 -13.60 3.65 45.76
C ASP H 73 -13.91 5.15 45.87
N ASP H 74 -12.89 5.98 46.02
CA ASP H 74 -13.07 7.45 46.13
C ASP H 74 -13.77 7.98 44.87
N ARG H 75 -13.37 7.48 43.69
CA ARG H 75 -13.90 7.92 42.38
C ARG H 75 -15.34 7.44 42.23
N ARG H 76 -15.67 6.21 42.63
CA ARG H 76 -17.11 5.77 42.62
C ARG H 76 -17.95 6.73 43.47
N ALA H 77 -17.49 7.13 44.65
CA ALA H 77 -18.23 8.04 45.55
C ALA H 77 -18.33 9.43 44.94
N GLU H 78 -17.31 9.85 44.21
CA GLU H 78 -17.22 11.22 43.60
C GLU H 78 -18.07 11.32 42.34
N GLY H 79 -18.37 10.19 41.72
CA GLY H 79 -19.01 10.02 40.41
C GLY H 79 -18.03 10.18 39.25
N THR H 80 -16.75 9.88 39.44
CA THR H 80 -15.69 10.06 38.41
C THR H 80 -15.04 8.70 38.09
N PHE H 81 -15.62 7.60 38.55
CA PHE H 81 -15.11 6.26 38.18
C PHE H 81 -15.39 6.03 36.70
N PRO H 82 -14.37 5.77 35.85
CA PRO H 82 -14.57 5.72 34.39
C PRO H 82 -15.03 4.37 33.81
N GLY H 83 -14.97 3.33 34.64
CA GLY H 83 -15.51 2.03 34.25
C GLY H 83 -17.02 1.98 34.43
N LYS H 84 -17.67 1.04 33.78
CA LYS H 84 -19.13 0.86 33.80
C LYS H 84 -19.47 -0.09 34.94
N ILE H 85 -20.23 0.39 35.90
CA ILE H 85 -20.80 -0.42 37.00
C ILE H 85 -22.32 -0.31 36.94
N ALA I 3 76.04 -32.91 -0.95
CA ALA I 3 74.80 -32.32 -1.55
C ALA I 3 73.62 -32.43 -0.56
N LEU I 4 72.84 -31.37 -0.54
CA LEU I 4 71.66 -31.18 0.31
C LEU I 4 70.44 -31.82 -0.40
N ALA I 5 69.59 -32.52 0.37
CA ALA I 5 68.27 -33.01 -0.13
C ALA I 5 67.33 -31.84 -0.48
N LYS I 6 66.51 -32.03 -1.53
CA LYS I 6 65.42 -31.13 -1.90
C LYS I 6 64.36 -31.15 -0.79
N PRO I 7 64.17 -30.00 -0.12
CA PRO I 7 63.16 -29.89 0.92
C PRO I 7 61.82 -29.50 0.26
N GLN I 8 60.75 -29.61 1.04
CA GLN I 8 59.44 -29.10 0.66
C GLN I 8 59.58 -27.58 0.52
N MET I 9 59.10 -27.06 -0.60
CA MET I 9 59.23 -25.63 -0.98
C MET I 9 57.88 -24.98 -1.20
N ARG I 10 56.79 -25.76 -1.32
CA ARG I 10 55.44 -25.24 -1.72
C ARG I 10 54.44 -25.39 -0.57
N GLY I 11 53.56 -24.40 -0.42
CA GLY I 11 52.44 -24.48 0.54
C GLY I 11 52.90 -24.55 1.98
N LEU I 12 54.05 -23.97 2.33
CA LEU I 12 54.55 -23.99 3.73
C LEU I 12 53.59 -23.21 4.67
N LEU I 13 52.99 -22.11 4.21
CA LEU I 13 52.08 -21.36 5.12
C LEU I 13 50.81 -22.18 5.36
N ALA I 14 50.26 -22.77 4.29
CA ALA I 14 49.00 -23.58 4.30
C ALA I 14 49.23 -24.79 5.18
N ARG I 15 50.44 -25.34 5.12
CA ARG I 15 50.74 -26.55 5.92
C ARG I 15 50.81 -26.15 7.41
N ARG I 16 51.49 -25.05 7.72
CA ARG I 16 51.56 -24.57 9.12
C ARG I 16 50.14 -24.37 9.66
N LEU I 17 49.26 -23.82 8.82
CA LEU I 17 47.89 -23.45 9.25
C LEU I 17 47.12 -24.72 9.55
N ARG I 18 47.10 -25.64 8.60
CA ARG I 18 46.41 -26.94 8.76
C ARG I 18 46.88 -27.57 10.08
N PHE I 19 48.19 -27.68 10.29
CA PHE I 19 48.73 -28.31 11.52
C PHE I 19 48.14 -27.58 12.76
N HIS I 20 48.17 -26.26 12.79
CA HIS I 20 47.83 -25.53 14.03
C HIS I 20 46.31 -25.45 14.25
N ILE I 21 45.51 -25.51 13.19
CA ILE I 21 44.05 -25.43 13.41
C ILE I 21 43.61 -26.75 14.02
N VAL I 22 44.20 -27.85 13.57
CA VAL I 22 43.95 -29.19 14.19
C VAL I 22 44.40 -29.16 15.66
N GLY I 23 45.60 -28.67 15.95
CA GLY I 23 46.07 -28.47 17.33
C GLY I 23 45.11 -27.62 18.13
N ALA I 24 44.57 -26.54 17.57
CA ALA I 24 43.61 -25.71 18.30
C ALA I 24 42.32 -26.52 18.58
N PHE I 25 41.77 -27.19 17.58
CA PHE I 25 40.61 -28.10 17.82
C PHE I 25 40.97 -28.99 19.02
N MET I 26 42.14 -29.61 19.03
CA MET I 26 42.42 -30.75 19.95
C MET I 26 42.44 -30.16 21.37
N VAL I 27 43.08 -29.00 21.49
CA VAL I 27 43.14 -28.27 22.80
C VAL I 27 41.71 -27.92 23.20
N SER I 28 40.88 -27.35 22.32
CA SER I 28 39.46 -26.96 22.61
C SER I 28 38.69 -28.16 23.22
N LEU I 29 38.80 -29.34 22.63
CA LEU I 29 38.24 -30.58 23.24
C LEU I 29 38.86 -30.89 24.62
N GLY I 30 40.19 -30.88 24.80
CA GLY I 30 40.81 -31.04 26.13
C GLY I 30 40.30 -29.99 27.12
N PHE I 31 40.16 -28.72 26.74
CA PHE I 31 39.67 -27.71 27.72
C PHE I 31 38.22 -28.05 28.11
N ALA I 32 37.38 -28.31 27.10
CA ALA I 32 35.95 -28.62 27.36
C ALA I 32 35.91 -29.79 28.37
N THR I 33 36.66 -30.88 28.15
CA THR I 33 36.63 -32.02 29.13
C THR I 33 37.00 -31.50 30.52
N PHE I 34 38.14 -30.80 30.63
CA PHE I 34 38.60 -30.18 31.91
C PHE I 34 37.49 -29.27 32.50
N TYR I 35 36.78 -28.51 31.65
CA TYR I 35 35.87 -27.48 32.23
C TYR I 35 34.58 -28.14 32.69
N LYS I 36 34.21 -29.23 32.01
CA LYS I 36 33.07 -30.11 32.37
C LYS I 36 33.28 -30.70 33.77
N PHE I 37 34.54 -31.06 34.07
CA PHE I 37 34.99 -31.72 35.31
C PHE I 37 35.24 -30.67 36.38
N ALA I 38 35.94 -29.57 36.12
CA ALA I 38 36.34 -28.65 37.21
C ALA I 38 35.24 -27.65 37.54
N VAL I 39 34.28 -27.37 36.64
CA VAL I 39 33.28 -26.31 36.93
C VAL I 39 31.86 -26.89 36.85
N ALA I 40 31.41 -27.33 35.70
CA ALA I 40 29.99 -27.69 35.46
C ALA I 40 29.56 -28.89 36.31
N GLU I 41 30.29 -29.99 36.24
CA GLU I 41 29.98 -31.23 37.00
C GLU I 41 30.19 -30.99 38.49
N LYS I 42 31.30 -30.35 38.85
CA LYS I 42 31.56 -29.98 40.26
C LYS I 42 30.32 -29.26 40.80
N ARG I 43 29.73 -28.35 40.04
CA ARG I 43 28.58 -27.59 40.55
C ARG I 43 27.34 -28.49 40.70
N LYS I 44 27.08 -29.36 39.72
CA LYS I 44 25.94 -30.34 39.75
C LYS I 44 26.11 -31.21 40.99
N LYS I 45 27.33 -31.62 41.28
CA LYS I 45 27.58 -32.58 42.39
C LYS I 45 27.48 -31.84 43.74
N ALA I 46 27.96 -30.61 43.84
CA ALA I 46 27.87 -29.82 45.09
C ALA I 46 26.39 -29.62 45.44
N TYR I 47 25.53 -29.24 44.47
CA TYR I 47 24.07 -29.02 44.71
C TYR I 47 23.39 -30.36 45.08
N ALA I 48 23.67 -31.44 44.33
CA ALA I 48 23.07 -32.76 44.61
C ALA I 48 23.47 -33.22 46.02
N ASP I 49 24.77 -33.14 46.37
CA ASP I 49 25.30 -33.57 47.69
C ASP I 49 24.71 -32.67 48.78
N PHE I 50 24.56 -31.36 48.52
CA PHE I 50 23.99 -30.48 49.56
C PHE I 50 22.55 -30.96 49.88
N TYR I 51 21.71 -31.21 48.86
CA TYR I 51 20.25 -31.39 49.08
C TYR I 51 19.92 -32.85 49.37
N ARG I 52 20.84 -33.79 49.15
CA ARG I 52 20.51 -35.24 49.26
C ARG I 52 19.87 -35.55 50.62
N ASN I 53 20.50 -35.15 51.74
CA ASN I 53 19.96 -35.36 53.10
C ASN I 53 19.71 -34.02 53.79
N TYR I 54 19.56 -32.93 53.05
CA TYR I 54 19.27 -31.59 53.63
C TYR I 54 17.99 -31.64 54.46
N ASP I 55 18.05 -31.19 55.70
CA ASP I 55 16.85 -31.04 56.56
C ASP I 55 16.56 -29.53 56.74
N SER I 56 15.59 -28.99 56.01
CA SER I 56 15.25 -27.53 56.00
C SER I 56 14.79 -27.08 57.41
N MET I 57 14.09 -27.95 58.18
CA MET I 57 13.60 -27.60 59.53
C MET I 57 14.78 -27.49 60.51
N LYS I 58 15.73 -28.41 60.42
CA LYS I 58 16.95 -28.36 61.24
C LYS I 58 17.77 -27.11 60.89
N ASP I 59 17.95 -26.79 59.60
CA ASP I 59 18.61 -25.55 59.14
C ASP I 59 17.89 -24.33 59.79
N PHE I 60 16.57 -24.28 59.69
CA PHE I 60 15.78 -23.20 60.32
C PHE I 60 16.05 -23.13 61.83
N GLU I 61 16.00 -24.25 62.53
CA GLU I 61 16.19 -24.30 64.01
C GLU I 61 17.57 -23.73 64.36
N GLU I 62 18.60 -24.05 63.61
CA GLU I 62 19.96 -23.53 63.84
C GLU I 62 19.95 -22.02 63.63
N MET I 63 19.34 -21.55 62.57
CA MET I 63 19.29 -20.10 62.29
C MET I 63 18.52 -19.39 63.42
N ARG I 64 17.40 -19.98 63.81
CA ARG I 64 16.52 -19.41 64.87
C ARG I 64 17.31 -19.24 66.18
N LYS I 65 17.99 -20.30 66.62
CA LYS I 65 18.76 -20.33 67.89
C LYS I 65 19.96 -19.38 67.81
N ALA I 66 20.49 -19.11 66.62
CA ALA I 66 21.53 -18.10 66.43
C ALA I 66 20.96 -16.67 66.49
N GLY I 67 19.65 -16.44 66.53
CA GLY I 67 19.03 -15.10 66.70
C GLY I 67 18.91 -14.33 65.38
N ILE I 68 18.93 -14.97 64.22
CA ILE I 68 18.98 -14.16 62.98
C ILE I 68 17.63 -13.56 62.59
N PHE I 69 16.49 -14.09 63.05
CA PHE I 69 15.15 -13.80 62.46
C PHE I 69 14.41 -12.72 63.24
N GLN I 70 13.65 -11.89 62.53
CA GLN I 70 12.65 -10.99 63.12
C GLN I 70 11.41 -11.78 63.57
N SER I 71 11.05 -12.83 62.83
CA SER I 71 9.74 -13.54 62.97
C SER I 71 9.82 -14.76 63.90
N ALA I 72 10.99 -15.18 64.37
CA ALA I 72 11.11 -16.44 65.17
C ALA I 72 12.05 -16.29 66.39
N PHE J 1 3.61 39.04 -16.74
CA PHE J 1 5.01 39.40 -16.42
C PHE J 1 5.86 39.01 -17.62
N GLU J 2 7.06 39.57 -17.67
CA GLU J 2 8.03 39.29 -18.74
C GLU J 2 9.16 38.44 -18.16
N ASN J 3 9.80 37.69 -19.03
CA ASN J 3 10.86 36.75 -18.59
C ASN J 3 12.15 37.57 -18.49
N ARG J 4 12.61 37.87 -17.29
CA ARG J 4 13.85 38.64 -17.06
C ARG J 4 14.95 37.74 -16.47
N VAL J 5 14.86 36.45 -16.67
CA VAL J 5 15.90 35.52 -16.15
C VAL J 5 17.26 35.85 -16.80
N ALA J 6 17.36 36.19 -18.09
CA ALA J 6 18.66 36.43 -18.78
C ALA J 6 19.40 37.57 -18.05
N GLU J 7 18.66 38.59 -17.60
CA GLU J 7 19.29 39.76 -16.93
C GLU J 7 19.79 39.33 -15.54
N LYS J 8 19.07 38.47 -14.80
CA LYS J 8 19.58 37.91 -13.52
C LYS J 8 20.73 36.94 -13.77
N GLN J 9 20.74 36.23 -14.91
CA GLN J 9 21.91 35.37 -15.24
C GLN J 9 23.16 36.24 -15.42
N LYS J 10 23.02 37.37 -16.09
CA LYS J 10 24.17 38.28 -16.34
C LYS J 10 24.69 38.78 -14.97
N LEU J 11 23.78 39.18 -14.08
CA LEU J 11 24.17 39.79 -12.77
C LEU J 11 24.94 38.76 -11.94
N PHE J 12 24.41 37.56 -11.83
CA PHE J 12 25.01 36.53 -10.93
C PHE J 12 26.22 35.86 -11.58
N GLN J 13 26.50 36.05 -12.86
CA GLN J 13 27.73 35.49 -13.47
C GLN J 13 28.78 36.57 -13.67
N GLU J 14 28.52 37.80 -13.20
CA GLU J 14 29.47 38.91 -13.39
C GLU J 14 30.78 38.51 -12.68
N ASP J 15 31.91 38.82 -13.28
CA ASP J 15 33.26 38.36 -12.81
C ASP J 15 33.80 39.30 -11.72
N ASN J 16 33.19 39.32 -10.54
CA ASN J 16 33.50 40.37 -9.54
C ASN J 16 34.03 39.68 -8.27
N GLY J 17 34.24 38.37 -8.27
CA GLY J 17 34.76 37.66 -7.09
C GLY J 17 33.74 37.57 -5.94
N LEU J 18 32.54 38.15 -6.01
CA LEU J 18 31.63 38.08 -4.85
C LEU J 18 31.11 36.65 -4.69
N PRO J 19 30.96 36.22 -3.43
CA PRO J 19 30.24 34.97 -3.16
C PRO J 19 28.74 35.15 -3.43
N VAL J 20 28.10 34.04 -3.72
CA VAL J 20 26.69 34.03 -4.19
C VAL J 20 25.80 34.74 -3.17
N HIS J 21 26.08 34.65 -1.88
CA HIS J 21 25.19 35.25 -0.85
C HIS J 21 25.29 36.78 -0.87
N LEU J 22 26.25 37.38 -1.57
CA LEU J 22 26.44 38.87 -1.60
C LEU J 22 26.34 39.38 -3.03
N LYS J 23 26.12 38.50 -4.00
CA LYS J 23 26.31 38.87 -5.43
C LYS J 23 25.10 39.67 -5.97
N GLY J 24 24.01 39.74 -5.23
CA GLY J 24 22.82 40.52 -5.63
C GLY J 24 23.04 42.01 -5.43
N GLY J 25 24.02 42.42 -4.63
CA GLY J 25 24.32 43.86 -4.37
C GLY J 25 24.13 44.23 -2.90
N ALA J 26 24.03 45.50 -2.63
CA ALA J 26 24.15 46.06 -1.26
C ALA J 26 23.07 45.49 -0.33
N THR J 27 21.88 45.20 -0.85
CA THR J 27 20.76 44.66 -0.04
C THR J 27 21.20 43.32 0.57
N ASP J 28 22.00 42.52 -0.14
CA ASP J 28 22.43 41.22 0.42
C ASP J 28 23.27 41.50 1.67
N ASN J 29 24.15 42.50 1.58
CA ASN J 29 25.11 42.83 2.67
C ASN J 29 24.28 43.25 3.86
N ILE J 30 23.30 44.11 3.66
CA ILE J 30 22.42 44.54 4.78
C ILE J 30 21.74 43.32 5.41
N LEU J 31 21.07 42.50 4.61
CA LEU J 31 20.31 41.37 5.20
C LEU J 31 21.28 40.40 5.91
N TYR J 32 22.49 40.22 5.36
CA TYR J 32 23.55 39.38 5.98
C TYR J 32 23.90 39.99 7.35
N ARG J 33 24.18 41.30 7.37
CA ARG J 33 24.57 41.97 8.64
C ARG J 33 23.43 41.89 9.67
N VAL J 34 22.18 42.04 9.26
CA VAL J 34 21.03 41.89 10.19
C VAL J 34 21.02 40.44 10.71
N THR J 35 21.15 39.49 9.82
CA THR J 35 21.05 38.07 10.23
C THR J 35 22.15 37.75 11.26
N MET J 36 23.40 38.07 10.92
CA MET J 36 24.56 37.68 11.76
C MET J 36 24.49 38.45 13.10
N THR J 37 24.08 39.72 13.10
CA THR J 37 23.92 40.51 14.34
C THR J 37 22.87 39.86 15.26
N LEU J 38 21.68 39.54 14.74
CA LEU J 38 20.64 38.86 15.53
C LEU J 38 21.20 37.52 16.04
N CYS J 39 21.88 36.76 15.21
CA CYS J 39 22.40 35.46 15.66
C CYS J 39 23.43 35.65 16.78
N LEU J 40 24.43 36.50 16.56
CA LEU J 40 25.56 36.64 17.54
C LEU J 40 25.04 37.30 18.81
N GLY J 41 24.25 38.37 18.67
CA GLY J 41 23.65 39.03 19.82
C GLY J 41 22.72 38.09 20.57
N GLY J 42 21.87 37.36 19.84
CA GLY J 42 20.95 36.40 20.45
C GLY J 42 21.76 35.34 21.20
N THR J 43 22.91 34.94 20.64
CA THR J 43 23.73 33.89 21.28
C THR J 43 24.31 34.47 22.57
N LEU J 44 24.83 35.70 22.52
CA LEU J 44 25.40 36.28 23.75
C LEU J 44 24.28 36.34 24.78
N TYR J 45 23.05 36.63 24.38
CA TYR J 45 21.92 36.78 25.34
C TYR J 45 21.56 35.41 25.90
N SER J 46 21.68 34.36 25.09
CA SER J 46 21.39 33.00 25.63
C SER J 46 22.42 32.67 26.71
N LEU J 47 23.69 33.07 26.53
CA LEU J 47 24.77 32.86 27.53
C LEU J 47 24.47 33.62 28.82
N TYR J 48 24.01 34.86 28.71
CA TYR J 48 23.59 35.64 29.88
C TYR J 48 22.47 34.89 30.63
N CYS J 49 21.44 34.45 29.88
CA CYS J 49 20.29 33.67 30.37
C CYS J 49 20.79 32.39 31.04
N LEU J 50 21.77 31.70 30.49
CA LEU J 50 22.34 30.51 31.20
C LEU J 50 22.99 30.94 32.52
N GLY J 51 23.78 32.02 32.49
CA GLY J 51 24.43 32.56 33.69
C GLY J 51 23.39 32.81 34.75
N TRP J 52 22.28 33.45 34.36
CA TRP J 52 21.19 33.79 35.30
C TRP J 52 20.57 32.50 35.84
N ALA J 53 20.19 31.60 34.97
CA ALA J 53 19.45 30.36 35.37
C ALA J 53 20.35 29.40 36.14
N SER J 54 21.66 29.59 36.11
CA SER J 54 22.62 28.64 36.73
C SER J 54 22.68 28.79 38.25
N PHE J 55 22.11 29.87 38.82
CA PHE J 55 22.01 30.12 40.30
C PHE J 55 20.55 30.28 40.70
N PRO J 56 20.18 29.96 41.97
CA PRO J 56 18.76 30.03 42.43
C PRO J 56 18.15 31.45 42.56
N ALA K 6 74.93 3.08 13.06
CA ALA K 6 75.12 3.92 14.30
C ALA K 6 74.07 3.47 15.34
N PRO K 7 74.44 3.31 16.63
CA PRO K 7 73.46 2.94 17.67
C PRO K 7 72.33 3.98 17.83
N ASP K 8 71.07 3.53 17.88
CA ASP K 8 69.94 4.47 18.09
C ASP K 8 69.62 4.60 19.59
N PHE K 9 68.56 5.35 19.87
CA PHE K 9 68.06 5.62 21.24
C PHE K 9 67.90 4.28 22.00
N HIS K 10 67.31 3.28 21.35
CA HIS K 10 66.97 1.97 21.98
C HIS K 10 68.24 1.18 22.30
N ASP K 11 69.20 1.16 21.39
CA ASP K 11 70.54 0.54 21.61
C ASP K 11 71.21 1.19 22.83
N LYS K 12 71.14 2.52 22.95
CA LYS K 12 71.86 3.28 23.99
C LYS K 12 71.07 3.21 25.30
N TYR K 13 69.75 3.37 25.31
CA TYR K 13 69.05 3.60 26.60
C TYR K 13 68.01 2.53 26.93
N GLY K 14 67.75 1.60 26.01
CA GLY K 14 66.67 0.60 26.13
C GLY K 14 66.82 -0.21 27.41
N ASN K 15 68.01 -0.72 27.70
CA ASN K 15 68.25 -1.57 28.89
C ASN K 15 67.91 -0.77 30.16
N ALA K 16 68.39 0.47 30.23
CA ALA K 16 68.18 1.35 31.40
C ALA K 16 66.69 1.72 31.48
N VAL K 17 66.02 1.93 30.36
CA VAL K 17 64.57 2.34 30.42
C VAL K 17 63.79 1.12 30.91
N LEU K 18 64.13 -0.09 30.43
CA LEU K 18 63.39 -1.30 30.85
C LEU K 18 63.59 -1.58 32.36
N ALA K 19 64.85 -1.61 32.83
CA ALA K 19 65.21 -1.95 34.22
C ALA K 19 64.61 -0.92 35.18
N SER K 20 64.82 0.38 34.94
CA SER K 20 64.31 1.52 35.78
C SER K 20 62.78 1.57 35.82
N GLY K 21 62.14 1.49 34.66
CA GLY K 21 60.67 1.49 34.56
C GLY K 21 60.07 0.33 35.34
N ALA K 22 60.59 -0.90 35.16
CA ALA K 22 60.11 -2.09 35.90
C ALA K 22 60.28 -1.88 37.40
N THR K 23 61.48 -1.51 37.84
CA THR K 23 61.80 -1.33 39.28
C THR K 23 60.84 -0.28 39.85
N PHE K 24 60.74 0.85 39.18
CA PHE K 24 59.91 1.96 39.67
C PHE K 24 58.45 1.49 39.77
N CYS K 25 57.96 0.88 38.70
CA CYS K 25 56.54 0.47 38.63
C CYS K 25 56.23 -0.49 39.79
N VAL K 26 57.02 -1.53 39.95
CA VAL K 26 56.81 -2.49 41.06
C VAL K 26 56.85 -1.76 42.41
N ALA K 27 57.89 -0.99 42.65
CA ALA K 27 58.10 -0.32 43.95
C ALA K 27 56.87 0.52 44.30
N VAL K 28 56.38 1.33 43.37
CA VAL K 28 55.36 2.34 43.75
C VAL K 28 54.00 1.64 43.88
N TRP K 29 53.73 0.63 43.07
CA TRP K 29 52.46 -0.13 43.20
C TRP K 29 52.46 -0.94 44.51
N VAL K 30 53.60 -1.54 44.89
CA VAL K 30 53.71 -2.29 46.18
C VAL K 30 53.47 -1.27 47.32
N TYR K 31 54.10 -0.12 47.29
CA TYR K 31 53.89 0.92 48.32
C TYR K 31 52.40 1.35 48.38
N MET K 32 51.81 1.67 47.24
CA MET K 32 50.40 2.10 47.19
C MET K 32 49.52 0.98 47.78
N ALA K 33 49.82 -0.26 47.46
CA ALA K 33 48.92 -1.38 47.78
C ALA K 33 48.98 -1.74 49.27
N THR K 34 50.07 -1.41 49.98
CA THR K 34 50.35 -2.00 51.31
C THR K 34 50.63 -0.93 52.36
N GLN K 35 50.92 0.32 52.02
CA GLN K 35 51.49 1.26 53.04
C GLN K 35 50.58 2.45 53.27
N ILE K 36 49.48 2.65 52.56
CA ILE K 36 48.79 3.96 52.70
C ILE K 36 47.36 3.76 53.24
N GLY K 37 47.00 2.60 53.78
CA GLY K 37 45.69 2.43 54.43
C GLY K 37 44.59 2.00 53.48
N ILE K 38 44.89 1.53 52.27
CA ILE K 38 43.84 1.03 51.35
C ILE K 38 43.24 -0.22 51.98
N GLU K 39 41.91 -0.27 52.02
CA GLU K 39 41.16 -1.42 52.53
C GLU K 39 40.70 -2.20 51.31
N TRP K 40 41.32 -3.34 51.06
CA TRP K 40 41.03 -4.20 49.90
C TRP K 40 39.80 -5.06 50.19
N ASN K 41 39.50 -5.25 51.48
CA ASN K 41 38.36 -6.06 51.95
C ASN K 41 38.46 -7.46 51.35
N PRO K 42 39.55 -8.20 51.59
CA PRO K 42 39.67 -9.57 51.10
C PRO K 42 38.61 -10.50 51.75
N SER K 43 38.48 -11.70 51.23
CA SER K 43 37.63 -12.77 51.80
C SER K 43 38.03 -13.02 53.24
N PRO K 44 37.10 -13.13 54.21
CA PRO K 44 37.44 -13.57 55.55
C PRO K 44 37.84 -15.06 55.61
N VAL K 45 37.56 -15.82 54.56
CA VAL K 45 37.77 -17.29 54.56
C VAL K 45 39.25 -17.60 54.85
N GLY K 46 39.53 -18.37 55.89
CA GLY K 46 40.90 -18.71 56.34
C GLY K 46 41.66 -17.54 56.96
N ARG K 47 41.02 -16.38 57.17
CA ARG K 47 41.67 -15.10 57.59
C ARG K 47 41.00 -14.64 58.90
N VAL K 48 39.67 -14.56 58.97
CA VAL K 48 38.94 -13.94 60.11
C VAL K 48 38.44 -15.02 61.07
N THR K 49 38.69 -14.86 62.36
CA THR K 49 38.04 -15.61 63.45
C THR K 49 36.68 -14.96 63.69
N PRO K 50 35.57 -15.68 63.40
CA PRO K 50 34.22 -15.19 63.65
C PRO K 50 34.02 -14.88 65.14
N LYS K 51 33.30 -13.81 65.46
CA LYS K 51 33.06 -13.41 66.85
C LYS K 51 31.56 -13.19 67.08
N GLU K 52 31.10 -13.51 68.30
CA GLU K 52 29.68 -13.34 68.73
C GLU K 52 29.25 -11.92 68.42
N TRP K 53 28.08 -11.81 67.82
CA TRP K 53 27.51 -10.55 67.30
C TRP K 53 26.24 -10.26 68.10
N ARG K 54 25.53 -11.30 68.54
CA ARG K 54 24.23 -11.14 69.23
C ARG K 54 24.51 -10.86 70.73
N TYR L 3 43.68 30.20 -0.28
CA TYR L 3 44.00 29.64 1.06
C TYR L 3 45.37 28.95 1.02
N GLU L 4 46.02 28.94 2.18
CA GLU L 4 47.35 28.34 2.37
C GLU L 4 47.12 26.83 2.36
N GLU L 5 48.02 26.12 1.74
CA GLU L 5 47.96 24.66 1.57
C GLU L 5 49.22 24.08 2.22
N GLY L 6 49.22 22.80 2.52
CA GLY L 6 50.44 22.14 2.99
C GLY L 6 50.46 21.96 4.51
N PRO L 7 51.48 21.23 4.97
CA PRO L 7 51.60 20.88 6.38
C PRO L 7 51.57 22.14 7.24
N GLY L 8 50.78 22.12 8.31
CA GLY L 8 50.67 23.22 9.28
C GLY L 8 49.81 24.39 8.78
N LYS L 9 49.22 24.25 7.62
CA LYS L 9 48.43 25.37 7.00
C LYS L 9 46.96 24.99 6.83
N ASN L 10 46.59 23.72 6.98
CA ASN L 10 45.24 23.20 6.71
C ASN L 10 44.51 23.02 8.05
N ILE L 11 44.82 23.86 9.02
CA ILE L 11 44.30 23.72 10.41
C ILE L 11 43.94 25.12 10.89
N PRO L 12 42.95 25.20 11.79
CA PRO L 12 42.49 26.50 12.32
C PRO L 12 43.37 27.10 13.41
N PHE L 13 44.43 26.42 13.78
CA PHE L 13 45.40 26.86 14.81
C PHE L 13 46.80 26.88 14.18
N SER L 14 47.66 27.72 14.71
CA SER L 14 49.06 27.88 14.26
C SER L 14 49.95 26.81 14.89
N VAL L 15 50.86 26.27 14.10
CA VAL L 15 51.97 25.43 14.62
C VAL L 15 53.31 26.08 14.29
N GLU L 16 53.34 27.41 14.09
CA GLU L 16 54.59 28.12 13.71
C GLU L 16 55.56 28.08 14.89
N ASN L 17 55.05 28.12 16.12
CA ASN L 17 55.86 28.18 17.36
C ASN L 17 55.37 27.05 18.28
N LYS L 18 56.22 26.07 18.57
CA LYS L 18 55.80 24.86 19.32
C LYS L 18 55.42 25.26 20.76
N TRP L 19 55.94 26.37 21.31
CA TRP L 19 55.64 26.76 22.70
C TRP L 19 54.29 27.47 22.72
N ARG L 20 54.00 28.30 21.74
CA ARG L 20 52.64 28.88 21.67
C ARG L 20 51.64 27.74 21.44
N LEU L 21 51.99 26.79 20.59
CA LEU L 21 51.11 25.64 20.34
C LEU L 21 50.87 24.88 21.65
N LEU L 22 51.91 24.63 22.44
CA LEU L 22 51.74 23.92 23.75
C LEU L 22 50.72 24.69 24.60
N ALA L 23 50.87 26.01 24.72
CA ALA L 23 49.94 26.87 25.46
C ALA L 23 48.53 26.63 24.92
N MET L 24 48.32 26.68 23.59
CA MET L 24 46.95 26.63 22.99
C MET L 24 46.39 25.21 23.26
N MET L 25 47.20 24.17 23.07
CA MET L 25 46.69 22.78 23.24
C MET L 25 46.28 22.50 24.70
N THR L 26 47.13 22.91 25.64
CA THR L 26 46.96 22.97 27.13
C THR L 26 45.62 23.61 27.46
N LEU L 27 45.40 24.83 26.97
CA LEU L 27 44.11 25.53 27.23
C LEU L 27 42.95 24.72 26.61
N PHE L 28 43.09 24.25 25.38
CA PHE L 28 42.03 23.53 24.65
C PHE L 28 41.68 22.22 25.39
N PHE L 29 42.58 21.24 25.46
CA PHE L 29 42.26 19.96 26.12
C PHE L 29 42.03 20.17 27.61
N GLY L 30 42.82 21.04 28.23
CA GLY L 30 42.68 21.33 29.66
C GLY L 30 41.33 21.92 30.01
N SER L 31 40.75 22.78 29.18
CA SER L 31 39.43 23.38 29.51
C SER L 31 38.37 22.25 29.43
N GLY L 32 38.41 21.40 28.40
CA GLY L 32 37.52 20.22 28.31
C GLY L 32 37.60 19.31 29.55
N PHE L 33 38.80 18.95 29.92
CA PHE L 33 39.01 18.02 31.08
C PHE L 33 38.57 18.70 32.38
N ALA L 34 38.84 20.01 32.56
CA ALA L 34 38.47 20.76 33.79
C ALA L 34 36.96 20.89 33.95
N ALA L 35 36.22 21.07 32.85
CA ALA L 35 34.81 21.49 32.89
C ALA L 35 34.00 20.65 33.87
N PRO L 36 34.00 19.31 33.82
CA PRO L 36 33.17 18.54 34.72
C PRO L 36 33.49 18.73 36.21
N PHE L 37 34.78 18.88 36.54
CA PHE L 37 35.20 19.14 37.94
C PHE L 37 34.55 20.44 38.41
N PHE L 38 34.50 21.44 37.54
CA PHE L 38 33.92 22.77 37.90
C PHE L 38 32.41 22.74 37.86
N ILE L 39 31.80 21.84 37.10
CA ILE L 39 30.33 21.63 37.16
C ILE L 39 29.96 20.97 38.50
N VAL L 40 30.65 19.94 38.89
CA VAL L 40 30.45 19.32 40.22
C VAL L 40 30.64 20.39 41.29
N ARG L 41 31.73 21.12 41.26
CA ARG L 41 31.95 22.20 42.27
C ARG L 41 30.74 23.13 42.30
N HIS L 42 30.24 23.52 41.15
CA HIS L 42 29.07 24.45 41.02
C HIS L 42 27.85 23.82 41.73
N GLN L 43 27.60 22.56 41.47
CA GLN L 43 26.38 21.92 41.96
C GLN L 43 26.54 21.75 43.48
N LEU L 44 27.78 21.46 43.94
CA LEU L 44 28.05 21.32 45.40
C LEU L 44 27.83 22.65 46.10
N LEU L 45 28.24 23.73 45.48
CA LEU L 45 28.16 25.04 46.16
C LEU L 45 26.76 25.63 46.14
N LYS L 46 25.79 25.20 45.36
CA LYS L 46 24.41 25.76 45.47
C LYS L 46 23.76 25.44 46.81
N ILE M 1 55.89 4.00 6.21
CA ILE M 1 55.95 5.41 5.72
C ILE M 1 57.40 5.89 5.83
N THR M 2 57.88 6.76 4.95
CA THR M 2 59.12 7.49 5.14
C THR M 2 58.75 8.97 5.27
N ALA M 3 59.61 9.71 5.95
CA ALA M 3 59.42 11.13 6.27
C ALA M 3 60.79 11.80 6.28
N LYS M 4 60.79 13.12 6.18
CA LYS M 4 61.98 13.94 6.36
C LYS M 4 62.31 13.93 7.84
N PRO M 5 63.59 14.13 8.20
CA PRO M 5 63.94 14.51 9.57
C PRO M 5 63.17 15.79 9.92
N ALA M 6 62.92 15.94 11.22
CA ALA M 6 62.22 17.04 11.88
C ALA M 6 62.71 18.40 11.35
N LYS M 7 61.81 19.23 10.90
CA LYS M 7 62.21 20.62 10.54
C LYS M 7 62.56 21.43 11.79
N THR M 8 61.95 21.15 12.92
CA THR M 8 62.21 21.82 14.23
C THR M 8 62.32 20.75 15.30
N PRO M 9 63.47 20.03 15.37
CA PRO M 9 63.63 18.90 16.30
C PRO M 9 63.24 19.27 17.73
N THR M 10 62.53 18.35 18.40
CA THR M 10 62.12 18.42 19.82
C THR M 10 63.08 17.54 20.63
N SER M 11 64.11 18.13 21.23
CA SER M 11 65.12 17.48 22.11
C SER M 11 64.41 16.77 23.27
N PRO M 12 65.07 15.76 23.87
CA PRO M 12 64.60 15.15 25.13
C PRO M 12 64.18 16.20 26.18
N LYS M 13 65.01 17.21 26.41
CA LYS M 13 64.65 18.29 27.35
C LYS M 13 63.34 18.96 26.94
N GLU M 14 63.18 19.25 25.67
CA GLU M 14 61.95 19.92 25.17
C GLU M 14 60.74 19.02 25.36
N GLN M 15 60.93 17.70 25.14
CA GLN M 15 59.87 16.70 25.33
C GLN M 15 59.48 16.63 26.81
N ALA M 16 60.44 16.67 27.75
CA ALA M 16 60.17 16.60 29.19
C ALA M 16 59.33 17.84 29.58
N ILE M 17 59.58 19.01 29.00
CA ILE M 17 58.79 20.25 29.29
C ILE M 17 57.37 20.06 28.73
N GLY M 18 57.25 19.62 27.47
CA GLY M 18 55.91 19.48 26.87
C GLY M 18 55.06 18.46 27.61
N LEU M 19 55.67 17.34 27.94
CA LEU M 19 55.00 16.26 28.70
C LEU M 19 54.58 16.81 30.08
N SER M 20 55.50 17.47 30.79
CA SER M 20 55.24 17.98 32.16
C SER M 20 54.10 18.99 32.10
N VAL M 21 54.19 19.93 31.17
CA VAL M 21 53.14 20.99 31.02
C VAL M 21 51.81 20.31 30.65
N THR M 22 51.84 19.33 29.74
CA THR M 22 50.58 18.63 29.36
C THR M 22 49.95 17.99 30.60
N PHE M 23 50.73 17.21 31.35
CA PHE M 23 50.21 16.47 32.55
C PHE M 23 49.67 17.49 33.55
N LEU M 24 50.44 18.54 33.81
CA LEU M 24 49.99 19.58 34.76
C LEU M 24 48.66 20.21 34.31
N SER M 25 48.41 20.35 33.03
CA SER M 25 47.19 21.06 32.60
C SER M 25 45.94 20.20 32.88
N PHE M 26 46.11 18.87 32.93
CA PHE M 26 45.09 17.87 33.30
C PHE M 26 44.97 17.75 34.82
N LEU M 27 46.12 17.69 35.52
CA LEU M 27 46.13 17.34 36.95
C LEU M 27 45.86 18.55 37.85
N LEU M 28 46.37 19.73 37.57
CA LEU M 28 46.23 20.82 38.59
C LEU M 28 44.78 21.22 38.80
N PRO M 29 43.95 21.51 37.78
CA PRO M 29 42.59 22.00 38.02
C PRO M 29 41.70 20.93 38.68
N ALA M 30 41.72 19.68 38.17
CA ALA M 30 40.96 18.58 38.79
C ALA M 30 41.48 18.36 40.23
N GLY M 31 42.79 18.37 40.42
CA GLY M 31 43.40 18.23 41.76
C GLY M 31 42.93 19.34 42.68
N TRP M 32 42.89 20.59 42.20
CA TRP M 32 42.38 21.70 43.03
C TRP M 32 40.95 21.37 43.47
N VAL M 33 40.06 20.98 42.55
CA VAL M 33 38.64 20.70 42.88
C VAL M 33 38.55 19.57 43.90
N LEU M 34 39.21 18.42 43.65
CA LEU M 34 39.06 17.23 44.49
C LEU M 34 39.64 17.51 45.88
N TYR M 35 40.73 18.25 45.96
CA TYR M 35 41.34 18.63 47.26
C TYR M 35 40.32 19.44 48.05
N HIS M 36 39.55 20.26 47.38
CA HIS M 36 38.66 21.24 48.07
C HIS M 36 37.23 20.69 48.21
N LEU M 37 36.95 19.40 47.89
CA LEU M 37 35.54 18.91 47.94
C LEU M 37 34.91 19.23 49.30
N ASP M 38 35.59 18.91 50.39
CA ASP M 38 35.06 19.17 51.75
C ASP M 38 34.57 20.61 51.85
N ASN M 39 35.37 21.56 51.39
CA ASN M 39 35.06 23.01 51.49
C ASN M 39 33.75 23.27 50.76
N TYR M 40 33.53 22.62 49.63
CA TYR M 40 32.27 22.78 48.86
C TYR M 40 31.20 22.03 49.66
N FME N 1 -14.44 -24.46 -45.97
CN FME N 1 -14.26 -25.20 -44.90
O1 FME N 1 -13.97 -24.78 -43.79
CA FME N 1 -14.39 -23.01 -45.98
CB FME N 1 -14.41 -22.49 -47.43
CG FME N 1 -13.17 -21.60 -47.86
SD FME N 1 -11.48 -21.97 -47.20
CE FME N 1 -10.64 -20.41 -47.51
C FME N 1 -15.48 -22.44 -45.07
O FME N 1 -15.24 -21.48 -44.35
N PHE N 2 -16.62 -23.12 -44.98
CA PHE N 2 -17.73 -22.66 -44.16
C PHE N 2 -17.41 -22.78 -42.68
N ILE N 3 -16.82 -23.93 -42.32
CA ILE N 3 -16.37 -24.18 -40.93
C ILE N 3 -15.23 -23.20 -40.61
N ASN N 4 -14.22 -23.04 -41.49
CA ASN N 4 -13.09 -22.13 -41.19
C ASN N 4 -13.68 -20.73 -40.93
N ARG N 5 -14.61 -20.29 -41.75
CA ARG N 5 -15.08 -18.88 -41.67
C ARG N 5 -15.95 -18.68 -40.42
N TRP N 6 -16.90 -19.59 -40.12
CA TRP N 6 -18.00 -19.30 -39.15
C TRP N 6 -17.80 -20.02 -37.81
N LEU N 7 -16.94 -21.06 -37.74
CA LEU N 7 -16.62 -21.76 -36.48
C LEU N 7 -15.22 -21.38 -35.95
N PHE N 8 -14.28 -21.06 -36.84
CA PHE N 8 -12.86 -20.76 -36.55
C PHE N 8 -12.57 -19.27 -36.79
N SER N 9 -13.58 -18.43 -36.79
CA SER N 9 -13.37 -17.00 -37.12
C SER N 9 -12.24 -16.34 -36.30
N THR N 10 -11.50 -15.44 -36.94
CA THR N 10 -10.65 -14.44 -36.25
C THR N 10 -10.97 -13.03 -36.83
N ASN N 11 -12.20 -12.83 -37.25
CA ASN N 11 -12.63 -11.61 -37.99
C ASN N 11 -13.66 -10.83 -37.14
N HIS N 12 -13.39 -9.56 -36.87
CA HIS N 12 -14.29 -8.78 -35.98
C HIS N 12 -15.71 -8.68 -36.59
N LYS N 13 -15.85 -8.59 -37.91
CA LYS N 13 -17.17 -8.40 -38.59
C LYS N 13 -17.94 -9.71 -38.51
N ASP N 14 -17.32 -10.84 -38.90
CA ASP N 14 -18.00 -12.15 -38.83
C ASP N 14 -18.46 -12.44 -37.39
N ILE N 15 -17.60 -12.16 -36.40
CA ILE N 15 -17.92 -12.47 -34.98
C ILE N 15 -19.06 -11.54 -34.53
N GLY N 16 -19.05 -10.28 -34.94
CA GLY N 16 -20.19 -9.39 -34.68
C GLY N 16 -21.46 -9.96 -35.28
N THR N 17 -21.40 -10.41 -36.52
CA THR N 17 -22.57 -11.02 -37.17
C THR N 17 -23.04 -12.24 -36.36
N LEU N 18 -22.13 -13.10 -35.91
CA LEU N 18 -22.55 -14.26 -35.08
C LEU N 18 -23.28 -13.76 -33.81
N TYR N 19 -22.71 -12.79 -33.14
CA TYR N 19 -23.34 -12.20 -31.93
C TYR N 19 -24.73 -11.65 -32.26
N LEU N 20 -24.92 -10.99 -33.39
CA LEU N 20 -26.25 -10.40 -33.74
C LEU N 20 -27.28 -11.53 -33.96
N LEU N 21 -26.87 -12.54 -34.71
CA LEU N 21 -27.73 -13.70 -34.93
C LEU N 21 -28.09 -14.31 -33.59
N PHE N 22 -27.09 -14.58 -32.73
CA PHE N 22 -27.29 -15.21 -31.41
C PHE N 22 -28.28 -14.35 -30.59
N GLY N 23 -28.02 -13.07 -30.54
CA GLY N 23 -28.88 -12.21 -29.75
C GLY N 23 -30.30 -12.15 -30.28
N ALA N 24 -30.51 -12.06 -31.61
CA ALA N 24 -31.87 -12.02 -32.20
C ALA N 24 -32.62 -13.30 -31.82
N TRP N 25 -31.95 -14.44 -31.88
CA TRP N 25 -32.57 -15.74 -31.51
C TRP N 25 -32.94 -15.70 -30.02
N ALA N 26 -32.00 -15.28 -29.17
CA ALA N 26 -32.23 -15.15 -27.72
C ALA N 26 -33.42 -14.21 -27.47
N GLY N 27 -33.51 -13.11 -28.19
CA GLY N 27 -34.65 -12.18 -28.05
C GLY N 27 -36.00 -12.87 -28.32
N MET N 28 -36.05 -13.86 -29.23
CA MET N 28 -37.30 -14.63 -29.49
C MET N 28 -37.64 -15.46 -28.25
N VAL N 29 -36.64 -16.13 -27.68
CA VAL N 29 -36.79 -16.93 -26.44
C VAL N 29 -37.31 -16.02 -25.31
N GLY N 30 -36.64 -14.89 -25.10
CA GLY N 30 -36.95 -13.96 -23.99
C GLY N 30 -38.34 -13.39 -24.17
N THR N 31 -38.74 -13.14 -25.40
CA THR N 31 -40.08 -12.60 -25.72
C THR N 31 -41.14 -13.67 -25.42
N ALA N 32 -40.92 -14.91 -25.90
CA ALA N 32 -41.81 -16.04 -25.61
C ALA N 32 -42.01 -16.14 -24.08
N LEU N 33 -40.93 -16.05 -23.31
CA LEU N 33 -41.03 -16.13 -21.84
C LEU N 33 -41.87 -14.97 -21.30
N SER N 34 -41.63 -13.75 -21.77
CA SER N 34 -42.42 -12.56 -21.37
C SER N 34 -43.92 -12.79 -21.67
N LEU N 35 -44.29 -13.41 -22.79
CA LEU N 35 -45.71 -13.56 -23.16
C LEU N 35 -46.37 -14.60 -22.24
N LEU N 36 -45.61 -15.61 -21.82
CA LEU N 36 -46.09 -16.63 -20.86
C LEU N 36 -46.34 -15.94 -19.50
N ILE N 37 -45.42 -15.10 -19.04
CA ILE N 37 -45.65 -14.29 -17.80
C ILE N 37 -47.00 -13.57 -17.95
N ARG N 38 -47.16 -12.80 -19.02
CA ARG N 38 -48.34 -11.92 -19.13
C ARG N 38 -49.61 -12.77 -19.39
N ALA N 39 -49.47 -13.97 -19.96
CA ALA N 39 -50.63 -14.87 -20.15
C ALA N 39 -51.10 -15.38 -18.77
N GLU N 40 -50.18 -15.73 -17.87
CA GLU N 40 -50.57 -16.19 -16.51
C GLU N 40 -51.29 -15.06 -15.77
N LEU N 41 -50.86 -13.80 -15.99
CA LEU N 41 -51.42 -12.59 -15.30
C LEU N 41 -52.61 -11.96 -16.03
N GLY N 42 -52.98 -12.41 -17.23
CA GLY N 42 -53.92 -11.73 -18.14
C GLY N 42 -55.36 -11.87 -17.70
N GLN N 43 -55.63 -12.86 -16.85
CA GLN N 43 -56.89 -12.89 -16.09
C GLN N 43 -56.60 -13.47 -14.71
N PRO N 44 -57.48 -13.16 -13.74
CA PRO N 44 -57.33 -13.64 -12.38
C PRO N 44 -57.54 -15.16 -12.36
N GLY N 45 -56.89 -15.82 -11.44
CA GLY N 45 -56.82 -17.29 -11.37
C GLY N 45 -55.47 -17.79 -11.86
N THR N 46 -55.43 -19.08 -12.14
CA THR N 46 -54.21 -19.77 -12.62
C THR N 46 -54.42 -20.15 -14.09
N LEU N 47 -53.38 -19.97 -14.90
CA LEU N 47 -53.33 -20.48 -16.28
C LEU N 47 -52.49 -21.75 -16.28
N LEU N 48 -51.28 -21.71 -15.75
CA LEU N 48 -50.32 -22.82 -15.93
C LEU N 48 -50.64 -23.91 -14.91
N GLY N 49 -51.33 -23.57 -13.82
CA GLY N 49 -51.66 -24.48 -12.69
C GLY N 49 -50.41 -24.91 -11.90
N ASP N 50 -49.33 -24.16 -11.99
CA ASP N 50 -48.04 -24.61 -11.42
C ASP N 50 -47.18 -23.36 -11.22
N ASP N 51 -47.17 -22.88 -10.01
CA ASP N 51 -46.52 -21.60 -9.70
C ASP N 51 -45.00 -21.80 -9.70
N GLN N 52 -44.48 -23.03 -9.51
CA GLN N 52 -43.03 -23.26 -9.65
C GLN N 52 -42.67 -22.96 -11.11
N ILE N 53 -43.43 -23.47 -12.09
CA ILE N 53 -43.14 -23.23 -13.53
C ILE N 53 -43.20 -21.72 -13.79
N TYR N 54 -44.23 -21.02 -13.29
CA TYR N 54 -44.32 -19.54 -13.49
C TYR N 54 -42.99 -18.91 -13.03
N ASN N 55 -42.51 -19.30 -11.84
CA ASN N 55 -41.32 -18.69 -11.19
C ASN N 55 -40.12 -19.02 -12.07
N VAL N 56 -40.09 -20.22 -12.65
CA VAL N 56 -38.99 -20.62 -13.55
C VAL N 56 -39.07 -19.73 -14.80
N VAL N 57 -40.28 -19.52 -15.33
CA VAL N 57 -40.45 -18.68 -16.55
C VAL N 57 -39.97 -17.25 -16.27
N VAL N 58 -40.31 -16.69 -15.11
CA VAL N 58 -39.89 -15.30 -14.80
C VAL N 58 -38.34 -15.24 -14.74
N THR N 59 -37.76 -16.24 -14.09
CA THR N 59 -36.32 -16.29 -13.82
C THR N 59 -35.62 -16.36 -15.19
N ALA N 60 -36.02 -17.31 -16.08
CA ALA N 60 -35.39 -17.51 -17.39
C ALA N 60 -35.62 -16.24 -18.26
N HIS N 61 -36.81 -15.67 -18.19
CA HIS N 61 -37.08 -14.41 -18.95
C HIS N 61 -35.92 -13.42 -18.75
N ALA N 62 -35.61 -13.10 -17.50
CA ALA N 62 -34.59 -12.10 -17.12
C ALA N 62 -33.19 -12.52 -17.61
N PHE N 63 -32.79 -13.75 -17.29
CA PHE N 63 -31.46 -14.22 -17.69
C PHE N 63 -31.31 -14.13 -19.21
N VAL N 64 -32.33 -14.55 -19.98
CA VAL N 64 -32.24 -14.59 -21.48
C VAL N 64 -32.14 -13.15 -21.96
N MET N 65 -33.01 -12.30 -21.46
CA MET N 65 -33.01 -10.90 -21.98
C MET N 65 -31.69 -10.18 -21.69
N ILE N 66 -31.14 -10.32 -20.48
CA ILE N 66 -29.91 -9.59 -20.07
C ILE N 66 -28.66 -10.26 -20.68
N PHE N 67 -28.43 -11.54 -20.42
CA PHE N 67 -27.15 -12.22 -20.76
C PHE N 67 -27.10 -12.69 -22.22
N PHE N 68 -28.23 -13.06 -22.83
CA PHE N 68 -28.27 -13.64 -24.19
C PHE N 68 -28.79 -12.67 -25.25
N MET N 69 -29.57 -11.64 -24.86
CA MET N 69 -30.12 -10.70 -25.88
C MET N 69 -29.35 -9.39 -25.78
N VAL N 70 -29.46 -8.64 -24.69
CA VAL N 70 -28.90 -7.26 -24.69
C VAL N 70 -27.37 -7.26 -24.80
N MET N 71 -26.67 -7.93 -23.91
CA MET N 71 -25.18 -7.80 -23.86
C MET N 71 -24.56 -8.36 -25.16
N PRO N 72 -25.01 -9.53 -25.68
CA PRO N 72 -24.46 -10.03 -26.96
C PRO N 72 -24.67 -9.05 -28.14
N ILE N 73 -25.85 -8.48 -28.22
CA ILE N 73 -26.18 -7.57 -29.34
C ILE N 73 -25.35 -6.30 -29.18
N MET N 74 -25.38 -5.72 -28.00
CA MET N 74 -24.76 -4.38 -27.84
C MET N 74 -23.23 -4.47 -27.94
N ILE N 75 -22.65 -5.38 -27.18
CA ILE N 75 -21.18 -5.43 -26.97
C ILE N 75 -20.59 -6.40 -28.02
N GLY N 76 -21.09 -7.62 -28.07
CA GLY N 76 -20.58 -8.62 -29.03
C GLY N 76 -20.90 -8.25 -30.47
N GLY N 77 -22.09 -7.73 -30.75
CA GLY N 77 -22.55 -7.43 -32.12
C GLY N 77 -22.14 -6.04 -32.59
N PHE N 78 -22.80 -4.99 -32.08
CA PHE N 78 -22.43 -3.62 -32.50
C PHE N 78 -20.96 -3.32 -32.13
N GLY N 79 -20.52 -3.73 -30.92
CA GLY N 79 -19.15 -3.50 -30.44
C GLY N 79 -18.14 -4.07 -31.42
N ASN N 80 -18.25 -5.38 -31.75
CA ASN N 80 -17.27 -5.98 -32.67
C ASN N 80 -17.37 -5.38 -34.06
N TRP N 81 -18.58 -5.16 -34.56
CA TRP N 81 -18.76 -4.61 -35.93
C TRP N 81 -18.14 -3.20 -35.99
N LEU N 82 -18.53 -2.33 -35.06
CA LEU N 82 -18.27 -0.87 -35.24
C LEU N 82 -16.94 -0.41 -34.63
N VAL N 83 -16.49 -0.97 -33.49
CA VAL N 83 -15.34 -0.38 -32.77
C VAL N 83 -14.11 -0.31 -33.66
N PRO N 84 -13.67 -1.42 -34.24
CA PRO N 84 -12.50 -1.40 -35.08
C PRO N 84 -12.65 -0.40 -36.23
N LEU N 85 -13.80 -0.43 -36.90
CA LEU N 85 -14.08 0.45 -38.07
C LEU N 85 -14.01 1.92 -37.60
N MET N 86 -14.52 2.23 -36.42
CA MET N 86 -14.60 3.67 -35.98
C MET N 86 -13.20 4.19 -35.57
N ILE N 87 -12.24 3.29 -35.31
CA ILE N 87 -10.85 3.74 -34.96
C ILE N 87 -9.85 3.34 -36.06
N GLY N 88 -10.33 2.88 -37.23
CA GLY N 88 -9.48 2.59 -38.39
C GLY N 88 -8.59 1.39 -38.08
N ALA N 89 -8.97 0.55 -37.15
CA ALA N 89 -8.11 -0.61 -36.75
C ALA N 89 -8.42 -1.81 -37.63
N PRO N 90 -7.42 -2.68 -37.85
CA PRO N 90 -7.63 -3.81 -38.77
C PRO N 90 -8.47 -4.96 -38.22
N ASP N 91 -8.58 -5.06 -36.90
CA ASP N 91 -9.42 -6.03 -36.17
C ASP N 91 -9.34 -5.66 -34.68
N MET N 92 -9.80 -6.57 -33.82
CA MET N 92 -9.61 -6.51 -32.35
C MET N 92 -8.16 -6.92 -31.98
N ALA N 93 -7.71 -6.56 -30.76
CA ALA N 93 -6.35 -6.82 -30.29
C ALA N 93 -6.17 -8.34 -30.28
N PHE N 94 -7.20 -9.07 -29.87
CA PHE N 94 -7.10 -10.53 -29.59
C PHE N 94 -8.15 -11.24 -30.43
N PRO N 95 -7.93 -11.34 -31.76
CA PRO N 95 -9.02 -11.72 -32.66
C PRO N 95 -9.45 -13.14 -32.45
N ARG N 96 -8.55 -14.00 -31.94
CA ARG N 96 -8.86 -15.43 -31.72
C ARG N 96 -9.58 -15.54 -30.35
N MET N 97 -9.08 -14.88 -29.30
CA MET N 97 -9.79 -14.86 -28.01
C MET N 97 -11.23 -14.35 -28.21
N ASN N 98 -11.42 -13.39 -29.12
CA ASN N 98 -12.75 -12.76 -29.42
C ASN N 98 -13.73 -13.88 -29.81
N ASN N 99 -13.24 -14.82 -30.61
CA ASN N 99 -14.07 -15.98 -31.09
C ASN N 99 -14.53 -16.84 -29.90
N MET N 100 -13.69 -16.99 -28.88
CA MET N 100 -14.07 -17.79 -27.69
C MET N 100 -15.09 -17.01 -26.84
N SER N 101 -15.01 -15.69 -26.73
CA SER N 101 -16.10 -14.96 -26.06
C SER N 101 -17.41 -15.34 -26.74
N PHE N 102 -17.48 -15.36 -28.07
CA PHE N 102 -18.70 -15.75 -28.78
C PHE N 102 -19.06 -17.21 -28.46
N TRP N 103 -18.13 -18.16 -28.67
CA TRP N 103 -18.54 -19.57 -28.60
C TRP N 103 -18.86 -20.02 -27.17
N LEU N 104 -18.51 -19.25 -26.15
CA LEU N 104 -18.98 -19.58 -24.79
C LEU N 104 -20.50 -19.34 -24.64
N LEU N 105 -21.14 -18.51 -25.47
CA LEU N 105 -22.55 -18.19 -25.23
C LEU N 105 -23.47 -19.34 -25.61
N PRO N 106 -23.35 -20.06 -26.74
CA PRO N 106 -24.26 -21.19 -26.94
C PRO N 106 -24.18 -22.21 -25.79
N PRO N 107 -22.99 -22.62 -25.29
CA PRO N 107 -22.96 -23.50 -24.11
C PRO N 107 -23.59 -22.89 -22.84
N SER N 108 -23.33 -21.62 -22.60
CA SER N 108 -24.00 -20.88 -21.49
C SER N 108 -25.53 -21.02 -21.63
N PHE N 109 -26.06 -20.75 -22.80
CA PHE N 109 -27.53 -20.81 -23.06
C PHE N 109 -28.03 -22.26 -22.89
N LEU N 110 -27.28 -23.22 -23.43
CA LEU N 110 -27.65 -24.65 -23.24
C LEU N 110 -27.78 -24.95 -21.73
N LEU N 111 -26.83 -24.52 -20.89
CA LEU N 111 -26.89 -24.77 -19.45
C LEU N 111 -28.14 -24.16 -18.84
N LEU N 112 -28.51 -22.94 -19.27
CA LEU N 112 -29.77 -22.33 -18.79
C LEU N 112 -30.98 -23.17 -19.27
N LEU N 113 -31.03 -23.56 -20.53
N LEU N 113 -31.03 -23.60 -20.55
CA LEU N 113 -32.20 -24.32 -21.01
CA LEU N 113 -32.08 -24.55 -21.06
C LEU N 113 -32.16 -25.74 -20.31
C LEU N 113 -32.15 -25.71 -20.08
N ALA N 114 -30.99 -26.29 -19.88
CA ALA N 114 -30.90 -27.55 -19.08
C ALA N 114 -31.44 -27.32 -17.65
N SER N 115 -31.14 -26.16 -17.04
N SER N 115 -31.14 -26.17 -17.05
CA SER N 115 -31.69 -25.79 -15.70
CA SER N 115 -31.67 -25.81 -15.71
C SER N 115 -33.22 -26.00 -15.72
C SER N 115 -33.21 -25.91 -15.68
N SER N 116 -33.87 -25.57 -16.80
CA SER N 116 -35.35 -25.49 -16.89
C SER N 116 -35.96 -26.84 -17.22
N MET N 117 -35.17 -27.78 -17.73
N MET N 117 -35.19 -27.77 -17.78
CA MET N 117 -35.64 -29.09 -18.24
CA MET N 117 -35.68 -29.10 -18.23
C MET N 117 -35.52 -30.19 -17.18
C MET N 117 -35.60 -30.13 -17.09
N VAL N 118 -34.56 -30.05 -16.26
CA VAL N 118 -34.28 -31.04 -15.18
C VAL N 118 -35.06 -30.60 -13.94
N GLU N 119 -35.46 -31.59 -13.14
CA GLU N 119 -36.22 -31.41 -11.87
C GLU N 119 -37.38 -30.45 -12.15
N ALA N 120 -37.51 -29.40 -11.36
CA ALA N 120 -38.63 -28.44 -11.48
C ALA N 120 -38.09 -27.07 -11.86
N GLY N 121 -36.89 -26.97 -12.41
CA GLY N 121 -36.31 -25.68 -12.79
C GLY N 121 -35.80 -24.87 -11.62
N ALA N 122 -35.14 -23.74 -11.92
CA ALA N 122 -34.70 -22.73 -10.96
C ALA N 122 -35.76 -21.62 -10.92
N GLY N 123 -36.70 -21.74 -9.98
CA GLY N 123 -37.77 -20.77 -9.75
C GLY N 123 -37.33 -19.81 -8.68
N THR N 124 -36.25 -19.07 -8.93
CA THR N 124 -35.53 -18.36 -7.87
C THR N 124 -35.69 -16.85 -8.02
N GLY N 125 -36.13 -16.34 -9.15
CA GLY N 125 -35.79 -14.96 -9.51
C GLY N 125 -34.37 -14.87 -10.04
N TRP N 126 -34.07 -13.89 -10.89
CA TRP N 126 -32.72 -13.76 -11.53
C TRP N 126 -31.62 -13.41 -10.51
N THR N 127 -32.02 -12.99 -9.31
CA THR N 127 -31.17 -12.68 -8.12
C THR N 127 -30.66 -13.97 -7.49
N VAL N 128 -31.37 -15.06 -7.63
CA VAL N 128 -30.91 -16.40 -7.12
C VAL N 128 -30.52 -16.31 -5.62
N TYR N 129 -31.29 -15.59 -4.80
CA TYR N 129 -31.05 -15.47 -3.35
C TYR N 129 -31.18 -16.81 -2.65
N PRO N 130 -30.18 -17.15 -1.79
CA PRO N 130 -30.37 -18.15 -0.75
C PRO N 130 -31.20 -17.54 0.40
N PRO N 131 -31.86 -18.38 1.22
CA PRO N 131 -31.87 -19.85 1.04
C PRO N 131 -32.82 -20.45 0.01
N LEU N 132 -33.68 -19.69 -0.65
CA LEU N 132 -34.59 -20.31 -1.66
C LEU N 132 -33.75 -21.02 -2.72
N ALA N 133 -32.58 -20.47 -3.08
CA ALA N 133 -31.71 -21.01 -4.15
C ALA N 133 -30.80 -22.12 -3.60
N GLY N 134 -30.87 -22.36 -2.29
CA GLY N 134 -30.08 -23.36 -1.56
C GLY N 134 -30.49 -24.80 -1.84
N ASN N 135 -29.72 -25.75 -1.32
CA ASN N 135 -29.93 -27.19 -1.63
C ASN N 135 -31.09 -27.83 -0.83
N LEU N 136 -31.80 -27.11 0.03
N LEU N 136 -31.83 -27.11 0.01
CA LEU N 136 -33.02 -27.63 0.70
CA LEU N 136 -33.04 -27.68 0.65
C LEU N 136 -34.25 -27.13 -0.08
C LEU N 136 -34.31 -27.12 0.01
N ALA N 137 -34.35 -25.85 -0.34
CA ALA N 137 -35.54 -25.24 -0.96
C ALA N 137 -35.47 -25.39 -2.49
N HIS N 138 -34.28 -25.66 -3.06
CA HIS N 138 -34.09 -25.92 -4.52
C HIS N 138 -33.10 -27.10 -4.69
N ALA N 139 -33.45 -28.24 -4.10
CA ALA N 139 -32.65 -29.49 -4.19
C ALA N 139 -32.50 -29.88 -5.67
N GLY N 140 -31.36 -30.39 -6.07
CA GLY N 140 -31.19 -30.96 -7.42
C GLY N 140 -30.39 -30.04 -8.32
N ALA N 141 -30.26 -30.37 -9.61
CA ALA N 141 -29.26 -29.75 -10.51
C ALA N 141 -29.68 -28.33 -11.00
N SER N 142 -30.94 -27.96 -10.98
CA SER N 142 -31.43 -26.74 -11.70
C SER N 142 -30.58 -25.51 -11.30
N VAL N 143 -30.44 -25.24 -10.02
CA VAL N 143 -29.74 -23.98 -9.61
C VAL N 143 -28.25 -24.11 -9.97
N ASP N 144 -27.66 -25.33 -9.90
CA ASP N 144 -26.24 -25.48 -10.23
C ASP N 144 -26.04 -25.22 -11.74
N LEU N 145 -26.95 -25.71 -12.60
CA LEU N 145 -26.85 -25.43 -14.06
C LEU N 145 -27.02 -23.93 -14.29
N THR N 146 -27.87 -23.25 -13.52
CA THR N 146 -27.97 -21.77 -13.67
C THR N 146 -26.66 -21.08 -13.26
N ILE N 147 -26.06 -21.49 -12.13
CA ILE N 147 -24.75 -20.94 -11.69
C ILE N 147 -23.73 -21.16 -12.83
N PHE N 148 -23.62 -22.36 -13.38
CA PHE N 148 -22.60 -22.62 -14.41
C PHE N 148 -22.88 -21.77 -15.67
N SER N 149 -24.13 -21.61 -16.07
CA SER N 149 -24.58 -20.75 -17.20
C SER N 149 -23.97 -19.38 -16.96
N LEU N 150 -24.14 -18.87 -15.75
CA LEU N 150 -23.59 -17.53 -15.40
C LEU N 150 -22.04 -17.53 -15.39
N HIS N 151 -21.39 -18.58 -14.92
CA HIS N 151 -19.92 -18.65 -15.05
C HIS N 151 -19.50 -18.50 -16.52
N LEU N 152 -20.08 -19.28 -17.44
CA LEU N 152 -19.61 -19.24 -18.86
C LEU N 152 -19.89 -17.82 -19.40
N ALA N 153 -21.07 -17.31 -19.13
CA ALA N 153 -21.40 -15.94 -19.62
C ALA N 153 -20.39 -14.92 -19.06
N GLY N 154 -20.05 -15.07 -17.78
CA GLY N 154 -19.11 -14.22 -17.04
C GLY N 154 -17.75 -14.28 -17.69
N VAL N 155 -17.24 -15.48 -17.95
CA VAL N 155 -15.93 -15.57 -18.61
C VAL N 155 -15.99 -14.90 -19.99
N SER N 156 -17.03 -15.17 -20.80
CA SER N 156 -17.19 -14.60 -22.14
C SER N 156 -17.02 -13.08 -22.06
N SER N 157 -17.81 -12.45 -21.18
CA SER N 157 -17.79 -10.94 -21.04
C SER N 157 -16.49 -10.44 -20.41
N ILE N 158 -15.86 -11.18 -19.48
CA ILE N 158 -14.58 -10.69 -18.90
C ILE N 158 -13.53 -10.69 -20.00
N LEU N 159 -13.37 -11.79 -20.75
CA LEU N 159 -12.38 -11.83 -21.85
C LEU N 159 -12.76 -10.75 -22.87
N GLY N 160 -14.04 -10.61 -23.19
CA GLY N 160 -14.49 -9.60 -24.15
C GLY N 160 -14.14 -8.19 -23.67
N ALA N 161 -14.26 -7.92 -22.38
CA ALA N 161 -13.88 -6.61 -21.77
C ALA N 161 -12.37 -6.36 -21.95
N ILE N 162 -11.53 -7.34 -21.66
CA ILE N 162 -10.05 -7.23 -21.84
C ILE N 162 -9.77 -6.86 -23.31
N ASN N 163 -10.48 -7.52 -24.24
CA ASN N 163 -10.31 -7.33 -25.71
C ASN N 163 -10.71 -5.89 -26.05
N PHE N 164 -11.88 -5.47 -25.62
CA PHE N 164 -12.32 -4.10 -26.00
C PHE N 164 -11.41 -3.03 -25.38
N ILE N 165 -11.09 -3.10 -24.07
CA ILE N 165 -10.21 -2.08 -23.43
C ILE N 165 -8.87 -2.07 -24.19
N THR N 166 -8.26 -3.25 -24.42
CA THR N 166 -6.96 -3.27 -25.08
C THR N 166 -7.07 -2.64 -26.49
N THR N 167 -8.07 -3.02 -27.29
CA THR N 167 -8.24 -2.57 -28.70
C THR N 167 -8.38 -1.03 -28.67
N ILE N 168 -9.20 -0.54 -27.77
CA ILE N 168 -9.55 0.92 -27.77
C ILE N 168 -8.38 1.76 -27.25
N ILE N 169 -7.61 1.23 -26.31
CA ILE N 169 -6.39 1.96 -25.81
C ILE N 169 -5.24 1.88 -26.82
N ASN N 170 -5.00 0.69 -27.42
CA ASN N 170 -3.74 0.39 -28.10
C ASN N 170 -3.88 0.53 -29.62
N MET N 171 -5.07 0.44 -30.23
CA MET N 171 -5.15 0.27 -31.68
C MET N 171 -5.74 1.47 -32.40
N LYS N 172 -5.74 2.66 -31.81
CA LYS N 172 -6.12 3.88 -32.57
C LYS N 172 -4.99 4.35 -33.49
N PRO N 173 -5.27 5.21 -34.50
CA PRO N 173 -4.19 5.86 -35.23
C PRO N 173 -3.28 6.57 -34.22
N PRO N 174 -1.94 6.57 -34.43
CA PRO N 174 -1.02 7.15 -33.46
C PRO N 174 -1.38 8.62 -33.16
N ALA N 175 -1.94 9.35 -34.10
CA ALA N 175 -2.26 10.79 -33.86
C ALA N 175 -3.55 10.94 -33.06
N MET N 176 -4.39 9.92 -33.02
CA MET N 176 -5.73 10.01 -32.42
C MET N 176 -5.62 9.86 -30.90
N SER N 177 -5.93 10.90 -30.16
CA SER N 177 -6.02 10.76 -28.70
C SER N 177 -7.38 10.12 -28.33
N GLN N 178 -7.49 9.73 -27.08
CA GLN N 178 -8.76 9.24 -26.56
C GLN N 178 -9.84 10.33 -26.72
N TYR N 179 -9.51 11.60 -26.71
CA TYR N 179 -10.51 12.68 -26.89
C TYR N 179 -10.77 12.93 -28.39
N GLN N 180 -10.31 12.03 -29.28
CA GLN N 180 -10.69 12.08 -30.71
C GLN N 180 -11.39 10.76 -31.12
N THR N 181 -11.85 9.98 -30.15
CA THR N 181 -12.60 8.74 -30.46
C THR N 181 -14.08 9.01 -30.35
N PRO N 182 -14.85 8.35 -31.23
CA PRO N 182 -16.30 8.51 -31.19
C PRO N 182 -16.94 8.03 -29.86
N LEU N 183 -18.05 8.69 -29.50
CA LEU N 183 -18.79 8.41 -28.26
C LEU N 183 -19.17 6.93 -28.21
N PHE N 184 -19.47 6.29 -29.32
CA PHE N 184 -19.87 4.86 -29.19
C PHE N 184 -18.65 4.09 -28.66
N VAL N 185 -17.46 4.45 -29.13
CA VAL N 185 -16.20 3.77 -28.70
C VAL N 185 -15.97 4.04 -27.21
N TRP N 186 -16.15 5.30 -26.76
CA TRP N 186 -16.11 5.60 -25.31
C TRP N 186 -17.08 4.69 -24.54
N SER N 187 -18.34 4.56 -25.03
CA SER N 187 -19.42 3.88 -24.30
C SER N 187 -19.01 2.41 -24.13
N VAL N 188 -18.37 1.83 -25.13
CA VAL N 188 -17.92 0.40 -25.07
C VAL N 188 -16.72 0.28 -24.11
N MET N 189 -15.74 1.19 -24.16
CA MET N 189 -14.59 1.12 -23.24
C MET N 189 -15.09 1.16 -21.79
N ILE N 190 -16.02 2.06 -21.50
CA ILE N 190 -16.46 2.26 -20.12
C ILE N 190 -17.28 1.04 -19.68
N THR N 191 -18.19 0.58 -20.52
CA THR N 191 -18.93 -0.68 -20.29
C THR N 191 -17.93 -1.84 -20.01
N ALA N 192 -16.89 -1.97 -20.80
CA ALA N 192 -15.85 -3.03 -20.62
C ALA N 192 -15.18 -2.88 -19.24
N VAL N 193 -14.86 -1.65 -18.79
CA VAL N 193 -14.28 -1.44 -17.43
C VAL N 193 -15.29 -1.92 -16.37
N LEU N 194 -16.58 -1.52 -16.48
CA LEU N 194 -17.59 -2.00 -15.51
C LEU N 194 -17.61 -3.56 -15.53
N LEU N 195 -17.63 -4.16 -16.68
CA LEU N 195 -17.67 -5.65 -16.76
C LEU N 195 -16.45 -6.27 -16.05
N LEU N 196 -15.26 -5.75 -16.33
CA LEU N 196 -13.97 -6.29 -15.82
C LEU N 196 -14.00 -6.31 -14.28
N LEU N 197 -14.56 -5.27 -13.66
CA LEU N 197 -14.58 -5.11 -12.21
C LEU N 197 -15.77 -5.83 -11.54
N SER N 198 -16.94 -5.90 -12.16
CA SER N 198 -18.18 -6.36 -11.51
C SER N 198 -18.32 -7.88 -11.65
N LEU N 199 -18.11 -8.41 -12.84
CA LEU N 199 -18.32 -9.86 -13.10
C LEU N 199 -17.50 -10.73 -12.15
N PRO N 200 -16.24 -10.40 -11.81
CA PRO N 200 -15.49 -11.24 -10.85
C PRO N 200 -16.14 -11.37 -9.45
N VAL N 201 -16.83 -10.33 -9.03
CA VAL N 201 -17.50 -10.31 -7.73
C VAL N 201 -18.71 -11.23 -7.82
N LEU N 202 -19.47 -11.11 -8.91
CA LEU N 202 -20.61 -12.02 -9.14
C LEU N 202 -20.06 -13.46 -9.12
N ALA N 203 -18.97 -13.68 -9.82
CA ALA N 203 -18.41 -15.06 -9.96
C ALA N 203 -18.04 -15.60 -8.56
N ALA N 204 -17.49 -14.74 -7.68
CA ALA N 204 -17.14 -15.12 -6.29
C ALA N 204 -18.43 -15.49 -5.55
N GLY N 205 -19.44 -14.64 -5.64
CA GLY N 205 -20.70 -14.90 -4.95
C GLY N 205 -21.40 -16.18 -5.38
N ILE N 206 -21.53 -16.45 -6.68
CA ILE N 206 -22.33 -17.62 -7.16
C ILE N 206 -21.46 -18.87 -6.92
N THR N 207 -20.15 -18.71 -6.85
CA THR N 207 -19.23 -19.85 -6.48
C THR N 207 -19.46 -20.25 -5.02
N MET N 208 -19.57 -19.27 -4.12
N MET N 208 -19.63 -19.28 -4.14
CA MET N 208 -19.96 -19.49 -2.71
CA MET N 208 -19.94 -19.50 -2.71
C MET N 208 -21.32 -20.21 -2.66
C MET N 208 -21.35 -20.10 -2.57
N LEU N 209 -22.27 -19.78 -3.49
CA LEU N 209 -23.61 -20.44 -3.48
C LEU N 209 -23.41 -21.90 -3.95
N LEU N 210 -22.57 -22.12 -4.94
CA LEU N 210 -22.30 -23.47 -5.47
C LEU N 210 -21.73 -24.34 -4.36
N THR N 211 -20.80 -23.79 -3.60
CA THR N 211 -20.11 -24.51 -2.51
C THR N 211 -21.08 -24.71 -1.35
N ASP N 212 -21.95 -23.73 -1.04
CA ASP N 212 -22.99 -23.99 0.01
C ASP N 212 -23.94 -25.12 -0.46
N ARG N 213 -24.21 -25.24 -1.77
CA ARG N 213 -25.17 -26.25 -2.27
C ARG N 213 -24.50 -27.63 -2.31
N ASN N 214 -23.17 -27.74 -2.42
CA ASN N 214 -22.51 -29.03 -2.83
C ASN N 214 -21.28 -29.39 -2.00
N LEU N 215 -20.63 -28.47 -1.31
CA LEU N 215 -19.38 -28.78 -0.55
C LEU N 215 -19.56 -28.49 0.94
N ASN N 216 -20.80 -28.28 1.39
CA ASN N 216 -21.11 -28.10 2.83
C ASN N 216 -20.41 -26.85 3.37
N THR N 217 -20.11 -25.87 2.54
CA THR N 217 -19.81 -24.51 3.06
C THR N 217 -21.08 -23.89 3.61
N THR N 218 -20.92 -22.79 4.35
CA THR N 218 -22.04 -22.09 5.02
C THR N 218 -21.86 -20.57 4.91
N PHE N 219 -21.39 -20.07 3.77
CA PHE N 219 -21.25 -18.62 3.54
C PHE N 219 -22.59 -17.89 3.79
N PHE N 220 -23.71 -18.51 3.42
CA PHE N 220 -25.05 -17.87 3.37
C PHE N 220 -26.00 -18.56 4.35
N ASP N 221 -25.47 -19.51 5.13
CA ASP N 221 -26.28 -20.39 6.01
C ASP N 221 -26.02 -20.00 7.47
N PRO N 222 -27.01 -19.40 8.15
CA PRO N 222 -26.84 -19.01 9.55
C PRO N 222 -26.43 -20.16 10.50
N ALA N 223 -26.86 -21.37 10.21
CA ALA N 223 -26.43 -22.52 11.05
C ALA N 223 -24.91 -22.58 11.14
N GLY N 224 -24.14 -22.20 10.11
CA GLY N 224 -22.67 -22.21 10.17
C GLY N 224 -22.06 -20.85 10.49
N GLY N 225 -22.90 -19.85 10.81
CA GLY N 225 -22.39 -18.50 11.02
C GLY N 225 -22.47 -17.62 9.80
N GLY N 226 -23.11 -18.11 8.72
CA GLY N 226 -23.25 -17.44 7.43
C GLY N 226 -24.41 -16.45 7.47
N ASP N 227 -24.67 -15.80 6.36
CA ASP N 227 -25.61 -14.66 6.29
C ASP N 227 -26.13 -14.59 4.87
N PRO N 228 -27.44 -14.88 4.66
CA PRO N 228 -28.05 -14.71 3.34
C PRO N 228 -27.81 -13.30 2.80
N ILE N 229 -27.75 -12.31 3.67
CA ILE N 229 -27.58 -10.89 3.20
C ILE N 229 -26.20 -10.69 2.56
N LEU N 230 -25.17 -11.43 2.99
CA LEU N 230 -23.85 -11.37 2.29
C LEU N 230 -24.03 -11.66 0.79
N TYR N 231 -24.80 -12.69 0.44
CA TYR N 231 -25.00 -13.02 -0.98
C TYR N 231 -25.55 -11.76 -1.70
N GLN N 232 -26.56 -11.14 -1.10
CA GLN N 232 -27.23 -9.94 -1.68
C GLN N 232 -26.23 -8.84 -2.01
N HIS N 233 -25.35 -8.51 -1.07
CA HIS N 233 -24.24 -7.54 -1.24
C HIS N 233 -23.39 -7.95 -2.44
N LEU N 234 -22.95 -9.20 -2.52
CA LEU N 234 -22.03 -9.63 -3.61
C LEU N 234 -22.79 -9.53 -4.94
N PHE N 235 -24.05 -9.99 -4.94
CA PHE N 235 -24.87 -10.03 -6.17
C PHE N 235 -25.08 -8.59 -6.63
N TRP N 236 -25.53 -7.74 -5.73
CA TRP N 236 -25.86 -6.33 -6.15
C TRP N 236 -24.61 -5.48 -6.39
N PHE N 237 -23.47 -5.81 -5.80
CA PHE N 237 -22.20 -5.10 -6.10
C PHE N 237 -21.89 -5.24 -7.59
N PHE N 238 -22.21 -6.41 -8.17
CA PHE N 238 -22.22 -6.66 -9.63
C PHE N 238 -23.46 -6.05 -10.31
N GLY N 239 -24.63 -6.28 -9.73
CA GLY N 239 -25.94 -6.09 -10.35
C GLY N 239 -26.21 -4.60 -10.64
N HIS N 240 -25.80 -3.68 -9.79
CA HIS N 240 -25.99 -2.23 -10.18
C HIS N 240 -25.04 -1.85 -11.34
N PRO N 241 -23.70 -2.06 -11.31
CA PRO N 241 -22.89 -1.86 -12.50
C PRO N 241 -23.51 -2.54 -13.72
N GLU N 242 -24.07 -3.74 -13.56
CA GLU N 242 -24.71 -4.47 -14.68
C GLU N 242 -25.83 -3.64 -15.33
N VAL N 243 -26.64 -2.97 -14.56
CA VAL N 243 -27.73 -2.19 -15.22
C VAL N 243 -27.10 -1.03 -16.05
N TYR N 244 -25.99 -0.44 -15.64
CA TYR N 244 -25.27 0.60 -16.42
C TYR N 244 -24.58 -0.05 -17.64
N ILE N 245 -24.02 -1.25 -17.48
CA ILE N 245 -23.51 -2.05 -18.61
C ILE N 245 -24.58 -2.18 -19.70
N LEU N 246 -25.81 -2.47 -19.32
CA LEU N 246 -26.89 -2.75 -20.25
C LEU N 246 -27.28 -1.47 -21.00
N ILE N 247 -27.10 -0.31 -20.41
CA ILE N 247 -27.56 0.93 -21.10
C ILE N 247 -26.38 1.71 -21.74
N LEU N 248 -25.15 1.65 -21.24
CA LEU N 248 -24.05 2.49 -21.77
C LEU N 248 -23.83 2.39 -23.28
N PRO N 249 -23.70 1.18 -23.87
CA PRO N 249 -23.55 1.08 -25.31
C PRO N 249 -24.76 1.71 -26.02
N GLY N 250 -25.95 1.59 -25.40
CA GLY N 250 -27.17 2.20 -25.91
C GLY N 250 -27.03 3.74 -25.93
N PHE N 251 -26.51 4.30 -24.87
CA PHE N 251 -26.13 5.75 -24.86
C PHE N 251 -25.21 6.08 -26.04
N GLY N 252 -24.20 5.26 -26.29
CA GLY N 252 -23.28 5.55 -27.38
C GLY N 252 -23.97 5.52 -28.73
N MET N 253 -24.78 4.48 -29.01
CA MET N 253 -25.52 4.35 -30.30
C MET N 253 -26.47 5.55 -30.45
N ILE N 254 -27.15 5.90 -29.39
CA ILE N 254 -28.11 7.07 -29.39
C ILE N 254 -27.36 8.33 -29.78
N SER N 255 -26.19 8.59 -29.20
CA SER N 255 -25.37 9.78 -29.56
C SER N 255 -25.08 9.81 -31.07
N HIS N 256 -24.67 8.68 -31.65
CA HIS N 256 -24.37 8.58 -33.10
C HIS N 256 -25.64 8.83 -33.92
N ILE N 257 -26.75 8.17 -33.57
CA ILE N 257 -28.02 8.20 -34.35
C ILE N 257 -28.60 9.66 -34.31
N VAL N 258 -28.64 10.23 -33.15
CA VAL N 258 -29.19 11.62 -32.99
C VAL N 258 -28.32 12.58 -33.80
N THR N 259 -27.00 12.43 -33.71
CA THR N 259 -26.06 13.29 -34.46
C THR N 259 -26.33 13.11 -35.96
N TYR N 260 -26.36 11.85 -36.42
CA TYR N 260 -26.48 11.52 -37.87
C TYR N 260 -27.78 12.15 -38.44
N TYR N 261 -28.91 11.88 -37.81
CA TYR N 261 -30.25 12.20 -38.36
C TYR N 261 -30.60 13.67 -38.02
N SER N 262 -29.80 14.35 -37.25
CA SER N 262 -29.93 15.82 -37.10
C SER N 262 -29.09 16.52 -38.18
N GLY N 263 -28.35 15.75 -39.00
CA GLY N 263 -27.48 16.31 -40.05
C GLY N 263 -26.29 17.05 -39.46
N LYS N 264 -25.83 16.66 -38.26
CA LYS N 264 -24.69 17.31 -37.58
C LYS N 264 -23.41 16.50 -37.84
N LYS N 265 -22.28 17.18 -37.78
CA LYS N 265 -20.94 16.60 -37.90
C LYS N 265 -20.55 15.97 -36.56
N GLU N 266 -21.23 16.35 -35.49
CA GLU N 266 -20.77 16.06 -34.10
C GLU N 266 -21.92 16.21 -33.11
N PRO N 267 -21.84 15.43 -32.02
CA PRO N 267 -22.79 15.57 -30.92
C PRO N 267 -22.47 16.86 -30.15
N PHE N 268 -23.49 17.37 -29.52
CA PHE N 268 -23.31 18.55 -28.65
C PHE N 268 -22.49 18.16 -27.41
N GLY N 269 -21.45 18.95 -27.07
CA GLY N 269 -20.74 18.88 -25.77
C GLY N 269 -20.04 17.53 -25.65
N TYR N 270 -19.24 17.19 -26.63
CA TYR N 270 -18.49 15.90 -26.66
C TYR N 270 -17.85 15.61 -25.28
N MET N 271 -17.06 16.55 -24.72
CA MET N 271 -16.28 16.25 -23.49
C MET N 271 -17.26 16.11 -22.33
N GLY N 272 -18.40 16.85 -22.34
CA GLY N 272 -19.47 16.58 -21.36
C GLY N 272 -20.03 15.16 -21.43
N MET N 273 -20.20 14.63 -22.63
CA MET N 273 -20.76 13.26 -22.83
C MET N 273 -19.75 12.21 -22.31
N VAL N 274 -18.47 12.41 -22.53
CA VAL N 274 -17.41 11.49 -22.00
C VAL N 274 -17.43 11.58 -20.48
N TRP N 275 -17.46 12.80 -19.94
CA TRP N 275 -17.50 13.03 -18.50
C TRP N 275 -18.71 12.29 -17.90
N ALA N 276 -19.89 12.46 -18.52
CA ALA N 276 -21.14 11.91 -17.99
C ALA N 276 -21.04 10.38 -17.96
N MET N 277 -20.54 9.79 -19.02
CA MET N 277 -20.47 8.30 -19.05
C MET N 277 -19.47 7.81 -17.99
N MET N 278 -18.33 8.50 -17.84
N MET N 278 -18.33 8.50 -17.85
CA MET N 278 -17.31 8.11 -16.83
CA MET N 278 -17.30 8.16 -16.84
C MET N 278 -17.88 8.29 -15.41
C MET N 278 -17.89 8.29 -15.43
N SER N 279 -18.61 9.39 -15.18
CA SER N 279 -19.24 9.69 -13.90
C SER N 279 -20.25 8.58 -13.57
N ILE N 280 -21.11 8.23 -14.54
CA ILE N 280 -22.18 7.23 -14.34
C ILE N 280 -21.46 5.90 -14.02
N GLY N 281 -20.40 5.58 -14.74
CA GLY N 281 -19.68 4.30 -14.51
C GLY N 281 -19.10 4.24 -13.09
N PHE N 282 -18.54 5.35 -12.63
CA PHE N 282 -17.94 5.42 -11.28
C PHE N 282 -19.05 5.38 -10.21
N LEU N 283 -20.04 6.26 -10.29
CA LEU N 283 -21.09 6.25 -9.27
C LEU N 283 -21.81 4.88 -9.25
N GLY N 284 -21.87 4.19 -10.36
CA GLY N 284 -22.56 2.90 -10.46
C GLY N 284 -21.95 1.83 -9.59
N PHE N 285 -20.76 2.05 -9.02
CA PHE N 285 -20.10 1.11 -8.08
C PHE N 285 -20.43 1.41 -6.62
N ILE N 286 -21.05 2.57 -6.26
CA ILE N 286 -21.14 2.96 -4.83
C ILE N 286 -22.60 3.10 -4.38
N VAL N 287 -23.52 2.44 -5.11
CA VAL N 287 -24.99 2.62 -4.91
C VAL N 287 -25.75 1.29 -4.70
N TRP N 288 -25.06 0.13 -4.75
CA TRP N 288 -25.73 -1.18 -4.93
C TRP N 288 -26.77 -1.41 -3.84
N ALA N 289 -26.58 -0.94 -2.61
CA ALA N 289 -27.49 -1.32 -1.49
C ALA N 289 -28.88 -0.66 -1.59
N HIS N 290 -29.18 0.15 -2.61
CA HIS N 290 -30.58 0.59 -2.92
C HIS N 290 -31.46 -0.60 -3.39
N HIS N 291 -30.85 -1.78 -3.66
CA HIS N 291 -31.58 -3.04 -3.90
C HIS N 291 -31.87 -3.78 -2.59
N MET N 292 -31.52 -3.21 -1.45
CA MET N 292 -31.57 -3.85 -0.09
C MET N 292 -32.14 -2.90 0.98
N PHE N 293 -32.97 -1.92 0.62
CA PHE N 293 -33.52 -0.96 1.60
C PHE N 293 -34.50 -1.62 2.59
N THR N 294 -35.00 -2.80 2.30
CA THR N 294 -35.93 -3.50 3.23
C THR N 294 -35.25 -4.67 3.96
N VAL N 295 -33.95 -4.87 3.88
CA VAL N 295 -33.34 -6.08 4.54
C VAL N 295 -32.99 -5.81 6.03
N GLY N 296 -33.21 -4.56 6.50
CA GLY N 296 -32.86 -4.19 7.88
C GLY N 296 -31.50 -3.51 8.04
N MET N 297 -30.97 -2.73 7.08
N MET N 297 -31.49 -2.38 7.36
CA MET N 297 -29.63 -2.05 7.27
CA MET N 297 -30.35 -1.49 7.09
C MET N 297 -29.84 -0.81 8.19
C MET N 297 -30.36 -0.38 8.13
N ASP N 298 -28.76 -0.16 8.62
N ASP N 298 -29.24 -0.18 8.82
CA ASP N 298 -28.80 1.01 9.57
CA ASP N 298 -29.09 1.01 9.70
C ASP N 298 -29.40 2.24 8.85
C ASP N 298 -29.49 2.23 8.86
N VAL N 299 -30.09 3.16 9.56
CA VAL N 299 -30.63 4.39 8.98
C VAL N 299 -29.52 5.19 8.28
N ASP N 300 -28.32 5.34 8.82
CA ASP N 300 -27.29 6.20 8.18
C ASP N 300 -26.83 5.58 6.85
N THR N 301 -26.74 4.25 6.78
CA THR N 301 -26.45 3.53 5.53
C THR N 301 -27.56 3.83 4.51
N ARG N 302 -28.81 3.76 4.92
CA ARG N 302 -29.93 4.05 4.03
C ARG N 302 -29.81 5.48 3.54
N ALA N 303 -29.44 6.41 4.43
CA ALA N 303 -29.33 7.83 4.06
C ALA N 303 -28.23 7.98 3.02
N TYR N 304 -27.10 7.30 3.21
CA TYR N 304 -25.96 7.39 2.28
C TYR N 304 -26.43 6.82 0.93
N PHE N 305 -27.04 5.63 0.91
CA PHE N 305 -27.38 5.01 -0.41
C PHE N 305 -28.45 5.83 -1.14
N THR N 306 -29.38 6.45 -0.42
CA THR N 306 -30.38 7.36 -1.06
C THR N 306 -29.64 8.50 -1.79
N SER N 307 -28.72 9.14 -1.08
CA SER N 307 -28.00 10.36 -1.53
C SER N 307 -27.10 10.03 -2.74
N ALA N 308 -26.26 9.00 -2.62
CA ALA N 308 -25.34 8.59 -3.68
C ALA N 308 -26.17 8.26 -4.91
N THR N 309 -27.27 7.56 -4.76
CA THR N 309 -28.06 7.08 -5.92
C THR N 309 -28.58 8.30 -6.67
N MET N 310 -29.06 9.28 -5.92
CA MET N 310 -29.67 10.46 -6.59
C MET N 310 -28.67 11.24 -7.42
N ILE N 311 -27.39 11.22 -7.02
N ILE N 311 -27.41 11.34 -7.01
CA ILE N 311 -26.28 11.96 -7.72
CA ILE N 311 -26.51 12.28 -7.74
C ILE N 311 -26.23 11.53 -9.20
C ILE N 311 -26.22 11.75 -9.16
N ILE N 312 -26.49 10.27 -9.51
N ILE N 312 -26.49 10.48 -9.45
CA ILE N 312 -26.34 9.78 -10.90
CA ILE N 312 -26.24 9.95 -10.81
C ILE N 312 -27.25 10.58 -11.85
C ILE N 312 -27.21 10.60 -11.81
N ALA N 313 -28.32 11.18 -11.36
CA ALA N 313 -29.25 11.99 -12.21
C ALA N 313 -28.51 13.17 -12.88
N ILE N 314 -27.50 13.73 -12.20
CA ILE N 314 -26.77 14.91 -12.72
C ILE N 314 -26.07 14.56 -14.03
N PRO N 315 -25.07 13.64 -14.07
CA PRO N 315 -24.43 13.33 -15.34
C PRO N 315 -25.45 12.82 -16.37
N THR N 316 -26.44 12.03 -15.91
CA THR N 316 -27.45 11.44 -16.84
C THR N 316 -28.19 12.60 -17.53
N GLY N 317 -28.62 13.59 -16.74
CA GLY N 317 -29.28 14.78 -17.29
C GLY N 317 -28.42 15.50 -18.31
N VAL N 318 -27.10 15.58 -18.07
CA VAL N 318 -26.18 16.21 -19.06
C VAL N 318 -26.33 15.47 -20.39
N LYS N 319 -26.38 14.14 -20.37
CA LYS N 319 -26.52 13.44 -21.64
C LYS N 319 -27.86 13.75 -22.30
N VAL N 320 -28.95 13.66 -21.55
CA VAL N 320 -30.32 13.86 -22.09
C VAL N 320 -30.37 15.26 -22.71
N PHE N 321 -29.92 16.25 -21.97
CA PHE N 321 -29.94 17.64 -22.49
C PHE N 321 -28.99 17.77 -23.70
N SER N 322 -27.86 17.06 -23.71
CA SER N 322 -26.91 17.10 -24.84
C SER N 322 -27.55 16.51 -26.11
N TRP N 323 -28.30 15.40 -25.99
CA TRP N 323 -29.05 14.83 -27.15
C TRP N 323 -30.04 15.90 -27.65
N LEU N 324 -30.77 16.50 -26.73
CA LEU N 324 -31.73 17.55 -27.18
C LEU N 324 -30.99 18.69 -27.89
N ALA N 325 -29.84 19.08 -27.38
CA ALA N 325 -29.03 20.18 -27.98
C ALA N 325 -28.36 19.70 -29.28
N THR N 326 -28.18 18.39 -29.52
CA THR N 326 -27.74 17.94 -30.84
C THR N 326 -28.87 18.11 -31.88
N LEU N 327 -30.12 17.78 -31.53
CA LEU N 327 -31.31 17.98 -32.42
C LEU N 327 -31.42 19.46 -32.72
N HIS N 328 -31.13 20.32 -31.73
CA HIS N 328 -31.30 21.80 -31.87
C HIS N 328 -30.59 22.31 -33.12
N GLY N 329 -31.35 22.89 -34.06
CA GLY N 329 -30.80 23.49 -35.28
C GLY N 329 -30.52 22.46 -36.36
N GLY N 330 -30.93 21.21 -36.14
CA GLY N 330 -30.65 20.16 -37.14
C GLY N 330 -31.54 20.27 -38.35
N ASN N 331 -31.06 19.79 -39.50
CA ASN N 331 -31.90 19.41 -40.69
C ASN N 331 -32.36 18.01 -40.35
N ILE N 332 -33.53 17.87 -39.73
CA ILE N 332 -33.99 16.59 -39.13
C ILE N 332 -34.45 15.64 -40.25
N LYS N 333 -33.88 14.47 -40.30
CA LYS N 333 -34.32 13.41 -41.20
C LYS N 333 -35.12 12.44 -40.34
N TRP N 334 -36.41 12.32 -40.66
CA TRP N 334 -37.34 11.50 -39.87
C TRP N 334 -37.23 10.03 -40.31
N SER N 335 -36.01 9.52 -40.34
CA SER N 335 -35.76 8.06 -40.60
C SER N 335 -36.37 7.21 -39.47
N PRO N 336 -36.61 5.91 -39.72
CA PRO N 336 -37.02 5.04 -38.63
C PRO N 336 -36.02 5.02 -37.46
N ALA N 337 -34.70 5.02 -37.73
CA ALA N 337 -33.68 5.05 -36.64
C ALA N 337 -33.88 6.29 -35.76
N MET N 338 -34.10 7.45 -36.36
CA MET N 338 -34.36 8.67 -35.56
C MET N 338 -35.55 8.46 -34.64
N MET N 339 -36.62 7.84 -35.14
CA MET N 339 -37.83 7.57 -34.34
C MET N 339 -37.48 6.71 -33.12
N TRP N 340 -36.76 5.58 -33.32
CA TRP N 340 -36.26 4.77 -32.21
C TRP N 340 -35.56 5.68 -31.19
N ALA N 341 -34.64 6.52 -31.66
CA ALA N 341 -33.78 7.32 -30.77
C ALA N 341 -34.65 8.36 -30.03
N LEU N 342 -35.63 8.95 -30.69
CA LEU N 342 -36.49 9.96 -29.99
C LEU N 342 -37.35 9.21 -28.95
N GLY N 343 -37.86 8.02 -29.31
CA GLY N 343 -38.56 7.15 -28.37
C GLY N 343 -37.67 6.83 -27.19
N PHE N 344 -36.44 6.42 -27.45
CA PHE N 344 -35.46 6.17 -26.38
C PHE N 344 -35.40 7.38 -25.42
N ILE N 345 -35.12 8.56 -25.95
CA ILE N 345 -34.84 9.71 -25.06
C ILE N 345 -36.02 9.82 -24.09
N PHE N 346 -37.24 9.79 -24.60
CA PHE N 346 -38.44 10.01 -23.77
C PHE N 346 -38.63 8.88 -22.76
N LEU N 347 -38.66 7.64 -23.25
CA LEU N 347 -38.97 6.48 -22.39
C LEU N 347 -37.86 6.29 -21.33
N PHE N 348 -36.60 6.44 -21.75
CA PHE N 348 -35.44 6.39 -20.81
C PHE N 348 -35.65 7.46 -19.73
N THR N 349 -36.02 8.67 -20.12
CA THR N 349 -36.21 9.73 -19.11
C THR N 349 -37.27 9.30 -18.09
N VAL N 350 -38.43 8.78 -18.56
CA VAL N 350 -39.54 8.36 -17.68
C VAL N 350 -38.96 7.31 -16.73
N GLY N 351 -38.30 6.31 -17.26
CA GLY N 351 -37.84 5.25 -16.33
C GLY N 351 -36.76 5.75 -15.37
N GLY N 352 -35.89 6.65 -15.83
CA GLY N 352 -34.85 7.23 -14.98
C GLY N 352 -35.48 7.97 -13.83
N LEU N 353 -36.57 8.67 -14.11
CA LEU N 353 -37.26 9.47 -13.09
C LEU N 353 -37.92 8.54 -12.07
N THR N 354 -38.54 7.44 -12.49
CA THR N 354 -39.10 6.49 -11.47
C THR N 354 -37.95 5.85 -10.67
N GLY N 355 -36.75 5.79 -11.25
CA GLY N 355 -35.53 5.39 -10.49
C GLY N 355 -35.25 6.32 -9.32
N ILE N 356 -35.33 7.63 -9.59
CA ILE N 356 -35.12 8.66 -8.58
C ILE N 356 -36.19 8.54 -7.48
N VAL N 357 -37.42 8.22 -7.81
CA VAL N 357 -38.49 7.94 -6.80
C VAL N 357 -38.04 6.78 -5.90
N LEU N 358 -37.62 5.68 -6.50
CA LEU N 358 -37.20 4.47 -5.76
C LEU N 358 -35.94 4.74 -4.93
N ALA N 359 -35.06 5.66 -5.35
CA ALA N 359 -33.82 6.02 -4.61
C ALA N 359 -34.15 6.45 -3.18
N ASN N 360 -35.33 7.02 -2.97
CA ASN N 360 -35.71 7.47 -1.63
C ASN N 360 -36.07 6.26 -0.79
N SER N 361 -35.17 5.80 0.09
N SER N 361 -35.16 5.87 0.10
CA SER N 361 -35.36 4.57 0.89
CA SER N 361 -35.25 4.71 1.03
C SER N 361 -36.74 4.58 1.59
C SER N 361 -36.59 4.68 1.78
N SER N 362 -37.15 5.71 2.18
N SER N 362 -37.17 5.84 2.08
CA SER N 362 -38.45 5.84 2.86
CA SER N 362 -38.43 5.96 2.85
C SER N 362 -39.58 5.36 1.92
C SER N 362 -39.63 5.51 2.00
N LEU N 363 -39.72 5.96 0.75
CA LEU N 363 -40.75 5.50 -0.22
C LEU N 363 -40.43 4.08 -0.69
N ASP N 364 -39.17 3.75 -0.88
CA ASP N 364 -38.82 2.39 -1.36
C ASP N 364 -39.40 1.31 -0.42
N ILE N 365 -39.59 1.59 0.88
CA ILE N 365 -40.16 0.59 1.80
C ILE N 365 -41.46 0.10 1.16
N VAL N 366 -42.26 1.04 0.67
CA VAL N 366 -43.62 0.74 0.18
C VAL N 366 -43.54 0.26 -1.27
N LEU N 367 -42.54 0.64 -2.06
CA LEU N 367 -42.52 0.31 -3.51
C LEU N 367 -41.64 -0.93 -3.78
N HIS N 368 -40.77 -1.27 -2.84
CA HIS N 368 -39.84 -2.43 -2.96
C HIS N 368 -40.65 -3.71 -3.20
N ASP N 369 -40.23 -4.50 -4.17
CA ASP N 369 -40.84 -5.82 -4.40
C ASP N 369 -42.31 -5.64 -4.83
N THR N 370 -42.63 -4.53 -5.51
CA THR N 370 -43.91 -4.29 -6.17
C THR N 370 -43.70 -4.05 -7.67
N TYR N 371 -44.83 -4.00 -8.40
CA TYR N 371 -44.88 -3.71 -9.84
C TYR N 371 -44.32 -2.30 -10.11
N TYR N 372 -44.15 -1.40 -9.13
CA TYR N 372 -43.53 -0.08 -9.41
C TYR N 372 -42.08 -0.31 -9.88
N VAL N 373 -41.39 -1.23 -9.23
CA VAL N 373 -40.00 -1.54 -9.64
C VAL N 373 -40.02 -2.12 -11.05
N VAL N 374 -40.92 -3.07 -11.32
CA VAL N 374 -41.03 -3.70 -12.66
C VAL N 374 -41.28 -2.61 -13.73
N ALA N 375 -42.16 -1.66 -13.43
CA ALA N 375 -42.46 -0.53 -14.32
C ALA N 375 -41.18 0.27 -14.55
N HIS N 376 -40.46 0.59 -13.46
CA HIS N 376 -39.23 1.39 -13.55
C HIS N 376 -38.29 0.71 -14.55
N PHE N 377 -37.94 -0.56 -14.34
CA PHE N 377 -36.87 -1.12 -15.18
C PHE N 377 -37.34 -1.52 -16.57
N HIS N 378 -38.63 -1.80 -16.83
CA HIS N 378 -39.11 -2.06 -18.21
C HIS N 378 -39.09 -0.76 -19.03
N TYR N 379 -39.23 0.40 -18.37
CA TYR N 379 -39.02 1.71 -19.07
C TYR N 379 -37.52 1.87 -19.36
N VAL N 380 -36.68 1.89 -18.33
CA VAL N 380 -35.29 2.42 -18.45
C VAL N 380 -34.43 1.32 -19.08
N LEU N 381 -34.68 0.07 -18.71
CA LEU N 381 -33.83 -1.03 -19.26
C LEU N 381 -34.52 -1.69 -20.46
N SER N 382 -35.71 -2.19 -20.27
CA SER N 382 -36.38 -2.96 -21.36
C SER N 382 -36.61 -2.11 -22.59
N MET N 383 -37.33 -0.97 -22.50
CA MET N 383 -37.51 0.01 -23.61
C MET N 383 -36.16 0.72 -23.91
N GLY N 384 -35.42 1.23 -22.92
CA GLY N 384 -34.14 1.91 -23.24
C GLY N 384 -33.24 1.02 -24.08
N ALA N 385 -32.93 -0.18 -23.58
CA ALA N 385 -32.00 -1.07 -24.31
C ALA N 385 -32.60 -1.42 -25.67
N VAL N 386 -33.87 -1.85 -25.68
CA VAL N 386 -34.51 -2.36 -26.92
C VAL N 386 -34.58 -1.22 -27.95
N PHE N 387 -34.98 -0.01 -27.55
CA PHE N 387 -35.14 1.11 -28.51
C PHE N 387 -33.75 1.45 -29.07
N ALA N 388 -32.72 1.46 -28.21
CA ALA N 388 -31.36 1.77 -28.65
C ALA N 388 -30.93 0.66 -29.62
N ILE N 389 -31.19 -0.60 -29.29
CA ILE N 389 -30.84 -1.71 -30.21
C ILE N 389 -31.57 -1.55 -31.55
N MET N 390 -32.87 -1.29 -31.51
CA MET N 390 -33.62 -1.25 -32.80
C MET N 390 -33.14 -0.03 -33.59
N GLY N 391 -32.87 1.07 -32.91
CA GLY N 391 -32.30 2.25 -33.61
C GLY N 391 -31.00 1.93 -34.30
N GLY N 392 -30.07 1.31 -33.57
CA GLY N 392 -28.77 0.90 -34.09
C GLY N 392 -28.93 -0.12 -35.21
N PHE N 393 -29.87 -1.05 -35.02
CA PHE N 393 -30.09 -2.12 -36.01
C PHE N 393 -30.58 -1.49 -37.33
N VAL N 394 -31.60 -0.62 -37.29
N VAL N 394 -31.61 -0.64 -37.24
CA VAL N 394 -32.13 -0.10 -38.58
CA VAL N 394 -32.20 0.01 -38.44
C VAL N 394 -31.11 0.88 -39.17
C VAL N 394 -31.09 0.83 -39.13
N HIS N 395 -30.35 1.60 -38.33
CA HIS N 395 -29.31 2.54 -38.85
C HIS N 395 -28.18 1.78 -39.57
N TRP N 396 -27.66 0.72 -38.93
CA TRP N 396 -26.42 0.05 -39.42
C TRP N 396 -26.71 -1.23 -40.21
N PHE N 397 -27.95 -1.68 -40.28
CA PHE N 397 -28.30 -2.85 -41.11
C PHE N 397 -27.70 -2.72 -42.50
N PRO N 398 -27.82 -1.57 -43.19
CA PRO N 398 -27.27 -1.45 -44.53
C PRO N 398 -25.74 -1.53 -44.61
N LEU N 399 -25.03 -1.05 -43.57
CA LEU N 399 -23.56 -1.21 -43.50
C LEU N 399 -23.25 -2.71 -43.39
N PHE N 400 -23.95 -3.38 -42.51
CA PHE N 400 -23.58 -4.77 -42.16
C PHE N 400 -23.90 -5.73 -43.34
N SER N 401 -25.08 -5.53 -43.96
CA SER N 401 -25.70 -6.41 -44.98
C SER N 401 -25.36 -5.97 -46.40
N GLY N 402 -25.26 -4.66 -46.67
CA GLY N 402 -25.16 -4.14 -48.03
C GLY N 402 -26.52 -3.82 -48.64
N TYR N 403 -27.62 -4.03 -47.89
CA TYR N 403 -29.00 -3.91 -48.40
C TYR N 403 -29.78 -2.86 -47.59
N THR N 404 -30.68 -2.15 -48.24
CA THR N 404 -31.61 -1.22 -47.54
C THR N 404 -32.87 -1.93 -47.00
N LEU N 405 -33.37 -1.45 -45.87
CA LEU N 405 -34.73 -1.77 -45.37
C LEU N 405 -35.77 -0.95 -46.11
N ASN N 406 -37.03 -1.35 -46.02
CA ASN N 406 -38.18 -0.54 -46.47
C ASN N 406 -38.46 0.48 -45.34
N ASP N 407 -38.18 1.76 -45.55
CA ASP N 407 -38.36 2.76 -44.46
C ASP N 407 -39.81 2.78 -43.96
N THR N 408 -40.80 2.67 -44.82
CA THR N 408 -42.22 2.74 -44.40
C THR N 408 -42.55 1.56 -43.48
N TRP N 409 -42.14 0.36 -43.84
CA TRP N 409 -42.35 -0.80 -42.95
C TRP N 409 -41.69 -0.55 -41.58
N ALA N 410 -40.45 -0.04 -41.59
CA ALA N 410 -39.68 0.14 -40.34
C ALA N 410 -40.44 1.16 -39.48
N LYS N 411 -41.02 2.19 -40.09
CA LYS N 411 -41.79 3.21 -39.30
C LYS N 411 -43.06 2.55 -38.69
N ILE N 412 -43.73 1.69 -39.46
CA ILE N 412 -44.92 0.93 -39.00
C ILE N 412 -44.50 0.12 -37.78
N HIS N 413 -43.36 -0.57 -37.89
CA HIS N 413 -42.80 -1.40 -36.82
C HIS N 413 -42.59 -0.55 -35.55
N PHE N 414 -41.87 0.55 -35.65
CA PHE N 414 -41.69 1.52 -34.55
C PHE N 414 -43.05 1.87 -33.91
N ALA N 415 -44.03 2.25 -34.70
CA ALA N 415 -45.36 2.72 -34.22
C ALA N 415 -46.03 1.59 -33.38
N ILE N 416 -46.02 0.37 -33.90
CA ILE N 416 -46.66 -0.76 -33.20
C ILE N 416 -45.96 -0.97 -31.85
N MET N 417 -44.64 -0.98 -31.88
N MET N 417 -44.63 -1.02 -31.84
CA MET N 417 -43.81 -1.25 -30.68
CA MET N 417 -43.86 -1.27 -30.60
C MET N 417 -44.00 -0.15 -29.62
C MET N 417 -44.12 -0.14 -29.59
N PHE N 418 -44.10 1.12 -30.02
CA PHE N 418 -44.27 2.25 -29.09
C PHE N 418 -45.60 2.06 -28.35
N VAL N 419 -46.66 1.73 -29.09
CA VAL N 419 -48.01 1.51 -28.51
C VAL N 419 -47.94 0.32 -27.55
N GLY N 420 -47.38 -0.80 -28.00
CA GLY N 420 -47.38 -2.04 -27.19
C GLY N 420 -46.66 -1.87 -25.84
N VAL N 421 -45.44 -1.40 -25.86
CA VAL N 421 -44.63 -1.33 -24.62
C VAL N 421 -45.33 -0.35 -23.66
N ASN N 422 -45.88 0.77 -24.14
CA ASN N 422 -46.52 1.74 -23.21
C ASN N 422 -47.78 1.09 -22.61
N MET N 423 -48.60 0.44 -23.45
N MET N 423 -48.62 0.45 -23.44
CA MET N 423 -49.84 -0.22 -22.95
CA MET N 423 -49.84 -0.22 -22.91
C MET N 423 -49.45 -1.33 -21.96
C MET N 423 -49.43 -1.32 -21.92
N THR N 424 -48.31 -2.01 -22.17
CA THR N 424 -47.88 -3.12 -21.29
C THR N 424 -47.45 -2.54 -19.94
N PHE N 425 -46.57 -1.54 -19.93
CA PHE N 425 -45.80 -1.21 -18.72
C PHE N 425 -46.38 -0.01 -17.99
N PHE N 426 -47.03 0.92 -18.68
CA PHE N 426 -47.47 2.14 -17.98
C PHE N 426 -48.42 1.77 -16.83
N PRO N 427 -49.41 0.89 -17.04
CA PRO N 427 -50.34 0.55 -15.97
C PRO N 427 -49.64 -0.15 -14.79
N GLN N 428 -48.40 -0.64 -14.97
CA GLN N 428 -47.72 -1.34 -13.87
C GLN N 428 -47.37 -0.32 -12.75
N HIS N 429 -47.20 0.93 -13.09
CA HIS N 429 -47.04 1.98 -12.04
C HIS N 429 -48.21 1.93 -11.04
N PHE N 430 -49.44 1.84 -11.53
CA PHE N 430 -50.66 1.88 -10.71
C PHE N 430 -50.67 0.64 -9.80
N LEU N 431 -50.35 -0.51 -10.41
CA LEU N 431 -50.32 -1.80 -9.71
C LEU N 431 -49.34 -1.71 -8.53
N GLY N 432 -48.15 -1.15 -8.76
CA GLY N 432 -47.09 -0.94 -7.75
C GLY N 432 -47.52 0.02 -6.65
N LEU N 433 -47.99 1.22 -6.98
CA LEU N 433 -48.44 2.19 -5.96
C LEU N 433 -49.56 1.59 -5.10
N SER N 434 -50.50 0.86 -5.70
CA SER N 434 -51.65 0.26 -5.00
C SER N 434 -51.24 -1.05 -4.27
N GLY N 435 -50.00 -1.51 -4.40
CA GLY N 435 -49.43 -2.55 -3.52
C GLY N 435 -49.31 -3.96 -4.13
N MET N 436 -49.49 -4.13 -5.43
CA MET N 436 -49.34 -5.49 -6.03
C MET N 436 -47.86 -5.90 -5.99
N PRO N 437 -47.52 -7.01 -5.27
CA PRO N 437 -46.17 -7.57 -5.30
C PRO N 437 -45.77 -8.06 -6.70
N ARG N 438 -44.47 -7.92 -6.98
CA ARG N 438 -43.83 -8.59 -8.13
C ARG N 438 -43.64 -10.07 -7.79
N ARG N 439 -43.30 -10.86 -8.81
CA ARG N 439 -43.00 -12.30 -8.66
C ARG N 439 -44.23 -13.07 -8.18
N TYR N 440 -45.44 -12.61 -8.53
CA TYR N 440 -46.75 -13.23 -8.22
C TYR N 440 -47.37 -13.86 -9.49
N SER N 441 -47.94 -15.06 -9.33
CA SER N 441 -48.65 -15.81 -10.41
C SER N 441 -50.13 -15.39 -10.46
N ASP N 442 -50.59 -14.74 -9.42
CA ASP N 442 -52.00 -14.33 -9.28
C ASP N 442 -52.08 -13.18 -8.28
N TYR N 443 -53.20 -12.47 -8.33
CA TYR N 443 -53.38 -11.20 -7.60
C TYR N 443 -54.77 -11.11 -7.04
N PRO N 444 -54.89 -10.41 -5.89
CA PRO N 444 -56.19 -10.00 -5.39
C PRO N 444 -57.00 -9.30 -6.49
N ASP N 445 -58.31 -9.46 -6.39
CA ASP N 445 -59.28 -9.15 -7.48
C ASP N 445 -59.21 -7.68 -7.87
N ALA N 446 -58.91 -6.80 -6.92
CA ALA N 446 -58.83 -5.35 -7.21
C ALA N 446 -57.85 -5.02 -8.34
N TYR N 447 -56.80 -5.82 -8.56
CA TYR N 447 -55.70 -5.52 -9.49
C TYR N 447 -56.04 -5.99 -10.91
N THR N 448 -57.23 -6.58 -11.14
CA THR N 448 -57.61 -7.25 -12.41
C THR N 448 -57.48 -6.29 -13.62
N MET N 449 -58.06 -5.10 -13.55
CA MET N 449 -58.15 -4.23 -14.74
C MET N 449 -56.77 -3.92 -15.32
N TRP N 450 -55.82 -3.47 -14.50
CA TRP N 450 -54.51 -3.03 -15.00
C TRP N 450 -53.70 -4.26 -15.44
N ASN N 451 -53.86 -5.42 -14.80
CA ASN N 451 -53.19 -6.66 -15.29
C ASN N 451 -53.75 -7.07 -16.66
N THR N 452 -55.07 -6.97 -16.87
CA THR N 452 -55.71 -7.26 -18.15
C THR N 452 -55.12 -6.39 -19.26
N ILE N 453 -55.08 -5.09 -19.06
CA ILE N 453 -54.56 -4.13 -20.06
C ILE N 453 -53.10 -4.43 -20.34
N SER N 454 -52.31 -4.60 -19.28
CA SER N 454 -50.86 -4.93 -19.41
C SER N 454 -50.68 -6.17 -20.32
N SER N 455 -51.43 -7.22 -20.06
CA SER N 455 -51.36 -8.46 -20.85
C SER N 455 -51.80 -8.20 -22.30
N MET N 456 -52.84 -7.40 -22.53
CA MET N 456 -53.21 -7.06 -23.93
C MET N 456 -52.08 -6.29 -24.64
N GLY N 457 -51.41 -5.34 -23.97
CA GLY N 457 -50.21 -4.64 -24.50
C GLY N 457 -49.13 -5.64 -24.93
N SER N 458 -48.93 -6.72 -24.16
CA SER N 458 -47.83 -7.66 -24.45
C SER N 458 -48.02 -8.27 -25.85
N PHE N 459 -49.28 -8.50 -26.28
CA PHE N 459 -49.62 -9.05 -27.62
C PHE N 459 -49.31 -8.03 -28.72
N ILE N 460 -49.47 -6.72 -28.46
CA ILE N 460 -49.18 -5.68 -29.47
C ILE N 460 -47.68 -5.75 -29.79
N SER N 461 -46.84 -5.82 -28.76
CA SER N 461 -45.37 -5.91 -28.88
C SER N 461 -45.02 -7.22 -29.58
N LEU N 462 -45.76 -8.30 -29.34
CA LEU N 462 -45.55 -9.55 -30.13
C LEU N 462 -45.78 -9.31 -31.63
N THR N 463 -46.86 -8.61 -32.00
CA THR N 463 -47.15 -8.31 -33.42
C THR N 463 -45.95 -7.54 -34.02
N ALA N 464 -45.41 -6.58 -33.28
CA ALA N 464 -44.20 -5.83 -33.70
C ALA N 464 -43.03 -6.79 -33.90
N VAL N 465 -42.78 -7.73 -33.01
CA VAL N 465 -41.63 -8.67 -33.19
C VAL N 465 -41.81 -9.46 -34.49
N MET N 466 -42.99 -9.96 -34.73
CA MET N 466 -43.28 -10.78 -35.92
C MET N 466 -43.05 -9.94 -37.19
N LEU N 467 -43.49 -8.67 -37.17
CA LEU N 467 -43.35 -7.77 -38.31
C LEU N 467 -41.86 -7.54 -38.57
N MET N 468 -41.07 -7.35 -37.50
CA MET N 468 -39.64 -7.08 -37.60
C MET N 468 -38.98 -8.23 -38.38
N VAL N 469 -39.36 -9.46 -38.11
CA VAL N 469 -38.73 -10.59 -38.85
C VAL N 469 -39.09 -10.49 -40.33
N PHE N 470 -40.36 -10.16 -40.62
CA PHE N 470 -40.84 -9.96 -42.00
C PHE N 470 -40.01 -8.88 -42.71
N ILE N 471 -39.71 -7.79 -41.99
CA ILE N 471 -39.03 -6.60 -42.56
C ILE N 471 -37.59 -6.98 -42.92
N ILE N 472 -36.93 -7.73 -42.06
CA ILE N 472 -35.56 -8.22 -42.33
C ILE N 472 -35.62 -9.15 -43.54
N TRP N 473 -36.60 -10.05 -43.58
CA TRP N 473 -36.78 -10.95 -44.76
C TRP N 473 -36.95 -10.12 -46.03
N GLU N 474 -37.84 -9.12 -45.99
CA GLU N 474 -38.11 -8.31 -47.20
C GLU N 474 -36.81 -7.66 -47.70
N ALA N 475 -35.95 -7.15 -46.82
CA ALA N 475 -34.69 -6.47 -47.22
C ALA N 475 -33.78 -7.51 -47.91
N PHE N 476 -33.59 -8.69 -47.32
CA PHE N 476 -32.77 -9.76 -47.97
C PHE N 476 -33.45 -10.31 -49.24
N ALA N 477 -34.77 -10.30 -49.31
CA ALA N 477 -35.50 -10.87 -50.46
C ALA N 477 -35.42 -9.94 -51.67
N SER N 478 -35.41 -8.62 -51.44
CA SER N 478 -35.50 -7.59 -52.50
C SER N 478 -34.10 -7.27 -53.06
N LYS N 479 -33.05 -7.25 -52.23
CA LYS N 479 -31.63 -7.02 -52.64
C LYS N 479 -31.51 -5.64 -53.29
N ARG N 480 -31.88 -4.59 -52.55
CA ARG N 480 -31.55 -3.20 -52.93
C ARG N 480 -30.14 -2.89 -52.36
N GLU N 481 -29.11 -2.86 -53.19
CA GLU N 481 -27.71 -2.70 -52.74
C GLU N 481 -27.43 -1.21 -52.54
N VAL N 482 -26.80 -0.87 -51.42
CA VAL N 482 -26.48 0.53 -51.05
C VAL N 482 -25.54 1.08 -52.11
N LEU N 483 -25.73 2.33 -52.50
CA LEU N 483 -24.70 3.08 -53.28
C LEU N 483 -23.92 4.03 -52.35
N THR N 484 -24.56 5.11 -51.92
CA THR N 484 -23.92 6.19 -51.13
C THR N 484 -24.67 6.33 -49.80
N VAL N 485 -23.99 6.78 -48.76
CA VAL N 485 -24.62 7.37 -47.56
C VAL N 485 -24.01 8.77 -47.33
N ASP N 486 -24.79 9.65 -46.74
CA ASP N 486 -24.33 11.01 -46.42
C ASP N 486 -23.53 10.98 -45.09
N LEU N 487 -22.76 12.05 -44.88
CA LEU N 487 -22.00 12.34 -43.64
C LEU N 487 -20.90 11.30 -43.41
N THR N 488 -20.33 10.73 -44.47
CA THR N 488 -19.18 9.83 -44.26
C THR N 488 -18.01 10.61 -43.63
N THR N 489 -17.91 11.95 -43.79
CA THR N 489 -16.75 12.66 -43.22
C THR N 489 -16.73 12.50 -41.69
N THR N 490 -17.88 12.24 -41.04
CA THR N 490 -17.93 12.12 -39.57
C THR N 490 -18.53 10.78 -39.19
N ASN N 491 -18.37 9.75 -40.01
CA ASN N 491 -18.95 8.43 -39.69
C ASN N 491 -18.08 7.36 -40.41
N LEU N 492 -16.86 7.24 -39.96
CA LEU N 492 -15.79 6.45 -40.63
C LEU N 492 -16.24 5.00 -40.89
N GLU N 493 -17.13 4.45 -40.08
CA GLU N 493 -17.53 3.02 -40.25
C GLU N 493 -18.13 2.81 -41.63
N TRP N 494 -18.65 3.87 -42.30
CA TRP N 494 -19.32 3.71 -43.63
C TRP N 494 -18.33 3.77 -44.80
N LEU N 495 -17.09 4.25 -44.60
CA LEU N 495 -16.20 4.74 -45.67
C LEU N 495 -15.58 3.58 -46.47
N ASN N 496 -15.76 2.33 -46.04
CA ASN N 496 -15.24 1.16 -46.83
C ASN N 496 -16.39 0.48 -47.60
N GLY N 497 -17.55 1.13 -47.64
CA GLY N 497 -18.70 0.59 -48.39
C GLY N 497 -19.52 -0.40 -47.57
N CYS N 498 -20.52 -0.96 -48.23
CA CYS N 498 -21.60 -1.73 -47.58
C CYS N 498 -21.80 -3.01 -48.35
N PRO N 499 -21.47 -4.17 -47.78
CA PRO N 499 -20.71 -4.26 -46.54
C PRO N 499 -19.24 -4.03 -46.82
N PRO N 500 -18.45 -3.67 -45.78
CA PRO N 500 -17.04 -3.41 -45.97
C PRO N 500 -16.37 -4.73 -46.31
N PRO N 501 -15.22 -4.73 -47.00
CA PRO N 501 -14.51 -5.98 -47.28
C PRO N 501 -14.16 -6.72 -45.98
N TYR N 502 -13.96 -8.04 -46.07
CA TYR N 502 -13.55 -8.92 -44.96
C TYR N 502 -12.42 -8.24 -44.14
N HIS N 503 -11.35 -7.83 -44.83
CA HIS N 503 -10.21 -7.10 -44.26
C HIS N 503 -10.40 -5.62 -44.61
N THR N 504 -10.53 -4.76 -43.62
CA THR N 504 -10.48 -3.30 -43.79
C THR N 504 -9.25 -2.74 -43.06
N PHE N 505 -8.85 -1.53 -43.49
CA PHE N 505 -7.69 -0.80 -42.92
C PHE N 505 -6.43 -1.70 -42.94
N GLU N 506 -6.21 -2.49 -44.00
CA GLU N 506 -4.90 -3.14 -44.21
C GLU N 506 -3.82 -2.06 -44.35
N GLU N 507 -4.15 -1.04 -45.11
CA GLU N 507 -3.43 0.24 -45.10
C GLU N 507 -4.20 1.12 -44.11
N PRO N 508 -3.60 1.50 -42.98
CA PRO N 508 -4.28 2.26 -41.97
C PRO N 508 -4.59 3.67 -42.53
N THR N 509 -5.47 4.36 -41.83
CA THR N 509 -5.73 5.79 -42.14
C THR N 509 -4.45 6.62 -41.94
N TYR N 510 -4.40 7.77 -42.61
CA TYR N 510 -3.36 8.77 -42.42
C TYR N 510 -4.00 9.88 -41.55
N VAL N 511 -3.42 10.12 -40.37
CA VAL N 511 -3.85 11.22 -39.46
C VAL N 511 -2.60 11.95 -38.97
N ASN N 512 -2.47 13.24 -39.28
CA ASN N 512 -1.22 13.94 -38.90
C ASN N 512 -1.47 14.69 -37.59
N LEU N 513 -0.41 15.14 -36.92
CA LEU N 513 -0.52 16.09 -35.76
C LEU N 513 -0.32 17.56 -36.21
N FME O 1 -56.80 -2.07 2.03
CN FME O 1 -56.35 -2.34 3.26
O1 FME O 1 -55.66 -3.31 3.59
CA FME O 1 -56.55 -2.90 0.85
CB FME O 1 -57.55 -4.08 0.80
CG FME O 1 -58.96 -3.55 0.76
SD FME O 1 -60.16 -4.79 0.85
CE FME O 1 -59.83 -5.65 -0.69
C FME O 1 -56.67 -2.04 -0.41
O FME O 1 -57.26 -0.97 -0.34
N ALA O 2 -56.14 -2.51 -1.53
CA ALA O 2 -56.44 -1.88 -2.82
C ALA O 2 -57.90 -2.12 -3.23
N TYR O 3 -58.44 -1.22 -4.04
CA TYR O 3 -59.79 -1.31 -4.65
C TYR O 3 -59.59 -1.27 -6.17
N PRO O 4 -60.60 -1.68 -6.95
CA PRO O 4 -60.52 -1.68 -8.41
C PRO O 4 -60.26 -0.31 -9.00
N MET O 5 -59.41 -0.30 -10.03
CA MET O 5 -59.04 0.86 -10.87
C MET O 5 -58.24 1.88 -10.05
N GLN O 6 -57.59 1.42 -9.00
CA GLN O 6 -56.81 2.31 -8.14
C GLN O 6 -55.55 2.78 -8.87
N LEU O 7 -55.21 4.07 -8.77
CA LEU O 7 -54.04 4.67 -9.48
C LEU O 7 -52.86 4.88 -8.52
N GLY O 8 -53.15 5.16 -7.24
CA GLY O 8 -52.15 5.58 -6.26
C GLY O 8 -52.05 4.66 -5.07
N PHE O 9 -51.48 5.21 -4.01
CA PHE O 9 -51.31 4.52 -2.72
C PHE O 9 -52.65 4.27 -2.07
N GLN O 10 -52.74 3.13 -1.37
CA GLN O 10 -53.80 2.84 -0.38
C GLN O 10 -53.85 4.02 0.60
N ASP O 11 -55.04 4.35 1.07
CA ASP O 11 -55.23 5.41 2.07
C ASP O 11 -54.30 5.13 3.27
N ALA O 12 -53.63 6.16 3.77
CA ALA O 12 -52.72 6.06 4.94
C ALA O 12 -53.49 5.65 6.20
N THR O 13 -52.97 4.64 6.87
CA THR O 13 -53.50 4.15 8.16
C THR O 13 -52.61 4.67 9.31
N SER O 14 -51.38 5.08 9.04
CA SER O 14 -50.37 5.46 10.07
C SER O 14 -49.85 6.83 9.71
N PRO O 15 -49.41 7.65 10.69
CA PRO O 15 -48.76 8.94 10.44
C PRO O 15 -47.59 8.83 9.46
N ILE O 16 -46.77 7.77 9.49
N ILE O 16 -46.79 7.76 9.57
CA ILE O 16 -45.63 7.71 8.54
CA ILE O 16 -45.66 7.47 8.65
C ILE O 16 -46.15 7.41 7.12
C ILE O 16 -46.20 7.44 7.21
N MET O 17 -47.24 6.64 6.96
CA MET O 17 -47.78 6.45 5.60
C MET O 17 -48.31 7.80 5.10
N GLU O 18 -48.93 8.59 5.98
N GLU O 18 -48.92 8.63 5.95
CA GLU O 18 -49.43 9.94 5.61
CA GLU O 18 -49.44 9.93 5.46
C GLU O 18 -48.26 10.77 5.09
C GLU O 18 -48.25 10.83 5.08
N GLU O 19 -47.13 10.76 5.82
CA GLU O 19 -45.90 11.49 5.43
C GLU O 19 -45.43 11.03 4.05
N LEU O 20 -45.39 9.72 3.83
CA LEU O 20 -45.00 9.18 2.52
C LEU O 20 -45.95 9.68 1.43
N LEU O 21 -47.27 9.75 1.67
CA LEU O 21 -48.20 10.26 0.64
C LEU O 21 -47.81 11.67 0.23
N HIS O 22 -47.59 12.55 1.21
N HIS O 22 -47.64 12.65 1.15
CA HIS O 22 -47.30 13.99 0.96
CA HIS O 22 -47.34 14.05 0.69
C HIS O 22 -45.97 14.08 0.18
C HIS O 22 -45.93 14.08 0.09
N PHE O 23 -45.01 13.22 0.56
CA PHE O 23 -43.65 13.17 -0.03
C PHE O 23 -43.78 12.64 -1.45
N HIS O 24 -44.59 11.59 -1.66
CA HIS O 24 -44.85 11.11 -3.05
C HIS O 24 -45.48 12.22 -3.92
N ASP O 25 -46.48 12.93 -3.41
CA ASP O 25 -47.14 14.01 -4.20
C ASP O 25 -46.09 15.02 -4.67
N HIS O 26 -45.20 15.41 -3.78
CA HIS O 26 -44.06 16.35 -4.04
C HIS O 26 -43.14 15.78 -5.13
N THR O 27 -42.72 14.53 -4.99
CA THR O 27 -41.77 13.94 -5.94
C THR O 27 -42.46 13.74 -7.29
N LEU O 28 -43.73 13.31 -7.31
CA LEU O 28 -44.45 13.01 -8.55
C LEU O 28 -44.59 14.33 -9.31
N MET O 29 -44.85 15.43 -8.61
CA MET O 29 -44.99 16.72 -9.32
C MET O 29 -43.72 17.00 -10.13
N ILE O 30 -42.57 16.83 -9.50
CA ILE O 30 -41.23 16.99 -10.14
C ILE O 30 -41.06 15.99 -11.29
N VAL O 31 -41.33 14.71 -11.07
CA VAL O 31 -41.31 13.71 -12.17
C VAL O 31 -42.15 14.18 -13.38
N PHE O 32 -43.40 14.58 -13.13
N PHE O 32 -43.41 14.59 -13.16
CA PHE O 32 -44.34 15.05 -14.19
CA PHE O 32 -44.32 14.97 -14.29
C PHE O 32 -43.66 16.18 -14.96
C PHE O 32 -43.75 16.23 -14.97
N LEU O 33 -43.21 17.17 -14.21
CA LEU O 33 -42.65 18.44 -14.78
C LEU O 33 -41.43 18.10 -15.65
N ILE O 34 -40.53 17.22 -15.18
CA ILE O 34 -39.27 16.97 -15.93
C ILE O 34 -39.63 16.16 -17.17
N SER O 35 -40.43 15.12 -17.00
CA SER O 35 -40.99 14.26 -18.10
C SER O 35 -41.56 15.14 -19.20
N SER O 36 -42.41 16.09 -18.80
CA SER O 36 -43.17 17.00 -19.70
C SER O 36 -42.23 17.95 -20.42
N LEU O 37 -41.31 18.55 -19.65
CA LEU O 37 -40.29 19.44 -20.24
C LEU O 37 -39.45 18.69 -21.29
N VAL O 38 -39.00 17.46 -21.01
CA VAL O 38 -38.21 16.71 -22.03
C VAL O 38 -39.07 16.48 -23.30
N LEU O 39 -40.30 16.01 -23.16
CA LEU O 39 -41.20 15.78 -24.31
C LEU O 39 -41.39 17.10 -25.05
N TYR O 40 -41.64 18.18 -24.29
CA TYR O 40 -41.91 19.49 -24.90
C TYR O 40 -40.67 19.91 -25.70
N ILE O 41 -39.49 19.79 -25.10
CA ILE O 41 -38.24 20.27 -25.76
C ILE O 41 -37.99 19.38 -26.97
N ILE O 42 -38.23 18.07 -26.85
CA ILE O 42 -38.13 17.25 -28.09
C ILE O 42 -39.01 17.91 -29.15
N SER O 43 -40.27 18.21 -28.85
CA SER O 43 -41.21 18.66 -29.91
C SER O 43 -40.73 20.01 -30.43
N LEU O 44 -40.17 20.86 -29.55
CA LEU O 44 -39.62 22.19 -29.95
C LEU O 44 -38.40 22.04 -30.88
N MET O 45 -37.51 21.10 -30.58
CA MET O 45 -36.32 20.87 -31.44
C MET O 45 -36.75 20.38 -32.82
N LEU O 46 -37.91 19.71 -32.91
CA LEU O 46 -38.30 18.99 -34.14
C LEU O 46 -39.26 19.80 -34.98
N THR O 47 -39.62 21.03 -34.60
CA THR O 47 -40.72 21.72 -35.32
C THR O 47 -40.25 23.05 -35.96
N THR O 48 -39.01 23.19 -36.41
CA THR O 48 -38.59 24.42 -37.12
C THR O 48 -37.74 24.05 -38.33
N LYS O 49 -37.88 24.82 -39.41
CA LYS O 49 -37.06 24.72 -40.64
C LYS O 49 -35.76 25.51 -40.43
N LEU O 50 -35.66 26.32 -39.37
CA LEU O 50 -34.43 27.06 -39.05
C LEU O 50 -33.33 26.08 -38.67
N THR O 51 -32.12 26.36 -39.11
CA THR O 51 -30.95 25.50 -38.83
C THR O 51 -29.76 26.28 -38.24
N HIS O 52 -28.97 25.54 -37.52
CA HIS O 52 -27.65 25.93 -36.97
C HIS O 52 -26.89 24.62 -36.79
N THR O 53 -25.98 24.34 -37.70
CA THR O 53 -25.29 23.01 -37.78
C THR O 53 -23.79 23.16 -37.51
N SER O 54 -23.31 24.39 -37.33
CA SER O 54 -21.88 24.65 -37.01
C SER O 54 -21.67 24.29 -35.54
N THR O 55 -20.41 24.20 -35.12
CA THR O 55 -20.05 23.79 -33.75
C THR O 55 -20.74 24.74 -32.78
N MET O 56 -21.42 24.20 -31.77
CA MET O 56 -21.97 25.00 -30.67
C MET O 56 -21.11 24.88 -29.40
N ASP O 57 -20.92 26.02 -28.72
CA ASP O 57 -20.19 26.09 -27.41
C ASP O 57 -21.11 25.60 -26.26
N ALA O 58 -20.66 24.61 -25.51
CA ALA O 58 -21.50 23.90 -24.53
C ALA O 58 -21.32 24.45 -23.12
N GLN O 59 -20.32 25.28 -22.87
CA GLN O 59 -19.84 25.52 -21.48
C GLN O 59 -20.93 26.18 -20.64
N GLU O 60 -21.45 27.29 -21.13
CA GLU O 60 -22.44 28.04 -20.31
C GLU O 60 -23.67 27.16 -20.04
N VAL O 61 -24.23 26.50 -21.06
CA VAL O 61 -25.50 25.78 -20.83
C VAL O 61 -25.21 24.62 -19.88
N GLU O 62 -23.99 24.08 -19.83
CA GLU O 62 -23.80 22.91 -18.94
C GLU O 62 -23.83 23.35 -17.46
N THR O 63 -23.54 24.62 -17.14
CA THR O 63 -23.76 25.13 -15.77
C THR O 63 -25.24 24.93 -15.39
N ILE O 64 -26.16 25.31 -16.29
CA ILE O 64 -27.62 25.26 -15.98
C ILE O 64 -28.02 23.79 -15.81
N TRP O 65 -27.59 22.96 -16.73
CA TRP O 65 -27.93 21.50 -16.77
C TRP O 65 -27.39 20.74 -15.57
N THR O 66 -26.43 21.29 -14.81
CA THR O 66 -25.89 20.62 -13.60
C THR O 66 -26.42 21.30 -12.34
N ILE O 67 -26.44 22.64 -12.28
CA ILE O 67 -26.90 23.32 -11.03
C ILE O 67 -28.38 23.05 -10.76
N LEU O 68 -29.23 23.23 -11.80
CA LEU O 68 -30.71 23.13 -11.63
C LEU O 68 -31.04 21.71 -11.18
N PRO O 69 -30.55 20.65 -11.86
CA PRO O 69 -30.80 19.31 -11.34
C PRO O 69 -30.25 19.09 -9.93
N ALA O 70 -29.10 19.65 -9.57
CA ALA O 70 -28.52 19.47 -8.21
C ALA O 70 -29.47 20.10 -7.21
N ILE O 71 -29.97 21.29 -7.51
CA ILE O 71 -30.96 21.92 -6.59
C ILE O 71 -32.20 21.02 -6.47
N ILE O 72 -32.68 20.49 -7.59
CA ILE O 72 -33.92 19.68 -7.58
C ILE O 72 -33.68 18.44 -6.69
N LEU O 73 -32.55 17.77 -6.86
CA LEU O 73 -32.27 16.59 -6.05
C LEU O 73 -32.24 16.97 -4.56
N ILE O 74 -31.61 18.10 -4.21
CA ILE O 74 -31.56 18.54 -2.79
C ILE O 74 -33.01 18.71 -2.30
N LEU O 75 -33.89 19.24 -3.16
CA LEU O 75 -35.28 19.56 -2.74
C LEU O 75 -36.06 18.25 -2.58
N ILE O 76 -35.63 17.17 -3.21
CA ILE O 76 -36.25 15.83 -2.98
C ILE O 76 -35.62 15.24 -1.71
N ALA O 77 -34.30 15.23 -1.62
CA ALA O 77 -33.53 14.56 -0.54
C ALA O 77 -33.87 15.13 0.84
N LEU O 78 -34.05 16.44 0.99
CA LEU O 78 -34.34 17.04 2.34
C LEU O 78 -35.57 16.38 2.97
N PRO O 79 -36.77 16.44 2.36
CA PRO O 79 -37.94 15.82 2.96
C PRO O 79 -37.79 14.28 3.02
N SER O 80 -37.16 13.66 2.02
CA SER O 80 -36.95 12.18 2.00
C SER O 80 -36.23 11.75 3.28
N LEU O 81 -35.14 12.45 3.58
CA LEU O 81 -34.27 12.13 4.72
C LEU O 81 -34.95 12.54 6.04
N ARG O 82 -35.70 13.65 6.09
CA ARG O 82 -36.50 13.98 7.29
C ARG O 82 -37.39 12.77 7.61
N ILE O 83 -38.07 12.18 6.64
CA ILE O 83 -39.02 11.08 6.93
C ILE O 83 -38.21 9.84 7.32
N LEU O 84 -37.09 9.60 6.67
CA LEU O 84 -36.23 8.45 7.01
C LEU O 84 -35.88 8.50 8.50
N TYR O 85 -35.48 9.67 9.00
CA TYR O 85 -35.03 9.81 10.41
C TYR O 85 -36.24 9.77 11.37
N MET O 86 -37.42 10.23 10.96
CA MET O 86 -38.66 10.10 11.77
C MET O 86 -38.99 8.62 11.99
N MET O 87 -38.93 7.78 10.94
N MET O 87 -39.10 7.82 10.91
CA MET O 87 -39.26 6.33 10.99
CA MET O 87 -39.22 6.33 10.97
C MET O 87 -38.18 5.54 11.75
C MET O 87 -38.35 5.89 12.16
N ASP O 88 -37.06 6.18 12.07
CA ASP O 88 -36.02 5.58 12.94
C ASP O 88 -36.14 6.07 14.38
N GLU O 89 -36.74 7.27 14.63
CA GLU O 89 -36.73 8.03 15.92
C GLU O 89 -37.24 7.17 17.09
N ILE O 90 -36.41 7.06 18.15
CA ILE O 90 -36.73 6.33 19.42
C ILE O 90 -38.21 6.58 19.68
N ASN O 91 -38.94 5.49 19.90
CA ASN O 91 -40.30 5.55 20.47
C ASN O 91 -40.29 4.49 21.57
N ASN O 92 -41.27 4.60 22.45
CA ASN O 92 -41.48 3.65 23.56
C ASN O 92 -42.59 2.72 23.16
N PRO O 93 -42.32 1.52 22.60
CA PRO O 93 -43.39 0.59 22.29
C PRO O 93 -44.04 0.18 23.63
N SER O 94 -45.34 -0.07 23.64
CA SER O 94 -46.06 -0.68 24.79
C SER O 94 -46.24 -2.19 24.56
N LEU O 95 -45.91 -2.69 23.37
CA LEU O 95 -46.18 -4.10 22.98
C LEU O 95 -45.12 -4.55 21.98
N THR O 96 -44.63 -5.79 22.09
CA THR O 96 -43.76 -6.42 21.08
C THR O 96 -44.44 -7.69 20.58
N VAL O 97 -44.53 -7.85 19.26
CA VAL O 97 -45.07 -9.05 18.58
C VAL O 97 -43.99 -9.52 17.61
N LYS O 98 -43.73 -10.82 17.59
CA LYS O 98 -42.86 -11.46 16.59
C LYS O 98 -43.74 -12.08 15.51
N THR O 99 -43.26 -12.02 14.27
CA THR O 99 -43.74 -12.85 13.15
C THR O 99 -42.57 -13.64 12.59
N MET O 100 -42.83 -14.92 12.34
CA MET O 100 -41.89 -15.83 11.64
C MET O 100 -42.54 -16.20 10.31
N GLY O 101 -41.83 -15.93 9.22
CA GLY O 101 -42.15 -16.44 7.88
C GLY O 101 -41.89 -17.95 7.79
N HIS O 102 -42.73 -18.64 7.04
CA HIS O 102 -42.65 -20.09 6.66
C HIS O 102 -43.13 -20.23 5.22
N GLN O 103 -42.71 -21.32 4.57
CA GLN O 103 -43.31 -21.81 3.31
C GLN O 103 -44.57 -22.61 3.67
N TRP O 104 -45.79 -22.08 3.50
CA TRP O 104 -46.13 -20.74 3.03
C TRP O 104 -47.25 -20.16 3.93
N TYR O 105 -46.85 -19.53 5.03
CA TYR O 105 -47.78 -18.96 6.03
C TYR O 105 -46.96 -18.19 7.06
N TRP O 106 -47.62 -17.39 7.88
CA TRP O 106 -46.96 -16.57 8.93
C TRP O 106 -47.36 -17.14 10.28
N SER O 107 -46.42 -17.16 11.21
CA SER O 107 -46.77 -17.41 12.63
C SER O 107 -46.51 -16.13 13.43
N TYR O 108 -47.24 -15.97 14.51
CA TYR O 108 -47.17 -14.78 15.39
C TYR O 108 -46.94 -15.24 16.83
N GLU O 109 -46.09 -14.48 17.53
CA GLU O 109 -45.73 -14.77 18.92
C GLU O 109 -45.95 -13.50 19.74
N TYR O 110 -46.76 -13.60 20.78
CA TYR O 110 -47.03 -12.48 21.72
C TYR O 110 -46.49 -12.95 23.06
N THR O 111 -45.23 -12.66 23.36
CA THR O 111 -44.51 -13.30 24.51
C THR O 111 -44.04 -12.23 25.51
N ASP O 112 -44.63 -11.03 25.50
CA ASP O 112 -44.42 -10.02 26.57
C ASP O 112 -44.79 -10.58 27.97
N TYR O 113 -45.93 -11.27 28.11
CA TYR O 113 -46.50 -11.78 29.40
C TYR O 113 -46.82 -13.26 29.30
N GLU O 114 -47.61 -13.71 28.33
CA GLU O 114 -48.03 -15.13 28.16
C GLU O 114 -47.26 -15.71 27.00
N ASP O 115 -47.15 -17.01 26.84
CA ASP O 115 -46.53 -17.56 25.61
C ASP O 115 -47.69 -17.78 24.63
N LEU O 116 -48.22 -16.72 24.04
CA LEU O 116 -49.28 -16.88 22.98
C LEU O 116 -48.60 -16.99 21.61
N SER O 117 -48.95 -18.02 20.84
CA SER O 117 -48.48 -18.07 19.43
C SER O 117 -49.50 -18.83 18.60
N PHE O 118 -49.58 -18.53 17.30
CA PHE O 118 -50.55 -19.16 16.37
C PHE O 118 -50.04 -18.99 14.95
N ASP O 119 -50.57 -19.81 14.07
CA ASP O 119 -50.24 -19.84 12.62
C ASP O 119 -51.34 -19.06 11.91
N SER O 120 -51.03 -18.48 10.75
CA SER O 120 -51.93 -17.58 9.98
C SER O 120 -51.81 -17.96 8.51
N TYR O 121 -52.85 -18.67 8.04
CA TYR O 121 -52.89 -19.29 6.69
C TYR O 121 -53.93 -18.57 5.85
N MET O 122 -53.60 -18.45 4.58
CA MET O 122 -54.55 -17.98 3.56
C MET O 122 -55.81 -18.84 3.58
N ILE O 123 -56.97 -18.21 3.54
CA ILE O 123 -58.24 -18.95 3.28
C ILE O 123 -58.27 -19.28 1.79
N PRO O 124 -58.28 -20.58 1.42
CA PRO O 124 -58.47 -20.98 0.03
C PRO O 124 -59.75 -20.38 -0.57
N THR O 125 -59.73 -20.12 -1.87
CA THR O 125 -60.85 -19.51 -2.59
C THR O 125 -62.14 -20.32 -2.39
N SER O 126 -62.04 -21.65 -2.40
CA SER O 126 -63.15 -22.61 -2.26
C SER O 126 -63.78 -22.50 -0.85
N GLU O 127 -63.09 -21.95 0.15
CA GLU O 127 -63.55 -21.88 1.56
C GLU O 127 -63.94 -20.44 1.95
N LEU O 128 -63.78 -19.44 1.08
CA LEU O 128 -64.11 -18.03 1.42
C LEU O 128 -65.59 -17.98 1.76
N LYS O 129 -65.90 -17.25 2.81
CA LYS O 129 -67.28 -16.90 3.18
C LYS O 129 -67.74 -15.76 2.27
N PRO O 130 -69.03 -15.69 1.94
CA PRO O 130 -69.54 -14.66 1.03
C PRO O 130 -69.07 -13.24 1.37
N GLY O 131 -68.52 -12.52 0.39
CA GLY O 131 -68.01 -11.14 0.60
C GLY O 131 -66.56 -11.07 1.06
N GLU O 132 -65.93 -12.21 1.34
CA GLU O 132 -64.50 -12.31 1.71
C GLU O 132 -63.63 -12.23 0.45
N LEU O 133 -62.41 -11.78 0.62
CA LEU O 133 -61.47 -11.39 -0.47
C LEU O 133 -60.53 -12.53 -0.85
N ARG O 134 -60.60 -12.91 -2.12
CA ARG O 134 -59.69 -13.90 -2.77
C ARG O 134 -58.23 -13.47 -2.51
N LEU O 135 -57.46 -14.41 -1.96
CA LEU O 135 -55.98 -14.40 -1.79
C LEU O 135 -55.56 -13.52 -0.60
N LEU O 136 -56.49 -12.90 0.13
CA LEU O 136 -56.16 -11.91 1.18
C LEU O 136 -56.59 -12.33 2.60
N GLU O 137 -57.64 -13.13 2.77
CA GLU O 137 -58.11 -13.52 4.13
C GLU O 137 -57.18 -14.60 4.70
N VAL O 138 -57.05 -14.58 6.02
CA VAL O 138 -56.34 -15.61 6.80
C VAL O 138 -57.30 -16.14 7.86
N ASP O 139 -57.05 -17.36 8.34
CA ASP O 139 -57.83 -18.01 9.43
C ASP O 139 -57.60 -17.22 10.74
N ASN O 140 -56.37 -16.79 11.05
CA ASN O 140 -56.06 -16.12 12.33
C ASN O 140 -55.36 -14.79 12.08
N ARG O 141 -56.08 -13.70 12.33
CA ARG O 141 -55.60 -12.32 12.09
C ARG O 141 -54.66 -11.91 13.21
N VAL O 142 -53.81 -10.94 12.91
CA VAL O 142 -52.89 -10.33 13.90
C VAL O 142 -53.69 -9.27 14.67
N VAL O 143 -54.24 -9.67 15.83
CA VAL O 143 -55.00 -8.76 16.73
C VAL O 143 -53.99 -7.82 17.44
N LEU O 144 -54.25 -6.50 17.33
CA LEU O 144 -53.34 -5.42 17.79
C LEU O 144 -54.19 -4.27 18.32
N PRO O 145 -53.69 -3.55 19.32
CA PRO O 145 -54.35 -2.35 19.79
C PRO O 145 -54.05 -1.16 18.87
N MET O 146 -55.10 -0.40 18.61
CA MET O 146 -55.00 0.85 17.83
C MET O 146 -54.43 1.98 18.70
N GLU O 147 -53.88 3.01 18.03
CA GLU O 147 -53.44 4.28 18.63
C GLU O 147 -52.32 3.98 19.61
N MET O 148 -51.55 2.92 19.37
CA MET O 148 -50.42 2.56 20.23
C MET O 148 -49.23 2.16 19.38
N THR O 149 -48.05 2.57 19.84
CA THR O 149 -46.78 2.20 19.21
C THR O 149 -46.50 0.73 19.52
N ILE O 150 -46.36 -0.08 18.48
CA ILE O 150 -46.09 -1.54 18.60
C ILE O 150 -44.75 -1.84 17.94
N ARG O 151 -43.95 -2.66 18.59
CA ARG O 151 -42.71 -3.18 17.97
C ARG O 151 -43.02 -4.51 17.30
N MET O 152 -42.84 -4.59 16.00
CA MET O 152 -42.91 -5.88 15.26
C MET O 152 -41.48 -6.33 15.07
N LEU O 153 -41.23 -7.59 15.38
CA LEU O 153 -39.94 -8.27 15.10
C LEU O 153 -40.24 -9.34 14.07
N VAL O 154 -39.44 -9.39 13.01
CA VAL O 154 -39.66 -10.24 11.81
C VAL O 154 -38.46 -11.16 11.63
N SER O 155 -38.72 -12.46 11.49
CA SER O 155 -37.70 -13.46 11.10
C SER O 155 -38.38 -14.57 10.28
N SER O 156 -37.61 -15.59 9.95
CA SER O 156 -38.08 -16.73 9.13
C SER O 156 -37.52 -18.02 9.73
N GLU O 157 -38.23 -19.12 9.58
CA GLU O 157 -37.69 -20.45 9.94
C GLU O 157 -37.31 -21.20 8.69
N ASP O 158 -37.33 -20.59 7.50
CA ASP O 158 -36.84 -21.34 6.30
C ASP O 158 -36.17 -20.35 5.35
N VAL O 159 -36.80 -19.98 4.27
CA VAL O 159 -36.17 -19.14 3.22
C VAL O 159 -36.53 -17.68 3.55
N LEU O 160 -36.11 -16.76 2.70
CA LEU O 160 -36.47 -15.32 2.87
C LEU O 160 -37.97 -15.15 2.64
N HIS O 161 -38.61 -14.38 3.47
CA HIS O 161 -39.96 -13.82 3.20
C HIS O 161 -39.85 -12.29 3.40
N SER O 162 -40.96 -11.57 3.26
CA SER O 162 -41.01 -10.13 3.58
C SER O 162 -42.42 -9.77 4.06
N TRP O 163 -42.46 -9.24 5.28
CA TRP O 163 -43.71 -8.92 5.99
C TRP O 163 -44.12 -7.48 5.62
N ALA O 164 -45.21 -7.33 4.85
CA ALA O 164 -45.64 -6.04 4.30
C ALA O 164 -47.08 -5.73 4.69
N VAL O 165 -47.33 -4.45 4.96
CA VAL O 165 -48.69 -3.89 5.13
C VAL O 165 -48.69 -2.49 4.50
N PRO O 166 -49.02 -2.39 3.19
CA PRO O 166 -48.89 -1.12 2.47
C PRO O 166 -49.60 0.07 3.14
N SER O 167 -50.77 -0.14 3.70
CA SER O 167 -51.53 1.00 4.26
C SER O 167 -50.86 1.52 5.54
N LEU O 168 -49.99 0.73 6.17
CA LEU O 168 -49.19 1.24 7.32
C LEU O 168 -47.77 1.70 6.90
N GLY O 169 -47.40 1.64 5.62
CA GLY O 169 -46.04 1.97 5.21
C GLY O 169 -45.05 0.89 5.60
N LEU O 170 -45.45 -0.38 5.70
CA LEU O 170 -44.53 -1.36 6.31
C LEU O 170 -44.07 -2.39 5.30
N LYS O 171 -42.78 -2.67 5.31
CA LYS O 171 -42.16 -3.79 4.57
C LYS O 171 -40.83 -4.11 5.23
N THR O 172 -40.77 -5.26 5.88
CA THR O 172 -39.53 -5.71 6.55
C THR O 172 -39.24 -7.17 6.14
N ASP O 173 -38.07 -7.41 5.60
CA ASP O 173 -37.66 -8.76 5.15
C ASP O 173 -37.54 -9.67 6.37
N ALA O 174 -37.96 -10.91 6.15
CA ALA O 174 -37.95 -12.01 7.12
C ALA O 174 -36.80 -12.94 6.74
N ILE O 175 -35.71 -12.86 7.51
CA ILE O 175 -34.43 -13.49 7.15
C ILE O 175 -34.11 -14.46 8.26
N PRO O 176 -33.90 -15.76 7.95
CA PRO O 176 -33.57 -16.70 9.01
C PRO O 176 -32.24 -16.35 9.68
N GLY O 177 -32.22 -16.45 11.00
CA GLY O 177 -31.06 -16.11 11.83
C GLY O 177 -30.93 -14.64 12.15
N ARG O 178 -31.92 -13.84 11.80
CA ARG O 178 -31.87 -12.37 11.93
C ARG O 178 -33.22 -11.92 12.49
N LEU O 179 -33.19 -10.98 13.40
CA LEU O 179 -34.41 -10.44 14.02
C LEU O 179 -34.53 -8.99 13.58
N ASN O 180 -35.37 -8.70 12.58
CA ASN O 180 -35.54 -7.34 12.02
C ASN O 180 -36.68 -6.63 12.76
N GLN O 181 -36.46 -5.38 13.11
CA GLN O 181 -37.42 -4.60 13.92
C GLN O 181 -38.08 -3.53 13.04
N THR O 182 -39.40 -3.37 13.18
CA THR O 182 -40.13 -2.19 12.63
C THR O 182 -41.16 -1.73 13.67
N THR O 183 -41.65 -0.51 13.54
CA THR O 183 -42.70 0.12 14.38
C THR O 183 -44.00 0.22 13.60
N LEU O 184 -45.08 -0.07 14.27
CA LEU O 184 -46.46 -0.12 13.74
C LEU O 184 -47.29 0.79 14.65
N MET O 185 -48.03 1.74 14.10
CA MET O 185 -48.98 2.56 14.88
C MET O 185 -50.18 2.80 13.95
N SER O 186 -51.37 2.26 14.24
CA SER O 186 -52.59 2.51 13.45
C SER O 186 -53.40 3.63 14.09
N SER O 187 -53.74 4.65 13.31
CA SER O 187 -54.60 5.78 13.74
C SER O 187 -56.06 5.32 13.86
N ARG O 188 -56.37 4.10 13.40
CA ARG O 188 -57.77 3.68 13.17
C ARG O 188 -57.90 2.20 13.52
N PRO O 189 -59.10 1.78 13.95
CA PRO O 189 -59.45 0.36 13.99
C PRO O 189 -59.67 -0.15 12.55
N GLY O 190 -59.77 -1.45 12.38
CA GLY O 190 -60.18 -2.04 11.11
C GLY O 190 -59.29 -3.21 10.76
N LEU O 191 -59.34 -3.63 9.50
CA LEU O 191 -58.57 -4.76 8.94
C LEU O 191 -57.60 -4.20 7.90
N TYR O 192 -56.32 -4.49 8.05
CA TYR O 192 -55.26 -3.95 7.18
C TYR O 192 -54.45 -5.13 6.64
N TYR O 193 -54.39 -5.17 5.32
CA TYR O 193 -53.95 -6.32 4.51
C TYR O 193 -52.60 -5.99 3.91
N GLY O 194 -51.83 -7.06 3.72
CA GLY O 194 -50.55 -7.08 3.02
C GLY O 194 -50.24 -8.50 2.59
N GLN O 195 -49.19 -8.64 1.80
CA GLN O 195 -48.81 -9.90 1.11
C GLN O 195 -47.29 -10.10 1.20
N CYS O 196 -46.85 -11.36 1.24
CA CYS O 196 -45.43 -11.71 1.32
C CYS O 196 -44.68 -11.06 0.16
N SER O 197 -43.61 -10.35 0.48
CA SER O 197 -42.91 -9.45 -0.47
C SER O 197 -41.45 -9.85 -0.69
N GLU O 198 -41.14 -11.13 -0.55
CA GLU O 198 -39.87 -11.69 -1.08
C GLU O 198 -40.13 -13.15 -1.51
N ILE O 199 -39.74 -13.32 -2.79
CA ILE O 199 -40.03 -14.56 -3.54
C ILE O 199 -39.45 -15.70 -2.70
N CYS O 200 -40.32 -16.62 -2.35
CA CYS O 200 -40.08 -17.68 -1.34
C CYS O 200 -40.54 -19.05 -1.85
N GLY O 201 -40.77 -19.15 -3.16
CA GLY O 201 -41.07 -20.40 -3.89
C GLY O 201 -42.48 -20.44 -4.41
N SER O 202 -43.01 -21.63 -4.60
CA SER O 202 -44.24 -21.83 -5.42
C SER O 202 -45.46 -21.10 -4.82
N ASN O 203 -45.54 -20.92 -3.50
CA ASN O 203 -46.75 -20.26 -2.93
C ASN O 203 -46.50 -18.85 -2.38
N HIS O 204 -45.52 -18.15 -2.92
CA HIS O 204 -45.19 -16.73 -2.63
C HIS O 204 -46.44 -15.82 -2.72
N SER O 205 -47.28 -16.07 -3.69
CA SER O 205 -48.50 -15.28 -4.00
C SER O 205 -49.59 -15.47 -2.94
N PHE O 206 -49.44 -16.49 -2.09
CA PHE O 206 -50.54 -17.04 -1.26
C PHE O 206 -50.21 -17.17 0.23
N MET O 207 -49.49 -16.20 0.78
CA MET O 207 -49.31 -16.17 2.25
C MET O 207 -49.46 -14.74 2.76
N PRO O 208 -50.72 -14.27 2.85
CA PRO O 208 -50.99 -12.88 3.21
C PRO O 208 -50.94 -12.63 4.72
N ILE O 209 -51.00 -11.33 5.02
CA ILE O 209 -50.92 -10.70 6.36
C ILE O 209 -52.24 -9.97 6.55
N VAL O 210 -52.92 -10.18 7.68
CA VAL O 210 -54.14 -9.41 8.01
C VAL O 210 -54.03 -8.96 9.45
N LEU O 211 -53.98 -7.64 9.64
CA LEU O 211 -53.96 -7.01 10.99
C LEU O 211 -55.40 -6.68 11.32
N GLU O 212 -55.75 -6.91 12.58
CA GLU O 212 -57.07 -6.56 13.14
C GLU O 212 -56.82 -5.58 14.27
N LEU O 213 -57.09 -4.30 14.01
CA LEU O 213 -56.85 -3.18 14.94
C LEU O 213 -58.14 -2.87 15.72
N VAL O 214 -58.04 -2.95 17.04
CA VAL O 214 -59.18 -2.85 17.97
C VAL O 214 -58.75 -1.95 19.14
N PRO O 215 -59.69 -1.34 19.91
CA PRO O 215 -59.31 -0.59 21.08
C PRO O 215 -58.55 -1.47 22.09
N LEU O 216 -57.66 -0.85 22.88
CA LEU O 216 -56.83 -1.53 23.91
C LEU O 216 -57.70 -2.47 24.78
N LYS O 217 -58.81 -1.98 25.31
CA LYS O 217 -59.71 -2.78 26.17
C LYS O 217 -60.04 -4.10 25.49
N TYR O 218 -60.34 -4.07 24.19
CA TYR O 218 -60.68 -5.28 23.40
C TYR O 218 -59.45 -6.14 23.14
N PHE O 219 -58.32 -5.50 22.86
CA PHE O 219 -57.04 -6.22 22.76
C PHE O 219 -56.75 -7.02 24.06
N GLU O 220 -56.92 -6.38 25.22
CA GLU O 220 -56.75 -7.04 26.54
C GLU O 220 -57.72 -8.20 26.73
N LYS O 221 -59.01 -8.02 26.41
CA LYS O 221 -60.03 -9.11 26.51
C LYS O 221 -59.56 -10.25 25.60
N TRP O 222 -59.08 -9.94 24.40
CA TRP O 222 -58.68 -11.01 23.45
C TRP O 222 -57.48 -11.77 24.04
N SER O 223 -56.46 -11.07 24.55
CA SER O 223 -55.26 -11.68 25.20
C SER O 223 -55.67 -12.58 26.36
N ALA O 224 -56.49 -12.04 27.27
CA ALA O 224 -57.05 -12.75 28.44
C ALA O 224 -57.78 -14.04 27.99
N SER O 225 -58.60 -14.01 26.94
CA SER O 225 -59.41 -15.16 26.47
C SER O 225 -58.51 -16.30 25.93
N MET O 226 -57.22 -16.05 25.77
CA MET O 226 -56.31 -16.87 24.93
C MET O 226 -55.54 -17.82 25.86
N LEU O 227 -55.80 -17.66 27.16
CA LEU O 227 -55.14 -18.36 28.30
C LEU O 227 -55.70 -19.76 28.48
N GLN P 4 -0.60 -5.76 -45.63
CA GLN P 4 -0.79 -4.81 -44.48
C GLN P 4 0.37 -3.83 -44.40
N THR P 5 0.06 -2.57 -44.09
CA THR P 5 1.09 -1.59 -43.71
C THR P 5 0.79 -1.03 -42.31
N HIS P 6 0.12 -1.83 -41.48
CA HIS P 6 0.08 -1.69 -39.99
C HIS P 6 0.92 -2.78 -39.34
N ALA P 7 1.16 -2.64 -38.03
CA ALA P 7 2.02 -3.56 -37.26
C ALA P 7 1.20 -4.62 -36.48
N TYR P 8 -0.09 -4.80 -36.74
CA TYR P 8 -0.94 -5.66 -35.87
C TYR P 8 -1.01 -7.03 -36.51
N HIS P 9 -1.48 -7.95 -35.72
CA HIS P 9 -1.44 -9.40 -36.04
C HIS P 9 -2.83 -9.90 -36.44
N MET P 10 -2.99 -10.28 -37.71
CA MET P 10 -4.20 -10.95 -38.24
C MET P 10 -3.95 -12.45 -38.06
N VAL P 11 -4.71 -13.04 -37.15
CA VAL P 11 -4.46 -14.41 -36.66
C VAL P 11 -5.10 -15.44 -37.61
N ASN P 12 -4.39 -16.50 -37.92
CA ASN P 12 -4.96 -17.57 -38.73
C ASN P 12 -6.23 -18.05 -38.07
N PRO P 13 -7.27 -18.33 -38.89
CA PRO P 13 -8.46 -19.01 -38.39
C PRO P 13 -8.05 -20.24 -37.55
N SER P 14 -8.68 -20.38 -36.40
CA SER P 14 -8.28 -21.28 -35.27
C SER P 14 -9.49 -22.03 -34.70
N PRO P 15 -9.34 -23.37 -34.47
CA PRO P 15 -10.33 -24.16 -33.79
C PRO P 15 -10.33 -24.06 -32.24
N TRP P 16 -9.28 -23.47 -31.65
CA TRP P 16 -9.10 -23.55 -30.18
C TRP P 16 -10.16 -22.73 -29.45
N PRO P 17 -10.66 -21.58 -29.97
CA PRO P 17 -11.76 -20.92 -29.26
C PRO P 17 -12.97 -21.86 -29.08
N LEU P 18 -13.32 -22.60 -30.14
CA LEU P 18 -14.46 -23.55 -30.13
C LEU P 18 -14.13 -24.72 -29.20
N THR P 19 -12.93 -25.28 -29.28
CA THR P 19 -12.58 -26.41 -28.36
C THR P 19 -12.55 -25.88 -26.91
N GLY P 20 -12.11 -24.65 -26.68
CA GLY P 20 -12.12 -24.10 -25.31
C GLY P 20 -13.53 -23.95 -24.79
N ALA P 21 -14.40 -23.39 -25.62
CA ALA P 21 -15.83 -23.16 -25.28
C ALA P 21 -16.48 -24.52 -25.00
N LEU P 22 -16.28 -25.48 -25.86
CA LEU P 22 -16.83 -26.83 -25.56
C LEU P 22 -16.23 -27.43 -24.27
N SER P 23 -14.93 -27.24 -24.02
N SER P 23 -14.93 -27.26 -24.04
CA SER P 23 -14.27 -27.73 -22.77
CA SER P 23 -14.28 -27.71 -22.79
C SER P 23 -14.98 -27.08 -21.57
C SER P 23 -15.02 -27.09 -21.60
N ALA P 24 -15.36 -25.79 -21.65
CA ALA P 24 -16.10 -25.16 -20.56
C ALA P 24 -17.43 -25.91 -20.31
N LEU P 25 -18.15 -26.24 -21.40
CA LEU P 25 -19.48 -26.93 -21.35
C LEU P 25 -19.24 -28.28 -20.71
N LEU P 26 -18.19 -28.94 -21.13
CA LEU P 26 -17.98 -30.34 -20.59
C LEU P 26 -17.60 -30.25 -19.10
N MET P 27 -16.85 -29.21 -18.69
CA MET P 27 -16.38 -29.14 -17.29
C MET P 27 -17.55 -28.79 -16.39
N THR P 28 -18.42 -27.89 -16.83
CA THR P 28 -19.54 -27.49 -15.96
C THR P 28 -20.63 -28.56 -15.92
N SER P 29 -21.06 -29.03 -17.10
CA SER P 29 -22.00 -30.17 -17.20
C SER P 29 -21.34 -31.36 -16.45
N GLY P 30 -20.02 -31.52 -16.53
CA GLY P 30 -19.32 -32.59 -15.80
C GLY P 30 -19.38 -32.39 -14.29
N LEU P 31 -19.23 -31.15 -13.78
CA LEU P 31 -19.33 -30.91 -12.33
C LEU P 31 -20.75 -31.26 -11.88
N THR P 32 -21.74 -30.89 -12.69
CA THR P 32 -23.18 -31.11 -12.39
C THR P 32 -23.39 -32.62 -12.29
N MET P 33 -22.85 -33.37 -13.25
N MET P 33 -22.90 -33.38 -13.26
CA MET P 33 -23.00 -34.85 -13.35
CA MET P 33 -23.05 -34.85 -13.22
C MET P 33 -22.25 -35.56 -12.18
C MET P 33 -22.41 -35.39 -11.93
N TRP P 34 -21.18 -34.96 -11.65
CA TRP P 34 -20.45 -35.41 -10.45
C TRP P 34 -21.23 -35.09 -9.17
N PHE P 35 -21.73 -33.88 -9.00
CA PHE P 35 -22.45 -33.49 -7.76
C PHE P 35 -23.83 -34.17 -7.64
N HIS P 36 -24.51 -34.51 -8.75
CA HIS P 36 -25.95 -34.91 -8.72
C HIS P 36 -26.21 -36.31 -9.26
N PHE P 37 -25.37 -36.83 -10.13
CA PHE P 37 -25.71 -38.06 -10.91
C PHE P 37 -24.59 -39.07 -10.77
N ASN P 38 -23.79 -38.91 -9.72
CA ASN P 38 -22.75 -39.83 -9.20
C ASN P 38 -21.73 -40.29 -10.26
N SER P 39 -21.24 -39.39 -11.13
CA SER P 39 -20.40 -39.77 -12.29
C SER P 39 -19.37 -38.69 -12.64
N MET P 40 -18.15 -39.12 -12.91
CA MET P 40 -17.01 -38.25 -13.23
C MET P 40 -16.65 -38.22 -14.72
N THR P 41 -17.35 -38.99 -15.54
CA THR P 41 -17.04 -39.14 -16.98
C THR P 41 -16.96 -37.79 -17.72
N LEU P 42 -18.05 -37.03 -17.78
CA LEU P 42 -18.06 -35.78 -18.56
C LEU P 42 -16.97 -34.85 -18.04
N LEU P 43 -16.84 -34.79 -16.71
CA LEU P 43 -15.86 -33.91 -16.06
C LEU P 43 -14.44 -34.25 -16.49
N MET P 44 -14.09 -35.53 -16.55
N MET P 44 -14.09 -35.54 -16.47
CA MET P 44 -12.72 -35.92 -16.95
CA MET P 44 -12.77 -35.99 -16.96
C MET P 44 -12.44 -35.60 -18.46
C MET P 44 -12.51 -35.49 -18.41
N ILE P 45 -13.51 -35.71 -19.30
CA ILE P 45 -13.39 -35.36 -20.76
C ILE P 45 -13.19 -33.86 -20.84
N GLY P 46 -13.95 -33.12 -20.06
CA GLY P 46 -13.82 -31.64 -20.13
C GLY P 46 -12.47 -31.19 -19.61
N LEU P 47 -11.96 -31.78 -18.52
CA LEU P 47 -10.61 -31.43 -18.02
C LEU P 47 -9.60 -31.78 -19.10
N THR P 48 -9.74 -32.93 -19.76
CA THR P 48 -8.78 -33.32 -20.81
C THR P 48 -8.84 -32.30 -21.95
N THR P 49 -10.02 -32.00 -22.46
CA THR P 49 -10.13 -31.09 -23.64
C THR P 49 -9.68 -29.68 -23.25
N ASN P 50 -9.87 -29.29 -22.00
CA ASN P 50 -9.40 -27.95 -21.54
C ASN P 50 -7.87 -27.88 -21.61
N MET P 51 -7.17 -28.92 -21.13
N MET P 51 -7.18 -28.92 -21.14
CA MET P 51 -5.68 -28.95 -21.12
CA MET P 51 -5.69 -28.96 -21.11
C MET P 51 -5.15 -28.99 -22.56
C MET P 51 -5.14 -28.99 -22.56
N LEU P 52 -5.85 -29.78 -23.43
CA LEU P 52 -5.50 -29.88 -24.87
C LEU P 52 -5.63 -28.50 -25.49
N THR P 53 -6.72 -27.85 -25.19
CA THR P 53 -6.99 -26.51 -25.77
C THR P 53 -5.90 -25.52 -25.36
N MET P 54 -5.59 -25.45 -24.06
N MET P 54 -5.63 -25.43 -24.05
CA MET P 54 -4.60 -24.46 -23.53
CA MET P 54 -4.60 -24.51 -23.48
C MET P 54 -3.21 -24.80 -24.08
C MET P 54 -3.25 -24.82 -24.15
N TYR P 55 -2.84 -26.08 -24.19
CA TYR P 55 -1.56 -26.47 -24.74
C TYR P 55 -1.43 -25.96 -26.19
N GLN P 56 -2.42 -26.31 -27.04
CA GLN P 56 -2.32 -25.99 -28.51
C GLN P 56 -2.46 -24.46 -28.70
N TRP P 57 -3.33 -23.85 -27.92
CA TRP P 57 -3.53 -22.36 -28.11
C TRP P 57 -2.22 -21.64 -27.77
N TRP P 58 -1.60 -21.92 -26.62
CA TRP P 58 -0.36 -21.19 -26.25
C TRP P 58 0.84 -21.68 -27.05
N ARG P 59 0.86 -22.94 -27.48
CA ARG P 59 1.86 -23.37 -28.47
C ARG P 59 1.77 -22.45 -29.70
N ASP P 60 0.57 -22.24 -30.24
CA ASP P 60 0.38 -21.45 -31.47
C ASP P 60 0.87 -20.03 -31.20
N VAL P 61 0.68 -19.53 -29.99
CA VAL P 61 1.15 -18.13 -29.69
C VAL P 61 2.67 -18.09 -29.71
N ILE P 62 3.29 -19.17 -29.28
CA ILE P 62 4.76 -19.29 -29.35
C ILE P 62 5.17 -19.35 -30.83
N ARG P 63 4.50 -20.18 -31.60
CA ARG P 63 4.78 -20.27 -33.07
C ARG P 63 4.68 -18.88 -33.70
N GLU P 64 3.61 -18.17 -33.38
CA GLU P 64 3.35 -16.87 -34.01
C GLU P 64 4.42 -15.82 -33.70
N SER P 65 5.04 -15.91 -32.52
CA SER P 65 5.93 -14.87 -31.96
C SER P 65 7.40 -15.27 -32.18
N THR P 66 7.90 -16.25 -31.43
CA THR P 66 9.30 -16.72 -31.51
C THR P 66 9.60 -17.20 -32.94
N PHE P 67 8.69 -17.99 -33.54
CA PHE P 67 9.01 -18.67 -34.82
C PHE P 67 8.56 -17.84 -36.03
N GLN P 68 7.50 -17.05 -35.95
CA GLN P 68 6.98 -16.33 -37.17
C GLN P 68 7.18 -14.80 -37.10
N GLY P 69 7.48 -14.24 -35.94
CA GLY P 69 7.86 -12.81 -35.87
C GLY P 69 6.67 -11.86 -35.80
N HIS P 70 5.49 -12.33 -35.40
CA HIS P 70 4.28 -11.47 -35.43
C HIS P 70 4.22 -10.48 -34.26
N HIS P 71 5.01 -10.64 -33.21
CA HIS P 71 4.94 -9.75 -32.04
C HIS P 71 5.86 -8.54 -32.25
N THR P 72 5.37 -7.61 -33.06
CA THR P 72 5.90 -6.22 -33.16
C THR P 72 5.72 -5.51 -31.82
N PRO P 73 6.38 -4.36 -31.58
CA PRO P 73 6.15 -3.60 -30.36
C PRO P 73 4.65 -3.32 -30.12
N ALA P 74 3.88 -3.04 -31.15
CA ALA P 74 2.45 -2.66 -30.94
C ALA P 74 1.72 -3.89 -30.40
N VAL P 75 2.00 -5.04 -30.96
CA VAL P 75 1.34 -6.30 -30.51
C VAL P 75 1.72 -6.57 -29.05
N GLN P 76 3.00 -6.47 -28.73
CA GLN P 76 3.53 -6.70 -27.35
C GLN P 76 2.82 -5.73 -26.40
N LYS P 77 2.66 -4.47 -26.81
CA LYS P 77 2.02 -3.48 -25.92
C LYS P 77 0.60 -3.95 -25.61
N GLY P 78 -0.13 -4.43 -26.64
CA GLY P 78 -1.48 -4.95 -26.44
C GLY P 78 -1.48 -6.09 -25.43
N LEU P 79 -0.57 -7.05 -25.62
CA LEU P 79 -0.52 -8.17 -24.68
C LEU P 79 -0.23 -7.67 -23.24
N ARG P 80 0.63 -6.65 -23.07
CA ARG P 80 0.90 -6.03 -21.75
C ARG P 80 -0.44 -5.60 -21.16
N TYR P 81 -1.21 -4.83 -21.91
CA TYR P 81 -2.49 -4.34 -21.38
C TYR P 81 -3.38 -5.55 -21.06
N GLY P 82 -3.40 -6.52 -21.96
CA GLY P 82 -4.28 -7.67 -21.74
C GLY P 82 -3.97 -8.38 -20.40
N MET P 83 -2.69 -8.60 -20.10
CA MET P 83 -2.30 -9.33 -18.87
C MET P 83 -2.61 -8.43 -17.65
N ILE P 84 -2.34 -7.15 -17.71
CA ILE P 84 -2.67 -6.28 -16.55
C ILE P 84 -4.18 -6.39 -16.27
N LEU P 85 -5.00 -6.27 -17.30
CA LEU P 85 -6.48 -6.30 -17.15
C LEU P 85 -6.92 -7.67 -16.63
N PHE P 86 -6.28 -8.72 -17.12
CA PHE P 86 -6.62 -10.05 -16.61
C PHE P 86 -6.34 -10.13 -15.10
N ILE P 87 -5.15 -9.66 -14.69
CA ILE P 87 -4.77 -9.67 -13.26
C ILE P 87 -5.79 -8.82 -12.47
N ILE P 88 -6.17 -7.67 -12.97
CA ILE P 88 -7.19 -6.86 -12.27
C ILE P 88 -8.47 -7.71 -12.08
N SER P 89 -8.95 -8.43 -13.11
CA SER P 89 -10.18 -9.23 -12.93
C SER P 89 -9.94 -10.28 -11.81
N GLU P 90 -8.71 -10.78 -11.73
CA GLU P 90 -8.39 -11.82 -10.71
C GLU P 90 -8.36 -11.19 -9.30
N VAL P 91 -7.89 -9.95 -9.20
CA VAL P 91 -7.93 -9.19 -7.92
C VAL P 91 -9.39 -9.07 -7.46
N LEU P 92 -10.30 -8.71 -8.35
CA LEU P 92 -11.73 -8.50 -7.96
C LEU P 92 -12.38 -9.83 -7.58
N PHE P 93 -12.00 -10.90 -8.24
CA PHE P 93 -12.47 -12.26 -7.83
C PHE P 93 -12.13 -12.52 -6.35
N PHE P 94 -10.85 -12.36 -5.96
CA PHE P 94 -10.37 -12.52 -4.55
C PHE P 94 -11.09 -11.52 -3.67
N THR P 95 -11.28 -10.30 -4.14
CA THR P 95 -11.97 -9.31 -3.27
C THR P 95 -13.30 -9.89 -2.76
N GLY P 96 -14.09 -10.53 -3.60
CA GLY P 96 -15.34 -11.16 -3.14
C GLY P 96 -15.11 -12.15 -1.99
N PHE P 97 -14.06 -12.96 -2.00
CA PHE P 97 -13.81 -13.92 -0.90
C PHE P 97 -13.34 -13.15 0.35
N PHE P 98 -12.53 -12.08 0.19
CA PHE P 98 -12.13 -11.22 1.34
C PHE P 98 -13.36 -10.59 1.95
N TRP P 99 -14.28 -10.16 1.12
CA TRP P 99 -15.52 -9.52 1.61
C TRP P 99 -16.31 -10.55 2.43
N ALA P 100 -16.46 -11.77 1.91
CA ALA P 100 -17.16 -12.84 2.66
C ALA P 100 -16.44 -13.04 4.01
N PHE P 101 -15.12 -13.14 4.03
CA PHE P 101 -14.36 -13.34 5.28
C PHE P 101 -14.61 -12.21 6.31
N TYR P 102 -14.42 -10.97 5.89
CA TYR P 102 -14.59 -9.83 6.82
C TYR P 102 -16.05 -9.75 7.27
N HIS P 103 -17.03 -9.97 6.38
CA HIS P 103 -18.48 -9.99 6.75
C HIS P 103 -18.77 -10.95 7.92
N SER P 104 -18.31 -12.20 7.79
CA SER P 104 -18.47 -13.29 8.75
C SER P 104 -17.73 -13.00 10.06
N SER P 105 -16.45 -12.58 9.97
CA SER P 105 -15.53 -12.49 11.12
C SER P 105 -15.78 -11.19 11.90
N LEU P 106 -16.18 -10.11 11.23
CA LEU P 106 -16.42 -8.84 11.98
C LEU P 106 -17.73 -8.88 12.74
N ALA P 107 -18.71 -9.68 12.36
CA ALA P 107 -20.01 -9.67 13.05
C ALA P 107 -20.41 -11.11 13.32
N PRO P 108 -19.65 -11.82 14.16
CA PRO P 108 -19.89 -13.25 14.34
C PRO P 108 -21.27 -13.47 14.96
N THR P 109 -22.03 -14.39 14.38
CA THR P 109 -23.44 -14.62 14.76
C THR P 109 -23.51 -15.50 16.01
N PRO P 110 -24.67 -15.54 16.68
CA PRO P 110 -24.85 -16.37 17.88
C PRO P 110 -24.51 -17.85 17.65
N GLU P 111 -24.69 -18.36 16.42
CA GLU P 111 -24.46 -19.80 16.12
C GLU P 111 -22.98 -20.11 16.32
N LEU P 112 -22.11 -19.10 16.16
CA LEU P 112 -20.62 -19.21 16.32
C LEU P 112 -20.20 -19.12 17.79
N GLY P 113 -21.10 -18.75 18.70
CA GLY P 113 -20.80 -18.26 20.06
C GLY P 113 -20.68 -16.74 20.10
N GLY P 114 -21.05 -16.04 19.02
CA GLY P 114 -20.95 -14.58 18.95
C GLY P 114 -19.52 -14.12 19.06
N CYS P 115 -18.56 -14.93 18.62
CA CYS P 115 -17.11 -14.65 18.74
C CYS P 115 -16.38 -15.18 17.51
N TRP P 116 -15.20 -14.63 17.23
CA TRP P 116 -14.27 -15.11 16.19
C TRP P 116 -12.90 -15.28 16.81
N PRO P 117 -12.19 -16.41 16.61
CA PRO P 117 -12.73 -17.55 15.88
C PRO P 117 -13.95 -18.12 16.57
N PRO P 118 -14.83 -18.86 15.88
CA PRO P 118 -15.98 -19.48 16.54
C PRO P 118 -15.55 -20.42 17.67
N THR P 119 -16.50 -20.65 18.58
CA THR P 119 -16.40 -21.72 19.57
C THR P 119 -16.08 -23.06 18.85
N GLY P 120 -15.11 -23.82 19.35
CA GLY P 120 -14.70 -25.15 18.82
C GLY P 120 -13.72 -25.07 17.67
N ILE P 121 -13.37 -23.88 17.21
CA ILE P 121 -12.34 -23.71 16.16
C ILE P 121 -10.99 -23.44 16.83
N HIS P 122 -9.98 -24.23 16.49
CA HIS P 122 -8.57 -24.07 16.96
C HIS P 122 -7.76 -23.66 15.74
N PRO P 123 -7.57 -22.35 15.47
CA PRO P 123 -6.75 -21.93 14.35
C PRO P 123 -5.32 -22.50 14.39
N LEU P 124 -4.77 -22.62 13.20
CA LEU P 124 -3.31 -22.82 12.98
C LEU P 124 -2.59 -21.65 13.65
N ASN P 125 -1.42 -21.95 14.17
CA ASN P 125 -0.46 -20.94 14.69
C ASN P 125 0.16 -20.23 13.49
N PRO P 126 -0.14 -18.94 13.28
CA PRO P 126 0.39 -18.21 12.14
C PRO P 126 1.91 -18.04 12.14
N LEU P 127 2.57 -18.28 13.27
CA LEU P 127 4.06 -18.23 13.37
C LEU P 127 4.71 -19.56 12.97
N GLU P 128 3.96 -20.60 12.62
CA GLU P 128 4.59 -21.90 12.23
C GLU P 128 4.60 -22.00 10.71
N VAL P 129 3.83 -22.91 10.11
CA VAL P 129 3.93 -23.11 8.65
C VAL P 129 3.40 -21.88 7.88
N PRO P 130 2.33 -21.19 8.30
CA PRO P 130 1.91 -19.98 7.57
C PRO P 130 3.04 -18.95 7.43
N LEU P 131 3.87 -18.77 8.45
CA LEU P 131 5.01 -17.83 8.41
C LEU P 131 6.05 -18.36 7.43
N LEU P 132 6.35 -19.65 7.48
CA LEU P 132 7.27 -20.29 6.52
C LEU P 132 6.78 -20.04 5.09
N ASN P 133 5.50 -20.32 4.81
CA ASN P 133 4.89 -20.09 3.49
C ASN P 133 5.08 -18.62 3.07
N THR P 134 4.93 -17.70 4.03
CA THR P 134 5.14 -16.25 3.74
C THR P 134 6.60 -16.00 3.32
N SER P 135 7.58 -16.54 4.05
CA SER P 135 9.02 -16.37 3.72
C SER P 135 9.28 -16.99 2.34
N VAL P 136 8.61 -18.11 2.04
CA VAL P 136 8.81 -18.85 0.76
C VAL P 136 8.34 -17.98 -0.42
N LEU P 137 7.12 -17.48 -0.35
CA LEU P 137 6.61 -16.71 -1.52
C LEU P 137 7.36 -15.38 -1.61
N LEU P 138 7.70 -14.75 -0.48
CA LEU P 138 8.49 -13.48 -0.54
C LEU P 138 9.86 -13.79 -1.17
N ALA P 139 10.49 -14.88 -0.74
CA ALA P 139 11.81 -15.24 -1.29
C ALA P 139 11.70 -15.44 -2.82
N SER P 140 10.64 -16.10 -3.27
CA SER P 140 10.39 -16.39 -4.71
C SER P 140 10.18 -15.08 -5.48
N GLY P 141 9.70 -14.03 -4.81
CA GLY P 141 9.56 -12.71 -5.46
C GLY P 141 10.95 -12.12 -5.72
N VAL P 142 11.87 -12.34 -4.79
CA VAL P 142 13.29 -11.90 -4.96
C VAL P 142 13.93 -12.72 -6.09
N SER P 143 13.79 -14.05 -6.06
CA SER P 143 14.50 -14.88 -7.05
C SER P 143 13.97 -14.59 -8.46
N ILE P 144 12.65 -14.36 -8.60
N ILE P 144 12.65 -14.37 -8.61
CA ILE P 144 12.08 -14.13 -9.95
CA ILE P 144 12.08 -14.14 -9.97
C ILE P 144 12.63 -12.79 -10.47
C ILE P 144 12.63 -12.80 -10.47
N THR P 145 12.93 -11.86 -9.56
CA THR P 145 13.46 -10.55 -9.96
C THR P 145 14.92 -10.69 -10.41
N TRP P 146 15.67 -11.50 -9.69
CA TRP P 146 17.04 -11.89 -10.11
C TRP P 146 16.96 -12.51 -11.53
N ALA P 147 16.01 -13.42 -11.79
CA ALA P 147 15.86 -14.06 -13.12
C ALA P 147 15.61 -13.01 -14.20
N HIS P 148 14.68 -12.11 -13.93
CA HIS P 148 14.35 -11.02 -14.87
C HIS P 148 15.65 -10.28 -15.27
N HIS P 149 16.42 -9.81 -14.29
CA HIS P 149 17.64 -9.00 -14.52
C HIS P 149 18.66 -9.85 -15.28
N SER P 150 18.81 -11.11 -14.87
CA SER P 150 19.77 -11.98 -15.58
C SER P 150 19.40 -11.99 -17.07
N LEU P 151 18.11 -12.22 -17.35
CA LEU P 151 17.64 -12.28 -18.75
C LEU P 151 17.95 -10.96 -19.48
N MET P 152 17.60 -9.80 -18.90
CA MET P 152 17.86 -8.51 -19.55
C MET P 152 19.36 -8.35 -19.78
N GLU P 153 20.21 -8.88 -18.88
CA GLU P 153 21.68 -8.73 -18.98
C GLU P 153 22.25 -9.83 -19.86
N GLY P 154 21.45 -10.71 -20.46
CA GLY P 154 21.99 -11.69 -21.43
C GLY P 154 22.60 -12.93 -20.78
N ASP P 155 22.24 -13.24 -19.56
CA ASP P 155 22.94 -14.26 -18.73
C ASP P 155 22.04 -15.51 -18.65
N ARG P 156 22.28 -16.41 -19.58
CA ARG P 156 21.45 -17.61 -19.71
C ARG P 156 21.52 -18.40 -18.40
N LYS P 157 22.74 -18.75 -17.96
CA LYS P 157 22.93 -19.65 -16.80
C LYS P 157 22.23 -19.07 -15.55
N HIS P 158 22.47 -17.81 -15.25
CA HIS P 158 21.91 -17.21 -14.00
C HIS P 158 20.39 -17.04 -14.13
N MET P 159 19.85 -16.73 -15.32
CA MET P 159 18.38 -16.73 -15.54
C MET P 159 17.82 -18.12 -15.18
N LEU P 160 18.39 -19.18 -15.73
CA LEU P 160 17.88 -20.54 -15.47
C LEU P 160 17.98 -20.87 -13.99
N GLN P 161 19.10 -20.51 -13.32
N GLN P 161 19.12 -20.52 -13.35
CA GLN P 161 19.25 -20.86 -11.87
CA GLN P 161 19.35 -20.81 -11.89
C GLN P 161 18.19 -20.09 -11.06
C GLN P 161 18.25 -20.09 -11.07
N ALA P 162 18.06 -18.80 -11.32
CA ALA P 162 17.09 -17.98 -10.55
C ALA P 162 15.65 -18.53 -10.77
N LEU P 163 15.31 -18.85 -12.00
CA LEU P 163 13.93 -19.28 -12.35
C LEU P 163 13.69 -20.65 -11.73
N PHE P 164 14.72 -21.52 -11.76
CA PHE P 164 14.63 -22.86 -11.12
C PHE P 164 14.36 -22.68 -9.62
N ILE P 165 15.12 -21.78 -8.98
CA ILE P 165 14.91 -21.49 -7.54
C ILE P 165 13.48 -20.99 -7.33
N THR P 166 12.99 -20.11 -8.21
CA THR P 166 11.62 -19.54 -8.04
C THR P 166 10.60 -20.72 -8.10
N ILE P 167 10.72 -21.57 -9.10
CA ILE P 167 9.78 -22.71 -9.27
C ILE P 167 9.86 -23.61 -8.02
N THR P 168 11.06 -23.91 -7.55
CA THR P 168 11.29 -24.81 -6.38
C THR P 168 10.55 -24.21 -5.17
N LEU P 169 10.62 -22.88 -5.03
CA LEU P 169 9.92 -22.25 -3.88
C LEU P 169 8.40 -22.41 -4.05
N GLY P 170 7.86 -22.17 -5.27
CA GLY P 170 6.44 -22.40 -5.59
C GLY P 170 6.01 -23.80 -5.24
N VAL P 171 6.79 -24.78 -5.60
CA VAL P 171 6.49 -26.21 -5.26
C VAL P 171 6.54 -26.38 -3.74
N TYR P 172 7.56 -25.86 -3.07
CA TYR P 172 7.69 -25.98 -1.58
C TYR P 172 6.41 -25.41 -0.97
N PHE P 173 5.95 -24.22 -1.40
CA PHE P 173 4.72 -23.64 -0.84
C PHE P 173 3.57 -24.65 -1.01
N THR P 174 3.42 -25.17 -2.22
CA THR P 174 2.29 -26.07 -2.58
C THR P 174 2.39 -27.30 -1.69
N LEU P 175 3.56 -27.90 -1.50
CA LEU P 175 3.66 -29.11 -0.64
C LEU P 175 3.39 -28.73 0.82
N LEU P 176 3.84 -27.56 1.26
CA LEU P 176 3.60 -27.14 2.66
C LEU P 176 2.10 -26.95 2.86
N GLN P 177 1.41 -26.32 1.92
CA GLN P 177 -0.04 -26.06 2.03
C GLN P 177 -0.80 -27.39 1.97
N ALA P 178 -0.42 -28.33 1.09
CA ALA P 178 -1.08 -29.67 1.03
C ALA P 178 -0.98 -30.32 2.41
N SER P 179 0.23 -30.30 2.97
CA SER P 179 0.49 -30.85 4.31
C SER P 179 -0.38 -30.15 5.37
N GLU P 180 -0.40 -28.80 5.37
N GLU P 180 -0.48 -28.81 5.37
CA GLU P 180 -1.27 -27.98 6.28
CA GLU P 180 -1.25 -28.14 6.44
C GLU P 180 -2.70 -28.52 6.23
C GLU P 180 -2.76 -28.42 6.24
N TYR P 181 -3.22 -28.59 4.99
CA TYR P 181 -4.64 -28.96 4.70
C TYR P 181 -4.94 -30.29 5.41
N TYR P 182 -4.03 -31.22 5.24
CA TYR P 182 -4.22 -32.57 5.79
C TYR P 182 -4.15 -32.52 7.33
N GLU P 183 -3.21 -31.75 7.93
CA GLU P 183 -3.05 -31.67 9.41
C GLU P 183 -4.11 -30.75 10.02
N ALA P 184 -4.78 -29.90 9.26
CA ALA P 184 -5.72 -28.93 9.86
C ALA P 184 -6.81 -29.70 10.63
N PRO P 185 -7.05 -29.37 11.91
CA PRO P 185 -8.10 -30.00 12.70
C PRO P 185 -9.52 -29.52 12.33
N PHE P 186 -9.62 -28.49 11.50
CA PHE P 186 -10.92 -27.98 11.00
C PHE P 186 -10.97 -28.30 9.49
N THR P 187 -12.20 -28.39 8.94
CA THR P 187 -12.51 -28.72 7.53
C THR P 187 -13.33 -27.60 6.89
N ILE P 188 -13.55 -27.75 5.58
CA ILE P 188 -14.44 -26.85 4.79
C ILE P 188 -15.87 -26.84 5.37
N SER P 189 -16.29 -27.92 6.00
CA SER P 189 -17.64 -28.11 6.61
C SER P 189 -17.69 -27.54 8.06
N ASP P 190 -16.59 -26.96 8.59
CA ASP P 190 -16.65 -26.39 9.95
C ASP P 190 -17.13 -24.93 9.86
N GLY P 191 -18.36 -24.77 9.41
CA GLY P 191 -19.05 -23.47 9.37
C GLY P 191 -18.33 -22.48 8.49
N VAL P 192 -18.61 -21.20 8.76
CA VAL P 192 -18.10 -20.10 7.93
C VAL P 192 -16.56 -19.98 8.14
N TYR P 193 -16.02 -20.41 9.28
CA TYR P 193 -14.55 -20.36 9.52
C TYR P 193 -13.88 -21.30 8.49
N GLY P 194 -14.34 -22.55 8.41
CA GLY P 194 -13.78 -23.50 7.44
C GLY P 194 -14.06 -23.07 6.00
N SER P 195 -15.25 -22.54 5.75
CA SER P 195 -15.69 -22.12 4.42
C SER P 195 -14.73 -21.05 3.89
N THR P 196 -14.56 -19.98 4.66
CA THR P 196 -13.74 -18.84 4.22
C THR P 196 -12.27 -19.30 4.12
N PHE P 197 -11.80 -20.07 5.09
CA PHE P 197 -10.39 -20.51 5.12
C PHE P 197 -10.11 -21.33 3.85
N PHE P 198 -10.88 -22.39 3.64
CA PHE P 198 -10.54 -23.34 2.55
C PHE P 198 -10.87 -22.78 1.17
N VAL P 199 -11.97 -22.06 1.01
CA VAL P 199 -12.31 -21.53 -0.35
C VAL P 199 -11.28 -20.45 -0.72
N ALA P 200 -10.95 -19.50 0.18
CA ALA P 200 -10.00 -18.41 -0.13
C ALA P 200 -8.57 -18.99 -0.29
N THR P 201 -8.08 -19.76 0.66
CA THR P 201 -6.71 -20.32 0.52
C THR P 201 -6.69 -21.35 -0.62
N GLY P 202 -7.79 -22.03 -0.89
CA GLY P 202 -7.90 -23.02 -1.99
C GLY P 202 -7.76 -22.39 -3.35
N PHE P 203 -8.53 -21.32 -3.61
CA PHE P 203 -8.40 -20.58 -4.88
C PHE P 203 -6.99 -20.02 -4.94
N HIS P 204 -6.41 -19.53 -3.84
CA HIS P 204 -5.00 -19.05 -3.86
C HIS P 204 -4.06 -20.20 -4.25
N GLY P 205 -4.21 -21.35 -3.62
CA GLY P 205 -3.38 -22.54 -3.97
C GLY P 205 -3.49 -22.92 -5.45
N LEU P 206 -4.71 -22.91 -6.03
CA LEU P 206 -4.90 -23.13 -7.48
C LEU P 206 -4.04 -22.11 -8.23
N HIS P 207 -4.10 -20.80 -7.88
CA HIS P 207 -3.34 -19.75 -8.57
C HIS P 207 -1.83 -20.01 -8.45
N VAL P 208 -1.34 -20.47 -7.29
CA VAL P 208 0.09 -20.85 -7.12
C VAL P 208 0.44 -21.97 -8.12
N ILE P 209 -0.42 -22.96 -8.25
CA ILE P 209 -0.14 -24.07 -9.21
C ILE P 209 -0.16 -23.53 -10.64
N ILE P 210 -1.15 -22.72 -10.98
CA ILE P 210 -1.22 -22.04 -12.31
C ILE P 210 0.08 -21.26 -12.50
N GLY P 211 0.45 -20.43 -11.53
CA GLY P 211 1.64 -19.57 -11.66
C GLY P 211 2.90 -20.37 -11.80
N SER P 212 3.01 -21.42 -11.00
CA SER P 212 4.18 -22.35 -11.06
C SER P 212 4.27 -22.98 -12.45
N THR P 213 3.12 -23.42 -12.97
CA THR P 213 3.03 -24.02 -14.32
C THR P 213 3.52 -23.01 -15.39
N PHE P 214 3.02 -21.78 -15.34
CA PHE P 214 3.51 -20.73 -16.23
C PHE P 214 5.05 -20.60 -16.12
N LEU P 215 5.61 -20.53 -14.90
CA LEU P 215 7.05 -20.36 -14.70
C LEU P 215 7.74 -21.56 -15.35
N ILE P 216 7.16 -22.74 -15.19
CA ILE P 216 7.80 -23.97 -15.80
C ILE P 216 7.78 -23.86 -17.34
N VAL P 217 6.70 -23.31 -17.90
CA VAL P 217 6.65 -23.08 -19.36
C VAL P 217 7.81 -22.15 -19.68
N CYS P 218 7.93 -21.00 -18.97
CA CYS P 218 9.03 -20.05 -19.26
C CYS P 218 10.38 -20.79 -19.12
N PHE P 219 10.52 -21.65 -18.13
CA PHE P 219 11.83 -22.35 -17.87
C PHE P 219 12.23 -23.16 -19.13
N PHE P 220 11.29 -23.95 -19.63
CA PHE P 220 11.55 -24.78 -20.85
C PHE P 220 11.73 -23.87 -22.07
N ARG P 221 10.97 -22.78 -22.22
CA ARG P 221 11.21 -21.90 -23.38
C ARG P 221 12.62 -21.30 -23.27
N GLN P 222 13.07 -20.93 -22.06
CA GLN P 222 14.42 -20.35 -21.87
C GLN P 222 15.44 -21.44 -22.23
N LEU P 223 15.22 -22.63 -21.74
CA LEU P 223 16.14 -23.75 -22.13
C LEU P 223 16.27 -23.86 -23.66
N LYS P 224 15.20 -23.61 -24.41
CA LYS P 224 15.18 -23.67 -25.92
C LYS P 224 15.51 -22.32 -26.59
N PHE P 225 16.03 -21.35 -25.82
CA PHE P 225 16.62 -20.08 -26.33
C PHE P 225 15.51 -19.19 -26.94
N HIS P 226 14.27 -19.37 -26.54
CA HIS P 226 13.16 -18.60 -27.17
C HIS P 226 13.25 -17.11 -26.81
N PHE P 227 13.64 -16.77 -25.60
CA PHE P 227 13.70 -15.37 -25.12
C PHE P 227 14.96 -14.68 -25.62
N THR P 228 14.79 -13.44 -26.08
CA THR P 228 15.92 -12.51 -26.27
C THR P 228 16.05 -11.65 -25.00
N SER P 229 17.18 -10.97 -24.86
CA SER P 229 17.51 -10.09 -23.72
C SER P 229 16.50 -8.93 -23.69
N ASN P 230 15.86 -8.63 -24.82
CA ASN P 230 14.88 -7.52 -24.93
C ASN P 230 13.43 -7.97 -25.13
N HIS P 231 13.17 -9.19 -25.61
CA HIS P 231 11.82 -9.62 -25.98
C HIS P 231 11.53 -10.95 -25.27
N HIS P 232 10.63 -10.88 -24.29
CA HIS P 232 10.36 -12.02 -23.38
C HIS P 232 9.07 -11.74 -22.63
N PHE P 233 7.99 -11.42 -23.33
CA PHE P 233 6.74 -11.00 -22.67
C PHE P 233 6.16 -12.16 -21.86
N GLY P 234 6.28 -13.41 -22.34
CA GLY P 234 5.74 -14.52 -21.54
C GLY P 234 6.39 -14.57 -20.17
N PHE P 235 7.70 -14.32 -20.11
CA PHE P 235 8.44 -14.23 -18.82
C PHE P 235 7.89 -13.05 -18.02
N GLU P 236 7.73 -11.90 -18.64
CA GLU P 236 7.20 -10.74 -17.86
C GLU P 236 5.81 -11.04 -17.30
N ALA P 237 4.92 -11.59 -18.14
CA ALA P 237 3.55 -11.91 -17.74
C ALA P 237 3.58 -12.89 -16.58
N ALA P 238 4.38 -13.94 -16.68
CA ALA P 238 4.44 -14.94 -15.61
C ALA P 238 4.96 -14.28 -14.32
N ALA P 239 5.92 -13.36 -14.44
CA ALA P 239 6.49 -12.62 -13.27
C ALA P 239 5.38 -11.75 -12.67
N TRP P 240 4.63 -11.00 -13.47
CA TRP P 240 3.49 -10.18 -12.93
C TRP P 240 2.48 -11.08 -12.22
N TYR P 241 2.15 -12.20 -12.85
CA TYR P 241 1.19 -13.16 -12.29
C TYR P 241 1.72 -13.66 -10.94
N TRP P 242 3.01 -13.95 -10.91
CA TRP P 242 3.68 -14.51 -9.71
C TRP P 242 3.64 -13.45 -8.59
N HIS P 243 3.92 -12.22 -8.93
CA HIS P 243 3.82 -11.16 -7.90
C HIS P 243 2.39 -11.03 -7.38
N PHE P 244 1.40 -11.14 -8.24
CA PHE P 244 -0.04 -11.10 -7.88
C PHE P 244 -0.33 -12.21 -6.86
N VAL P 245 0.18 -13.42 -7.15
CA VAL P 245 -0.01 -14.57 -6.24
C VAL P 245 0.62 -14.31 -4.86
N ASP P 246 1.82 -13.71 -4.82
N ASP P 246 1.80 -13.68 -4.87
CA ASP P 246 2.52 -13.33 -3.56
CA ASP P 246 2.62 -13.37 -3.68
C ASP P 246 1.61 -12.36 -2.81
C ASP P 246 1.84 -12.30 -2.86
N VAL P 247 1.19 -11.30 -3.49
CA VAL P 247 0.43 -10.23 -2.79
C VAL P 247 -0.90 -10.80 -2.26
N VAL P 248 -1.57 -11.66 -3.05
CA VAL P 248 -2.81 -12.28 -2.52
C VAL P 248 -2.45 -13.07 -1.26
N TRP P 249 -1.32 -13.77 -1.25
CA TRP P 249 -0.92 -14.54 -0.06
C TRP P 249 -0.74 -13.60 1.16
N LEU P 250 0.00 -12.51 0.97
CA LEU P 250 0.23 -11.52 2.07
C LEU P 250 -1.11 -11.07 2.66
N PHE P 251 -2.11 -10.81 1.83
CA PHE P 251 -3.45 -10.36 2.30
C PHE P 251 -4.13 -11.51 3.03
N LEU P 252 -4.02 -12.73 2.50
CA LEU P 252 -4.58 -13.90 3.22
C LEU P 252 -3.93 -14.04 4.60
N TYR P 253 -2.61 -13.93 4.65
CA TYR P 253 -1.81 -14.17 5.88
C TYR P 253 -2.26 -13.17 6.93
N VAL P 254 -2.25 -11.90 6.57
CA VAL P 254 -2.65 -10.84 7.52
C VAL P 254 -4.13 -11.03 7.94
N SER P 255 -5.03 -11.31 7.00
CA SER P 255 -6.50 -11.30 7.24
C SER P 255 -6.94 -12.59 7.95
N ILE P 256 -6.70 -13.73 7.31
CA ILE P 256 -7.32 -15.01 7.74
C ILE P 256 -6.46 -15.65 8.83
N TYR P 257 -5.15 -15.72 8.61
CA TYR P 257 -4.24 -16.50 9.48
C TYR P 257 -3.90 -15.72 10.75
N TRP P 258 -3.67 -14.42 10.61
CA TRP P 258 -3.12 -13.61 11.72
C TRP P 258 -4.28 -12.87 12.41
N TRP P 259 -4.90 -11.92 11.73
CA TRP P 259 -5.98 -11.10 12.34
C TRP P 259 -7.17 -12.01 12.70
N GLY P 260 -7.51 -12.99 11.85
CA GLY P 260 -8.66 -13.87 12.12
C GLY P 260 -8.33 -15.00 13.08
N SER P 261 -7.17 -15.05 13.71
CA SER P 261 -6.86 -16.18 14.64
C SER P 261 -7.22 -15.80 16.08
N ASP Q 10 -16.87 3.30 -55.92
CA ASP Q 10 -18.02 4.34 -55.94
C ASP Q 10 -18.09 4.98 -54.55
N TYR Q 11 -18.08 4.16 -53.49
CA TYR Q 11 -18.15 4.60 -52.07
C TYR Q 11 -16.92 5.44 -51.72
N ALA Q 12 -15.89 5.39 -52.54
CA ALA Q 12 -14.60 6.07 -52.31
C ALA Q 12 -14.57 7.40 -53.08
N LEU Q 13 -15.59 7.72 -53.88
CA LEU Q 13 -15.52 8.94 -54.71
C LEU Q 13 -16.53 9.96 -54.22
N PRO Q 14 -16.30 11.28 -54.44
CA PRO Q 14 -17.32 12.28 -54.08
C PRO Q 14 -18.64 11.93 -54.76
N SER Q 15 -19.76 12.20 -54.09
CA SER Q 15 -21.08 11.93 -54.70
C SER Q 15 -22.01 13.13 -54.56
N TYR Q 16 -23.14 13.02 -55.23
CA TYR Q 16 -24.20 14.04 -55.27
C TYR Q 16 -25.17 13.80 -54.12
N VAL Q 17 -25.65 14.88 -53.51
N VAL Q 17 -25.63 14.87 -53.51
CA VAL Q 17 -26.68 14.82 -52.42
CA VAL Q 17 -26.72 14.82 -52.49
C VAL Q 17 -27.51 16.10 -52.53
C VAL Q 17 -27.54 16.10 -52.66
N ASP Q 18 -28.84 15.99 -52.42
CA ASP Q 18 -29.77 17.14 -52.33
C ASP Q 18 -30.08 17.25 -50.84
N ARG Q 19 -29.48 18.24 -50.21
CA ARG Q 19 -29.60 18.50 -48.75
C ARG Q 19 -29.62 20.02 -48.57
N ARG Q 20 -30.64 20.52 -47.90
CA ARG Q 20 -30.86 21.99 -47.81
C ARG Q 20 -29.68 22.63 -47.05
N ASP Q 21 -28.95 21.89 -46.21
CA ASP Q 21 -27.80 22.40 -45.42
C ASP Q 21 -26.44 22.09 -46.14
N TYR Q 22 -26.47 21.57 -47.36
CA TYR Q 22 -25.25 21.30 -48.21
C TYR Q 22 -25.65 21.69 -49.63
N PRO Q 23 -25.96 22.99 -49.86
CA PRO Q 23 -26.59 23.42 -51.10
C PRO Q 23 -25.79 23.18 -52.38
N LEU Q 24 -24.45 23.25 -52.28
CA LEU Q 24 -23.53 23.12 -53.42
C LEU Q 24 -22.78 21.80 -53.28
N PRO Q 25 -23.36 20.69 -53.78
CA PRO Q 25 -22.72 19.38 -53.64
C PRO Q 25 -21.37 19.28 -54.36
N ASP Q 26 -20.66 18.19 -54.04
CA ASP Q 26 -19.25 17.96 -54.42
C ASP Q 26 -19.13 17.77 -55.94
N VAL Q 27 -20.17 17.28 -56.62
CA VAL Q 27 -20.16 17.03 -58.09
C VAL Q 27 -21.49 17.53 -58.70
N ALA Q 28 -21.47 17.79 -60.00
CA ALA Q 28 -22.62 18.07 -60.88
C ALA Q 28 -23.56 16.87 -60.85
N HIS Q 29 -24.86 17.13 -60.84
CA HIS Q 29 -25.85 16.05 -61.08
C HIS Q 29 -25.49 15.20 -62.34
N VAL Q 30 -25.17 15.86 -63.46
CA VAL Q 30 -24.91 15.27 -64.81
C VAL Q 30 -23.41 15.41 -65.08
N LYS Q 31 -22.71 14.29 -65.05
CA LYS Q 31 -21.23 14.25 -65.23
C LYS Q 31 -20.85 14.36 -66.71
N ASN Q 32 -21.62 13.75 -67.61
CA ASN Q 32 -21.23 13.59 -69.03
C ASN Q 32 -22.24 14.30 -69.93
N LEU Q 33 -21.80 15.36 -70.60
CA LEU Q 33 -22.63 16.23 -71.45
C LEU Q 33 -22.61 15.73 -72.89
N SER Q 34 -23.79 15.73 -73.54
CA SER Q 34 -23.97 15.72 -75.02
C SER Q 34 -23.37 16.99 -75.60
N ALA Q 35 -23.17 17.05 -76.92
CA ALA Q 35 -22.58 18.18 -77.67
C ALA Q 35 -23.44 19.44 -77.43
N SER Q 36 -24.78 19.34 -77.33
CA SER Q 36 -25.69 20.52 -77.18
C SER Q 36 -25.55 21.11 -75.77
N GLN Q 37 -25.39 20.22 -74.76
CA GLN Q 37 -25.19 20.58 -73.34
C GLN Q 37 -23.84 21.25 -73.14
N LYS Q 38 -22.79 20.74 -73.80
CA LYS Q 38 -21.45 21.41 -73.87
C LYS Q 38 -21.57 22.80 -74.51
N ALA Q 39 -22.38 22.95 -75.56
CA ALA Q 39 -22.57 24.25 -76.28
C ALA Q 39 -23.29 25.24 -75.34
N LEU Q 40 -24.32 24.76 -74.66
CA LEU Q 40 -25.03 25.55 -73.62
C LEU Q 40 -24.05 25.96 -72.50
N LYS Q 41 -23.13 25.09 -72.11
CA LYS Q 41 -22.09 25.44 -71.09
C LYS Q 41 -21.12 26.47 -71.66
N GLU Q 42 -20.85 26.40 -72.98
CA GLU Q 42 -20.05 27.45 -73.67
C GLU Q 42 -20.85 28.76 -73.65
N LYS Q 43 -22.15 28.67 -73.95
CA LYS Q 43 -23.01 29.87 -74.01
C LYS Q 43 -23.03 30.58 -72.65
N GLU Q 44 -22.98 29.77 -71.59
CA GLU Q 44 -22.97 30.17 -70.15
C GLU Q 44 -21.75 31.04 -69.83
N LYS Q 45 -20.72 31.10 -70.68
CA LYS Q 45 -19.51 31.93 -70.43
C LYS Q 45 -19.75 33.35 -70.92
N ALA Q 46 -20.82 33.53 -71.69
CA ALA Q 46 -21.26 34.86 -72.18
C ALA Q 46 -22.38 35.37 -71.25
N SER Q 47 -22.86 36.58 -71.50
CA SER Q 47 -23.89 37.24 -70.66
C SER Q 47 -25.05 36.27 -70.41
N TRP Q 48 -25.47 36.12 -69.15
CA TRP Q 48 -26.63 35.28 -68.77
C TRP Q 48 -27.94 35.94 -69.25
N SER Q 49 -27.97 37.26 -69.48
CA SER Q 49 -29.14 37.98 -70.09
C SER Q 49 -29.45 37.38 -71.47
N SER Q 50 -28.42 36.93 -72.20
CA SER Q 50 -28.54 36.33 -73.56
C SER Q 50 -29.13 34.92 -73.46
N LEU Q 51 -29.14 34.35 -72.24
CA LEU Q 51 -29.72 33.01 -71.95
C LEU Q 51 -31.25 33.15 -71.87
N SER Q 52 -31.97 32.23 -72.51
CA SER Q 52 -33.43 32.05 -72.39
C SER Q 52 -33.81 31.34 -71.08
N ILE Q 53 -35.08 31.50 -70.66
CA ILE Q 53 -35.62 30.84 -69.44
C ILE Q 53 -35.32 29.34 -69.52
N ASP Q 54 -35.69 28.70 -70.63
CA ASP Q 54 -35.53 27.25 -70.86
C ASP Q 54 -34.05 26.88 -70.71
N GLU Q 55 -33.15 27.75 -71.17
CA GLU Q 55 -31.70 27.42 -71.13
C GLU Q 55 -31.24 27.51 -69.68
N LYS Q 56 -31.68 28.55 -68.97
CA LYS Q 56 -31.40 28.77 -67.53
C LYS Q 56 -31.82 27.51 -66.76
N VAL Q 57 -33.04 27.03 -66.98
CA VAL Q 57 -33.60 25.85 -66.27
C VAL Q 57 -32.73 24.64 -66.66
N GLU Q 58 -32.27 24.58 -67.90
CA GLU Q 58 -31.48 23.40 -68.36
C GLU Q 58 -30.11 23.42 -67.67
N LEU Q 59 -29.47 24.59 -67.55
CA LEU Q 59 -28.18 24.68 -66.81
C LEU Q 59 -28.40 24.19 -65.37
N TYR Q 60 -29.56 24.56 -64.78
CA TYR Q 60 -29.83 24.27 -63.35
C TYR Q 60 -29.91 22.74 -63.20
N ARG Q 61 -30.55 22.11 -64.15
CA ARG Q 61 -30.85 20.65 -64.16
C ARG Q 61 -29.61 19.84 -64.53
N LEU Q 62 -28.60 20.40 -65.19
CA LEU Q 62 -27.28 19.75 -65.37
C LEU Q 62 -26.60 19.65 -64.00
N LYS Q 63 -26.72 20.71 -63.20
CA LYS Q 63 -25.89 20.89 -61.98
C LYS Q 63 -26.58 20.20 -60.80
N PHE Q 64 -27.90 20.32 -60.71
CA PHE Q 64 -28.67 19.86 -59.53
C PHE Q 64 -29.73 18.86 -59.95
N LYS Q 65 -30.09 17.93 -59.06
CA LYS Q 65 -31.17 16.96 -59.40
C LYS Q 65 -32.52 17.56 -59.03
N GLU Q 66 -32.77 17.75 -57.73
CA GLU Q 66 -33.99 18.42 -57.25
C GLU Q 66 -33.71 19.87 -56.84
N SER Q 67 -34.69 20.76 -57.05
CA SER Q 67 -34.73 22.13 -56.47
C SER Q 67 -35.04 22.02 -54.98
N PHE Q 68 -34.87 23.14 -54.26
CA PHE Q 68 -35.22 23.19 -52.82
C PHE Q 68 -36.69 22.84 -52.63
N ALA Q 69 -37.57 23.37 -53.46
CA ALA Q 69 -39.04 23.08 -53.37
C ALA Q 69 -39.28 21.58 -53.52
N GLU Q 70 -38.70 20.96 -54.56
CA GLU Q 70 -38.80 19.49 -54.81
C GLU Q 70 -38.29 18.72 -53.60
N MET Q 71 -37.09 19.00 -53.13
CA MET Q 71 -36.46 18.13 -52.11
C MET Q 71 -37.18 18.32 -50.78
N ASN Q 72 -37.87 19.44 -50.60
CA ASN Q 72 -38.55 19.77 -49.32
C ASN Q 72 -40.01 19.31 -49.35
N ARG Q 73 -40.51 18.66 -50.40
CA ARG Q 73 -41.98 18.43 -50.48
C ARG Q 73 -42.40 17.42 -49.42
N SER Q 74 -43.54 17.64 -48.78
CA SER Q 74 -44.17 16.73 -47.78
C SER Q 74 -44.82 15.56 -48.51
N THR Q 75 -45.08 14.46 -47.83
CA THR Q 75 -45.58 13.24 -48.50
C THR Q 75 -46.81 12.72 -47.73
N ASN Q 76 -47.47 11.75 -48.33
CA ASN Q 76 -48.66 11.08 -47.75
C ASN Q 76 -48.22 9.84 -46.95
N GLU Q 77 -46.93 9.67 -46.71
CA GLU Q 77 -46.41 8.43 -46.06
C GLU Q 77 -47.07 8.27 -44.70
N TRP Q 78 -47.39 9.37 -44.00
CA TRP Q 78 -47.93 9.25 -42.64
C TRP Q 78 -49.25 8.48 -42.67
N LYS Q 79 -49.99 8.54 -43.78
CA LYS Q 79 -51.29 7.86 -43.88
C LYS Q 79 -51.06 6.35 -43.89
N THR Q 80 -50.11 5.92 -44.69
CA THR Q 80 -49.80 4.48 -44.81
C THR Q 80 -49.32 3.99 -43.46
N VAL Q 81 -48.43 4.74 -42.79
CA VAL Q 81 -47.74 4.27 -41.57
C VAL Q 81 -48.80 4.16 -40.47
N VAL Q 82 -49.57 5.23 -40.28
CA VAL Q 82 -50.61 5.25 -39.22
C VAL Q 82 -51.68 4.19 -39.50
N GLY Q 83 -52.17 4.11 -40.73
CA GLY Q 83 -53.19 3.11 -41.08
C GLY Q 83 -52.69 1.68 -40.93
N ALA Q 84 -51.50 1.36 -41.45
CA ALA Q 84 -50.91 -0.02 -41.32
C ALA Q 84 -50.70 -0.34 -39.84
N ALA Q 85 -50.25 0.61 -39.02
CA ALA Q 85 -50.04 0.37 -37.57
C ALA Q 85 -51.37 0.00 -36.93
N MET Q 86 -52.43 0.74 -37.26
CA MET Q 86 -53.78 0.46 -36.74
C MET Q 86 -54.24 -0.88 -37.30
N PHE Q 87 -53.94 -1.21 -38.54
CA PHE Q 87 -54.30 -2.56 -39.07
C PHE Q 87 -53.66 -3.66 -38.19
N PHE Q 88 -52.39 -3.52 -37.89
CA PHE Q 88 -51.63 -4.52 -37.08
C PHE Q 88 -52.07 -4.53 -35.62
N ILE Q 89 -52.35 -3.38 -35.04
CA ILE Q 89 -52.94 -3.32 -33.68
C ILE Q 89 -54.34 -4.00 -33.70
N GLY Q 90 -55.15 -3.76 -34.72
CA GLY Q 90 -56.41 -4.49 -34.90
C GLY Q 90 -56.17 -5.99 -34.97
N PHE Q 91 -55.18 -6.43 -35.75
CA PHE Q 91 -54.91 -7.88 -35.94
C PHE Q 91 -54.60 -8.44 -34.55
N THR Q 92 -53.95 -7.66 -33.70
CA THR Q 92 -53.57 -8.13 -32.34
C THR Q 92 -54.82 -8.53 -31.54
N ALA Q 93 -55.89 -7.74 -31.61
CA ALA Q 93 -57.15 -8.01 -30.90
C ALA Q 93 -57.70 -9.34 -31.43
N LEU Q 94 -57.44 -9.74 -32.67
CA LEU Q 94 -57.90 -11.08 -33.17
C LEU Q 94 -57.19 -12.16 -32.35
N LEU Q 95 -55.90 -11.99 -32.11
CA LEU Q 95 -55.11 -12.94 -31.28
C LEU Q 95 -55.67 -13.00 -29.86
N LEU Q 96 -56.05 -11.86 -29.28
CA LEU Q 96 -56.61 -11.77 -27.92
C LEU Q 96 -58.01 -12.40 -27.85
N ILE Q 97 -58.80 -12.23 -28.92
CA ILE Q 97 -60.11 -12.93 -29.01
C ILE Q 97 -59.82 -14.44 -29.02
N TRP Q 98 -58.88 -14.91 -29.85
CA TRP Q 98 -58.50 -16.35 -29.94
C TRP Q 98 -58.08 -16.83 -28.53
N GLU Q 99 -57.28 -16.04 -27.83
CA GLU Q 99 -56.74 -16.48 -26.52
C GLU Q 99 -57.90 -16.62 -25.54
N LYS Q 100 -58.81 -15.67 -25.55
CA LYS Q 100 -59.91 -15.63 -24.60
C LYS Q 100 -60.81 -16.85 -24.80
N HIS Q 101 -61.06 -17.24 -26.06
CA HIS Q 101 -61.95 -18.36 -26.44
C HIS Q 101 -61.26 -19.71 -26.16
N TYR Q 102 -60.01 -19.91 -26.53
CA TYR Q 102 -59.40 -21.27 -26.57
C TYR Q 102 -58.40 -21.51 -25.44
N VAL Q 103 -57.90 -20.48 -24.76
CA VAL Q 103 -56.83 -20.68 -23.76
C VAL Q 103 -57.38 -20.44 -22.36
N TYR Q 104 -58.03 -19.31 -22.16
CA TYR Q 104 -58.55 -18.91 -20.84
C TYR Q 104 -59.81 -19.72 -20.51
N GLY Q 105 -59.80 -20.31 -19.31
CA GLY Q 105 -61.00 -20.91 -18.70
C GLY Q 105 -61.72 -19.88 -17.84
N PRO Q 106 -62.72 -20.32 -17.05
CA PRO Q 106 -63.48 -19.41 -16.19
C PRO Q 106 -62.61 -18.69 -15.16
N ILE Q 107 -62.97 -17.46 -14.83
CA ILE Q 107 -62.34 -16.70 -13.73
C ILE Q 107 -62.98 -17.15 -12.42
N PRO Q 108 -62.37 -16.86 -11.27
CA PRO Q 108 -62.90 -17.30 -9.99
C PRO Q 108 -64.32 -16.81 -9.67
N HIS Q 109 -65.05 -17.57 -8.87
CA HIS Q 109 -66.46 -17.25 -8.53
C HIS Q 109 -66.55 -15.89 -7.78
N THR Q 110 -65.45 -15.35 -7.30
CA THR Q 110 -65.46 -14.06 -6.55
C THR Q 110 -65.80 -12.89 -7.47
N PHE Q 111 -65.84 -13.08 -8.80
CA PHE Q 111 -66.24 -12.03 -9.77
C PHE Q 111 -67.73 -12.13 -10.09
N GLU Q 112 -68.46 -13.11 -9.56
CA GLU Q 112 -69.94 -13.15 -9.75
C GLU Q 112 -70.58 -11.91 -9.08
N GLU Q 113 -71.66 -11.46 -9.68
CA GLU Q 113 -72.30 -10.17 -9.41
C GLU Q 113 -72.70 -10.13 -7.93
N GLU Q 114 -73.20 -11.26 -7.41
CA GLU Q 114 -73.72 -11.33 -6.01
C GLU Q 114 -72.54 -11.37 -5.02
N TRP Q 115 -71.45 -12.05 -5.35
CA TRP Q 115 -70.22 -12.00 -4.53
C TRP Q 115 -69.73 -10.56 -4.45
N VAL Q 116 -69.65 -9.89 -5.58
CA VAL Q 116 -69.11 -8.49 -5.64
C VAL Q 116 -70.01 -7.58 -4.80
N ALA Q 117 -71.33 -7.78 -4.77
CA ALA Q 117 -72.27 -6.91 -3.99
C ALA Q 117 -72.01 -7.07 -2.48
N LYS Q 118 -71.80 -8.31 -2.06
CA LYS Q 118 -71.52 -8.67 -0.65
C LYS Q 118 -70.14 -8.11 -0.25
N GLN Q 119 -69.14 -8.35 -1.09
CA GLN Q 119 -67.73 -7.95 -0.90
C GLN Q 119 -67.69 -6.43 -0.83
N THR Q 120 -68.42 -5.75 -1.71
CA THR Q 120 -68.52 -4.28 -1.68
C THR Q 120 -69.07 -3.82 -0.33
N LYS Q 121 -70.16 -4.41 0.16
CA LYS Q 121 -70.70 -4.00 1.48
C LYS Q 121 -69.66 -4.25 2.60
N ARG Q 122 -69.03 -5.42 2.63
CA ARG Q 122 -68.01 -5.74 3.67
C ARG Q 122 -66.84 -4.74 3.60
N MET Q 123 -66.43 -4.30 2.42
CA MET Q 123 -65.40 -3.27 2.29
C MET Q 123 -65.92 -1.95 2.90
N LEU Q 124 -67.19 -1.60 2.70
CA LEU Q 124 -67.74 -0.35 3.26
C LEU Q 124 -67.84 -0.46 4.78
N ASP Q 125 -68.13 -1.67 5.28
CA ASP Q 125 -68.33 -1.98 6.71
C ASP Q 125 -66.98 -1.92 7.44
N MET Q 126 -65.91 -2.32 6.77
CA MET Q 126 -64.56 -2.19 7.36
C MET Q 126 -63.95 -0.85 6.92
N LYS Q 127 -64.69 0.02 6.25
CA LYS Q 127 -64.25 1.40 5.89
C LYS Q 127 -62.92 1.36 5.13
N VAL Q 128 -62.83 0.51 4.09
CA VAL Q 128 -61.69 0.54 3.14
C VAL Q 128 -61.55 1.96 2.57
N ALA Q 129 -60.35 2.51 2.64
CA ALA Q 129 -59.99 3.78 1.98
C ALA Q 129 -61.05 4.83 2.31
N PRO Q 130 -61.20 5.20 3.61
CA PRO Q 130 -62.26 6.09 4.07
C PRO Q 130 -61.94 7.59 3.96
N ILE Q 131 -60.67 7.93 3.66
CA ILE Q 131 -60.23 9.34 3.54
C ILE Q 131 -60.46 9.79 2.08
N GLN Q 132 -60.13 8.99 1.08
CA GLN Q 132 -60.25 9.40 -0.36
C GLN Q 132 -60.71 8.25 -1.27
N GLY Q 133 -60.19 7.05 -1.08
CA GLY Q 133 -60.10 6.05 -2.16
C GLY Q 133 -61.40 5.36 -2.48
N PHE Q 134 -62.21 4.99 -1.46
CA PHE Q 134 -63.33 4.02 -1.63
C PHE Q 134 -64.51 4.38 -0.71
N SER Q 135 -64.39 4.12 0.60
CA SER Q 135 -65.50 4.35 1.57
C SER Q 135 -65.77 5.85 1.65
N ALA Q 136 -64.78 6.66 1.28
CA ALA Q 136 -64.90 8.13 1.20
C ALA Q 136 -66.02 8.47 0.22
N LYS Q 137 -66.31 7.58 -0.73
CA LYS Q 137 -67.22 7.86 -1.87
C LYS Q 137 -68.61 7.26 -1.58
N TRP Q 138 -68.75 6.65 -0.39
CA TRP Q 138 -70.06 6.12 0.10
C TRP Q 138 -70.66 7.12 1.09
N ASP Q 139 -71.95 7.40 0.94
CA ASP Q 139 -72.67 8.26 1.93
C ASP Q 139 -73.25 7.32 3.00
N TYR Q 140 -72.69 7.28 4.21
CA TYR Q 140 -73.10 6.37 5.31
C TYR Q 140 -74.39 6.84 5.99
N ASP Q 141 -74.79 8.10 5.76
CA ASP Q 141 -76.08 8.69 6.24
C ASP Q 141 -77.25 8.27 5.31
N LYS Q 142 -77.09 8.43 4.00
CA LYS Q 142 -78.16 8.17 3.00
C LYS Q 142 -78.06 6.74 2.49
N ASN Q 143 -77.02 5.98 2.85
CA ASN Q 143 -76.97 4.56 2.43
C ASN Q 143 -76.96 4.48 0.90
N GLU Q 144 -76.11 5.30 0.25
CA GLU Q 144 -75.94 5.29 -1.23
C GLU Q 144 -74.57 5.88 -1.60
N TRP Q 145 -74.13 5.74 -2.84
CA TRP Q 145 -72.92 6.38 -3.37
C TRP Q 145 -73.17 7.89 -3.44
N LYS Q 146 -72.16 8.69 -3.12
CA LYS Q 146 -72.27 10.18 -3.19
C LYS Q 146 -72.56 10.64 -4.62
N THR R 7 -17.89 41.18 -34.05
CA THR R 7 -19.05 42.08 -34.41
C THR R 7 -19.66 41.62 -35.74
N ASP R 8 -20.95 41.86 -35.92
CA ASP R 8 -21.72 41.60 -37.16
C ASP R 8 -20.99 42.19 -38.37
N GLU R 9 -20.53 43.43 -38.28
CA GLU R 9 -19.92 44.13 -39.43
C GLU R 9 -18.63 43.41 -39.84
N GLU R 10 -17.89 42.90 -38.85
CA GLU R 10 -16.55 42.28 -39.08
C GLU R 10 -16.78 40.93 -39.73
N PHE R 11 -17.80 40.21 -39.27
CA PHE R 11 -18.21 38.90 -39.83
C PHE R 11 -18.61 39.08 -41.30
N ASP R 12 -19.47 40.04 -41.58
CA ASP R 12 -19.93 40.31 -42.96
C ASP R 12 -18.74 40.70 -43.84
N ALA R 13 -17.85 41.57 -43.36
CA ALA R 13 -16.73 42.07 -44.18
C ALA R 13 -15.84 40.87 -44.57
N ARG R 14 -15.58 39.95 -43.64
CA ARG R 14 -14.71 38.77 -43.92
C ARG R 14 -15.32 37.90 -45.02
N TRP R 15 -16.64 37.72 -44.98
CA TRP R 15 -17.37 36.91 -45.97
C TRP R 15 -17.46 37.64 -47.32
N VAL R 16 -17.66 38.96 -47.33
CA VAL R 16 -17.55 39.73 -48.61
C VAL R 16 -16.16 39.53 -49.21
N THR R 17 -15.11 39.72 -48.43
CA THR R 17 -13.70 39.62 -48.89
C THR R 17 -13.54 38.18 -49.44
N TYR R 18 -14.12 37.20 -48.78
CA TYR R 18 -13.97 35.77 -49.16
C TYR R 18 -14.47 35.57 -50.60
N PHE R 19 -15.67 36.04 -50.89
CA PHE R 19 -16.33 35.77 -52.20
C PHE R 19 -15.81 36.71 -53.29
N ASN R 20 -15.24 37.86 -52.88
CA ASN R 20 -14.71 38.89 -53.81
C ASN R 20 -13.33 38.50 -54.33
N LYS R 21 -12.64 37.51 -53.76
CA LYS R 21 -11.28 37.16 -54.27
C LYS R 21 -11.41 36.94 -55.78
N PRO R 22 -10.71 37.72 -56.66
CA PRO R 22 -10.92 37.58 -58.11
C PRO R 22 -10.81 36.11 -58.59
N ASP R 23 -9.76 35.40 -58.17
CA ASP R 23 -9.51 34.03 -58.69
C ASP R 23 -10.06 33.00 -57.70
N ILE R 24 -11.10 33.31 -56.90
CA ILE R 24 -11.82 32.26 -56.13
C ILE R 24 -12.09 31.06 -57.06
N ASP R 25 -11.85 29.83 -56.60
CA ASP R 25 -12.07 28.66 -57.46
C ASP R 25 -13.40 28.00 -57.07
N ALA R 26 -13.81 27.00 -57.83
CA ALA R 26 -15.10 26.30 -57.67
C ALA R 26 -15.20 25.67 -56.28
N TRP R 27 -14.14 24.99 -55.85
CA TRP R 27 -14.09 24.41 -54.48
C TRP R 27 -14.36 25.50 -53.43
N GLU R 28 -13.68 26.62 -53.49
CA GLU R 28 -13.82 27.73 -52.50
C GLU R 28 -15.23 28.29 -52.45
N LEU R 29 -15.87 28.45 -53.62
CA LEU R 29 -17.28 28.91 -53.72
C LEU R 29 -18.17 27.96 -52.91
N ARG R 30 -18.03 26.67 -53.15
CA ARG R 30 -18.89 25.66 -52.54
C ARG R 30 -18.61 25.60 -51.06
N LYS R 31 -17.32 25.56 -50.69
CA LYS R 31 -16.91 25.53 -49.26
C LYS R 31 -17.51 26.75 -48.56
N GLY R 32 -17.38 27.92 -49.16
CA GLY R 32 -17.95 29.17 -48.59
C GLY R 32 -19.43 29.05 -48.33
N MET R 33 -20.22 28.74 -49.37
CA MET R 33 -21.69 28.69 -49.20
C MET R 33 -22.05 27.57 -48.20
N ASN R 34 -21.40 26.41 -48.29
CA ASN R 34 -21.82 25.27 -47.47
C ASN R 34 -21.49 25.58 -46.00
N THR R 35 -20.41 26.30 -45.73
CA THR R 35 -20.05 26.73 -44.37
C THR R 35 -21.04 27.80 -43.89
N LEU R 36 -21.27 28.81 -44.71
CA LEU R 36 -22.08 29.98 -44.29
C LEU R 36 -23.50 29.53 -43.88
N VAL R 37 -24.11 28.58 -44.58
CA VAL R 37 -25.51 28.18 -44.24
C VAL R 37 -25.55 27.27 -43.01
N GLY R 38 -24.39 26.92 -42.41
CA GLY R 38 -24.35 26.26 -41.09
C GLY R 38 -24.70 27.23 -39.96
N TYR R 39 -24.58 28.54 -40.19
CA TYR R 39 -24.68 29.54 -39.10
C TYR R 39 -26.15 29.86 -38.85
N ASP R 40 -26.45 30.32 -37.63
CA ASP R 40 -27.80 30.81 -37.26
C ASP R 40 -27.94 32.22 -37.80
N LEU R 41 -28.07 32.34 -39.11
CA LEU R 41 -28.36 33.64 -39.76
C LEU R 41 -28.70 33.37 -41.22
N VAL R 42 -29.41 34.29 -41.80
CA VAL R 42 -29.54 34.46 -43.26
C VAL R 42 -28.50 35.49 -43.67
N PRO R 43 -27.61 35.14 -44.61
CA PRO R 43 -26.53 36.03 -44.99
C PRO R 43 -27.08 37.38 -45.47
N GLU R 44 -26.39 38.44 -45.08
CA GLU R 44 -26.70 39.83 -45.55
C GLU R 44 -26.62 39.89 -47.09
N PRO R 45 -27.47 40.71 -47.73
CA PRO R 45 -27.36 40.94 -49.17
C PRO R 45 -25.91 41.17 -49.67
N LYS R 46 -25.08 41.96 -48.95
CA LYS R 46 -23.70 42.28 -49.41
C LYS R 46 -22.91 40.97 -49.54
N ILE R 47 -23.17 40.01 -48.66
CA ILE R 47 -22.46 38.71 -48.78
C ILE R 47 -22.97 37.94 -50.02
N ILE R 48 -24.30 37.90 -50.19
CA ILE R 48 -24.91 37.14 -51.30
C ILE R 48 -24.50 37.79 -52.62
N ASP R 49 -24.48 39.13 -52.68
CA ASP R 49 -24.05 39.89 -53.88
C ASP R 49 -22.64 39.42 -54.31
N ALA R 50 -21.69 39.38 -53.35
CA ALA R 50 -20.29 38.95 -53.60
C ALA R 50 -20.28 37.46 -54.03
N ALA R 51 -21.16 36.63 -53.46
CA ALA R 51 -21.19 35.19 -53.83
C ALA R 51 -21.75 35.04 -55.26
N LEU R 52 -22.72 35.85 -55.66
CA LEU R 52 -23.34 35.78 -56.99
C LEU R 52 -22.30 36.21 -58.04
N ARG R 53 -21.52 37.24 -57.75
CA ARG R 53 -20.44 37.74 -58.65
C ARG R 53 -19.35 36.65 -58.75
N ALA R 54 -19.02 35.96 -57.67
CA ALA R 54 -18.09 34.82 -57.72
C ALA R 54 -18.62 33.80 -58.74
N CYS R 55 -19.92 33.50 -58.65
CA CYS R 55 -20.60 32.57 -59.58
C CYS R 55 -20.38 33.05 -61.02
N ARG R 56 -20.59 34.34 -61.29
CA ARG R 56 -20.37 34.92 -62.63
C ARG R 56 -18.92 34.64 -63.08
N ARG R 57 -17.92 34.96 -62.24
CA ARG R 57 -16.48 34.81 -62.60
C ARG R 57 -16.19 33.32 -62.84
N LEU R 58 -16.93 32.41 -62.20
CA LEU R 58 -16.76 30.95 -62.35
C LEU R 58 -17.72 30.40 -63.41
N ASN R 59 -18.43 31.25 -64.16
CA ASN R 59 -19.27 30.83 -65.30
C ASN R 59 -20.28 29.77 -64.81
N ASP R 60 -20.84 29.98 -63.63
CA ASP R 60 -21.72 28.99 -62.96
C ASP R 60 -23.07 29.66 -62.63
N PHE R 61 -23.99 29.63 -63.60
CA PHE R 61 -25.35 30.20 -63.48
C PHE R 61 -26.19 29.41 -62.47
N ALA R 62 -26.06 28.09 -62.48
CA ALA R 62 -26.92 27.20 -61.66
C ALA R 62 -26.66 27.48 -60.17
N SER R 63 -25.38 27.64 -59.82
CA SER R 63 -24.98 27.88 -58.42
C SER R 63 -25.59 29.22 -57.97
N ALA R 64 -25.67 30.23 -58.83
CA ALA R 64 -26.25 31.52 -58.45
C ALA R 64 -27.71 31.30 -58.03
N VAL R 65 -28.44 30.51 -58.81
CA VAL R 65 -29.87 30.24 -58.51
C VAL R 65 -29.96 29.50 -57.17
N ARG R 66 -29.12 28.47 -56.99
CA ARG R 66 -29.09 27.61 -55.79
C ARG R 66 -28.87 28.50 -54.55
N ILE R 67 -28.01 29.50 -54.69
CA ILE R 67 -27.66 30.43 -53.57
C ILE R 67 -28.92 31.21 -53.20
N LEU R 68 -29.69 31.64 -54.19
CA LEU R 68 -30.96 32.34 -53.90
C LEU R 68 -31.91 31.39 -53.17
N GLU R 69 -31.98 30.13 -53.60
CA GLU R 69 -32.88 29.14 -52.94
C GLU R 69 -32.47 28.98 -51.48
N VAL R 70 -31.18 28.91 -51.20
CA VAL R 70 -30.75 28.57 -49.82
C VAL R 70 -30.91 29.81 -48.93
N VAL R 71 -30.82 31.01 -49.50
CA VAL R 71 -31.18 32.24 -48.71
C VAL R 71 -32.67 32.14 -48.27
N LYS R 72 -33.55 31.78 -49.20
CA LYS R 72 -34.97 31.62 -48.84
C LYS R 72 -35.10 30.52 -47.77
N ASP R 73 -34.43 29.37 -48.01
CA ASP R 73 -34.59 28.20 -47.12
C ASP R 73 -34.13 28.58 -45.69
N LYS R 74 -33.04 29.33 -45.57
CA LYS R 74 -32.46 29.73 -44.23
C LYS R 74 -33.43 30.59 -43.43
N ALA R 75 -34.33 31.31 -44.10
CA ALA R 75 -35.32 32.18 -43.40
C ALA R 75 -36.39 31.35 -42.69
N GLY R 76 -36.51 30.06 -43.03
CA GLY R 76 -37.60 29.26 -42.47
C GLY R 76 -38.95 29.96 -42.61
N PRO R 77 -39.74 30.14 -41.54
CA PRO R 77 -41.08 30.73 -41.65
C PRO R 77 -41.03 32.27 -41.68
N HIS R 78 -39.85 32.89 -41.68
CA HIS R 78 -39.74 34.38 -41.65
C HIS R 78 -39.84 34.90 -43.11
N LYS R 79 -41.07 34.85 -43.62
CA LYS R 79 -41.51 35.12 -45.04
C LYS R 79 -41.00 36.48 -45.55
N GLU R 80 -40.77 37.44 -44.65
CA GLU R 80 -40.39 38.85 -45.03
C GLU R 80 -38.90 38.87 -45.46
N ILE R 81 -38.08 37.88 -45.07
CA ILE R 81 -36.61 38.03 -45.31
C ILE R 81 -36.30 37.94 -46.82
N TYR R 82 -36.84 36.95 -47.53
CA TYR R 82 -36.47 36.66 -48.95
C TYR R 82 -36.86 37.83 -49.87
N PRO R 83 -38.13 38.29 -49.87
CA PRO R 83 -38.48 39.47 -50.67
C PRO R 83 -37.59 40.71 -50.39
N TYR R 84 -37.17 40.90 -49.10
CA TYR R 84 -36.21 42.01 -48.73
C TYR R 84 -34.86 41.76 -49.41
N VAL R 85 -34.35 40.55 -49.28
CA VAL R 85 -33.05 40.27 -49.94
C VAL R 85 -33.17 40.49 -51.47
N ILE R 86 -34.23 39.93 -52.11
CA ILE R 86 -34.37 40.07 -53.61
C ILE R 86 -34.46 41.56 -53.96
N GLN R 87 -35.24 42.33 -53.18
CA GLN R 87 -35.28 43.82 -53.37
C GLN R 87 -33.84 44.36 -53.40
N GLU R 88 -33.00 44.00 -52.40
CA GLU R 88 -31.65 44.60 -52.25
C GLU R 88 -30.73 44.08 -53.36
N LEU R 89 -31.01 42.90 -53.91
CA LEU R 89 -30.14 42.25 -54.90
C LEU R 89 -30.57 42.60 -56.34
N ARG R 90 -31.73 43.22 -56.51
CA ARG R 90 -32.30 43.49 -57.86
C ARG R 90 -31.24 44.10 -58.81
N PRO R 91 -30.49 45.18 -58.45
CA PRO R 91 -29.52 45.76 -59.38
C PRO R 91 -28.48 44.71 -59.86
N THR R 92 -27.98 43.89 -58.94
CA THR R 92 -27.00 42.83 -59.28
C THR R 92 -27.67 41.77 -60.16
N LEU R 93 -28.88 41.33 -59.83
CA LEU R 93 -29.62 40.31 -60.60
C LEU R 93 -29.79 40.81 -62.05
N ASN R 94 -30.18 42.08 -62.21
CA ASN R 94 -30.38 42.74 -63.52
C ASN R 94 -29.05 42.76 -64.27
N GLU R 95 -28.00 43.32 -63.61
CA GLU R 95 -26.63 43.44 -64.19
C GLU R 95 -26.17 42.06 -64.71
N LEU R 96 -26.27 40.98 -63.95
CA LEU R 96 -25.61 39.68 -64.31
C LEU R 96 -26.61 38.78 -65.06
N GLY R 97 -27.86 39.22 -65.19
CA GLY R 97 -28.92 38.42 -65.85
C GLY R 97 -29.22 37.13 -65.06
N ILE R 98 -29.22 37.21 -63.73
CA ILE R 98 -29.59 36.04 -62.88
C ILE R 98 -31.11 36.01 -62.74
N SER R 99 -31.77 34.96 -63.22
CA SER R 99 -33.20 34.71 -62.94
C SER R 99 -33.36 34.10 -61.55
N THR R 100 -34.39 34.53 -60.82
CA THR R 100 -34.69 33.99 -59.48
C THR R 100 -35.31 32.62 -59.64
N PRO R 101 -35.27 31.76 -58.61
CA PRO R 101 -35.94 30.45 -58.66
C PRO R 101 -37.43 30.51 -59.05
N GLU R 102 -38.12 31.55 -58.58
CA GLU R 102 -39.54 31.81 -58.90
C GLU R 102 -39.64 32.14 -60.39
N GLU R 103 -38.76 33.02 -60.89
CA GLU R 103 -38.78 33.44 -62.32
C GLU R 103 -38.55 32.17 -63.16
N LEU R 104 -37.84 31.17 -62.64
CA LEU R 104 -37.50 29.94 -63.40
C LEU R 104 -38.53 28.85 -63.13
N GLY R 105 -39.54 29.07 -62.29
CA GLY R 105 -40.49 28.00 -61.91
C GLY R 105 -39.89 26.94 -60.96
N LEU R 106 -38.71 27.14 -60.39
CA LEU R 106 -38.02 26.11 -59.56
C LEU R 106 -38.54 26.14 -58.12
N ASP R 107 -39.44 27.07 -57.77
CA ASP R 107 -40.15 27.12 -56.46
C ASP R 107 -41.34 26.16 -56.50
N LYS R 108 -41.56 25.52 -57.64
CA LYS R 108 -42.72 24.64 -57.91
C LYS R 108 -43.96 25.25 -57.26
N GLY S 3 29.15 -14.43 -18.42
CA GLY S 3 28.00 -15.22 -18.52
C GLY S 3 27.07 -14.51 -19.49
N GLY S 4 27.06 -15.02 -20.77
CA GLY S 4 26.18 -14.76 -21.95
C GLY S 4 25.20 -15.92 -22.29
N GLY S 5 24.93 -16.21 -23.58
CA GLY S 5 24.06 -17.31 -24.09
C GLY S 5 22.60 -16.90 -24.33
N VAL S 6 22.24 -15.63 -24.17
CA VAL S 6 20.87 -15.16 -24.48
C VAL S 6 20.95 -14.46 -25.84
N PRO S 7 20.12 -14.89 -26.82
CA PRO S 7 20.13 -14.26 -28.12
C PRO S 7 19.60 -12.83 -27.99
N THR S 8 20.00 -12.01 -28.94
CA THR S 8 19.56 -10.60 -29.06
C THR S 8 18.46 -10.53 -30.13
N ASP S 9 17.68 -9.45 -30.11
CA ASP S 9 16.72 -9.16 -31.20
C ASP S 9 17.46 -9.17 -32.56
N GLU S 10 18.61 -8.51 -32.63
CA GLU S 10 19.41 -8.41 -33.86
C GLU S 10 19.73 -9.83 -34.34
N GLU S 11 20.03 -10.79 -33.47
CA GLU S 11 20.38 -12.16 -33.95
C GLU S 11 19.12 -12.92 -34.30
N GLN S 12 18.01 -12.71 -33.61
CA GLN S 12 16.95 -13.72 -33.60
C GLN S 12 15.57 -13.19 -33.97
N ALA S 13 15.29 -11.88 -33.92
CA ALA S 13 13.99 -11.39 -34.35
C ALA S 13 13.77 -11.81 -35.83
N THR S 14 12.52 -12.08 -36.19
CA THR S 14 12.16 -12.53 -37.53
C THR S 14 10.87 -11.85 -38.02
N GLY S 15 10.48 -12.11 -39.27
CA GLY S 15 9.16 -11.77 -39.78
C GLY S 15 8.93 -10.28 -39.61
N LEU S 16 7.74 -9.90 -39.24
CA LEU S 16 7.38 -8.45 -39.24
C LEU S 16 8.12 -7.71 -38.12
N GLU S 17 8.33 -8.37 -36.99
CA GLU S 17 9.08 -7.78 -35.86
C GLU S 17 10.43 -7.32 -36.41
N ARG S 18 11.13 -8.21 -37.12
CA ARG S 18 12.45 -7.85 -37.66
C ARG S 18 12.31 -6.68 -38.66
N GLU S 19 11.36 -6.72 -39.60
CA GLU S 19 11.22 -5.64 -40.61
C GLU S 19 11.01 -4.30 -39.85
N VAL S 20 10.17 -4.29 -38.82
CA VAL S 20 9.88 -3.04 -38.06
C VAL S 20 11.20 -2.53 -37.42
N MET S 21 11.99 -3.45 -36.88
N MET S 21 12.00 -3.42 -36.85
CA MET S 21 13.27 -3.23 -36.18
CA MET S 21 13.28 -3.06 -36.17
C MET S 21 14.31 -2.60 -37.14
C MET S 21 14.26 -2.46 -37.22
N LEU S 22 14.42 -3.13 -38.37
CA LEU S 22 15.39 -2.68 -39.42
C LEU S 22 14.92 -1.31 -39.97
N ALA S 23 13.64 -1.14 -40.19
CA ALA S 23 13.11 0.13 -40.74
C ALA S 23 13.37 1.23 -39.70
N ALA S 24 13.16 0.97 -38.39
CA ALA S 24 13.36 1.98 -37.32
C ALA S 24 14.83 2.41 -37.24
N ARG S 25 15.76 1.49 -37.42
CA ARG S 25 17.23 1.79 -37.47
C ARG S 25 17.52 2.81 -38.60
N LYS S 26 16.85 2.71 -39.75
CA LYS S 26 17.00 3.67 -40.89
C LYS S 26 16.10 4.92 -40.74
N GLY S 27 15.36 5.11 -39.65
CA GLY S 27 14.43 6.29 -39.53
C GLY S 27 13.23 6.18 -40.47
N GLN S 28 12.84 4.98 -40.90
CA GLN S 28 11.71 4.83 -41.84
C GLN S 28 10.54 4.26 -41.05
N ASP S 29 9.31 4.48 -41.51
CA ASP S 29 8.09 4.05 -40.79
C ASP S 29 7.10 3.39 -41.75
N PRO S 30 7.51 2.28 -42.41
CA PRO S 30 6.63 1.64 -43.37
C PRO S 30 5.36 1.06 -42.74
N TYR S 31 5.37 0.70 -41.45
CA TYR S 31 4.21 0.08 -40.80
C TYR S 31 3.46 1.13 -39.97
N ASN S 32 3.65 2.41 -40.27
CA ASN S 32 2.69 3.42 -39.76
C ASN S 32 2.55 3.37 -38.24
N ILE S 33 3.69 3.26 -37.54
CA ILE S 33 3.79 3.27 -36.06
C ILE S 33 3.74 4.72 -35.52
N LEU S 34 4.23 5.70 -36.27
CA LEU S 34 4.36 7.10 -35.79
C LEU S 34 3.28 7.96 -36.44
N ALA S 35 2.88 9.02 -35.75
CA ALA S 35 1.98 10.07 -36.27
C ALA S 35 2.80 10.94 -37.18
N PRO S 36 2.45 11.14 -38.45
CA PRO S 36 3.18 12.07 -39.30
C PRO S 36 2.90 13.52 -38.85
N LYS S 37 3.90 14.34 -39.01
CA LYS S 37 3.88 15.77 -38.65
C LYS S 37 3.37 16.53 -39.88
N ALA S 38 2.35 17.36 -39.70
CA ALA S 38 1.75 18.23 -40.72
C ALA S 38 2.79 19.18 -41.32
N THR S 39 2.69 19.47 -42.61
CA THR S 39 3.28 20.68 -43.25
C THR S 39 2.35 21.88 -42.96
N SER S 40 2.57 23.01 -43.60
CA SER S 40 1.63 24.18 -43.47
C SER S 40 0.32 23.87 -44.21
N GLY S 41 0.30 22.85 -45.07
CA GLY S 41 -0.93 22.40 -45.74
C GLY S 41 -1.43 23.31 -46.87
N THR S 42 -0.62 24.23 -47.37
CA THR S 42 -0.99 25.12 -48.49
C THR S 42 -0.97 24.32 -49.77
N LYS S 43 -1.49 24.88 -50.85
CA LYS S 43 -1.39 24.26 -52.20
C LYS S 43 0.09 24.11 -52.59
N GLU S 44 1.00 24.98 -52.13
CA GLU S 44 2.46 24.94 -52.49
C GLU S 44 3.17 23.92 -51.59
N ASP S 45 2.63 23.67 -50.40
CA ASP S 45 3.27 22.80 -49.38
C ASP S 45 2.23 21.81 -48.86
N PRO S 46 1.68 20.93 -49.71
CA PRO S 46 0.60 20.05 -49.26
C PRO S 46 1.17 19.00 -48.31
N ASN S 47 0.30 18.44 -47.48
CA ASN S 47 0.69 17.30 -46.62
C ASN S 47 0.88 16.12 -47.56
N LEU S 48 1.96 15.39 -47.41
CA LEU S 48 2.34 14.32 -48.36
C LEU S 48 1.94 13.00 -47.71
N VAL S 49 0.94 12.35 -48.28
CA VAL S 49 0.30 11.13 -47.73
C VAL S 49 0.81 9.92 -48.51
N PRO S 50 1.71 9.09 -47.95
CA PRO S 50 2.17 7.90 -48.67
C PRO S 50 1.04 6.86 -48.78
N SER S 51 1.08 6.11 -49.87
CA SER S 51 0.16 4.97 -50.02
C SER S 51 0.86 3.85 -50.80
N ILE S 52 0.53 2.60 -50.51
CA ILE S 52 0.94 1.50 -51.44
C ILE S 52 -0.01 1.41 -52.65
N THR S 53 -1.09 2.18 -52.66
CA THR S 53 -2.13 2.10 -53.73
C THR S 53 -2.51 3.55 -54.17
N ASN S 54 -3.64 3.69 -54.84
CA ASN S 54 -4.01 4.95 -55.56
C ASN S 54 -5.01 5.77 -54.71
N LYS S 55 -5.33 5.28 -53.53
CA LYS S 55 -6.16 6.08 -52.59
C LYS S 55 -5.93 5.60 -51.17
N ARG S 56 -6.14 6.50 -50.24
CA ARG S 56 -5.98 6.22 -48.79
C ARG S 56 -6.90 7.14 -47.99
N ILE S 57 -7.47 6.62 -46.91
CA ILE S 57 -8.33 7.45 -46.06
C ILE S 57 -7.44 8.36 -45.23
N VAL S 58 -7.82 9.65 -45.25
CA VAL S 58 -7.25 10.72 -44.41
C VAL S 58 -8.27 11.06 -43.33
N GLY S 59 -7.80 11.18 -42.11
CA GLY S 59 -8.50 11.81 -40.99
C GLY S 59 -7.83 13.15 -40.73
N CYS S 60 -8.62 14.22 -40.77
CA CYS S 60 -8.08 15.58 -40.53
C CYS S 60 -8.59 16.09 -39.16
N ILE S 61 -7.66 16.32 -38.24
CA ILE S 61 -7.94 16.99 -36.95
C ILE S 61 -7.65 18.46 -37.24
N CYS S 62 -8.65 19.17 -37.66
CA CYS S 62 -8.48 20.51 -38.31
C CYS S 62 -7.77 21.49 -37.39
N GLU S 63 -8.12 21.45 -36.11
CA GLU S 63 -7.46 22.27 -35.07
C GLU S 63 -7.13 21.36 -33.91
N GLU S 64 -6.06 21.71 -33.26
CA GLU S 64 -5.55 21.01 -32.10
C GLU S 64 -6.67 20.98 -31.08
N ASP S 65 -6.87 19.80 -30.56
CA ASP S 65 -7.90 19.53 -29.52
C ASP S 65 -9.33 19.47 -30.08
N ASN S 66 -9.56 19.62 -31.40
CA ASN S 66 -10.86 19.18 -31.99
C ASN S 66 -11.10 17.71 -31.57
N SER S 67 -12.29 17.39 -31.10
CA SER S 67 -12.69 16.00 -30.84
C SER S 67 -13.20 15.37 -32.15
N THR S 68 -13.71 16.17 -33.08
CA THR S 68 -14.28 15.71 -34.36
C THR S 68 -13.16 15.51 -35.38
N VAL S 69 -12.99 14.29 -35.86
CA VAL S 69 -12.06 14.01 -36.97
C VAL S 69 -12.86 13.97 -38.30
N ILE S 70 -12.30 14.59 -39.33
CA ILE S 70 -12.95 14.64 -40.67
C ILE S 70 -12.28 13.58 -41.55
N TRP S 71 -13.06 12.61 -42.02
CA TRP S 71 -12.52 11.46 -42.79
C TRP S 71 -12.89 11.55 -44.28
N PHE S 72 -11.93 11.26 -45.15
CA PHE S 72 -12.22 11.24 -46.60
C PHE S 72 -11.16 10.39 -47.28
N TRP S 73 -11.54 9.84 -48.42
CA TRP S 73 -10.57 9.20 -49.35
C TRP S 73 -9.78 10.27 -50.09
N LEU S 74 -8.46 10.20 -49.97
CA LEU S 74 -7.49 10.96 -50.81
C LEU S 74 -7.09 10.10 -52.01
N HIS S 75 -7.32 10.61 -53.22
CA HIS S 75 -7.00 9.94 -54.51
C HIS S 75 -5.69 10.45 -55.07
N LYS S 76 -4.97 9.57 -55.76
CA LYS S 76 -3.80 9.93 -56.59
C LYS S 76 -4.19 11.13 -57.46
N GLY S 77 -3.26 12.02 -57.75
CA GLY S 77 -3.49 13.10 -58.72
C GLY S 77 -3.45 14.42 -58.00
N GLU S 78 -4.21 15.37 -58.47
CA GLU S 78 -4.22 16.73 -57.89
C GLU S 78 -4.51 16.64 -56.39
N ALA S 79 -3.78 17.40 -55.59
CA ALA S 79 -4.02 17.59 -54.14
C ALA S 79 -5.52 17.81 -53.91
N GLN S 80 -6.02 17.25 -52.83
CA GLN S 80 -7.42 17.45 -52.35
C GLN S 80 -7.37 18.24 -51.05
N ARG S 81 -8.51 18.77 -50.67
CA ARG S 81 -8.61 19.64 -49.48
C ARG S 81 -9.58 19.03 -48.47
N CYS S 82 -9.25 19.14 -47.19
CA CYS S 82 -10.15 18.79 -46.09
C CYS S 82 -11.45 19.56 -46.29
N PRO S 83 -12.61 18.89 -46.33
CA PRO S 83 -13.85 19.62 -46.56
C PRO S 83 -14.27 20.50 -45.38
N SER S 84 -13.63 20.39 -44.21
CA SER S 84 -13.89 21.23 -43.04
C SER S 84 -12.92 22.42 -43.03
N CYS S 85 -11.61 22.21 -43.13
CA CYS S 85 -10.63 23.33 -42.90
C CYS S 85 -9.90 23.75 -44.20
N GLY S 86 -10.03 23.01 -45.30
CA GLY S 86 -9.35 23.29 -46.58
C GLY S 86 -7.85 22.95 -46.65
N THR S 87 -7.28 22.37 -45.60
N THR S 87 -7.23 22.42 -45.60
CA THR S 87 -5.89 21.82 -45.58
CA THR S 87 -5.80 22.08 -45.67
C THR S 87 -5.68 20.93 -46.82
C THR S 87 -5.64 20.99 -46.76
N HIS S 88 -4.55 21.09 -47.51
CA HIS S 88 -4.21 20.34 -48.73
C HIS S 88 -3.49 19.01 -48.35
N TYR S 89 -3.86 17.97 -49.05
CA TYR S 89 -3.23 16.63 -48.93
C TYR S 89 -2.95 16.18 -50.35
N LYS S 90 -1.77 15.58 -50.54
CA LYS S 90 -1.36 15.03 -51.84
C LYS S 90 -0.90 13.60 -51.62
N LEU S 91 -1.45 12.66 -52.37
CA LEU S 91 -1.04 11.23 -52.30
C LEU S 91 0.28 11.02 -53.05
N VAL S 92 1.20 10.30 -52.42
CA VAL S 92 2.52 9.99 -53.02
C VAL S 92 2.61 8.47 -52.99
N PRO S 93 2.10 7.73 -54.00
CA PRO S 93 2.28 6.26 -54.10
C PRO S 93 3.77 5.89 -53.93
N GLY T 12 20.78 -4.49 -10.81
CA GLY T 12 21.33 -5.41 -11.63
C GLY T 12 21.01 -6.79 -11.08
N ALA T 13 21.29 -7.76 -11.92
CA ALA T 13 21.24 -9.20 -11.58
C ALA T 13 22.11 -9.45 -10.33
N ARG T 14 23.30 -8.86 -10.25
CA ARG T 14 24.24 -9.13 -9.14
C ARG T 14 23.58 -8.82 -7.78
N THR T 15 22.92 -7.65 -7.71
CA THR T 15 22.24 -7.19 -6.52
C THR T 15 21.08 -8.13 -6.17
N TRP T 16 20.25 -8.50 -7.14
CA TRP T 16 19.09 -9.38 -6.87
C TRP T 16 19.58 -10.80 -6.50
N ARG T 17 20.66 -11.28 -7.07
CA ARG T 17 21.25 -12.57 -6.61
C ARG T 17 21.76 -12.42 -5.16
N PHE T 18 22.46 -11.34 -4.83
CA PHE T 18 22.95 -11.02 -3.48
C PHE T 18 21.74 -11.07 -2.53
N LEU T 19 20.60 -10.50 -2.89
CA LEU T 19 19.40 -10.49 -2.00
C LEU T 19 18.83 -11.91 -1.88
N THR T 20 18.81 -12.64 -2.99
CA THR T 20 18.28 -14.04 -3.01
C THR T 20 19.06 -14.88 -1.97
N PHE T 21 20.39 -14.94 -2.10
CA PHE T 21 21.26 -15.82 -1.28
C PHE T 21 21.58 -15.21 0.09
N GLY T 22 21.59 -13.88 0.21
CA GLY T 22 22.10 -13.18 1.42
C GLY T 22 20.96 -12.88 2.40
N LEU T 23 19.73 -12.79 1.91
CA LEU T 23 18.57 -12.42 2.76
C LEU T 23 17.41 -13.44 2.60
N ALA T 24 16.88 -13.62 1.39
CA ALA T 24 15.64 -14.36 1.11
C ALA T 24 15.82 -15.83 1.51
N LEU T 25 16.81 -16.53 0.97
CA LEU T 25 16.94 -17.98 1.28
C LEU T 25 17.34 -18.18 2.74
N PRO T 26 18.24 -17.35 3.34
CA PRO T 26 18.46 -17.44 4.78
C PRO T 26 17.15 -17.28 5.58
N SER T 27 16.22 -16.38 5.21
CA SER T 27 14.91 -16.27 5.89
C SER T 27 14.17 -17.59 5.80
N VAL T 28 14.13 -18.17 4.62
CA VAL T 28 13.42 -19.45 4.41
C VAL T 28 14.07 -20.52 5.29
N ALA T 29 15.39 -20.61 5.32
CA ALA T 29 16.13 -21.55 6.19
C ALA T 29 15.73 -21.39 7.66
N LEU T 30 15.69 -20.17 8.17
CA LEU T 30 15.28 -19.87 9.56
C LEU T 30 13.81 -20.19 9.83
N CYS T 31 12.87 -19.86 8.94
CA CYS T 31 11.45 -20.22 9.15
C CYS T 31 11.30 -21.75 9.05
N THR T 32 12.14 -22.42 8.26
CA THR T 32 12.10 -23.89 8.11
C THR T 32 12.54 -24.52 9.45
N LEU T 33 13.63 -24.03 10.04
CA LEU T 33 14.07 -24.39 11.41
C LEU T 33 12.94 -24.07 12.41
N ASN T 34 12.43 -22.84 12.45
CA ASN T 34 11.34 -22.46 13.40
C ASN T 34 10.20 -23.48 13.28
N SER T 35 9.77 -23.77 12.04
CA SER T 35 8.65 -24.70 11.82
C SER T 35 9.04 -26.07 12.31
N TRP T 36 10.20 -26.58 11.94
CA TRP T 36 10.54 -28.01 12.23
C TRP T 36 10.74 -28.15 13.75
N LEU T 37 10.87 -27.06 14.50
CA LEU T 37 10.99 -27.20 15.98
C LEU T 37 9.60 -27.27 16.62
N HIS T 38 8.57 -26.71 16.02
CA HIS T 38 7.18 -26.73 16.54
C HIS T 38 6.35 -27.75 15.75
N SER T 39 6.95 -28.80 15.16
CA SER T 39 6.24 -29.72 14.20
C SER T 39 5.52 -30.86 14.94
N GLY T 40 5.73 -31.00 16.25
CA GLY T 40 5.18 -32.14 17.03
C GLY T 40 3.65 -32.14 17.07
N HIS T 41 3.00 -33.31 17.12
CA HIS T 41 1.51 -33.46 17.10
C HIS T 41 0.91 -32.86 18.38
N ARG T 42 -0.03 -31.93 18.26
CA ARG T 42 -0.80 -31.34 19.40
C ARG T 42 -1.83 -32.39 19.86
N GLU T 43 -2.12 -32.50 21.16
CA GLU T 43 -3.17 -33.41 21.73
C GLU T 43 -4.55 -33.01 21.23
N ARG T 44 -5.36 -33.92 20.73
CA ARG T 44 -6.65 -33.54 20.12
C ARG T 44 -7.66 -33.16 21.20
N PRO T 45 -8.49 -32.15 20.95
CA PRO T 45 -9.43 -31.63 21.97
C PRO T 45 -10.63 -32.58 22.09
N ALA T 46 -11.29 -32.61 23.24
CA ALA T 46 -12.51 -33.39 23.43
C ALA T 46 -13.48 -33.04 22.29
N PHE T 47 -14.18 -34.05 21.79
CA PHE T 47 -15.27 -33.90 20.79
C PHE T 47 -16.51 -33.33 21.48
N ILE T 48 -17.05 -32.26 20.91
CA ILE T 48 -18.38 -31.67 21.27
C ILE T 48 -19.15 -31.52 19.95
N PRO T 49 -20.36 -32.13 19.83
CA PRO T 49 -21.11 -32.11 18.56
C PRO T 49 -21.81 -30.75 18.30
N TYR T 50 -21.03 -29.67 18.31
CA TYR T 50 -21.50 -28.32 17.95
C TYR T 50 -22.19 -28.32 16.59
N HIS T 51 -23.34 -27.60 16.54
CA HIS T 51 -24.27 -27.63 15.39
C HIS T 51 -23.74 -26.70 14.30
N HIS T 52 -22.78 -25.84 14.62
CA HIS T 52 -22.19 -24.91 13.62
C HIS T 52 -20.96 -25.52 12.98
N LEU T 53 -20.63 -26.75 13.30
CA LEU T 53 -19.40 -27.43 12.80
C LEU T 53 -19.81 -28.79 12.24
N ARG T 54 -18.95 -29.41 11.46
CA ARG T 54 -19.27 -30.71 10.82
C ARG T 54 -20.60 -30.61 10.06
N ILE T 55 -20.78 -29.55 9.27
CA ILE T 55 -22.05 -29.32 8.54
C ILE T 55 -22.23 -30.40 7.49
N ARG T 56 -23.44 -30.94 7.42
CA ARG T 56 -23.90 -31.92 6.39
C ARG T 56 -25.29 -31.47 5.91
N THR T 57 -25.35 -30.64 4.89
CA THR T 57 -26.62 -30.32 4.19
C THR T 57 -26.75 -31.19 2.94
N LYS T 58 -25.66 -31.67 2.37
CA LYS T 58 -25.73 -32.64 1.25
C LYS T 58 -24.55 -33.58 1.40
N PRO T 59 -24.65 -34.90 1.09
CA PRO T 59 -23.47 -35.75 1.17
C PRO T 59 -22.42 -35.27 0.16
N PHE T 60 -21.14 -35.35 0.54
CA PHE T 60 -20.04 -35.06 -0.40
C PHE T 60 -20.15 -36.03 -1.57
N SER T 61 -19.62 -35.66 -2.73
CA SER T 61 -19.72 -36.48 -3.98
C SER T 61 -18.62 -37.52 -4.05
N TRP T 62 -18.05 -37.98 -2.95
CA TRP T 62 -16.93 -38.99 -2.95
C TRP T 62 -17.04 -39.81 -1.66
N GLY T 63 -16.30 -40.92 -1.60
CA GLY T 63 -16.28 -41.85 -0.46
C GLY T 63 -17.69 -42.18 -0.04
N ASP T 64 -17.98 -42.15 1.26
CA ASP T 64 -19.30 -42.52 1.82
C ASP T 64 -20.15 -41.25 1.97
N GLY T 65 -19.75 -40.11 1.40
CA GLY T 65 -20.54 -38.87 1.51
C GLY T 65 -20.37 -38.14 2.84
N ASN T 66 -19.62 -38.69 3.79
CA ASN T 66 -19.60 -38.14 5.17
C ASN T 66 -18.18 -37.73 5.57
N HIS T 67 -17.21 -37.86 4.67
CA HIS T 67 -15.77 -37.58 4.92
C HIS T 67 -15.38 -36.36 4.08
N THR T 68 -14.76 -35.37 4.68
CA THR T 68 -14.18 -34.21 3.93
C THR T 68 -13.01 -34.69 3.05
N PHE T 69 -12.68 -33.92 2.03
CA PHE T 69 -11.76 -34.30 0.94
C PHE T 69 -10.37 -34.68 1.49
N PHE T 70 -9.85 -33.93 2.44
N PHE T 70 -9.82 -33.87 2.40
CA PHE T 70 -8.51 -34.19 3.04
CA PHE T 70 -8.49 -34.07 3.07
C PHE T 70 -8.73 -34.53 4.52
C PHE T 70 -8.70 -34.57 4.51
N HIS T 71 -9.76 -35.34 4.74
CA HIS T 71 -10.09 -35.93 6.06
C HIS T 71 -8.84 -36.55 6.72
N ASN T 72 -8.57 -36.20 7.95
CA ASN T 72 -7.44 -36.75 8.72
C ASN T 72 -8.05 -37.41 9.95
N PRO T 73 -8.08 -38.77 10.03
CA PRO T 73 -8.74 -39.41 11.16
C PRO T 73 -8.25 -38.92 12.53
N ARG T 74 -6.98 -38.58 12.62
CA ARG T 74 -6.37 -38.24 13.93
C ARG T 74 -7.01 -36.93 14.44
N VAL T 75 -7.40 -36.01 13.57
CA VAL T 75 -7.74 -34.63 14.03
C VAL T 75 -9.11 -34.16 13.53
N ASN T 76 -9.74 -34.87 12.62
CA ASN T 76 -11.03 -34.47 12.02
C ASN T 76 -12.10 -35.47 12.46
N PRO T 77 -12.89 -35.12 13.49
CA PRO T 77 -14.04 -35.94 13.88
C PRO T 77 -15.15 -35.79 12.83
N LEU T 78 -15.94 -36.84 12.73
CA LEU T 78 -17.20 -36.89 11.95
C LEU T 78 -18.26 -36.21 12.80
N PRO T 79 -19.45 -35.96 12.23
CA PRO T 79 -20.61 -35.47 12.99
C PRO T 79 -20.86 -36.25 14.29
N THR T 80 -20.57 -37.56 14.29
CA THR T 80 -20.80 -38.48 15.43
C THR T 80 -19.54 -38.64 16.28
N GLY T 81 -18.39 -38.11 15.88
CA GLY T 81 -17.19 -38.08 16.73
C GLY T 81 -15.97 -38.61 16.01
N TYR T 82 -14.88 -38.84 16.77
CA TYR T 82 -13.59 -39.31 16.20
C TYR T 82 -13.81 -40.75 15.77
N GLU T 83 -13.28 -41.11 14.61
CA GLU T 83 -13.35 -42.50 14.09
C GLU T 83 -12.69 -43.50 15.06
N TYR U 11 -43.58 -3.66 33.92
CA TYR U 11 -43.01 -4.19 32.69
C TYR U 11 -44.18 -4.42 31.73
N GLN U 12 -44.13 -3.71 30.62
CA GLN U 12 -45.02 -3.91 29.47
C GLN U 12 -44.25 -4.71 28.43
N THR U 13 -43.19 -4.13 27.89
CA THR U 13 -42.31 -4.79 26.91
C THR U 13 -40.90 -4.28 27.12
N ALA U 14 -39.96 -4.85 26.41
CA ALA U 14 -38.53 -4.48 26.47
C ALA U 14 -38.41 -3.04 26.01
N PRO U 15 -37.76 -2.18 26.80
CA PRO U 15 -37.55 -0.79 26.39
C PRO U 15 -36.44 -0.65 25.34
N PHE U 16 -36.38 0.50 24.67
CA PHE U 16 -35.24 0.88 23.82
C PHE U 16 -33.96 0.65 24.61
N ASP U 17 -32.94 0.12 23.96
CA ASP U 17 -31.62 -0.19 24.54
C ASP U 17 -30.59 0.44 23.60
N SER U 18 -29.91 1.49 24.07
CA SER U 18 -28.97 2.28 23.24
C SER U 18 -27.84 1.38 22.70
N ARG U 19 -27.60 0.22 23.32
CA ARG U 19 -26.58 -0.75 22.80
C ARG U 19 -27.02 -1.36 21.47
N PHE U 20 -28.33 -1.42 21.21
CA PHE U 20 -28.92 -2.11 20.04
C PHE U 20 -29.94 -1.16 19.42
N PRO U 21 -29.48 -0.06 18.77
CA PRO U 21 -30.40 0.98 18.30
C PRO U 21 -30.93 0.75 16.89
N ASN U 22 -30.55 -0.35 16.22
CA ASN U 22 -30.81 -0.51 14.75
C ASN U 22 -31.85 -1.58 14.45
N GLN U 23 -32.21 -1.73 13.19
CA GLN U 23 -33.28 -2.67 12.75
C GLN U 23 -32.89 -4.12 13.11
N ASN U 24 -31.59 -4.44 13.12
CA ASN U 24 -31.17 -5.82 13.45
C ASN U 24 -31.09 -5.95 14.96
N GLN U 25 -32.03 -6.68 15.56
CA GLN U 25 -32.17 -6.85 17.01
C GLN U 25 -31.67 -8.23 17.42
N THR U 26 -31.02 -8.99 16.53
CA THR U 26 -30.52 -10.35 16.84
C THR U 26 -29.71 -10.32 18.15
N ARG U 27 -28.77 -9.39 18.24
CA ARG U 27 -27.79 -9.38 19.37
C ARG U 27 -28.47 -9.00 20.69
N ASN U 28 -29.51 -8.18 20.65
CA ASN U 28 -30.35 -7.78 21.81
C ASN U 28 -30.99 -9.04 22.43
N CYS U 29 -31.61 -9.85 21.58
CA CYS U 29 -32.19 -11.16 21.99
C CYS U 29 -31.08 -12.05 22.59
N TRP U 30 -29.97 -12.18 21.89
CA TRP U 30 -28.84 -13.04 22.29
C TRP U 30 -28.29 -12.59 23.66
N GLN U 31 -28.03 -11.29 23.79
CA GLN U 31 -27.34 -10.72 24.97
C GLN U 31 -28.20 -10.98 26.21
N ASN U 32 -29.48 -10.71 26.12
CA ASN U 32 -30.43 -10.88 27.25
C ASN U 32 -30.58 -12.37 27.57
N TYR U 33 -30.56 -13.23 26.57
CA TYR U 33 -30.61 -14.68 26.80
C TYR U 33 -29.38 -15.12 27.60
N LEU U 34 -28.18 -14.66 27.17
CA LEU U 34 -26.91 -14.97 27.88
C LEU U 34 -26.96 -14.41 29.30
N ASP U 35 -27.36 -13.13 29.44
CA ASP U 35 -27.39 -12.38 30.71
C ASP U 35 -28.28 -13.15 31.68
N PHE U 36 -29.49 -13.49 31.26
CA PHE U 36 -30.41 -14.26 32.10
C PHE U 36 -29.71 -15.53 32.56
N HIS U 37 -29.13 -16.33 31.66
CA HIS U 37 -28.63 -17.67 32.05
C HIS U 37 -27.35 -17.53 32.86
N ARG U 38 -26.57 -16.46 32.62
CA ARG U 38 -25.31 -16.24 33.40
C ARG U 38 -25.73 -15.91 34.83
N CYS U 39 -26.70 -15.03 34.97
CA CYS U 39 -27.22 -14.64 36.30
C CYS U 39 -27.83 -15.88 37.00
N GLU U 40 -28.62 -16.68 36.31
CA GLU U 40 -29.31 -17.85 36.92
C GLU U 40 -28.21 -18.81 37.41
N LYS U 41 -27.14 -18.98 36.65
CA LYS U 41 -26.02 -19.84 37.12
C LYS U 41 -25.41 -19.24 38.39
N ALA U 42 -25.07 -17.95 38.38
CA ALA U 42 -24.45 -17.22 39.51
C ALA U 42 -25.35 -17.40 40.75
N MET U 43 -26.67 -17.23 40.62
CA MET U 43 -27.59 -17.29 41.78
C MET U 43 -27.79 -18.75 42.20
N THR U 44 -27.78 -19.73 41.29
CA THR U 44 -28.07 -21.14 41.67
C THR U 44 -26.82 -21.71 42.33
N ALA U 45 -25.64 -21.23 41.90
CA ALA U 45 -24.30 -21.70 42.30
C ALA U 45 -23.97 -21.29 43.76
N LYS U 46 -24.69 -20.36 44.40
CA LYS U 46 -24.62 -20.17 45.88
C LYS U 46 -25.94 -20.66 46.51
N GLY U 47 -26.83 -21.24 45.70
CA GLY U 47 -28.25 -21.44 46.05
C GLY U 47 -28.94 -20.10 46.23
N GLY U 48 -28.36 -18.99 45.71
CA GLY U 48 -28.86 -17.57 45.77
C GLY U 48 -30.29 -17.45 45.25
N ASP U 49 -30.76 -16.27 44.84
CA ASP U 49 -32.19 -16.17 44.37
C ASP U 49 -32.32 -15.67 42.91
N VAL U 50 -32.95 -16.49 42.06
CA VAL U 50 -33.08 -16.26 40.60
C VAL U 50 -34.00 -15.05 40.33
N SER U 51 -34.72 -14.47 41.31
CA SER U 51 -35.60 -13.27 41.06
C SER U 51 -34.76 -12.03 40.71
N VAL U 52 -33.48 -12.03 41.10
CA VAL U 52 -32.46 -11.01 40.69
C VAL U 52 -32.32 -11.04 39.16
N CYS U 53 -32.58 -12.16 38.51
CA CYS U 53 -32.30 -12.29 37.06
C CYS U 53 -33.54 -11.90 36.23
N GLU U 54 -34.63 -11.45 36.88
CA GLU U 54 -36.00 -11.33 36.28
C GLU U 54 -35.98 -10.35 35.09
N TRP U 55 -35.31 -9.22 35.20
CA TRP U 55 -35.26 -8.24 34.09
C TRP U 55 -34.80 -8.92 32.79
N TYR U 56 -33.69 -9.67 32.84
CA TYR U 56 -33.11 -10.35 31.66
C TYR U 56 -34.12 -11.40 31.14
N ARG U 57 -34.84 -12.07 32.03
CA ARG U 57 -35.80 -13.11 31.63
C ARG U 57 -36.94 -12.48 30.80
N ARG U 58 -37.52 -11.40 31.33
CA ARG U 58 -38.64 -10.67 30.69
C ARG U 58 -38.18 -10.13 29.34
N VAL U 59 -36.98 -9.55 29.27
CA VAL U 59 -36.50 -8.94 28.00
C VAL U 59 -36.29 -10.03 26.96
N TYR U 60 -35.63 -11.16 27.29
CA TYR U 60 -35.33 -12.17 26.24
C TYR U 60 -36.65 -12.83 25.79
N LYS U 61 -37.55 -13.12 26.73
CA LYS U 61 -38.84 -13.78 26.41
C LYS U 61 -39.63 -12.84 25.46
N SER U 62 -39.62 -11.53 25.72
CA SER U 62 -40.27 -10.50 24.86
C SER U 62 -39.69 -10.51 23.44
N LEU U 63 -38.36 -10.46 23.31
CA LEU U 63 -37.71 -10.22 22.01
C LEU U 63 -37.44 -11.51 21.23
N CYS U 64 -37.11 -12.64 21.88
CA CYS U 64 -36.49 -13.81 21.19
C CYS U 64 -37.57 -14.71 20.58
N PRO U 65 -37.47 -15.11 19.30
CA PRO U 65 -38.35 -16.16 18.77
C PRO U 65 -38.33 -17.37 19.69
N ILE U 66 -39.51 -17.95 19.88
CA ILE U 66 -39.71 -19.21 20.65
C ILE U 66 -38.77 -20.28 20.12
N SER U 67 -38.61 -20.41 18.79
CA SER U 67 -37.79 -21.53 18.21
C SER U 67 -36.30 -21.30 18.56
N TRP U 68 -35.86 -20.04 18.67
CA TRP U 68 -34.46 -19.70 19.07
C TRP U 68 -34.24 -20.10 20.54
N VAL U 69 -35.12 -19.65 21.43
CA VAL U 69 -35.09 -19.97 22.87
C VAL U 69 -35.05 -21.48 23.03
N SER U 70 -35.96 -22.18 22.36
CA SER U 70 -36.09 -23.67 22.43
C SER U 70 -34.81 -24.39 21.91
N THR U 71 -34.26 -23.93 20.80
CA THR U 71 -32.99 -24.45 20.21
C THR U 71 -31.83 -24.24 21.20
N TRP U 72 -31.71 -23.04 21.73
CA TRP U 72 -30.63 -22.71 22.68
C TRP U 72 -30.78 -23.55 23.96
N ASP U 73 -32.02 -23.70 24.48
CA ASP U 73 -32.29 -24.51 25.69
C ASP U 73 -31.83 -25.95 25.45
N ASP U 74 -32.18 -26.53 24.32
CA ASP U 74 -31.84 -27.92 23.94
C ASP U 74 -30.32 -28.05 23.91
N ARG U 75 -29.63 -27.04 23.37
CA ARG U 75 -28.17 -27.06 23.16
C ARG U 75 -27.49 -26.93 24.51
N ARG U 76 -27.96 -26.06 25.39
CA ARG U 76 -27.43 -25.99 26.78
C ARG U 76 -27.55 -27.39 27.40
N ALA U 77 -28.67 -28.08 27.28
CA ALA U 77 -28.86 -29.41 27.94
C ALA U 77 -27.94 -30.45 27.27
N GLU U 78 -27.68 -30.30 25.97
CA GLU U 78 -26.86 -31.23 25.16
C GLU U 78 -25.37 -31.01 25.45
N GLY U 79 -24.99 -29.84 25.94
CA GLY U 79 -23.58 -29.41 26.09
C GLY U 79 -22.99 -28.83 24.80
N THR U 80 -23.82 -28.41 23.82
CA THR U 80 -23.37 -27.85 22.52
C THR U 80 -23.71 -26.35 22.42
N PHE U 81 -24.15 -25.71 23.49
CA PHE U 81 -24.41 -24.25 23.40
C PHE U 81 -23.07 -23.55 23.16
N PRO U 82 -22.88 -22.75 22.09
CA PRO U 82 -21.57 -22.17 21.79
C PRO U 82 -21.21 -20.87 22.53
N GLY U 83 -22.18 -20.26 23.21
CA GLY U 83 -21.89 -19.07 24.03
C GLY U 83 -21.37 -19.46 25.41
N LYS U 84 -20.74 -18.53 26.05
CA LYS U 84 -20.17 -18.77 27.39
C LYS U 84 -21.20 -18.43 28.45
N ILE U 85 -21.54 -19.40 29.29
CA ILE U 85 -22.44 -19.19 30.46
C ILE U 85 -21.68 -19.52 31.74
N ALA V 3 -40.75 50.17 -50.46
CA ALA V 3 -39.49 49.56 -50.09
C ALA V 3 -39.72 48.81 -48.78
N LEU V 4 -39.20 47.61 -48.77
CA LEU V 4 -39.23 46.70 -47.61
C LEU V 4 -38.11 47.18 -46.66
N ALA V 5 -38.42 47.33 -45.37
CA ALA V 5 -37.39 47.51 -44.33
C ALA V 5 -36.72 46.15 -44.06
N LYS V 6 -35.50 46.21 -43.55
CA LYS V 6 -34.63 45.07 -43.19
C LYS V 6 -35.23 44.32 -41.99
N PRO V 7 -35.63 43.04 -42.18
CA PRO V 7 -36.10 42.20 -41.07
C PRO V 7 -34.87 41.67 -40.29
N GLN V 8 -35.06 41.21 -39.04
CA GLN V 8 -33.94 40.54 -38.29
C GLN V 8 -33.56 39.34 -39.13
N MET V 9 -32.28 39.23 -39.44
CA MET V 9 -31.75 38.09 -40.25
C MET V 9 -30.78 37.21 -39.46
N ARG V 10 -30.41 37.60 -38.24
CA ARG V 10 -29.40 36.94 -37.38
C ARG V 10 -30.06 36.36 -36.12
N GLY V 11 -29.64 35.15 -35.73
CA GLY V 11 -30.02 34.48 -34.48
C GLY V 11 -31.50 34.09 -34.45
N LEU V 12 -32.14 33.79 -35.61
CA LEU V 12 -33.58 33.40 -35.66
C LEU V 12 -33.77 32.12 -34.84
N LEU V 13 -32.87 31.15 -34.90
CA LEU V 13 -33.05 29.92 -34.10
C LEU V 13 -32.95 30.25 -32.60
N ALA V 14 -31.93 31.01 -32.21
CA ALA V 14 -31.64 31.33 -30.79
C ALA V 14 -32.82 32.14 -30.26
N ARG V 15 -33.38 33.04 -31.08
CA ARG V 15 -34.52 33.89 -30.63
C ARG V 15 -35.76 33.01 -30.37
N ARG V 16 -36.00 32.05 -31.25
CA ARG V 16 -37.12 31.11 -31.09
C ARG V 16 -36.91 30.26 -29.82
N LEU V 17 -35.68 29.77 -29.58
CA LEU V 17 -35.42 28.93 -28.40
C LEU V 17 -35.67 29.75 -27.12
N ARG V 18 -35.09 30.95 -27.09
CA ARG V 18 -35.24 31.91 -25.96
C ARG V 18 -36.74 32.05 -25.65
N PHE V 19 -37.56 32.43 -26.62
CA PHE V 19 -39.02 32.66 -26.44
C PHE V 19 -39.68 31.40 -25.86
N HIS V 20 -39.41 30.22 -26.42
CA HIS V 20 -40.15 29.00 -26.02
C HIS V 20 -39.65 28.47 -24.68
N ILE V 21 -38.39 28.65 -24.32
CA ILE V 21 -37.88 28.17 -23.01
C ILE V 21 -38.52 28.99 -21.90
N VAL V 22 -38.65 30.31 -22.11
CA VAL V 22 -39.39 31.20 -21.17
C VAL V 22 -40.86 30.75 -21.12
N GLY V 23 -41.50 30.52 -22.27
CA GLY V 23 -42.86 29.94 -22.33
C GLY V 23 -42.93 28.64 -21.53
N ALA V 24 -41.96 27.73 -21.67
CA ALA V 24 -42.04 26.42 -20.99
C ALA V 24 -41.91 26.62 -19.48
N PHE V 25 -40.99 27.48 -19.06
CA PHE V 25 -40.89 27.92 -17.65
C PHE V 25 -42.27 28.39 -17.13
N MET V 26 -42.96 29.28 -17.86
CA MET V 26 -44.23 29.90 -17.36
C MET V 26 -45.26 28.77 -17.21
N VAL V 27 -45.34 27.91 -18.19
CA VAL V 27 -46.31 26.77 -18.16
C VAL V 27 -45.98 25.92 -16.93
N SER V 28 -44.69 25.75 -16.62
CA SER V 28 -44.23 24.87 -15.51
C SER V 28 -44.75 25.42 -14.16
N LEU V 29 -44.59 26.73 -13.97
CA LEU V 29 -45.15 27.49 -12.83
C LEU V 29 -46.67 27.30 -12.74
N GLY V 30 -47.39 27.50 -13.83
CA GLY V 30 -48.85 27.25 -13.91
C GLY V 30 -49.16 25.83 -13.47
N PHE V 31 -48.46 24.84 -14.04
CA PHE V 31 -48.75 23.45 -13.68
C PHE V 31 -48.45 23.28 -12.18
N ALA V 32 -47.31 23.79 -11.68
CA ALA V 32 -46.99 23.61 -10.24
C ALA V 32 -48.14 24.18 -9.39
N THR V 33 -48.67 25.36 -9.73
CA THR V 33 -49.87 25.95 -9.06
C THR V 33 -51.08 25.00 -9.20
N PHE V 34 -51.47 24.54 -10.40
CA PHE V 34 -52.61 23.59 -10.59
C PHE V 34 -52.41 22.34 -9.70
N TYR V 35 -51.19 21.85 -9.64
CA TYR V 35 -50.96 20.51 -9.03
C TYR V 35 -50.97 20.63 -7.50
N LYS V 36 -50.32 21.68 -7.00
CA LYS V 36 -50.33 22.02 -5.57
C LYS V 36 -51.79 22.12 -5.08
N PHE V 37 -52.71 22.69 -5.88
CA PHE V 37 -54.17 22.82 -5.58
C PHE V 37 -54.91 21.51 -5.81
N ALA V 38 -54.88 20.91 -7.00
CA ALA V 38 -55.72 19.76 -7.36
C ALA V 38 -55.30 18.51 -6.62
N VAL V 39 -54.04 18.41 -6.18
CA VAL V 39 -53.49 17.11 -5.70
C VAL V 39 -52.96 17.27 -4.29
N ALA V 40 -51.84 17.94 -4.11
CA ALA V 40 -51.09 17.97 -2.85
C ALA V 40 -51.92 18.64 -1.73
N GLU V 41 -52.46 19.85 -1.95
CA GLU V 41 -53.28 20.52 -0.90
C GLU V 41 -54.62 19.79 -0.71
N LYS V 42 -55.28 19.38 -1.79
CA LYS V 42 -56.52 18.59 -1.69
C LYS V 42 -56.24 17.43 -0.71
N ARG V 43 -55.06 16.81 -0.86
CA ARG V 43 -54.73 15.62 -0.06
C ARG V 43 -54.52 16.03 1.40
N LYS V 44 -53.73 17.09 1.65
CA LYS V 44 -53.47 17.56 3.04
C LYS V 44 -54.82 17.87 3.69
N LYS V 45 -55.73 18.47 2.93
CA LYS V 45 -57.03 18.96 3.43
C LYS V 45 -57.95 17.75 3.66
N ALA V 46 -57.96 16.73 2.77
CA ALA V 46 -58.81 15.53 2.98
C ALA V 46 -58.41 14.86 4.30
N TYR V 47 -57.12 14.74 4.59
CA TYR V 47 -56.64 14.01 5.80
C TYR V 47 -56.92 14.85 7.06
N ALA V 48 -56.67 16.15 7.00
CA ALA V 48 -56.90 17.09 8.12
C ALA V 48 -58.39 17.08 8.46
N ASP V 49 -59.23 17.21 7.43
CA ASP V 49 -60.71 17.22 7.55
C ASP V 49 -61.17 15.91 8.17
N PHE V 50 -60.69 14.77 7.68
CA PHE V 50 -61.14 13.46 8.16
C PHE V 50 -60.89 13.38 9.66
N TYR V 51 -59.71 13.76 10.11
CA TYR V 51 -59.26 13.49 11.50
C TYR V 51 -59.74 14.60 12.43
N ARG V 52 -60.10 15.79 11.94
CA ARG V 52 -60.40 16.95 12.83
C ARG V 52 -61.45 16.52 13.87
N ASN V 53 -62.56 15.91 13.48
CA ASN V 53 -63.57 15.47 14.49
C ASN V 53 -63.71 13.94 14.53
N TYR V 54 -62.66 13.18 14.20
CA TYR V 54 -62.75 11.70 14.11
C TYR V 54 -62.82 11.06 15.51
N ASP V 55 -63.78 10.17 15.65
CA ASP V 55 -64.03 9.38 16.88
C ASP V 55 -63.63 7.94 16.58
N SER V 56 -62.43 7.50 16.98
CA SER V 56 -61.92 6.12 16.71
C SER V 56 -62.77 5.04 17.41
N MET V 57 -63.28 5.30 18.63
CA MET V 57 -64.18 4.35 19.36
C MET V 57 -65.50 4.18 18.62
N LYS V 58 -66.11 5.29 18.17
CA LYS V 58 -67.37 5.23 17.39
C LYS V 58 -67.13 4.47 16.07
N ASP V 59 -66.04 4.77 15.37
CA ASP V 59 -65.64 4.03 14.15
C ASP V 59 -65.55 2.53 14.50
N PHE V 60 -64.91 2.17 15.59
CA PHE V 60 -64.72 0.75 15.97
C PHE V 60 -66.07 0.05 16.26
N GLU V 61 -66.93 0.75 16.98
CA GLU V 61 -68.29 0.26 17.37
C GLU V 61 -69.11 0.01 16.09
N GLU V 62 -69.07 0.91 15.12
CA GLU V 62 -69.75 0.68 13.82
C GLU V 62 -69.18 -0.60 13.19
N MET V 63 -67.87 -0.76 13.14
CA MET V 63 -67.27 -1.95 12.47
C MET V 63 -67.70 -3.22 13.21
N ARG V 64 -67.63 -3.18 14.55
CA ARG V 64 -67.98 -4.31 15.42
C ARG V 64 -69.44 -4.69 15.18
N LYS V 65 -70.38 -3.73 15.22
CA LYS V 65 -71.84 -4.01 15.03
C LYS V 65 -72.06 -4.62 13.63
N ALA V 66 -71.23 -4.28 12.63
CA ALA V 66 -71.36 -4.84 11.27
C ALA V 66 -70.74 -6.25 11.17
N GLY V 67 -70.08 -6.75 12.21
CA GLY V 67 -69.56 -8.13 12.26
C GLY V 67 -68.15 -8.30 11.67
N ILE V 68 -67.36 -7.26 11.48
CA ILE V 68 -66.14 -7.49 10.65
C ILE V 68 -65.03 -8.19 11.46
N PHE V 69 -65.05 -8.16 12.79
CA PHE V 69 -63.87 -8.55 13.63
C PHE V 69 -63.96 -10.00 14.11
N GLN V 70 -62.84 -10.70 14.04
CA GLN V 70 -62.66 -12.01 14.70
C GLN V 70 -62.67 -11.83 16.22
N SER V 71 -62.05 -10.80 16.75
CA SER V 71 -61.71 -10.76 18.20
C SER V 71 -62.80 -10.08 19.04
N ALA V 72 -63.85 -9.55 18.43
CA ALA V 72 -64.85 -8.79 19.18
C ALA V 72 -66.28 -9.16 18.76
N PHE W 1 22.28 -27.45 -24.18
CA PHE W 1 21.38 -27.40 -25.39
C PHE W 1 21.94 -26.34 -26.33
N GLU W 2 21.62 -26.48 -27.62
CA GLU W 2 22.04 -25.53 -28.68
C GLU W 2 20.83 -24.71 -29.12
N ASN W 3 21.10 -23.56 -29.68
CA ASN W 3 20.01 -22.65 -30.10
C ASN W 3 19.54 -23.09 -31.49
N ARG W 4 18.39 -23.77 -31.57
CA ARG W 4 17.73 -24.23 -32.82
C ARG W 4 16.49 -23.41 -33.21
N VAL W 5 16.38 -22.20 -32.70
CA VAL W 5 15.22 -21.33 -33.08
C VAL W 5 15.19 -21.07 -34.60
N ALA W 6 16.33 -20.78 -35.28
CA ALA W 6 16.40 -20.44 -36.75
C ALA W 6 15.75 -21.59 -37.52
N GLU W 7 16.01 -22.82 -37.10
CA GLU W 7 15.47 -23.97 -37.85
C GLU W 7 13.94 -24.04 -37.61
N LYS W 8 13.42 -23.70 -36.42
CA LYS W 8 11.95 -23.62 -36.19
C LYS W 8 11.37 -22.40 -36.92
N GLN W 9 12.10 -21.31 -37.03
CA GLN W 9 11.61 -20.14 -37.82
C GLN W 9 11.44 -20.58 -39.28
N LYS W 10 12.38 -21.33 -39.83
CA LYS W 10 12.31 -21.77 -41.24
C LYS W 10 11.05 -22.66 -41.41
N LEU W 11 10.84 -23.61 -40.51
CA LEU W 11 9.67 -24.53 -40.61
C LEU W 11 8.37 -23.70 -40.57
N PHE W 12 8.23 -22.82 -39.60
CA PHE W 12 6.94 -22.15 -39.36
C PHE W 12 6.76 -21.02 -40.38
N GLN W 13 7.77 -20.68 -41.17
CA GLN W 13 7.61 -19.64 -42.22
C GLN W 13 7.54 -20.29 -43.59
N GLU W 14 7.62 -21.61 -43.72
CA GLU W 14 7.52 -22.26 -45.04
C GLU W 14 6.18 -21.85 -45.71
N ASP W 15 6.26 -21.53 -46.98
CA ASP W 15 5.13 -21.07 -47.86
C ASP W 15 4.31 -22.31 -48.25
N ASN W 16 3.56 -22.91 -47.33
CA ASN W 16 2.88 -24.19 -47.64
C ASN W 16 1.38 -24.02 -47.44
N GLY W 17 0.90 -22.82 -47.10
CA GLY W 17 -0.54 -22.57 -46.96
C GLY W 17 -1.13 -23.12 -45.68
N LEU W 18 -0.39 -23.87 -44.86
CA LEU W 18 -0.98 -24.40 -43.61
C LEU W 18 -1.25 -23.26 -42.63
N PRO W 19 -2.38 -23.35 -41.90
CA PRO W 19 -2.59 -22.53 -40.71
C PRO W 19 -1.63 -22.92 -39.56
N VAL W 20 -1.37 -21.97 -38.69
CA VAL W 20 -0.30 -22.12 -37.69
C VAL W 20 -0.56 -23.35 -36.82
N HIS W 21 -1.84 -23.69 -36.55
CA HIS W 21 -2.16 -24.82 -35.66
C HIS W 21 -1.85 -26.18 -36.31
N LEU W 22 -1.54 -26.22 -37.60
CA LEU W 22 -1.21 -27.48 -38.32
C LEU W 22 0.20 -27.43 -38.92
N LYS W 23 0.89 -26.30 -38.83
CA LYS W 23 2.14 -26.10 -39.61
C LYS W 23 3.31 -26.90 -39.06
N GLY W 24 3.16 -27.49 -37.87
CA GLY W 24 4.22 -28.29 -37.25
C GLY W 24 4.33 -29.66 -37.92
N GLY W 25 3.28 -30.12 -38.58
CA GLY W 25 3.32 -31.37 -39.33
C GLY W 25 2.26 -32.33 -38.81
N ALA W 26 2.37 -33.58 -39.22
CA ALA W 26 1.35 -34.63 -39.05
C ALA W 26 0.90 -34.73 -37.58
N THR W 27 1.82 -34.53 -36.64
CA THR W 27 1.50 -34.66 -35.19
C THR W 27 0.46 -33.57 -34.85
N ASP W 28 0.54 -32.41 -35.50
CA ASP W 28 -0.47 -31.34 -35.23
C ASP W 28 -1.85 -31.90 -35.59
N ASN W 29 -1.91 -32.61 -36.71
CA ASN W 29 -3.20 -33.10 -37.27
C ASN W 29 -3.77 -34.12 -36.29
N ILE W 30 -2.94 -35.02 -35.76
CA ILE W 30 -3.40 -36.07 -34.82
C ILE W 30 -3.95 -35.35 -33.59
N LEU W 31 -3.15 -34.48 -33.00
CA LEU W 31 -3.58 -33.81 -31.75
C LEU W 31 -4.86 -32.99 -32.00
N TYR W 32 -4.99 -32.33 -33.14
CA TYR W 32 -6.26 -31.59 -33.48
C TYR W 32 -7.42 -32.59 -33.54
N ARG W 33 -7.25 -33.71 -34.25
CA ARG W 33 -8.38 -34.67 -34.39
C ARG W 33 -8.76 -35.23 -33.02
N VAL W 34 -7.80 -35.49 -32.15
CA VAL W 34 -8.10 -36.06 -30.81
C VAL W 34 -8.93 -35.00 -30.06
N THR W 35 -8.44 -33.79 -30.06
CA THR W 35 -9.13 -32.68 -29.33
C THR W 35 -10.58 -32.53 -29.82
N MET W 36 -10.73 -32.36 -31.12
CA MET W 36 -12.07 -32.07 -31.71
C MET W 36 -12.99 -33.30 -31.50
N THR W 37 -12.48 -34.51 -31.68
CA THR W 37 -13.30 -35.70 -31.45
C THR W 37 -13.76 -35.70 -29.99
N LEU W 38 -12.84 -35.51 -29.03
CA LEU W 38 -13.25 -35.49 -27.60
C LEU W 38 -14.27 -34.37 -27.38
N CYS W 39 -14.05 -33.18 -27.94
CA CYS W 39 -15.02 -32.07 -27.71
C CYS W 39 -16.40 -32.42 -28.29
N LEU W 40 -16.45 -32.87 -29.55
CA LEU W 40 -17.73 -33.11 -30.23
C LEU W 40 -18.44 -34.32 -29.61
N GLY W 41 -17.70 -35.42 -29.42
CA GLY W 41 -18.21 -36.61 -28.73
C GLY W 41 -18.71 -36.28 -27.34
N GLY W 42 -17.90 -35.54 -26.58
CA GLY W 42 -18.25 -35.16 -25.22
C GLY W 42 -19.49 -34.31 -25.23
N THR W 43 -19.64 -33.46 -26.25
CA THR W 43 -20.83 -32.58 -26.33
C THR W 43 -22.06 -33.44 -26.65
N LEU W 44 -21.96 -34.35 -27.63
CA LEU W 44 -23.10 -35.26 -27.91
C LEU W 44 -23.45 -36.02 -26.61
N TYR W 45 -22.45 -36.44 -25.83
CA TYR W 45 -22.68 -37.20 -24.58
C TYR W 45 -23.37 -36.28 -23.56
N SER W 46 -22.99 -35.01 -23.51
CA SER W 46 -23.65 -34.06 -22.59
C SER W 46 -25.13 -33.94 -22.97
N LEU W 47 -25.47 -33.90 -24.26
CA LEU W 47 -26.89 -33.82 -24.73
C LEU W 47 -27.67 -35.08 -24.30
N TYR W 48 -27.10 -36.25 -24.50
CA TYR W 48 -27.69 -37.53 -24.03
C TYR W 48 -28.00 -37.43 -22.52
N CYS W 49 -27.00 -36.96 -21.76
CA CYS W 49 -27.07 -36.82 -20.29
C CYS W 49 -28.23 -35.88 -19.94
N LEU W 50 -28.38 -34.79 -20.71
CA LEU W 50 -29.51 -33.84 -20.58
C LEU W 50 -30.83 -34.58 -20.84
N GLY W 51 -30.95 -35.29 -21.95
CA GLY W 51 -32.20 -36.04 -22.25
C GLY W 51 -32.55 -36.98 -21.11
N TRP W 52 -31.56 -37.68 -20.60
CA TRP W 52 -31.75 -38.60 -19.45
C TRP W 52 -32.23 -37.82 -18.23
N ALA W 53 -31.54 -36.74 -17.85
CA ALA W 53 -31.83 -36.02 -16.60
C ALA W 53 -33.14 -35.23 -16.71
N SER W 54 -33.69 -35.08 -17.91
CA SER W 54 -34.88 -34.20 -18.13
C SER W 54 -36.16 -34.94 -17.72
N PHE W 55 -36.07 -36.25 -17.49
CA PHE W 55 -37.23 -37.07 -17.08
C PHE W 55 -36.90 -37.81 -15.78
N PRO W 56 -37.90 -38.10 -14.93
CA PRO W 56 -37.66 -38.83 -13.66
C PRO W 56 -36.93 -40.18 -13.73
N ALA X 6 -45.29 12.12 -60.56
CA ALA X 6 -44.97 10.70 -60.33
C ALA X 6 -45.67 10.21 -59.04
N PRO X 7 -46.99 9.89 -59.07
CA PRO X 7 -47.72 9.45 -57.88
C PRO X 7 -47.27 8.11 -57.27
N ASP X 8 -46.94 8.13 -55.97
CA ASP X 8 -46.29 7.00 -55.28
C ASP X 8 -47.36 6.16 -54.56
N PHE X 9 -46.93 5.10 -53.88
CA PHE X 9 -47.86 4.16 -53.21
C PHE X 9 -48.77 4.94 -52.24
N HIS X 10 -48.23 5.97 -51.58
CA HIS X 10 -48.93 6.71 -50.49
C HIS X 10 -49.98 7.62 -51.08
N ASP X 11 -49.66 8.23 -52.21
CA ASP X 11 -50.61 9.03 -53.04
C ASP X 11 -51.80 8.14 -53.47
N LYS X 12 -51.53 6.92 -53.96
CA LYS X 12 -52.54 6.01 -54.54
C LYS X 12 -53.36 5.35 -53.41
N TYR X 13 -52.77 4.92 -52.30
CA TYR X 13 -53.45 4.01 -51.34
C TYR X 13 -53.52 4.61 -49.92
N GLY X 14 -52.78 5.68 -49.64
CA GLY X 14 -52.65 6.23 -48.27
C GLY X 14 -54.01 6.48 -47.61
N ASN X 15 -54.93 7.11 -48.32
CA ASN X 15 -56.27 7.44 -47.80
C ASN X 15 -57.00 6.15 -47.40
N ALA X 16 -57.04 5.15 -48.27
CA ALA X 16 -57.74 3.86 -48.03
C ALA X 16 -57.07 3.10 -46.88
N VAL X 17 -55.73 3.04 -46.83
CA VAL X 17 -55.00 2.32 -45.73
C VAL X 17 -55.36 2.97 -44.39
N LEU X 18 -55.35 4.30 -44.33
CA LEU X 18 -55.68 5.06 -43.10
C LEU X 18 -57.14 4.80 -42.68
N ALA X 19 -58.11 4.90 -43.61
CA ALA X 19 -59.54 4.79 -43.26
C ALA X 19 -59.83 3.33 -42.89
N SER X 20 -59.41 2.37 -43.71
CA SER X 20 -59.60 0.92 -43.42
C SER X 20 -58.90 0.51 -42.12
N GLY X 21 -57.65 0.87 -41.93
CA GLY X 21 -56.92 0.45 -40.73
C GLY X 21 -57.60 0.96 -39.48
N ALA X 22 -57.98 2.24 -39.49
CA ALA X 22 -58.59 2.87 -38.30
C ALA X 22 -59.95 2.22 -38.02
N THR X 23 -60.73 1.95 -39.07
CA THR X 23 -62.09 1.36 -38.96
C THR X 23 -61.95 -0.05 -38.41
N PHE X 24 -61.08 -0.86 -38.99
CA PHE X 24 -60.86 -2.27 -38.58
C PHE X 24 -60.40 -2.32 -37.11
N CYS X 25 -59.41 -1.49 -36.76
CA CYS X 25 -58.78 -1.45 -35.41
C CYS X 25 -59.85 -1.13 -34.36
N VAL X 26 -60.60 -0.04 -34.57
CA VAL X 26 -61.67 0.35 -33.61
C VAL X 26 -62.68 -0.79 -33.50
N ALA X 27 -63.15 -1.35 -34.61
CA ALA X 27 -64.25 -2.36 -34.61
C ALA X 27 -63.79 -3.59 -33.83
N VAL X 28 -62.58 -4.07 -34.05
CA VAL X 28 -62.18 -5.39 -33.46
C VAL X 28 -61.87 -5.19 -31.96
N TRP X 29 -61.28 -4.07 -31.57
CA TRP X 29 -60.96 -3.79 -30.14
C TRP X 29 -62.27 -3.59 -29.36
N VAL X 30 -63.25 -2.88 -29.95
CA VAL X 30 -64.60 -2.74 -29.32
C VAL X 30 -65.21 -4.14 -29.17
N TYR X 31 -65.16 -4.98 -30.21
CA TYR X 31 -65.73 -6.35 -30.15
C TYR X 31 -65.05 -7.09 -28.99
N MET X 32 -63.72 -7.14 -29.00
CA MET X 32 -62.92 -7.82 -27.94
C MET X 32 -63.31 -7.30 -26.55
N ALA X 33 -63.43 -5.99 -26.40
CA ALA X 33 -63.65 -5.34 -25.08
C ALA X 33 -65.06 -5.64 -24.57
N THR X 34 -66.05 -5.84 -25.42
CA THR X 34 -67.47 -5.80 -24.98
C THR X 34 -68.23 -7.10 -25.24
N GLN X 35 -67.74 -8.04 -26.05
CA GLN X 35 -68.63 -9.10 -26.57
C GLN X 35 -68.15 -10.51 -26.20
N ILE X 36 -66.98 -10.74 -25.61
CA ILE X 36 -66.45 -12.13 -25.49
C ILE X 36 -66.31 -12.54 -24.01
N GLY X 37 -66.87 -11.74 -23.09
CA GLY X 37 -66.98 -12.04 -21.65
C GLY X 37 -65.72 -11.68 -20.88
N ILE X 38 -64.89 -10.76 -21.36
CA ILE X 38 -63.71 -10.28 -20.59
C ILE X 38 -64.27 -9.57 -19.34
N GLU X 39 -63.70 -9.90 -18.17
CA GLU X 39 -64.03 -9.26 -16.87
C GLU X 39 -63.01 -8.16 -16.55
N TRP X 40 -63.41 -6.91 -16.77
CA TRP X 40 -62.60 -5.70 -16.58
C TRP X 40 -62.54 -5.37 -15.09
N ASN X 41 -63.55 -5.77 -14.33
CA ASN X 41 -63.66 -5.57 -12.86
C ASN X 41 -63.56 -4.08 -12.56
N PRO X 42 -64.49 -3.29 -13.10
CA PRO X 42 -64.48 -1.83 -12.87
C PRO X 42 -64.81 -1.50 -11.42
N SER X 43 -64.52 -0.28 -11.01
CA SER X 43 -64.93 0.19 -9.66
C SER X 43 -66.41 -0.10 -9.39
N PRO X 44 -66.78 -0.60 -8.19
CA PRO X 44 -68.18 -0.67 -7.81
C PRO X 44 -68.78 0.71 -7.47
N VAL X 45 -67.97 1.75 -7.38
CA VAL X 45 -68.49 3.10 -7.02
C VAL X 45 -69.49 3.58 -8.07
N GLY X 46 -70.73 3.84 -7.66
CA GLY X 46 -71.82 4.37 -8.51
C GLY X 46 -72.42 3.31 -9.41
N ARG X 47 -72.09 2.01 -9.20
CA ARG X 47 -72.44 0.86 -10.09
C ARG X 47 -73.08 -0.24 -9.24
N VAL X 48 -72.50 -0.62 -8.11
CA VAL X 48 -72.90 -1.84 -7.37
C VAL X 48 -73.76 -1.42 -6.18
N THR X 49 -74.85 -2.15 -5.97
CA THR X 49 -75.69 -2.04 -4.76
C THR X 49 -75.14 -3.03 -3.72
N PRO X 50 -74.62 -2.51 -2.58
CA PRO X 50 -74.06 -3.38 -1.55
C PRO X 50 -75.15 -4.30 -0.99
N LYS X 51 -74.80 -5.55 -0.74
CA LYS X 51 -75.73 -6.62 -0.32
C LYS X 51 -75.21 -7.16 1.01
N GLU X 52 -76.11 -7.44 1.96
CA GLU X 52 -75.79 -8.07 3.27
C GLU X 52 -74.92 -9.33 3.06
N TRP X 53 -73.84 -9.51 3.81
CA TRP X 53 -72.92 -10.70 3.67
C TRP X 53 -72.87 -11.52 4.95
N ARG X 54 -73.25 -10.94 6.07
CA ARG X 54 -72.90 -11.46 7.42
C ARG X 54 -73.91 -12.51 7.89
N TYR Y 3 -12.23 -16.14 -49.11
CA TYR Y 3 -13.74 -15.95 -48.77
C TYR Y 3 -14.42 -14.98 -49.74
N GLU Y 4 -15.69 -15.23 -49.98
CA GLU Y 4 -16.54 -14.39 -50.84
C GLU Y 4 -16.90 -13.10 -50.11
N GLU Y 5 -16.98 -12.04 -50.86
CA GLU Y 5 -17.15 -10.67 -50.28
C GLU Y 5 -18.44 -10.11 -50.85
N GLY Y 6 -19.04 -9.13 -50.19
CA GLY Y 6 -20.10 -8.39 -50.89
C GLY Y 6 -21.48 -8.73 -50.34
N PRO Y 7 -22.49 -7.96 -50.74
CA PRO Y 7 -23.83 -8.15 -50.22
C PRO Y 7 -24.27 -9.61 -50.43
N GLY Y 8 -24.87 -10.19 -49.37
CA GLY Y 8 -25.39 -11.56 -49.34
C GLY Y 8 -24.30 -12.61 -49.27
N LYS Y 9 -23.01 -12.23 -49.16
CA LYS Y 9 -21.86 -13.18 -49.18
C LYS Y 9 -21.12 -13.16 -47.82
N ASN Y 10 -21.47 -12.25 -46.90
CA ASN Y 10 -20.74 -12.04 -45.63
C ASN Y 10 -21.60 -12.56 -44.47
N ILE Y 11 -22.40 -13.59 -44.77
CA ILE Y 11 -23.39 -14.17 -43.82
C ILE Y 11 -23.30 -15.69 -43.90
N PRO Y 12 -23.57 -16.39 -42.77
CA PRO Y 12 -23.55 -17.85 -42.73
C PRO Y 12 -24.82 -18.50 -43.31
N PHE Y 13 -25.73 -17.71 -43.87
CA PHE Y 13 -26.95 -18.24 -44.50
C PHE Y 13 -27.01 -17.67 -45.90
N SER Y 14 -27.69 -18.38 -46.80
CA SER Y 14 -27.83 -18.03 -48.23
C SER Y 14 -29.02 -17.08 -48.40
N VAL Y 15 -28.85 -16.09 -49.26
CA VAL Y 15 -30.02 -15.24 -49.67
C VAL Y 15 -30.21 -15.36 -51.18
N GLU Y 16 -29.75 -16.47 -51.75
CA GLU Y 16 -29.77 -16.71 -53.22
C GLU Y 16 -31.23 -16.81 -53.68
N ASN Y 17 -32.07 -17.39 -52.83
CA ASN Y 17 -33.51 -17.71 -53.11
C ASN Y 17 -34.34 -17.19 -51.95
N LYS Y 18 -35.19 -16.21 -52.20
CA LYS Y 18 -35.93 -15.57 -51.09
C LYS Y 18 -36.86 -16.58 -50.40
N TRP Y 19 -37.29 -17.65 -51.07
CA TRP Y 19 -38.27 -18.60 -50.47
C TRP Y 19 -37.55 -19.61 -49.60
N ARG Y 20 -36.39 -20.08 -50.03
CA ARG Y 20 -35.51 -20.88 -49.15
C ARG Y 20 -35.15 -19.99 -47.95
N LEU Y 21 -34.80 -18.72 -48.18
CA LEU Y 21 -34.47 -17.80 -47.08
C LEU Y 21 -35.65 -17.75 -46.11
N LEU Y 22 -36.86 -17.60 -46.62
CA LEU Y 22 -38.04 -17.49 -45.72
C LEU Y 22 -38.17 -18.77 -44.89
N ALA Y 23 -37.98 -19.95 -45.49
CA ALA Y 23 -37.97 -21.22 -44.75
C ALA Y 23 -36.92 -21.14 -43.63
N MET Y 24 -35.67 -20.73 -43.93
CA MET Y 24 -34.56 -20.74 -42.94
C MET Y 24 -34.90 -19.73 -41.84
N MET Y 25 -35.40 -18.54 -42.19
CA MET Y 25 -35.64 -17.50 -41.18
C MET Y 25 -36.75 -17.96 -40.25
N THR Y 26 -37.76 -18.61 -40.81
CA THR Y 26 -38.95 -19.14 -40.11
C THR Y 26 -38.53 -20.22 -39.10
N LEU Y 27 -37.71 -21.17 -39.57
CA LEU Y 27 -37.15 -22.22 -38.70
C LEU Y 27 -36.30 -21.54 -37.62
N PHE Y 28 -35.49 -20.55 -37.97
CA PHE Y 28 -34.52 -19.94 -37.02
C PHE Y 28 -35.31 -19.21 -35.92
N PHE Y 29 -36.08 -18.17 -36.26
CA PHE Y 29 -36.77 -17.37 -35.22
C PHE Y 29 -37.92 -18.17 -34.58
N GLY Y 30 -38.59 -19.00 -35.38
CA GLY Y 30 -39.67 -19.88 -34.90
C GLY Y 30 -39.16 -20.88 -33.88
N SER Y 31 -38.00 -21.48 -34.08
CA SER Y 31 -37.48 -22.45 -33.09
C SER Y 31 -37.27 -21.72 -31.74
N GLY Y 32 -36.64 -20.55 -31.80
CA GLY Y 32 -36.41 -19.72 -30.60
C GLY Y 32 -37.70 -19.35 -29.89
N PHE Y 33 -38.68 -18.85 -30.63
CA PHE Y 33 -39.98 -18.46 -30.03
C PHE Y 33 -40.71 -19.69 -29.48
N ALA Y 34 -40.65 -20.84 -30.16
CA ALA Y 34 -41.41 -22.04 -29.72
C ALA Y 34 -40.85 -22.61 -28.43
N ALA Y 35 -39.52 -22.55 -28.26
CA ALA Y 35 -38.79 -23.33 -27.22
C ALA Y 35 -39.43 -23.13 -25.84
N PRO Y 36 -39.71 -21.90 -25.33
CA PRO Y 36 -40.31 -21.80 -23.99
C PRO Y 36 -41.71 -22.43 -23.83
N PHE Y 37 -42.54 -22.40 -24.87
CA PHE Y 37 -43.84 -23.10 -24.87
C PHE Y 37 -43.61 -24.59 -24.68
N PHE Y 38 -42.63 -25.18 -25.36
CA PHE Y 38 -42.37 -26.65 -25.25
C PHE Y 38 -41.70 -26.97 -23.92
N ILE Y 39 -40.93 -26.06 -23.28
CA ILE Y 39 -40.31 -26.34 -21.96
C ILE Y 39 -41.42 -26.32 -20.91
N VAL Y 40 -42.31 -25.35 -20.99
CA VAL Y 40 -43.50 -25.33 -20.11
C VAL Y 40 -44.30 -26.64 -20.29
N ARG Y 41 -44.61 -27.04 -21.51
CA ARG Y 41 -45.33 -28.31 -21.77
C ARG Y 41 -44.59 -29.43 -21.05
N HIS Y 42 -43.28 -29.53 -21.24
CA HIS Y 42 -42.39 -30.57 -20.66
C HIS Y 42 -42.59 -30.59 -19.14
N GLN Y 43 -42.54 -29.42 -18.49
CA GLN Y 43 -42.61 -29.36 -17.01
C GLN Y 43 -44.03 -29.77 -16.56
N LEU Y 44 -45.08 -29.37 -17.29
CA LEU Y 44 -46.48 -29.72 -16.96
C LEU Y 44 -46.65 -31.22 -17.11
N LEU Y 45 -46.03 -31.86 -18.11
CA LEU Y 45 -46.26 -33.30 -18.41
C LEU Y 45 -45.49 -34.18 -17.41
N LYS Y 46 -44.47 -33.66 -16.73
CA LYS Y 46 -44.01 -34.23 -15.45
C LYS Y 46 -45.10 -34.00 -14.42
N ILE Z 1 -29.69 7.64 -47.49
CA ILE Z 1 -28.98 6.57 -48.17
C ILE Z 1 -29.56 6.44 -49.59
N THR Z 2 -28.72 6.16 -50.60
CA THR Z 2 -29.19 5.77 -51.95
C THR Z 2 -28.77 4.34 -52.23
N ALA Z 3 -29.57 3.70 -53.05
CA ALA Z 3 -29.52 2.25 -53.32
C ALA Z 3 -29.81 2.06 -54.80
N LYS Z 4 -29.24 1.01 -55.36
CA LYS Z 4 -29.63 0.47 -56.68
C LYS Z 4 -31.08 0.01 -56.58
N PRO Z 5 -31.80 -0.02 -57.73
CA PRO Z 5 -33.07 -0.74 -57.79
C PRO Z 5 -32.85 -2.19 -57.31
N ALA Z 6 -33.88 -2.75 -56.66
CA ALA Z 6 -33.92 -4.14 -56.16
C ALA Z 6 -33.53 -5.12 -57.26
N LYS Z 7 -32.56 -5.97 -57.01
CA LYS Z 7 -32.18 -7.03 -57.97
C LYS Z 7 -33.37 -7.96 -58.09
N THR Z 8 -34.11 -8.22 -57.04
CA THR Z 8 -35.18 -9.25 -57.06
C THR Z 8 -36.41 -8.67 -56.39
N PRO Z 9 -37.11 -7.70 -57.04
CA PRO Z 9 -38.19 -6.98 -56.39
C PRO Z 9 -39.23 -7.90 -55.74
N THR Z 10 -39.70 -7.52 -54.56
CA THR Z 10 -40.69 -8.32 -53.81
C THR Z 10 -42.03 -7.62 -53.92
N SER Z 11 -42.91 -8.15 -54.78
CA SER Z 11 -44.25 -7.64 -55.12
C SER Z 11 -45.15 -7.64 -53.87
N PRO Z 12 -46.21 -6.80 -53.86
CA PRO Z 12 -47.22 -6.85 -52.79
C PRO Z 12 -47.68 -8.28 -52.46
N LYS Z 13 -47.88 -9.09 -53.47
CA LYS Z 13 -48.35 -10.50 -53.28
C LYS Z 13 -47.24 -11.32 -52.58
N GLU Z 14 -45.99 -11.20 -53.05
CA GLU Z 14 -44.82 -11.87 -52.39
C GLU Z 14 -44.73 -11.40 -50.92
N GLN Z 15 -44.96 -10.12 -50.63
CA GLN Z 15 -44.91 -9.60 -49.24
C GLN Z 15 -46.02 -10.24 -48.38
N ALA Z 16 -47.24 -10.37 -48.92
CA ALA Z 16 -48.38 -10.99 -48.22
C ALA Z 16 -47.98 -12.43 -47.89
N ILE Z 17 -47.31 -13.15 -48.81
CA ILE Z 17 -46.88 -14.55 -48.49
C ILE Z 17 -45.84 -14.52 -47.36
N GLY Z 18 -44.76 -13.75 -47.50
CA GLY Z 18 -43.68 -13.74 -46.50
C GLY Z 18 -44.22 -13.37 -45.12
N LEU Z 19 -45.10 -12.36 -45.07
CA LEU Z 19 -45.71 -11.88 -43.81
C LEU Z 19 -46.54 -12.99 -43.16
N SER Z 20 -47.44 -13.58 -43.94
CA SER Z 20 -48.33 -14.66 -43.52
C SER Z 20 -47.48 -15.81 -43.00
N VAL Z 21 -46.43 -16.20 -43.74
CA VAL Z 21 -45.59 -17.36 -43.33
C VAL Z 21 -44.88 -16.97 -42.03
N THR Z 22 -44.44 -15.73 -41.93
CA THR Z 22 -43.69 -15.27 -40.75
C THR Z 22 -44.63 -15.34 -39.55
N PHE Z 23 -45.85 -14.80 -39.67
CA PHE Z 23 -46.79 -14.72 -38.54
C PHE Z 23 -47.10 -16.16 -38.12
N LEU Z 24 -47.39 -17.03 -39.08
CA LEU Z 24 -47.80 -18.43 -38.77
C LEU Z 24 -46.67 -19.16 -38.00
N SER Z 25 -45.41 -18.90 -38.32
CA SER Z 25 -44.26 -19.64 -37.73
C SER Z 25 -44.17 -19.31 -36.23
N PHE Z 26 -44.59 -18.11 -35.83
CA PHE Z 26 -44.70 -17.69 -34.42
C PHE Z 26 -45.97 -18.26 -33.76
N LEU Z 27 -47.11 -18.21 -34.48
CA LEU Z 27 -48.45 -18.36 -33.85
C LEU Z 27 -48.78 -19.85 -33.75
N LEU Z 28 -48.47 -20.65 -34.75
CA LEU Z 28 -49.02 -22.05 -34.77
C LEU Z 28 -48.42 -22.83 -33.61
N PRO Z 29 -47.08 -22.88 -33.41
CA PRO Z 29 -46.50 -23.74 -32.36
C PRO Z 29 -46.96 -23.31 -30.96
N ALA Z 30 -46.85 -22.02 -30.61
CA ALA Z 30 -47.34 -21.47 -29.35
C ALA Z 30 -48.84 -21.74 -29.21
N GLY Z 31 -49.63 -21.48 -30.25
CA GLY Z 31 -51.08 -21.71 -30.23
C GLY Z 31 -51.39 -23.17 -29.89
N TRP Z 32 -50.69 -24.11 -30.53
CA TRP Z 32 -50.89 -25.57 -30.28
C TRP Z 32 -50.69 -25.82 -28.77
N VAL Z 33 -49.59 -25.32 -28.20
CA VAL Z 33 -49.25 -25.61 -26.76
C VAL Z 33 -50.34 -25.01 -25.88
N LEU Z 34 -50.68 -23.73 -26.12
CA LEU Z 34 -51.62 -22.98 -25.26
C LEU Z 34 -53.01 -23.62 -25.35
N TYR Z 35 -53.40 -24.07 -26.55
CA TYR Z 35 -54.70 -24.70 -26.80
C TYR Z 35 -54.78 -25.99 -25.99
N HIS Z 36 -53.65 -26.69 -25.86
CA HIS Z 36 -53.61 -28.04 -25.24
C HIS Z 36 -53.19 -27.99 -23.76
N LEU Z 37 -53.16 -26.80 -23.13
CA LEU Z 37 -52.66 -26.70 -21.72
C LEU Z 37 -53.51 -27.61 -20.84
N ASP Z 38 -54.82 -27.58 -21.05
CA ASP Z 38 -55.76 -28.53 -20.40
C ASP Z 38 -55.19 -29.97 -20.41
N ASN Z 39 -54.88 -30.54 -21.58
CA ASN Z 39 -54.38 -31.93 -21.73
C ASN Z 39 -53.10 -32.18 -20.92
N TYR Z 40 -52.24 -31.16 -20.82
CA TYR Z 40 -51.04 -31.18 -19.95
C TYR Z 40 -51.50 -30.79 -18.53
FE HEA AA . 31.46 4.75 30.41
CHA HEA AA . 28.48 4.26 32.18
CHB HEA AA . 33.34 4.31 33.17
CHC HEA AA . 34.27 5.40 28.62
CHD HEA AA . 29.62 4.92 27.54
NA HEA AA . 31.03 4.46 32.30
C1A HEA AA . 29.74 4.06 32.86
C2A HEA AA . 29.85 3.50 34.23
C3A HEA AA . 31.29 3.51 34.52
C4A HEA AA . 31.94 4.06 33.33
CMA HEA AA . 31.90 2.97 35.76
OMA HEA AA . 33.11 2.76 35.85
CAA HEA AA . 28.71 3.03 35.04
CBA HEA AA . 28.18 4.18 35.96
CGA HEA AA . 27.08 3.67 36.87
O1A HEA AA . 26.81 4.27 37.95
O2A HEA AA . 26.46 2.64 36.49
NB HEA AA . 33.42 4.86 30.85
C1B HEA AA . 34.04 4.67 32.00
C2B HEA AA . 35.50 4.88 32.04
C3B HEA AA . 35.78 5.26 30.69
C4B HEA AA . 34.46 5.18 30.03
CMB HEA AA . 36.34 4.78 33.24
NC HEA AA . 31.83 5.08 28.42
C1C HEA AA . 33.06 5.28 27.84
C2C HEA AA . 33.07 5.42 26.39
C3C HEA AA . 31.66 5.23 26.07
C4C HEA AA . 31.02 5.09 27.38
CMC HEA AA . 34.24 5.67 25.57
CAC HEA AA . 30.95 5.26 24.81
CBC HEA AA . 31.53 5.42 23.67
ND HEA AA . 29.47 4.70 29.99
C1D HEA AA . 28.90 4.72 28.81
C2D HEA AA . 27.42 4.66 28.80
C3D HEA AA . 27.08 4.45 30.17
C4D HEA AA . 28.41 4.48 30.80
CMD HEA AA . 26.55 4.70 27.65
CAD HEA AA . 25.77 4.28 30.79
CBD HEA AA . 25.28 5.61 31.41
CGD HEA AA . 23.96 5.33 32.15
O1D HEA AA . 22.90 6.03 31.91
O2D HEA AA . 23.93 4.38 32.99
C11 HEA AA . 37.05 5.65 30.05
O11 HEA AA . 37.76 6.51 30.99
C12 HEA AA . 37.76 4.42 29.57
C13 HEA AA . 38.94 4.96 28.70
C14 HEA AA . 38.54 5.74 27.43
C15 HEA AA . 38.97 7.03 27.14
C16 HEA AA . 38.46 7.73 25.90
C17 HEA AA . 39.48 8.40 25.12
C18 HEA AA . 39.08 9.02 23.80
C19 HEA AA . 39.32 10.28 23.47
C20 HEA AA . 39.04 10.85 22.13
C21 HEA AA . 40.34 11.17 21.42
C22 HEA AA . 40.03 11.76 20.07
C23 HEA AA . 40.78 11.72 18.96
C24 HEA AA . 42.14 11.12 18.85
C25 HEA AA . 40.28 12.38 17.73
C26 HEA AA . 39.89 7.68 28.02
C27 HEA AA . 39.95 11.16 24.46
FE HEA BA . 25.15 -4.85 23.42
CHA HEA BA . 23.29 -3.67 26.06
CHB HEA BA . 23.45 -7.82 23.38
CHC HEA BA . 26.63 -5.80 20.40
CHD HEA BA . 26.44 -1.67 23.06
NA HEA BA . 23.75 -5.60 24.57
C1A HEA BA . 22.90 -4.93 25.50
C2A HEA BA . 21.81 -5.78 26.05
C3A HEA BA . 21.85 -7.00 25.26
C4A HEA BA . 22.97 -6.78 24.29
CMA HEA BA . 20.85 -8.12 25.33
OMA HEA BA . 20.83 -9.01 24.50
CAA HEA BA . 20.82 -5.53 27.13
CBA HEA BA . 21.40 -6.00 28.48
CGA HEA BA . 20.58 -5.41 29.62
O1A HEA BA . 20.05 -6.25 30.43
O2A HEA BA . 20.50 -4.14 29.71
NB HEA BA . 25.14 -6.54 22.21
C1B HEA BA . 24.40 -7.60 22.32
C2B HEA BA . 24.67 -8.68 21.36
C3B HEA BA . 25.55 -8.04 20.46
C4B HEA BA . 25.75 -6.73 21.02
CMB HEA BA . 24.06 -10.06 21.31
NC HEA BA . 26.34 -3.93 22.04
C1C HEA BA . 26.82 -4.42 20.88
C2C HEA BA . 27.62 -3.46 20.09
C3C HEA BA . 27.57 -2.26 20.88
C4C HEA BA . 26.77 -2.61 22.03
CMC HEA BA . 28.25 -3.68 18.76
CAC HEA BA . 28.28 -1.03 20.63
CBC HEA BA . 29.42 -0.92 19.96
ND HEA BA . 24.88 -3.01 24.37
C1D HEA BA . 25.55 -1.92 24.17
C2D HEA BA . 25.16 -0.79 25.04
C3D HEA BA . 24.24 -1.38 25.92
C4D HEA BA . 24.23 -2.81 25.47
CMD HEA BA . 25.68 0.59 25.03
CAD HEA BA . 23.57 -0.88 27.12
CBD HEA BA . 22.78 0.29 26.97
CGD HEA BA . 22.40 0.80 28.36
O1D HEA BA . 21.59 0.11 29.06
O2D HEA BA . 22.91 1.91 28.75
C11 HEA BA . 26.15 -8.61 19.21
O11 HEA BA . 25.97 -7.69 18.12
C12 HEA BA . 27.61 -9.01 19.47
C13 HEA BA . 28.02 -9.99 18.36
C14 HEA BA . 29.51 -10.26 18.44
C15 HEA BA . 30.05 -11.45 18.82
C16 HEA BA . 31.55 -11.59 18.85
C17 HEA BA . 32.21 -11.96 17.49
C18 HEA BA . 31.61 -13.22 16.88
C19 HEA BA . 32.29 -14.44 16.73
C20 HEA BA . 31.54 -15.58 16.10
C21 HEA BA . 31.27 -16.76 16.99
C22 HEA BA . 30.34 -16.41 18.15
C23 HEA BA . 29.33 -17.19 18.58
C24 HEA BA . 29.02 -18.55 17.99
C25 HEA BA . 28.49 -16.80 19.76
C26 HEA BA . 29.22 -12.59 19.18
C27 HEA BA . 33.75 -14.58 17.06
CU CU CA . 20.42 -3.53 21.95
MG MG DA . 16.29 -1.52 33.96
NA NA EA . 30.73 5.99 46.73
O3 N2O FA . 23.38 15.03 24.34
N2 N2O FA . 23.23 15.15 23.13
N1 N2O FA . 23.08 15.21 22.05
C1 LFA GA . 22.77 0.66 -2.01
C2 LFA GA . 22.01 0.99 -0.72
C3 LFA GA . 22.60 0.38 0.51
C4 LFA GA . 21.74 0.43 1.73
C5 LFA GA . 22.09 -0.57 2.79
C6 LFA GA . 21.28 -0.44 4.09
C7 LFA GA . 21.33 -1.67 4.98
C8 LFA GA . 20.70 -1.56 6.33
C9 LFA GA . 19.32 -2.05 6.39
C10 LFA GA . 18.42 -1.29 7.28
C11 LFA GA . 16.96 -1.44 6.97
C12 LFA GA . 16.14 -1.71 8.21
C13 LFA GA . 14.65 -1.86 8.04
C14 LFA GA . 13.87 -1.61 9.31
C25 DMU HA . 56.80 -7.99 18.05
C28 DMU HA . 55.75 -6.92 18.38
C31 DMU HA . 55.07 -7.17 19.74
C34 DMU HA . 53.60 -7.61 19.63
C37 DMU HA . 52.60 -6.57 20.20
C40 DMU HA . 51.14 -7.10 20.35
C43 DMU HA . 49.99 -6.06 20.39
C1 DMU IA . 61.72 6.65 17.29
C2 DMU IA . 62.32 6.78 15.91
C3 DMU IA . 62.43 8.23 15.53
C4 DMU IA . 63.27 8.94 16.62
O5 DMU IA . 62.60 8.80 17.89
C6 DMU IA . 62.44 7.48 18.27
O7 DMU IA . 62.99 8.34 14.15
O16 DMU IA . 61.91 7.34 19.48
C18 DMU IA . 62.57 7.94 20.54
C19 DMU IA . 62.02 7.31 21.79
C22 DMU IA . 60.70 7.86 22.17
C25 DMU IA . 60.21 7.29 23.48
C28 DMU IA . 60.90 7.86 24.64
C31 DMU IA . 60.53 7.17 25.92
C34 DMU IA . 61.41 7.63 27.08
C37 DMU IA . 61.03 6.94 28.37
C40 DMU IA . 60.19 7.79 29.30
C43 DMU IA . 60.12 7.14 30.65
O49 DMU IA . 61.76 5.27 17.73
O55 DMU IA . 61.49 6.12 14.98
C57 DMU IA . 63.54 10.45 16.39
O61 DMU IA . 62.42 11.25 16.81
C5 DMU IA . 62.27 7.42 11.96
C7 DMU IA . 63.52 7.78 11.29
C8 DMU IA . 63.35 9.13 10.73
C9 DMU IA . 62.90 10.08 11.81
O1 DMU IA . 61.74 9.58 12.55
C10 DMU IA . 61.93 8.29 13.09
O2 DMU IA . 64.57 9.59 10.19
O3 DMU IA . 62.06 6.12 12.20
O4 DMU IA . 63.81 6.91 10.24
C11 DMU IA . 62.54 11.39 11.16
O6 DMU IA . 63.12 12.41 11.99
C1 EDO JA . 42.53 -1.01 1.97
O1 EDO JA . 43.17 -1.36 0.75
C2 EDO JA . 41.24 -1.67 2.08
O2 EDO JA . 40.39 -1.23 1.06
C1 EDO KA . 33.02 -14.19 0.27
O1 EDO KA . 33.26 -12.86 -0.16
C2 EDO KA . 31.76 -14.68 -0.23
O2 EDO KA . 31.56 -14.19 -1.53
C1 EDO LA . 50.77 4.91 7.03
O1 EDO LA . 51.26 3.71 7.68
C2 EDO LA . 50.92 6.13 7.88
O2 EDO LA . 50.26 6.03 9.19
C1 EDO MA . 49.61 -3.99 -7.71
O1 EDO MA . 50.33 -2.87 -7.14
C2 EDO MA . 48.39 -4.35 -6.93
O2 EDO MA . 48.63 -4.91 -5.65
P PGV NA . 23.67 22.64 -0.05
C01 PGV NA . 20.61 19.55 0.47
C02 PGV NA . 20.22 21.04 0.29
C03 PGV NA . 21.22 21.76 -0.55
C04 PGV NA . 24.22 22.25 -2.65
C05 PGV NA . 24.19 23.06 -3.92
C06 PGV NA . 22.75 23.63 -4.19
O01 PGV NA . 20.25 21.57 1.60
O02 PGV NA . 18.30 22.76 1.27
O03 PGV NA . 19.58 18.90 1.22
O04 PGV NA . 18.47 18.68 -0.72
O05 PGV NA . 24.57 22.27 -5.02
O06 PGV NA . 22.70 24.60 -5.25
O11 PGV NA . 22.54 21.51 -0.05
O12 PGV NA . 23.84 23.06 -1.57
O13 PGV NA . 24.93 21.93 0.42
O14 PGV NA . 23.18 23.92 0.67
C1 PGV NA . 19.18 22.41 2.06
C2 PGV NA . 19.29 22.78 3.53
C3 PGV NA . 18.54 24.13 3.81
C4 PGV NA . 18.71 24.51 5.28
C5 PGV NA . 17.87 25.79 5.60
C6 PGV NA . 18.13 26.16 7.02
C7 PGV NA . 17.51 25.25 8.06
C8 PGV NA . 17.83 25.79 9.45
C9 PGV NA . 17.52 24.66 10.38
C10 PGV NA . 17.55 24.91 11.85
C11 PGV NA . 18.16 23.66 12.41
C12 PGV NA . 17.59 22.88 13.29
C13 PGV NA . 16.22 23.06 13.80
C14 PGV NA . 16.21 22.30 15.14
C15 PGV NA . 14.76 22.43 15.58
C16 PGV NA . 14.56 21.96 17.00
C17 PGV NA . 13.60 22.98 17.57
C18 PGV NA . 12.97 22.21 18.72
C19 PGV NA . 18.47 18.40 0.46
C20 PGV NA . 17.35 17.62 1.14
C21 PGV NA . 17.35 17.98 2.62
C22 PGV NA . 16.63 19.28 2.91
C23 PGV NA . 16.52 19.48 4.42
C24 PGV NA . 16.03 20.88 4.91
C25 PGV NA . 16.27 21.35 6.37
C26 PGV NA . 15.55 20.66 7.49
C27 PGV NA . 15.91 20.96 8.95
C28 PGV NA . 14.96 20.26 9.96
C29 PGV NA . 15.11 18.73 9.71
C30 PGV NA . 14.45 17.86 10.77
C31 PGV NA . 14.05 16.46 10.35
C32 PGV NA . 12.71 16.09 11.05
C33 PGV NA . 12.63 14.52 10.88
C34 PGV NA . 12.99 14.07 12.23
O16 DMU OA . 9.53 -20.62 21.18
C18 DMU OA . 9.78 -19.94 19.94
C19 DMU OA . 11.09 -20.44 19.33
C22 DMU OA . 12.12 -19.31 19.25
C25 DMU OA . 11.81 -18.42 18.11
C28 DMU OA . 12.91 -18.42 17.05
C31 DMU OA . 12.60 -17.33 15.98
C34 DMU OA . 13.85 -16.79 15.27
C37 DMU OA . 13.69 -15.29 14.99
C40 DMU OA . 14.91 -14.67 14.37
C43 DMU OA . 14.52 -13.59 13.38
CU1 CUA PA . 14.11 2.64 43.68
CU2 CUA PA . 16.19 2.57 42.29
O16 DMU QA . 27.01 -30.24 25.92
C18 DMU QA . 26.83 -29.13 25.04
C19 DMU QA . 28.12 -28.35 24.90
C22 DMU QA . 28.58 -28.36 23.45
C25 DMU QA . 28.93 -26.95 22.95
C28 DMU QA . 30.27 -26.95 22.22
C31 DMU QA . 30.85 -25.55 22.14
C34 DMU QA . 31.78 -25.40 20.96
C37 DMU QA . 32.40 -24.04 20.91
C40 DMU QA . 33.86 -24.18 20.56
C43 DMU QA . 34.36 -22.97 19.85
O16 DMU RA . 40.70 -23.72 7.13
C18 DMU RA . 40.84 -22.94 8.32
C19 DMU RA . 39.68 -23.20 9.25
C22 DMU RA . 38.76 -21.99 9.33
C25 DMU RA . 38.61 -21.52 10.79
C28 DMU RA . 37.33 -22.07 11.41
C31 DMU RA . 36.89 -21.19 12.56
C34 DMU RA . 35.39 -21.36 12.80
C37 DMU RA . 35.11 -21.21 14.29
C40 DMU RA . 33.70 -21.31 14.73
C43 DMU RA . 33.62 -20.70 16.15
C1 DMU SA . 44.00 -19.62 -2.39
C2 DMU SA . 44.30 -20.75 -3.40
C3 DMU SA . 45.77 -21.12 -3.24
C4 DMU SA . 46.07 -21.53 -1.79
O5 DMU SA . 45.53 -20.59 -0.83
C6 DMU SA . 44.24 -20.14 -1.01
O7 DMU SA . 46.14 -22.18 -4.14
O16 DMU SA . 43.82 -19.22 0.04
C18 DMU SA . 42.47 -19.48 0.63
C19 DMU SA . 42.51 -20.00 2.09
C22 DMU SA . 42.52 -18.90 3.15
C25 DMU SA . 41.94 -19.36 4.51
C28 DMU SA . 42.39 -18.43 5.62
C31 DMU SA . 41.99 -18.90 6.99
C34 DMU SA . 42.77 -18.13 8.03
C37 DMU SA . 42.36 -18.54 9.41
C40 DMU SA . 41.47 -17.57 10.12
C43 DMU SA . 40.27 -18.28 10.71
O49 DMU SA . 42.64 -19.09 -2.54
O55 DMU SA . 44.03 -20.36 -4.77
C57 DMU SA . 47.58 -21.60 -1.59
O61 DMU SA . 47.91 -22.34 -0.38
C1 EDO TA . 23.71 -8.02 47.95
O1 EDO TA . 24.94 -8.66 47.69
C2 EDO TA . 22.54 -8.71 47.34
O2 EDO TA . 22.62 -8.90 45.92
C1 CHD UA . 25.34 -18.52 2.69
C2 CHD UA . 26.42 -19.55 2.30
C3 CHD UA . 27.55 -19.63 3.33
O3 CHD UA . 28.56 -20.58 2.90
C4 CHD UA . 28.15 -18.23 3.58
C5 CHD UA . 27.08 -17.20 3.98
C6 CHD UA . 27.72 -15.83 4.28
C7 CHD UA . 28.22 -15.14 3.00
O7 CHD UA . 29.48 -15.66 2.50
C8 CHD UA . 27.13 -15.10 1.89
C9 CHD UA . 26.48 -16.47 1.63
C10 CHD UA . 25.91 -17.10 2.95
C11 CHD UA . 25.47 -16.41 0.48
C12 CHD UA . 25.99 -15.72 -0.80
O12 CHD UA . 27.06 -16.50 -1.35
C13 CHD UA . 26.49 -14.29 -0.49
C14 CHD UA . 27.59 -14.46 0.56
C15 CHD UA . 28.34 -13.15 0.58
C16 CHD UA . 28.17 -12.58 -0.83
C17 CHD UA . 27.26 -13.56 -1.62
C18 CHD UA . 25.31 -13.42 -0.02
C19 CHD UA . 24.75 -16.22 3.49
C20 CHD UA . 26.45 -12.86 -2.71
C21 CHD UA . 25.59 -13.81 -3.54
C22 CHD UA . 27.35 -12.05 -3.65
C23 CHD UA . 28.35 -12.83 -4.50
O25 CHD UA . 30.18 -11.63 -5.58
C24 CHD UA . 28.94 -11.92 -5.59
O26 CHD UA . 28.14 -11.47 -6.45
C1 LFA VA . 26.18 -24.08 1.09
C2 LFA VA . 25.66 -24.38 2.50
C3 LFA VA . 24.65 -23.37 3.06
C4 LFA VA . 24.99 -22.89 4.45
C5 LFA VA . 24.07 -21.83 5.05
C6 LFA VA . 24.23 -21.57 6.56
C7 LFA VA . 24.37 -20.10 6.99
C8 LFA VA . 23.19 -19.23 6.70
C9 LFA VA . 23.13 -17.95 7.53
C10 LFA VA . 21.79 -17.74 8.13
C11 LFA VA . 21.69 -16.62 9.09
C12 LFA VA . 22.35 -15.38 8.65
C13 LFA VA . 21.75 -14.17 9.28
C14 LFA VA . 21.96 -12.93 8.51
C15 LFA VA . 21.05 -12.78 7.31
C16 LFA VA . 19.90 -11.84 7.50
C17 LFA VA . 18.57 -12.52 7.78
C1 DMU WA . 9.31 -26.01 22.08
C2 DMU WA . 8.56 -25.63 23.33
C3 DMU WA . 9.55 -25.75 24.43
C4 DMU WA . 10.55 -24.63 24.30
O5 DMU WA . 10.67 -24.13 22.92
C6 DMU WA . 10.41 -25.03 21.85
O7 DMU WA . 8.88 -25.74 25.70
O16 DMU WA . 11.56 -25.55 21.22
C18 DMU WA . 12.68 -24.63 21.26
C19 DMU WA . 12.96 -24.10 19.85
C22 DMU WA . 14.43 -23.63 19.68
C25 DMU WA . 14.54 -22.30 18.87
C28 DMU WA . 15.99 -22.04 18.40
C31 DMU WA . 16.17 -20.65 17.73
C34 DMU WA . 17.57 -20.07 18.07
C37 DMU WA . 18.09 -19.11 17.02
C40 DMU WA . 19.59 -19.21 16.80
C43 DMU WA . 19.91 -19.53 15.31
O49 DMU WA . 8.41 -26.08 20.98
O55 DMU WA . 7.44 -26.50 23.58
C57 DMU WA . 11.86 -25.13 24.80
O61 DMU WA . 11.56 -25.92 25.96
C1 CHD XA . 7.18 -12.26 18.58
C2 CHD XA . 6.26 -12.92 19.58
C3 CHD XA . 5.12 -13.63 18.89
O3 CHD XA . 4.31 -14.24 19.90
C4 CHD XA . 4.30 -12.67 18.04
C5 CHD XA . 5.20 -11.94 17.02
C6 CHD XA . 4.37 -10.96 16.16
C7 CHD XA . 4.00 -9.67 16.89
O7 CHD XA . 3.00 -10.00 17.86
C8 CHD XA . 5.20 -9.04 17.59
C9 CHD XA . 5.96 -10.03 18.48
C10 CHD XA . 6.45 -11.27 17.65
C11 CHD XA . 7.07 -9.34 19.29
C12 CHD XA . 6.63 -8.06 20.04
O12 CHD XA . 5.69 -8.42 21.05
C13 CHD XA . 5.97 -7.07 19.08
C14 CHD XA . 4.79 -7.81 18.41
C15 CHD XA . 4.06 -6.72 17.66
C16 CHD XA . 4.18 -5.51 18.61
C17 CHD XA . 5.20 -5.89 19.74
C18 CHD XA . 7.01 -6.55 18.08
C19 CHD XA . 7.46 -10.89 16.56
C20 CHD XA . 5.94 -4.68 20.29
C21 CHD XA . 7.11 -5.02 21.22
C22 CHD XA . 4.88 -3.83 21.03
C23 CHD XA . 5.38 -2.53 21.38
O25 CHD XA . 3.88 -2.22 23.24
C24 CHD XA . 4.39 -1.70 22.19
O26 CHD XA . 4.14 -0.56 21.81
UNK UNX YA . 9.06 16.99 -13.82
P PGV ZA . 15.30 24.10 -9.76
C01 PGV ZA . 16.57 22.90 -6.08
C02 PGV ZA . 15.78 24.17 -6.43
C03 PGV ZA . 16.49 24.89 -7.56
C04 PGV ZA . 16.68 25.54 -11.53
C05 PGV ZA . 16.08 25.73 -12.88
C06 PGV ZA . 17.07 25.64 -14.02
O01 PGV ZA . 15.81 25.01 -5.30
O02 PGV ZA . 13.59 24.89 -4.94
O03 PGV ZA . 15.82 22.20 -5.08
O04 PGV ZA . 17.27 22.61 -3.43
O05 PGV ZA . 15.48 27.07 -12.86
O06 PGV ZA . 16.35 25.77 -15.29
O11 PGV ZA . 16.47 24.03 -8.67
O12 PGV ZA . 15.60 25.46 -10.56
O13 PGV ZA . 13.97 24.33 -9.04
O14 PGV ZA . 15.45 22.92 -10.67
C1 PGV ZA . 14.64 25.40 -4.65
C2 PGV ZA . 14.80 26.51 -3.65
C3 PGV ZA . 13.53 26.77 -2.90
C4 PGV ZA . 13.23 25.84 -1.70
C5 PGV ZA . 12.06 26.33 -0.84
C6 PGV ZA . 11.69 25.41 0.32
C7 PGV ZA . 10.56 25.97 1.14
C8 PGV ZA . 10.05 25.17 2.35
C9 PGV ZA . 9.12 26.05 3.25
C10 PGV ZA . 9.72 26.22 4.64
C11 PGV ZA . 8.75 26.92 5.45
C12 PGV ZA . 8.72 26.84 6.80
C13 PGV ZA . 9.67 25.95 7.56
C14 PGV ZA . 9.68 26.30 9.08
C15 PGV ZA . 8.36 26.27 9.87
C16 PGV ZA . 7.53 27.58 9.84
C17 PGV ZA . 5.99 27.33 9.72
C18 PGV ZA . 5.10 28.59 9.67
C19 PGV ZA . 16.21 22.13 -3.73
C20 PGV ZA . 15.29 21.45 -2.77
C21 PGV ZA . 15.48 21.78 -1.31
C22 PGV ZA . 14.14 21.47 -0.61
C23 PGV ZA . 13.93 21.59 0.87
C24 PGV ZA . 12.52 21.67 1.45
C25 PGV ZA . 12.15 20.72 2.46
C26 PGV ZA . 11.08 21.13 3.45
C27 PGV ZA . 11.80 21.63 4.67
C28 PGV ZA . 11.14 21.34 5.99
C29 PGV ZA . 11.75 22.28 6.97
C30 PGV ZA . 11.36 21.91 8.41
C31 PGV ZA . 10.54 20.58 8.63
C32 PGV ZA . 10.75 19.92 9.99
C33 PGV ZA . 9.46 19.67 10.65
C34 PGV ZA . 9.61 18.96 11.97
C1 CDL AB . 17.16 38.07 -7.89
O1 CDL AB . 17.98 37.26 -8.70
CA2 CDL AB . 17.88 39.21 -7.23
OA2 CDL AB . 17.45 39.22 -5.82
PA1 CDL AB . 17.20 37.78 -5.13
OA3 CDL AB . 18.03 36.57 -5.75
OA4 CDL AB . 17.11 38.27 -3.69
OA5 CDL AB . 15.61 37.93 -5.20
CA3 CDL AB . 14.78 37.59 -4.05
CA4 CDL AB . 14.72 36.10 -4.20
OA6 CDL AB . 14.50 35.73 -5.61
CA5 CDL AB . 14.88 34.45 -5.91
OA7 CDL AB . 16.12 34.02 -5.90
C11 CDL AB . 13.46 33.77 -6.05
C12 CDL AB . 12.29 34.73 -5.85
C13 CDL AB . 10.95 34.08 -5.94
C14 CDL AB . 10.53 33.37 -4.68
C15 CDL AB . 9.75 34.18 -3.67
C16 CDL AB . 8.86 33.35 -2.82
C17 CDL AB . 8.41 33.91 -1.49
C18 CDL AB . 7.26 33.14 -0.86
C19 CDL AB . 7.17 33.16 0.71
C20 CDL AB . 5.91 32.52 1.22
C21 CDL AB . 5.43 32.79 2.64
C22 CDL AB . 4.33 31.78 3.10
C23 CDL AB . 2.94 32.28 3.53
C24 CDL AB . 2.18 31.39 4.56
C25 CDL AB . 0.88 30.66 4.07
C26 CDL AB . 0.69 29.20 4.55
C27 CDL AB . -0.67 28.51 4.47
CA6 CDL AB . 13.69 35.40 -3.35
OA8 CDL AB . 14.08 34.01 -3.46
CA7 CDL AB . 14.09 33.34 -2.30
OA9 CDL AB . 14.80 33.63 -1.39
C31 CDL AB . 13.08 32.30 -2.24
C32 CDL AB . 13.28 31.35 -1.05
C33 CDL AB . 12.05 31.29 -0.17
C34 CDL AB . 12.17 30.50 1.00
C35 CDL AB . 11.06 30.65 2.01
C36 CDL AB . 11.63 30.49 3.40
C37 CDL AB . 10.65 30.50 4.49
C38 CDL AB . 10.60 31.75 5.32
C39 CDL AB . 9.19 32.00 5.92
CB2 CDL AB . 15.79 38.42 -8.39
OB2 CDL AB . 15.29 37.50 -9.38
PB2 CDL AB . 13.81 36.90 -9.23
OB3 CDL AB . 13.49 36.15 -10.57
OB4 CDL AB . 13.91 36.20 -7.88
OB5 CDL AB . 13.05 38.29 -8.83
CB3 CDL AB . 13.04 38.61 -7.39
CB4 CDL AB . 13.04 40.09 -7.00
OB6 CDL AB . 12.02 40.72 -7.82
CB5 CDL AB . 10.83 41.07 -7.24
OB7 CDL AB . 10.17 42.01 -7.65
C51 CDL AB . 10.44 40.23 -6.04
C52 CDL AB . 10.91 40.87 -4.72
C53 CDL AB . 11.66 39.91 -3.78
C54 CDL AB . 10.98 38.61 -3.56
C55 CDL AB . 11.18 38.04 -2.15
C56 CDL AB . 10.27 38.67 -1.11
C57 CDL AB . 10.22 37.92 0.18
C58 CDL AB . 8.96 38.17 1.02
C59 CDL AB . 8.98 37.47 2.38
C60 CDL AB . 8.98 35.94 2.29
C61 CDL AB . 9.86 35.19 3.26
C62 CDL AB . 9.16 34.64 4.48
CB6 CDL AB . 14.36 40.84 -7.06
OB8 CDL AB . 14.55 41.69 -5.87
CB7 CDL AB . 15.43 41.26 -4.93
OB9 CDL AB . 15.50 40.07 -4.49
C71 CDL AB . 16.36 42.41 -4.50
C72 CDL AB . 15.88 43.82 -4.81
C73 CDL AB . 16.19 44.82 -3.69
C74 CDL AB . 15.12 44.93 -2.60
C75 CDL AB . 15.17 43.82 -1.52
C76 CDL AB . 13.81 43.27 -1.01
C77 CDL AB . 13.83 41.81 -0.48
C78 CDL AB . 13.78 41.67 1.06
C79 CDL AB . 13.86 40.25 1.59
C80 CDL AB . 13.32 40.08 3.01
C81 CDL AB . 13.00 38.67 3.37
C82 CDL AB . 13.18 38.29 4.82
C83 CDL AB . 12.64 36.88 5.14
C84 CDL AB . 12.64 36.46 6.62
C85 CDL AB . 11.63 37.22 7.52
C86 CDL AB . 11.90 37.23 9.00
C87 CDL AB . 10.72 37.76 9.80
C1 CHD BB . -5.50 35.09 -9.25
C2 CHD BB . -6.87 35.39 -9.85
C3 CHD BB . -7.74 34.14 -9.91
O3 CHD BB . -9.04 34.44 -10.47
C4 CHD BB . -7.08 33.06 -10.74
C5 CHD BB . -5.67 32.71 -10.21
C6 CHD BB . -5.01 31.60 -11.03
C7 CHD BB . -4.26 32.03 -12.29
O7 CHD BB . -5.26 32.14 -13.31
C8 CHD BB . -3.44 33.32 -12.16
C9 CHD BB . -4.18 34.44 -11.39
C10 CHD BB . -4.70 33.97 -10.00
C11 CHD BB . -3.31 35.72 -11.32
C12 CHD BB . -2.85 36.25 -12.69
O12 CHD BB . -3.98 36.76 -13.43
C13 CHD BB . -2.20 35.14 -13.54
C14 CHD BB . -3.07 33.85 -13.54
C15 CHD BB . -2.37 32.94 -14.58
C16 CHD BB . -1.83 33.95 -15.63
C17 CHD BB . -2.25 35.37 -15.09
C18 CHD BB . -0.79 34.91 -12.98
C19 CHD BB . -3.51 33.58 -9.10
C20 CHD BB . -1.60 36.64 -15.69
C21 CHD BB . -2.61 37.53 -16.45
C22 CHD BB . -0.41 36.35 -16.61
C23 CHD BB . 0.84 35.82 -15.91
O25 CHD BB . 2.89 36.62 -16.80
C24 CHD BB . 1.88 35.87 -16.99
O26 CHD BB . 1.66 35.15 -18.02
O16 DMU CB . 1.55 32.97 22.98
C18 DMU CB . 1.87 32.48 21.69
C19 DMU CB . 3.21 31.75 21.70
C22 DMU CB . 3.30 30.75 20.56
C25 DMU CB . 4.65 30.05 20.56
C28 DMU CB . 4.87 29.23 19.29
C31 DMU CB . 6.05 28.32 19.50
C34 DMU CB . 6.38 27.44 18.30
C37 DMU CB . 7.86 27.11 18.33
C40 DMU CB . 8.26 25.94 17.46
C43 DMU CB . 9.78 25.81 17.31
C1 LFA DB . -17.17 6.35 9.44
C2 LFA DB . -16.11 7.01 8.57
C3 LFA DB . -15.80 6.35 7.25
C4 LFA DB . -15.39 7.26 6.13
C5 LFA DB . -15.53 6.68 4.75
C6 LFA DB . -15.97 7.66 3.71
C7 LFA DB . -17.23 7.29 3.01
C8 LFA DB . -17.90 8.39 2.21
C9 LFA DB . -18.58 7.90 0.96
C10 LFA DB . -17.64 7.47 -0.14
C11 LFA DB . -18.05 6.22 -0.91
C1 LFA EB . -11.28 7.86 2.18
C2 LFA EB . -12.36 8.22 1.17
C3 LFA EB . -12.21 9.58 0.51
C4 LFA EB . -13.47 10.08 -0.09
C5 LFA EB . -13.49 11.54 -0.41
C6 LFA EB . -14.50 11.88 -1.46
C1 LFA FB . 1.17 -3.17 24.42
C2 LFA FB . 1.44 -4.66 24.09
C3 LFA FB . 1.35 -4.93 22.62
C4 LFA FB . 0.27 -4.12 21.93
C5 LFA FB . 0.73 -2.80 21.36
C6 LFA FB . 0.75 -2.76 19.85
C7 LFA FB . 1.03 -1.41 19.26
C8 LFA FB . 2.29 -1.34 18.48
C9 LFA FB . 2.24 -0.44 17.27
C10 LFA FB . 3.28 -0.73 16.23
C11 LFA FB . 4.47 -1.58 16.72
C12 LFA FB . 5.36 -2.16 15.61
C13 LFA FB . 6.72 -2.68 16.03
C14 LFA FB . 7.82 -2.17 15.14
C15 LFA FB . 7.52 -0.83 14.50
C16 LFA FB . 8.08 -0.67 13.11
C17 LFA FB . 8.42 0.73 12.72
C18 LFA FB . 9.19 0.78 11.40
C1 LFA GB . -3.62 -6.22 19.02
C2 LFA GB . -2.99 -6.09 17.65
C3 LFA GB . -1.63 -6.73 17.53
C4 LFA GB . -0.49 -5.76 17.37
C5 LFA GB . -0.23 -5.34 15.97
C6 LFA GB . 1.12 -4.73 15.76
C7 LFA GB . 1.78 -5.17 14.51
C8 LFA GB . 2.82 -4.25 13.98
C9 LFA GB . 4.22 -4.84 13.94
C10 LFA GB . 4.30 -6.23 13.37
C11 LFA GB . 5.68 -6.85 13.39
C12 LFA GB . 6.12 -7.40 12.06
C13 LFA GB . 5.76 -6.52 10.86
C14 LFA GB . 6.71 -6.62 9.68
C15 LFA GB . 6.72 -5.39 8.81
C1 LFA HB . -7.06 -6.12 18.63
C2 LFA HB . -7.65 -5.28 17.51
C3 LFA HB . -6.95 -5.40 16.16
C4 LFA HB . -6.94 -4.12 15.34
C5 LFA HB . -5.97 -4.10 14.19
C6 LFA HB . -5.30 -2.78 13.92
C7 LFA HB . -3.89 -2.92 13.33
C8 LFA HB . -2.82 -2.08 14.02
C9 LFA HB . -1.76 -1.52 13.09
C10 LFA HB . -0.37 -1.56 13.64
C11 LFA HB . 0.47 -0.34 13.34
C1 LFA IB . -4.55 8.76 -15.92
C2 LFA IB . -5.54 7.98 -15.10
C3 LFA IB . -5.20 8.04 -13.63
C4 LFA IB . -6.22 7.49 -12.67
C5 LFA IB . -6.03 7.88 -11.22
C6 LFA IB . -6.89 9.06 -10.77
C7 LFA IB . -7.88 8.80 -9.66
C8 LFA IB . -8.19 10.04 -8.81
C9 LFA IB . -8.39 9.77 -7.32
C10 LFA IB . -8.50 11.01 -6.44
C11 LFA IB . -9.87 11.59 -6.38
C12 LFA IB . -9.96 12.89 -5.66
C13 LFA IB . -11.26 13.08 -4.92
C14 LFA IB . -11.20 14.21 -3.91
C1 LFA JB . 1.25 11.24 -13.69
C2 LFA JB . 2.48 11.92 -13.14
C3 LFA JB . 2.53 11.92 -11.67
C4 LFA JB . 1.40 11.07 -11.08
C5 LFA JB . 1.54 10.81 -9.59
C6 LFA JB . 0.29 10.24 -8.96
C7 LFA JB . -0.85 11.18 -8.87
C8 LFA JB . -1.54 11.23 -7.56
C9 LFA JB . -2.98 11.68 -7.57
C10 LFA JB . -3.58 11.68 -6.18
C11 LFA JB . -4.98 11.10 -6.10
C1 LFA KB . 5.57 10.83 -4.07
C2 LFA KB . 6.11 10.21 -2.77
C3 LFA KB . 5.07 9.94 -1.72
C4 LFA KB . 5.58 9.43 -0.41
C5 LFA KB . 4.52 8.86 0.47
C6 LFA KB . 5.01 8.08 1.68
C7 LFA KB . 4.02 8.08 2.78
C8 LFA KB . 4.23 7.19 4.01
C9 LFA KB . 3.54 7.80 5.24
C10 LFA KB . 3.17 6.84 6.34
C11 LFA KB . 3.06 7.48 7.69
C12 LFA KB . 3.25 6.53 8.83
C13 LFA KB . 2.27 5.38 8.82
C14 LFA KB . 2.65 4.19 9.68
C15 LFA KB . 1.48 3.42 10.19
C1 LFA LB . 11.08 10.05 -10.33
C2 LFA LB . 10.29 9.23 -9.33
C3 LFA LB . 10.80 9.34 -7.91
C4 LFA LB . 9.70 9.38 -6.86
C5 LFA LB . 10.12 9.91 -5.51
C6 LFA LB . 8.99 10.19 -4.57
C7 LFA LB . 9.38 10.31 -3.12
C8 LFA LB . 9.66 8.99 -2.43
C9 LFA LB . 9.46 8.95 -0.91
C10 LFA LB . 9.68 7.58 -0.28
C11 LFA LB . 8.80 7.27 0.92
C12 LFA LB . 8.96 5.88 1.48
C13 LFA LB . 8.43 5.70 2.88
C1 DMU MB . -16.00 1.78 13.28
C2 DMU MB . -16.10 2.30 14.72
C3 DMU MB . -15.29 1.40 15.61
C4 DMU MB . -13.85 1.37 15.16
O5 DMU MB . -13.69 1.31 13.73
C6 DMU MB . -14.61 1.81 12.85
O7 DMU MB . -15.32 1.87 16.98
O16 DMU MB . -14.32 1.10 11.69
C18 DMU MB . -12.93 1.25 11.36
C19 DMU MB . -12.64 0.73 9.97
C22 DMU MB . -11.23 1.11 9.53
C25 DMU MB . -11.20 1.33 8.02
C28 DMU MB . -10.15 0.46 7.34
C31 DMU MB . -10.14 0.69 5.83
C34 DMU MB . -8.92 0.06 5.18
C37 DMU MB . -8.09 1.11 4.40
C40 DMU MB . -8.87 1.78 3.26
C43 DMU MB . -8.23 1.48 1.91
O49 DMU MB . -16.78 2.55 12.37
O55 DMU MB . -17.41 2.32 15.20
C57 DMU MB . -13.12 0.13 15.69
O61 DMU MB . -12.69 0.29 17.04
C5 DMU MB . -16.44 2.12 19.05
C7 DMU MB . -15.49 1.52 19.97
C8 DMU MB . -15.76 0.05 20.10
C9 DMU MB . -15.75 -0.59 18.74
O1 DMU MB . -16.66 0.10 17.83
C10 DMU MB . -16.50 1.53 17.72
O2 DMU MB . -14.76 -0.58 20.95
O3 DMU MB . -16.42 3.48 19.07
O4 DMU MB . -15.62 2.13 21.25
C11 DMU MB . -16.20 -2.05 18.89
O6 DMU MB . -15.08 -2.93 18.85
C25 DMU NB . 2.52 9.62 -6.29
C28 DMU NB . 2.02 9.36 -4.87
C31 DMU NB . 0.52 9.16 -4.88
C34 DMU NB . -0.01 9.09 -3.47
C37 DMU NB . -0.91 10.29 -3.14
C40 DMU NB . -2.21 9.86 -2.44
C43 DMU NB . -2.82 8.63 -3.10
C1 DMU OB . 3.71 5.88 -3.60
C2 DMU OB . 4.98 5.32 -4.22
C3 DMU OB . 5.98 5.36 -3.17
C4 DMU OB . 5.54 4.37 -2.14
O5 DMU OB . 4.31 4.83 -1.51
C6 DMU OB . 3.31 5.14 -2.38
O7 DMU OB . 7.23 5.03 -3.71
O16 DMU OB . 2.22 5.84 -1.75
C18 DMU OB . 1.75 5.10 -0.62
C19 DMU OB . 0.36 4.64 -0.90
C22 DMU OB . -0.62 5.18 0.10
C25 DMU OB . -1.91 4.39 0.03
C28 DMU OB . -2.42 4.11 1.44
C31 DMU OB . -3.43 5.16 1.86
C34 DMU OB . -4.57 4.50 2.64
C37 DMU OB . -4.22 4.45 4.10
C40 DMU OB . -4.49 3.06 4.64
C43 DMU OB . -4.27 3.05 6.12
O49 DMU OB . 2.63 5.88 -4.52
O55 DMU OB . 5.48 6.06 -5.34
C57 DMU OB . 6.62 4.14 -1.13
O61 DMU OB . 6.96 2.75 -1.14
C1 DMU PB . 13.47 39.41 29.44
C2 DMU PB . 12.04 39.28 29.81
C3 DMU PB . 11.79 39.99 31.09
C4 DMU PB . 12.33 41.41 31.00
O5 DMU PB . 13.65 41.48 30.44
C6 DMU PB . 13.83 40.83 29.29
O7 DMU PB . 10.38 40.01 31.33
O16 DMU PB . 15.08 41.05 28.80
C18 DMU PB . 15.20 42.01 27.77
C19 DMU PB . 15.93 41.32 26.60
C22 DMU PB . 16.97 42.20 25.97
C25 DMU PB . 18.02 41.39 25.26
C28 DMU PB . 17.71 41.25 23.80
C31 DMU PB . 18.92 40.76 23.02
C34 DMU PB . 18.70 40.96 21.52
C37 DMU PB . 19.81 40.39 20.67
C40 DMU PB . 20.76 41.48 20.23
C43 DMU PB . 20.56 41.80 18.77
O49 DMU PB . 13.68 38.67 28.23
O55 DMU PB . 11.69 37.94 29.99
C57 DMU PB . 12.40 42.03 32.37
O61 DMU PB . 11.94 43.34 32.26
C5 DMU PB . 8.34 38.94 31.87
C7 DMU PB . 7.60 38.54 33.07
C8 DMU PB . 8.13 39.29 34.27
C9 DMU PB . 9.57 39.72 34.03
O1 DMU PB . 10.25 38.70 33.24
C10 DMU PB . 9.83 38.80 31.89
O2 DMU PB . 7.33 40.44 34.48
O3 DMU PB . 7.86 40.26 31.48
O4 DMU PB . 7.71 37.17 33.30
C11 DMU PB . 10.27 39.92 35.34
O6 DMU PB . 9.83 41.13 35.93
C1 DMU QB . 8.97 38.95 26.82
C2 DMU QB . 7.53 38.46 26.97
C3 DMU QB . 6.85 39.08 28.19
C4 DMU QB . 6.93 40.58 28.05
O5 DMU QB . 8.30 41.02 27.93
C6 DMU QB . 9.02 40.44 26.88
O7 DMU QB . 5.48 38.57 28.22
O16 DMU QB . 10.32 40.98 26.78
C18 DMU QB . 10.40 42.08 25.85
C19 DMU QB . 11.77 42.08 25.18
C22 DMU QB . 11.65 41.86 23.64
C25 DMU QB . 12.69 42.70 22.91
C28 DMU QB . 13.57 41.87 22.00
C31 DMU QB . 14.91 42.57 21.74
C34 DMU QB . 14.72 43.78 20.85
C37 DMU QB . 15.97 44.05 20.04
C40 DMU QB . 16.16 42.96 18.99
C43 DMU QB . 16.39 43.58 17.63
O49 DMU QB . 9.51 38.46 25.54
O55 DMU QB . 7.49 37.06 27.11
C57 DMU QB . 6.33 41.30 29.24
O61 DMU QB . 7.35 42.22 29.79
C5 DMU QB . 4.56 36.35 28.73
C7 DMU QB . 3.07 36.41 28.43
C8 DMU QB . 2.36 37.17 29.49
C9 DMU QB . 3.08 38.43 29.88
O1 DMU QB . 4.42 38.18 30.28
C10 DMU QB . 5.23 37.58 29.25
O2 DMU QB . 1.07 37.50 29.00
O3 DMU QB . 5.28 35.61 27.81
O4 DMU QB . 2.43 35.07 28.35
C11 DMU QB . 2.35 39.04 31.02
O6 DMU QB . 1.46 39.97 30.50
C1 EDO RB . 12.57 40.07 17.14
O1 EDO RB . 13.82 39.84 16.51
C2 EDO RB . 12.80 40.30 18.56
O2 EDO RB . 11.62 40.12 19.34
C1 EDO SB . -1.80 6.54 38.11
O1 EDO SB . -3.17 6.37 37.96
C2 EDO SB . -1.08 5.27 38.13
O2 EDO SB . -1.32 4.54 39.28
C1 EDO TB . -5.00 22.13 -21.04
O1 EDO TB . -5.81 21.32 -21.75
C2 EDO TB . -4.79 21.40 -19.79
O2 EDO TB . -3.67 21.93 -19.05
C1 DMU UB . -24.25 11.55 10.75
C2 DMU UB . -24.97 11.12 12.01
C3 DMU UB . -26.23 11.89 12.16
C4 DMU UB . -27.09 11.72 10.95
O5 DMU UB . -26.33 12.07 9.76
C6 DMU UB . -25.14 11.35 9.63
O7 DMU UB . -26.91 11.40 13.30
O16 DMU UB . -24.52 11.49 8.41
C18 DMU UB . -25.21 10.78 7.36
C19 DMU UB . -24.51 9.45 7.06
C22 DMU UB . -24.13 9.35 5.60
C25 DMU UB . -22.77 9.92 5.34
C28 DMU UB . -22.54 10.18 3.87
C31 DMU UB . -21.04 10.34 3.55
C34 DMU UB . -20.78 11.72 2.98
C37 DMU UB . -20.24 11.66 1.55
C40 DMU UB . -20.40 13.00 0.83
C43 DMU UB . -19.35 13.19 -0.24
O49 DMU UB . -23.07 10.80 10.59
O55 DMU UB . -24.15 11.32 13.16
C57 DMU UB . -28.35 12.54 11.09
O61 DMU UB . -28.26 13.74 10.31
C1 DMU VB . 16.18 36.35 32.07
C2 DMU VB . 16.02 37.21 33.26
C3 DMU VB . 14.68 37.01 33.93
C4 DMU VB . 14.46 35.54 34.23
O5 DMU VB . 14.65 34.73 33.02
C6 DMU VB . 15.87 34.95 32.39
O7 DMU VB . 14.71 37.70 35.17
O16 DMU VB . 16.13 34.04 31.36
C18 DMU VB . 16.67 32.77 31.82
C19 DMU VB . 16.39 31.71 30.75
C22 DMU VB . 17.45 30.59 30.74
C25 DMU VB . 16.94 29.25 30.24
C28 DMU VB . 18.10 28.33 29.96
C31 DMU VB . 18.97 28.91 28.89
C34 DMU VB . 19.92 27.92 28.30
C37 DMU VB . 20.99 28.66 27.64
C40 DMU VB . 21.64 27.90 26.57
C43 DMU VB . 22.81 28.71 26.17
O49 DMU VB . 17.53 36.50 31.67
O55 DMU VB . 16.20 38.52 32.85
C57 DMU VB . 13.05 35.29 34.81
O61 DMU VB . 12.10 35.63 33.82
C5 DMU VB . 14.07 39.90 35.31
C7 DMU VB . 14.96 40.36 36.37
C8 DMU VB . 14.39 40.03 37.70
C9 DMU VB . 14.03 38.57 37.79
O1 DMU VB . 13.10 38.21 36.75
C10 DMU VB . 13.59 38.51 35.43
O2 DMU VB . 15.39 40.33 38.68
O3 DMU VB . 14.49 40.25 34.05
O4 DMU VB . 15.15 41.78 36.29
C11 DMU VB . 13.42 38.32 39.14
O6 DMU VB . 12.69 37.12 39.07
C1 LFA WB . -16.52 -2.69 10.80
C2 LFA WB . -16.61 -1.64 9.72
C3 LFA WB . -15.41 -1.68 8.82
C4 LFA WB . -15.64 -1.07 7.49
C5 LFA WB . -14.55 -1.28 6.50
C6 LFA WB . -15.03 -1.37 5.09
C7 LFA WB . -14.11 -0.77 4.05
C8 LFA WB . -14.84 -0.29 2.81
C9 LFA WB . -14.72 1.21 2.57
C10 LFA WB . -16.04 1.93 2.41
C11 LFA WB . -15.96 3.28 1.74
C12 LFA WB . -14.55 3.78 1.37
C13 LFA WB . -13.99 3.19 0.09
C14 LFA WB . -12.65 3.73 -0.34
C15 LFA WB . -11.58 2.64 -0.52
C1 DMU XB . 60.83 -4.65 18.52
C2 DMU XB . 61.25 -4.69 17.01
C3 DMU XB . 59.99 -5.04 16.22
C4 DMU XB . 58.98 -3.90 16.55
O5 DMU XB . 58.58 -4.00 17.93
C6 DMU XB . 59.61 -3.73 18.74
O7 DMU XB . 60.22 -5.15 14.80
O16 DMU XB . 59.15 -3.68 20.01
C18 DMU XB . 57.99 -2.81 20.19
C19 DMU XB . 56.84 -3.70 20.67
C22 DMU XB . 55.99 -3.02 21.67
C25 DMU XB . 55.23 -3.98 22.53
C28 DMU XB . 53.84 -3.49 22.79
C31 DMU XB . 53.23 -4.30 23.90
C34 DMU XB . 51.75 -4.10 24.01
C37 DMU XB . 51.32 -4.30 25.43
C40 DMU XB . 49.86 -4.73 25.57
C43 DMU XB . 49.74 -5.03 27.05
O49 DMU XB . 61.86 -4.29 19.35
O55 DMU XB . 62.33 -5.65 16.73
C57 DMU XB . 57.68 -3.88 15.77
O61 DMU XB . 56.78 -2.86 16.39
C5 DMU XB . 61.48 -6.01 13.02
C7 DMU XB . 60.43 -5.98 12.00
C8 DMU XB . 59.52 -7.20 12.06
C9 DMU XB . 59.30 -7.74 13.50
O1 DMU XB . 60.40 -7.52 14.45
C10 DMU XB . 61.07 -6.23 14.39
O2 DMU XB . 58.23 -6.90 11.42
O3 DMU XB . 62.34 -4.97 12.94
O4 DMU XB . 61.04 -5.89 10.71
C11 DMU XB . 59.10 -9.28 13.46
O6 DMU XB . 57.74 -9.59 13.37
C1 EDO YB . 81.13 -15.03 -8.97
O1 EDO YB . 81.65 -14.29 -10.04
C2 EDO YB . 80.74 -16.40 -9.36
O2 EDO YB . 81.81 -17.06 -9.97
C1 EDO ZB . 57.21 -11.78 -20.09
O1 EDO ZB . 57.60 -12.89 -20.90
C2 EDO ZB . 55.77 -11.46 -20.25
O2 EDO ZB . 55.47 -11.27 -21.61
C1 EDO AC . 71.95 -16.30 -21.04
O1 EDO AC . 71.38 -17.45 -20.44
C2 EDO AC . 71.11 -15.09 -20.84
O2 EDO AC . 69.91 -15.16 -21.56
ZN ZN BC . 44.63 -3.50 -14.04
C1 EDO CC . 41.16 -0.49 -3.13
O1 EDO CC . 41.60 0.41 -4.15
C2 EDO CC . 39.71 -0.58 -2.99
O2 EDO CC . 39.05 -0.75 -4.27
C1 EDO DC . 19.42 19.36 -19.14
O1 EDO DC . 20.22 20.07 -18.20
C2 EDO DC . 18.11 18.85 -18.65
O2 EDO DC . 17.35 19.76 -17.81
P PEK EC . -6.40 22.71 22.61
N PEK EC . -10.79 23.41 21.50
C01 PEK EC . -2.73 22.75 21.71
C02 PEK EC . -3.48 22.58 20.42
C03 PEK EC . -4.87 22.05 20.57
C04 PEK EC . -8.64 22.36 21.29
C05 PEK EC . -9.75 22.70 22.19
O01 PEK EC . -2.73 21.65 19.61
O02 PEK EC . -2.27 23.20 18.09
O03 PEK EC . -1.59 23.53 21.35
O04 PEK EC . -0.59 23.33 23.32
O11 PEK EC . -5.65 23.08 21.27
O12 PEK EC . -7.58 21.79 22.07
O13 PEK EC . -5.53 21.88 23.48
O14 PEK EC . -6.93 24.04 23.16
C1 PEK EC . -2.14 22.09 18.49
C2 PEK EC . -1.30 21.03 17.81
C3 PEK EC . -0.36 20.40 18.78
C4 PEK EC . 0.73 21.31 19.27
C5 PEK EC . 1.70 20.54 20.11
C6 PEK EC . 2.92 20.14 19.76
C7 PEK EC . 3.67 20.51 18.53
C8 PEK EC . 3.06 20.20 17.21
C9 PEK EC . 3.11 20.97 16.11
C10 PEK EC . 3.61 22.38 16.03
C11 PEK EC . 2.54 23.43 16.30
C12 PEK EC . 2.72 24.78 16.47
C13 PEK EC . 1.71 25.79 17.15
C14 PEK EC . 0.20 25.67 17.00
C15 PEK EC . -0.52 25.36 15.87
C16 PEK EC . -0.06 24.97 14.48
C17 PEK EC . -0.49 23.60 14.00
C18 PEK EC . -1.30 23.62 12.67
C19 PEK EC . -2.75 23.10 12.56
C20 PEK EC . -3.83 24.16 12.52
C21 PEK EC . -0.62 23.77 22.20
C22 PEK EC . 0.36 24.59 21.46
C23 PEK EC . 1.59 24.80 22.13
C24 PEK EC . 2.54 25.62 21.29
C25 PEK EC . 4.01 25.31 21.55
C26 PEK EC . 4.53 24.12 20.85
C27 PEK EC . 5.80 23.54 21.47
C28 PEK EC . 6.95 23.16 20.54
C29 PEK EC . 7.31 21.74 20.48
C30 PEK EC . 8.71 21.44 20.01
C31 PEK EC . 8.88 20.82 18.71
C32 PEK EC . 10.00 19.80 18.63
C33 PEK EC . 10.38 19.46 17.20
C34 PEK EC . 11.35 18.33 17.07
C35 PEK EC . 12.04 18.28 15.73
C36 PEK EC . 12.80 17.02 15.47
C37 PEK EC . 14.30 17.10 15.27
C38 PEK EC . 15.05 15.72 15.28
O16 DMU FC . -26.83 12.28 6.15
C18 DMU FC . -27.26 12.72 4.87
C19 DMU FC . -26.07 13.14 4.03
C22 DMU FC . -25.97 12.28 2.78
C25 DMU FC . -24.82 12.71 1.85
C28 DMU FC . -25.13 14.04 1.13
C31 DMU FC . -23.99 14.41 0.17
C34 DMU FC . -23.84 13.34 -0.92
C37 DMU FC . -23.23 12.04 -0.37
C40 DMU FC . -23.19 10.91 -1.42
C43 DMU FC . -21.85 10.73 -2.10
C1 EDO GC . -17.04 14.88 29.34
O1 EDO GC . -15.63 14.94 29.17
C2 EDO GC . -17.42 15.00 30.76
O2 EDO GC . -16.97 16.22 31.32
C1 LFA HC . -8.63 9.21 -19.81
C2 LFA HC . -9.63 9.20 -18.69
C3 LFA HC . -10.30 10.55 -18.43
C4 LFA HC . -10.48 10.91 -16.94
C5 LFA HC . -11.52 12.00 -16.65
C6 LFA HC . -12.24 11.81 -15.34
C7 LFA HC . -13.43 12.69 -15.04
C8 LFA HC . -14.70 11.96 -14.73
C9 LFA HC . -14.87 11.62 -13.32
C10 LFA HC . -15.66 10.44 -13.07
C11 LFA HC . -14.88 9.25 -12.57
C12 LFA HC . -13.64 8.90 -13.30
C13 LFA HC . -12.90 7.72 -12.73
C14 LFA HC . -11.58 7.47 -13.36
C1 DMU IC . 0.61 -6.20 24.00
C2 DMU IC . 0.06 -7.35 24.89
C3 DMU IC . -0.83 -6.74 25.98
C4 DMU IC . -1.90 -5.95 25.27
O5 DMU IC . -1.27 -4.85 24.66
C6 DMU IC . -0.50 -5.24 23.64
O7 DMU IC . -1.48 -7.71 26.82
O16 DMU IC . -0.15 -4.15 22.90
C18 DMU IC . -1.22 -3.82 22.03
C19 DMU IC . -0.61 -3.29 20.75
C22 DMU IC . 0.53 -2.32 21.05
C25 DMU IC . 1.45 -2.19 19.85
C28 DMU IC . 1.29 -0.84 19.21
C31 DMU IC . 1.92 -0.85 17.84
C34 DMU IC . 3.20 -1.67 17.86
C37 DMU IC . 4.27 -1.06 16.96
C40 DMU IC . 5.52 -1.94 16.90
C43 DMU IC . 6.51 -1.42 15.88
O49 DMU IC . 1.20 -6.73 22.78
O55 DMU IC . 1.14 -8.14 25.47
C57 DMU IC . -2.92 -5.45 26.22
O61 DMU IC . -2.77 -6.17 27.40
C5 DMU IC . -1.15 -9.24 28.62
C7 DMU IC . -2.52 -9.50 28.98
C8 DMU IC . -2.98 -8.52 30.04
C9 DMU IC . -2.80 -7.11 29.53
O1 DMU IC . -1.42 -6.91 29.12
C10 DMU IC . -0.87 -7.87 28.14
O2 DMU IC . -4.34 -8.74 30.34
O3 DMU IC . -0.53 -10.35 27.90
O4 DMU IC . -2.63 -10.85 29.44
C11 DMU IC . -3.17 -6.08 30.58
O6 DMU IC . -2.61 -4.77 30.19
C1 CDL JC . 34.73 -20.22 40.40
O1 CDL JC . 33.94 -20.86 41.40
CA2 CDL JC . 34.10 -20.70 39.10
OA2 CDL JC . 32.66 -20.58 39.33
PA1 CDL JC . 32.09 -19.07 39.31
OA3 CDL JC . 32.62 -18.79 40.67
OA4 CDL JC . 30.63 -19.15 39.01
OA5 CDL JC . 32.83 -18.48 37.97
CA3 CDL JC . 32.26 -17.44 37.13
CA4 CDL JC . 33.51 -16.62 36.95
OA6 CDL JC . 33.39 -15.34 36.18
CA5 CDL JC . 33.07 -15.17 34.88
OA7 CDL JC . 32.13 -15.63 34.24
C11 CDL JC . 33.87 -14.14 34.23
C12 CDL JC . 33.21 -13.53 33.00
C13 CDL JC . 34.20 -13.27 31.92
C14 CDL JC . 33.63 -12.84 30.61
C15 CDL JC . 34.34 -13.35 29.37
C16 CDL JC . 35.85 -13.30 29.40
C17 CDL JC . 36.56 -13.90 28.20
C18 CDL JC . 37.96 -14.41 28.59
C19 CDL JC . 39.12 -14.08 27.67
C20 CDL JC . 40.02 -15.34 27.36
C21 CDL JC . 41.44 -15.07 26.90
C22 CDL JC . 42.55 -15.57 27.86
C23 CDL JC . 43.68 -14.56 28.21
CA6 CDL JC . 34.64 -17.57 36.62
OA8 CDL JC . 35.63 -16.82 35.87
CA7 CDL JC . 36.96 -17.06 36.10
OA9 CDL JC . 37.39 -18.09 36.62
C31 CDL JC . 37.87 -15.90 35.73
C32 CDL JC . 38.35 -15.87 34.28
C33 CDL JC . 39.56 -14.95 34.07
C34 CDL JC . 40.00 -14.75 32.60
C35 CDL JC . 41.53 -14.74 32.34
CB2 CDL JC . 36.20 -20.57 40.62
OB2 CDL JC . 36.65 -19.76 41.76
PB2 CDL JC . 37.61 -20.32 42.99
OB3 CDL JC . 37.73 -21.86 43.05
OB4 CDL JC . 37.41 -19.46 44.25
OB5 CDL JC . 39.14 -20.03 42.51
CB3 CDL JC . 39.99 -18.97 43.12
CB4 CDL JC . 40.17 -17.93 42.04
OB6 CDL JC . 40.76 -18.65 40.88
CB5 CDL JC . 40.47 -18.28 39.59
OB7 CDL JC . 39.45 -18.50 38.96
C51 CDL JC . 41.52 -17.53 38.85
C52 CDL JC . 40.94 -16.41 38.02
CB6 CDL JC . 40.91 -16.70 42.54
OB8 CDL JC . 40.93 -15.74 41.44
CB7 CDL JC . 40.85 -14.45 41.71
OB9 CDL JC . 40.96 -14.02 42.84
C71 CDL JC . 40.48 -13.69 40.44
C72 CDL JC . 41.59 -13.06 39.68
C73 CDL JC . 41.09 -12.05 38.63
C74 CDL JC . 41.82 -10.68 38.66
C75 CDL JC . 41.35 -9.67 37.62
C76 CDL JC . 42.47 -8.83 37.02
C77 CDL JC . 42.06 -7.64 36.15
C78 CDL JC . 42.87 -7.44 34.84
C79 CDL JC . 44.40 -6.96 34.98
C80 CDL JC . 45.04 -6.12 33.82
C81 CDL JC . 46.01 -6.85 32.84
C82 CDL JC . 46.12 -6.30 31.38
O16 DMU KC . 18.44 42.68 31.35
C18 DMU KC . 19.38 41.98 30.50
C19 DMU KC . 20.64 42.83 30.36
C22 DMU KC . 21.78 42.01 29.84
C25 DMU KC . 21.54 41.57 28.39
C28 DMU KC . 22.84 41.13 27.78
C31 DMU KC . 22.61 40.55 26.41
C34 DMU KC . 23.62 41.07 25.42
C37 DMU KC . 23.02 41.12 24.04
C40 DMU KC . 23.64 42.23 23.27
C43 DMU KC . 25.03 41.81 22.89
C1 CDL LC . 45.17 31.06 12.75
O1 CDL LC . 45.77 30.27 11.68
CA2 CDL LC . 45.37 32.56 12.60
OA2 CDL LC . 44.09 33.25 12.74
PA1 CDL LC . 43.93 34.85 12.39
OA3 CDL LC . 45.37 35.32 12.53
OA4 CDL LC . 43.23 35.17 11.08
OA5 CDL LC . 42.88 35.16 13.57
CA3 CDL LC . 42.73 34.07 14.52
CA4 CDL LC . 42.05 34.65 15.72
OA6 CDL LC . 41.76 33.48 16.56
CA5 CDL LC . 42.11 33.56 17.89
OA7 CDL LC . 43.08 32.96 18.35
C11 CDL LC . 41.29 34.56 18.76
C12 CDL LC . 39.89 34.09 19.24
C13 CDL LC . 39.92 32.97 20.30
C14 CDL LC . 38.53 32.43 20.77
C15 CDL LC . 38.58 31.06 21.47
C16 CDL LC . 37.82 29.88 20.79
C17 CDL LC . 38.62 28.57 20.55
C18 CDL LC . 37.84 27.25 20.71
C19 CDL LC . 37.16 27.06 22.11
C20 CDL LC . 37.49 25.77 22.86
C21 CDL LC . 36.50 25.38 23.96
C22 CDL LC . 36.11 26.47 24.93
C23 CDL LC . 34.96 26.14 25.91
C24 CDL LC . 35.25 26.48 27.41
C25 CDL LC . 34.58 25.59 28.44
C26 CDL LC . 34.83 25.86 29.89
C27 CDL LC . 33.63 25.23 30.63
CA6 CDL LC . 40.86 35.48 15.34
OA8 CDL LC . 39.88 34.59 14.75
CA7 CDL LC . 38.76 35.19 14.32
OA9 CDL LC . 38.77 36.25 13.67
C31 CDL LC . 37.52 34.40 14.68
C32 CDL LC . 36.67 35.02 15.74
C33 CDL LC . 35.40 34.22 16.02
C34 CDL LC . 35.63 32.75 16.42
C35 CDL LC . 34.35 32.05 16.90
C36 CDL LC . 34.38 30.55 16.96
C37 CDL LC . 34.30 29.96 18.35
C38 CDL LC . 34.72 28.48 18.41
C39 CDL LC . 33.58 27.44 18.41
C40 CDL LC . 33.23 26.81 19.73
C41 CDL LC . 32.68 27.76 20.82
CB2 CDL LC . 45.78 30.54 14.03
OB2 CDL LC . 44.95 30.78 15.15
PB2 CDL LC . 45.62 30.57 16.60
OB3 CDL LC . 45.80 32.00 17.05
OB4 CDL LC . 46.71 29.54 16.70
OB5 CDL LC . 44.23 30.19 17.39
CB3 CDL LC . 43.72 28.86 17.35
CB4 CDL LC . 42.27 28.92 17.74
OB6 CDL LC . 41.49 27.92 17.02
CB5 CDL LC . 41.03 26.90 17.73
OB7 CDL LC . 40.17 26.94 18.59
C51 CDL LC . 41.70 25.64 17.52
C52 CDL LC . 41.80 24.88 18.87
C53 CDL LC . 43.09 25.15 19.63
C54 CDL LC . 44.22 24.24 19.20
C55 CDL LC . 43.97 22.82 19.45
C56 CDL LC . 44.94 21.91 18.76
C57 CDL LC . 44.63 20.48 19.06
C58 CDL LC . 45.26 19.44 18.14
C59 CDL LC . 44.52 18.09 18.13
C60 CDL LC . 44.53 17.36 16.79
C61 CDL LC . 43.19 16.89 16.25
C62 CDL LC . 43.06 17.05 14.74
C63 CDL LC . 43.77 16.00 13.92
C64 CDL LC . 43.93 16.34 12.41
C65 CDL LC . 44.69 17.58 12.17
C66 CDL LC . 45.24 17.85 10.78
C67 CDL LC . 44.20 18.38 9.83
CB6 CDL LC . 41.57 30.16 17.31
OB8 CDL LC . 40.18 29.78 17.09
CB7 CDL LC . 39.34 30.85 17.05
OB9 CDL LC . 39.75 32.01 17.25
C71 CDL LC . 37.87 30.48 16.67
C72 CDL LC . 37.59 28.99 16.35
C73 CDL LC . 37.00 28.79 14.95
C74 CDL LC . 36.72 27.38 14.58
C75 CDL LC . 37.73 26.39 15.08
C76 CDL LC . 37.52 25.91 16.49
C77 CDL LC . 37.67 24.41 16.70
C78 CDL LC . 36.35 23.67 16.53
C79 CDL LC . 36.05 22.69 17.62
C80 CDL LC . 35.83 23.30 18.91
C81 CDL LC . 35.32 22.37 19.93
C82 CDL LC . 34.77 23.11 21.13
C83 CDL LC . 33.45 22.63 21.58
C84 CDL LC . 32.82 23.50 22.59
C85 CDL LC . 31.30 23.40 22.65
C86 CDL LC . 30.84 24.33 23.80
C87 CDL LC . 30.17 23.67 24.94
C1 DMU MC . 61.08 28.71 26.07
C2 DMU MC . 62.01 28.54 24.90
C3 DMU MC . 63.02 27.46 25.25
C4 DMU MC . 62.28 26.20 25.64
O5 DMU MC . 61.30 26.43 26.71
C6 DMU MC . 60.41 27.43 26.41
O7 DMU MC . 63.87 27.20 24.14
O16 DMU MC . 59.38 27.70 27.35
C18 DMU MC . 58.19 26.99 27.10
C19 DMU MC . 57.60 26.46 28.38
C22 DMU MC . 56.31 27.16 28.75
C25 DMU MC . 55.18 26.76 27.83
C28 DMU MC . 53.99 27.69 28.08
C31 DMU MC . 52.69 26.91 28.19
C34 DMU MC . 51.92 27.30 29.44
C37 DMU MC . 50.46 26.88 29.35
C40 DMU MC . 49.49 28.06 29.67
C43 DMU MC . 48.78 27.90 31.00
O49 DMU MC . 60.12 29.76 25.77
O55 DMU MC . 62.68 29.78 24.61
C57 DMU MC . 63.29 25.14 26.07
O61 DMU MC . 64.60 25.58 25.74
C1 DMU NC . 46.11 21.02 43.66
C2 DMU NC . 46.47 22.00 44.70
C3 DMU NC . 46.78 21.30 45.96
C4 DMU NC . 47.86 20.25 45.76
O5 DMU NC . 47.49 19.40 44.66
C6 DMU NC . 47.16 20.03 43.51
O7 DMU NC . 47.32 22.28 46.83
O16 DMU NC . 46.94 19.11 42.51
C18 DMU NC . 48.13 18.34 42.20
C19 DMU NC . 47.79 17.19 41.22
C22 DMU NC . 47.20 16.06 41.98
C25 DMU NC . 46.87 14.86 41.15
C28 DMU NC . 45.49 14.97 40.50
C31 DMU NC . 44.74 13.70 40.70
C34 DMU NC . 43.97 13.26 39.48
C37 DMU NC . 42.95 14.23 39.14
C40 DMU NC . 41.96 13.72 38.06
C43 DMU NC . 41.01 12.59 38.46
O49 DMU NC . 45.89 21.72 42.40
O55 DMU NC . 45.36 22.91 44.91
C57 DMU NC . 48.11 19.42 47.06
O61 DMU NC . 49.13 18.37 46.81
C5 DMU NC . 46.44 23.86 48.29
C7 DMU NC . 47.60 24.62 48.58
C8 DMU NC . 48.45 23.92 49.64
C9 DMU NC . 48.70 22.44 49.30
O1 DMU NC . 47.43 21.81 49.10
C10 DMU NC . 46.65 22.42 48.06
O2 DMU NC . 49.71 24.59 49.71
O3 DMU NC . 45.74 24.34 47.25
O4 DMU NC . 47.21 25.95 48.97
C11 DMU NC . 49.51 21.64 50.39
O6 DMU NC . 48.68 21.18 51.47
C22 DMU OC . 65.08 10.58 20.78
C25 DMU OC . 64.19 11.48 21.62
C28 DMU OC . 63.62 10.73 22.81
C31 DMU OC . 63.48 11.60 24.03
C34 DMU OC . 62.67 10.95 25.08
C37 DMU OC . 62.85 11.58 26.44
C40 DMU OC . 61.68 12.48 26.80
C43 DMU OC . 61.10 12.32 28.20
FE HEA PC . -39.32 -8.36 -18.51
CHA HEA PC . -39.59 -9.36 -15.25
CHB HEA PC . -42.67 -8.58 -19.04
CHC HEA PC . -38.90 -7.58 -21.83
CHD HEA PC . -36.03 -7.82 -18.03
NA HEA PC . -40.80 -8.97 -17.41
C1A HEA PC . -40.80 -9.11 -16.01
C2A HEA PC . -42.14 -9.16 -15.40
C3A HEA PC . -43.04 -8.92 -16.49
C4A HEA PC . -42.19 -8.81 -17.70
CMA HEA PC . -44.48 -8.79 -16.34
OMA HEA PC . -45.17 -8.38 -17.24
CAA HEA PC . -42.45 -9.35 -13.96
CBA HEA PC . -42.64 -10.83 -13.62
CGA HEA PC . -43.08 -10.96 -12.16
O1A HEA PC . -43.77 -11.91 -11.78
O2A HEA PC . -42.69 -10.10 -11.29
NB HEA PC . -40.56 -8.16 -20.07
C1B HEA PC . -41.88 -8.29 -20.15
C2B HEA PC . -42.53 -8.15 -21.47
C3B HEA PC . -41.38 -7.91 -22.32
C4B HEA PC . -40.25 -7.91 -21.36
CMB HEA PC . -44.00 -8.25 -21.74
NC HEA PC . -37.74 -7.75 -19.70
C1C HEA PC . -37.71 -7.45 -21.03
C2C HEA PC . -36.42 -7.06 -21.60
C3C HEA PC . -35.58 -7.09 -20.44
C4C HEA PC . -36.48 -7.55 -19.36
CMC HEA PC . -36.11 -6.67 -23.01
CAC HEA PC . -34.16 -6.81 -20.24
CBC HEA PC . -33.41 -6.31 -21.14
ND HEA PC . -38.06 -8.61 -16.95
C1D HEA PC . -36.74 -8.35 -16.89
C2D HEA PC . -36.08 -8.67 -15.61
C3D HEA PC . -37.16 -9.12 -14.79
C4D HEA PC . -38.30 -9.05 -15.71
CMD HEA PC . -34.68 -8.48 -15.23
CAD HEA PC . -37.21 -9.50 -13.36
CBD HEA PC . -37.11 -11.03 -13.17
CGD HEA PC . -37.25 -11.40 -11.71
O1D HEA PC . -36.42 -12.18 -11.20
O2D HEA PC . -38.20 -10.95 -11.03
C11 HEA PC . -41.27 -7.65 -23.76
O11 HEA PC . -42.22 -8.52 -24.37
C12 HEA PC . -41.47 -6.12 -24.04
C13 HEA PC . -41.16 -5.96 -25.58
C14 HEA PC . -39.69 -6.28 -25.96
C15 HEA PC . -39.32 -7.16 -26.91
C16 HEA PC . -37.87 -7.46 -27.20
C17 HEA PC . -37.52 -7.46 -28.60
C18 HEA PC . -36.04 -7.57 -29.03
C19 HEA PC . -35.63 -8.50 -29.84
C20 HEA PC . -34.20 -8.48 -30.26
C21 HEA PC . -34.07 -8.24 -31.75
C22 HEA PC . -32.61 -8.32 -32.16
C23 HEA PC . -32.06 -7.69 -33.18
C24 HEA PC . -32.82 -6.76 -34.03
C25 HEA PC . -30.59 -7.82 -33.45
C26 HEA PC . -40.37 -7.86 -27.57
C27 HEA PC . -36.61 -9.55 -30.27
FE HEA QC . -32.87 1.26 -11.76
CHA HEA QC . -33.99 -1.26 -9.79
CHB HEA QC . -32.83 3.49 -9.16
CHC HEA QC . -31.16 3.57 -13.70
CHD HEA QC . -32.35 -1.09 -14.27
NA HEA QC . -33.43 1.14 -9.88
C1A HEA QC . -33.68 -0.05 -9.12
C2A HEA QC . -33.82 0.15 -7.66
C3A HEA QC . -33.44 1.56 -7.48
C4A HEA QC . -33.12 2.08 -8.83
CMA HEA QC . -33.30 2.27 -6.18
OMA HEA QC . -32.79 3.40 -6.08
CAA HEA QC . -34.17 -0.81 -6.58
CBA HEA QC . -35.69 -0.63 -6.31
CGA HEA QC . -36.23 -1.76 -5.45
O1A HEA QC . -36.95 -1.51 -4.45
O2A HEA QC . -35.98 -2.95 -5.83
NB HEA QC . -32.20 3.17 -11.51
C1B HEA QC . -32.25 3.90 -10.43
C2B HEA QC . -31.80 5.30 -10.58
C3B HEA QC . -31.29 5.31 -11.91
C4B HEA QC . -31.55 3.93 -12.38
CMB HEA QC . -31.84 6.39 -9.52
NC HEA QC . -31.99 1.26 -13.64
C1C HEA QC . -31.32 2.25 -14.25
C2C HEA QC . -30.74 1.97 -15.57
C3C HEA QC . -31.12 0.58 -15.75
C4C HEA QC . -31.85 0.24 -14.51
CMC HEA QC . -29.96 2.85 -16.45
CAC HEA QC . -30.94 -0.26 -16.93
CBC HEA QC . -30.92 0.23 -18.11
ND HEA QC . -33.09 -0.78 -11.97
C1D HEA QC . -32.93 -1.50 -13.03
C2D HEA QC . -33.25 -2.93 -12.84
C3D HEA QC . -33.77 -2.98 -11.51
C4D HEA QC . -33.64 -1.58 -11.12
CMD HEA QC . -33.18 -4.01 -13.80
CAD HEA QC . -34.40 -4.16 -10.77
CBD HEA QC . -33.51 -5.29 -10.49
CGD HEA QC . -34.38 -6.37 -9.90
O1D HEA QC . -34.81 -6.23 -8.70
O2D HEA QC . -34.66 -7.31 -10.65
C11 HEA QC . -30.62 6.44 -12.59
O11 HEA QC . -29.38 6.03 -13.13
C12 HEA QC . -31.58 7.12 -13.59
C13 HEA QC . -31.09 8.58 -13.86
C14 HEA QC . -31.90 9.21 -15.02
C15 HEA QC . -32.75 10.23 -14.90
C16 HEA QC . -33.52 10.76 -16.11
C17 HEA QC . -32.69 11.68 -16.98
C18 HEA QC . -32.30 12.91 -16.20
C19 HEA QC . -32.75 14.18 -16.42
C20 HEA QC . -32.13 15.26 -15.53
C21 HEA QC . -32.99 15.85 -14.47
C22 HEA QC . -33.55 14.89 -13.44
C23 HEA QC . -33.68 15.15 -12.14
C24 HEA QC . -33.25 16.45 -11.51
C25 HEA QC . -34.25 14.14 -11.22
C26 HEA QC . -32.97 10.89 -13.59
C27 HEA QC . -33.72 14.56 -17.52
CU CU RC . -29.10 -0.48 -8.71
MG MG SC . -36.99 -7.99 -1.85
NA NA TC . -52.58 -16.07 -12.81
C1 CDL UC . -55.95 11.31 -7.86
O1 CDL UC . -56.22 11.72 -6.50
CA2 CDL UC . -54.50 11.62 -8.11
OA2 CDL UC . -53.81 11.05 -6.94
PA1 CDL UC . -53.31 9.49 -6.99
OA3 CDL UC . -54.64 8.81 -6.94
OA4 CDL UC . -52.46 9.38 -5.76
OA5 CDL UC . -52.44 9.59 -8.38
CA3 CDL UC . -51.05 9.08 -8.61
CA4 CDL UC . -51.09 8.31 -9.92
OA6 CDL UC . -50.04 8.24 -10.97
CA5 CDL UC . -48.84 7.74 -10.81
OA7 CDL UC . -48.29 7.86 -9.75
C11 CDL UC . -48.26 7.25 -12.11
C12 CDL UC . -46.73 7.18 -12.12
C13 CDL UC . -46.18 7.66 -13.42
C14 CDL UC . -44.71 7.78 -13.51
C15 CDL UC . -44.25 8.95 -14.34
C16 CDL UC . -45.07 9.21 -15.57
C17 CDL UC . -44.49 10.23 -16.55
C18 CDL UC . -45.50 10.66 -17.54
C19 CDL UC . -45.00 11.15 -18.88
C20 CDL UC . -45.44 12.62 -19.24
C21 CDL UC . -46.03 12.84 -20.63
C22 CDL UC . -46.80 14.14 -20.79
C23 CDL UC . -47.94 14.15 -21.83
CA6 CDL UC . -52.17 8.89 -10.82
OA8 CDL UC . -51.65 9.69 -11.92
CA7 CDL UC . -52.59 10.07 -12.82
OA9 CDL UC . -53.57 10.70 -12.51
C31 CDL UC . -52.39 9.56 -14.26
C32 CDL UC . -50.99 9.68 -14.81
C33 CDL UC . -50.89 10.64 -16.00
C34 CDL UC . -50.68 9.99 -17.36
C35 CDL UC . -49.68 10.71 -18.23
CB2 CDL UC . -56.91 11.94 -8.83
OB2 CDL UC . -57.50 10.85 -9.64
PB2 CDL UC . -59.08 10.89 -10.08
OB3 CDL UC . -59.77 12.01 -9.29
OB4 CDL UC . -59.48 9.42 -9.87
OB5 CDL UC . -59.10 11.24 -11.69
CB3 CDL UC . -59.66 10.33 -12.73
CB4 CDL UC . -58.54 9.86 -13.63
OB6 CDL UC . -57.94 10.99 -14.34
CB5 CDL UC . -56.58 11.11 -14.39
OB7 CDL UC . -55.95 11.75 -13.57
C51 CDL UC . -55.89 10.40 -15.53
C52 CDL UC . -55.18 9.12 -15.11
CB6 CDL UC . -58.94 8.81 -14.66
OB8 CDL UC . -57.72 8.17 -15.19
CB7 CDL UC . -57.74 6.84 -15.35
OB9 CDL UC . -58.73 6.14 -15.07
C71 CDL UC . -56.35 6.30 -15.78
C72 CDL UC . -56.11 6.10 -17.27
C73 CDL UC . -54.80 5.37 -17.55
C74 CDL UC . -54.56 4.85 -18.99
C75 CDL UC . -53.87 3.44 -19.08
C76 CDL UC . -52.57 3.36 -19.89
C77 CDL UC . -52.71 2.84 -21.30
C78 CDL UC . -51.41 2.65 -22.03
C79 CDL UC . -50.91 3.73 -23.00
C80 CDL UC . -51.28 3.53 -24.51
C81 CDL UC . -50.14 3.70 -25.54
C82 CDL UC . -49.91 5.12 -26.14
O3 N2O VC . -27.90 -17.06 -17.69
N2 N2O VC . -26.79 -16.78 -17.98
N1 N2O VC . -25.73 -16.57 -18.20
C1 LFA WC . -8.62 5.81 -20.63
C2 LFA WC . -9.27 4.77 -19.74
C3 LFA WC . -10.70 5.06 -19.40
C4 LFA WC . -11.40 4.18 -18.36
C5 LFA WC . -12.67 4.79 -17.78
C6 LFA WC . -13.38 4.01 -16.71
C7 LFA WC . -14.65 4.61 -16.17
C8 LFA WC . -15.44 3.76 -15.21
C9 LFA WC . -15.02 3.95 -13.79
C10 LFA WC . -14.84 2.73 -12.98
C11 LFA WC . -14.15 2.98 -11.68
C12 LFA WC . -14.49 2.01 -10.60
C13 LFA WC . -14.38 2.60 -9.21
C14 LFA WC . -14.36 1.57 -8.09
C25 DMU XC . -43.73 14.82 -40.65
C28 DMU XC . -42.94 14.12 -39.55
C31 DMU XC . -43.85 13.22 -38.71
C34 DMU XC . -43.08 12.64 -37.55
C37 DMU XC . -44.01 12.09 -36.48
C40 DMU XC . -43.28 11.96 -35.15
C43 DMU XC . -42.46 10.67 -35.08
C1 DMU YC . -41.56 2.93 -49.69
C2 DMU YC . -40.54 3.32 -50.70
C3 DMU YC . -40.06 2.13 -51.49
C4 DMU YC . -41.27 1.38 -52.07
O5 DMU YC . -42.10 0.99 -50.96
C6 DMU YC . -42.57 2.06 -50.25
O7 DMU YC . -39.22 2.65 -52.50
O16 DMU YC . -43.39 1.73 -49.28
C18 DMU YC . -44.38 0.87 -49.62
C19 DMU YC . -45.26 0.80 -48.43
C22 DMU YC . -44.86 -0.37 -47.60
C25 DMU YC . -45.82 -0.57 -46.43
C28 DMU YC . -47.09 -1.18 -46.90
C31 DMU YC . -48.11 -1.17 -45.83
C34 DMU YC . -49.44 -1.58 -46.39
C37 DMU YC . -50.47 -1.74 -45.27
C40 DMU YC . -50.83 -3.19 -45.09
C43 DMU YC . -51.51 -3.43 -43.77
O49 DMU YC . -42.18 4.12 -49.10
O55 DMU YC . -39.48 3.81 -50.00
C57 DMU YC . -40.91 0.13 -52.90
O61 DMU YC . -40.15 -0.84 -52.11
C5 DMU YC . -36.98 2.93 -52.99
C7 DMU YC . -37.22 3.64 -54.24
C8 DMU YC . -37.15 2.70 -55.44
C9 DMU YC . -37.38 1.19 -55.10
O1 DMU YC . -38.17 1.01 -53.87
C10 DMU YC . -37.98 1.93 -52.73
O2 DMU YC . -38.16 3.13 -56.35
O3 DMU YC . -36.75 3.79 -51.92
O4 DMU YC . -36.30 4.72 -54.38
C11 DMU YC . -36.04 0.33 -55.02
O6 DMU YC . -36.22 -1.05 -55.58
C1 EDO ZC . -21.03 10.62 -34.15
O1 EDO ZC . -19.65 10.59 -33.86
C2 EDO ZC . -21.29 10.55 -35.61
O2 EDO ZC . -20.70 11.69 -36.32
C1 EDO AD . -17.81 21.52 -22.39
O1 EDO AD . -16.47 21.02 -22.25
C2 EDO AD . -18.78 20.44 -22.27
O2 EDO AD . -18.74 19.49 -23.33
C1 EDO BD . -27.94 5.73 -43.14
O1 EDO BD . -29.13 6.44 -42.75
C2 EDO BD . -28.27 4.31 -43.35
O2 EDO BD . -29.22 3.80 -42.37
C1 EDO CD . -17.10 18.24 -42.96
O1 EDO CD . -17.56 17.31 -43.92
C2 EDO CD . -18.02 18.40 -41.79
O2 EDO CD . -19.19 19.10 -42.12
C1 EDO DD . -20.39 5.16 -48.26
O1 EDO DD . -21.20 5.96 -49.10
C2 EDO DD . -20.94 3.83 -47.95
O2 EDO DD . -21.21 3.11 -49.06
P PGV ED . -5.27 -14.30 -29.24
C01 PGV ED . -5.02 -12.50 -25.23
C02 PGV ED . -4.34 -13.89 -25.53
C03 PGV ED . -3.98 -13.96 -26.99
C04 PGV ED . -3.31 -12.86 -30.49
C05 PGV ED . -1.99 -13.06 -31.18
C06 PGV ED . -1.08 -13.92 -30.26
O01 PGV ED . -5.37 -14.81 -25.23
O02 PGV ED . -3.96 -16.19 -24.16
O03 PGV ED . -5.51 -12.43 -23.86
O04 PGV ED . -3.36 -11.82 -23.43
O05 PGV ED . -1.52 -11.76 -31.50
O06 PGV ED . 0.10 -14.29 -30.94
O11 PGV ED . -5.10 -13.65 -27.81
O12 PGV ED . -3.93 -14.05 -30.11
O13 PGV ED . -6.49 -13.60 -29.83
O14 PGV ED . -5.43 -15.80 -28.98
C1 PGV ED . -5.10 -16.01 -24.55
C2 PGV ED . -6.32 -16.85 -24.37
C3 PGV ED . -5.97 -18.37 -24.13
C4 PGV ED . -7.19 -19.20 -23.83
C5 PGV ED . -6.76 -20.72 -23.63
C6 PGV ED . -7.93 -21.69 -23.47
C7 PGV ED . -8.75 -21.35 -22.24
C8 PGV ED . -10.04 -22.17 -22.14
C9 PGV ED . -10.90 -21.64 -21.04
C10 PGV ED . -12.18 -22.40 -20.96
C11 PGV ED . -13.13 -21.36 -20.61
C12 PGV ED . -13.70 -21.16 -19.40
C13 PGV ED . -13.34 -21.95 -18.16
C14 PGV ED . -14.62 -22.48 -17.60
C15 PGV ED . -14.63 -22.09 -16.17
C16 PGV ED . -15.92 -22.58 -15.53
C17 PGV ED . -15.61 -23.74 -14.63
C18 PGV ED . -16.58 -23.78 -13.48
C19 PGV ED . -4.47 -12.06 -22.95
C20 PGV ED . -4.62 -11.93 -21.45
C21 PGV ED . -5.76 -12.80 -20.95
C22 PGV ED . -5.27 -14.25 -20.91
C23 PGV ED . -6.49 -15.01 -20.42
C24 PGV ED . -6.42 -16.54 -20.34
C25 PGV ED . -7.74 -17.39 -20.16
C26 PGV ED . -8.37 -17.69 -18.82
C27 PGV ED . -9.84 -18.15 -18.80
C28 PGV ED . -10.49 -18.29 -17.38
C29 PGV ED . -10.44 -17.00 -16.56
C30 PGV ED . -11.72 -16.41 -15.94
C31 PGV ED . -11.37 -15.19 -15.13
C32 PGV ED . -11.27 -15.44 -13.63
C33 PGV ED . -11.60 -13.97 -13.13
C34 PGV ED . -12.94 -14.12 -12.52
C1 CHD FD . -18.59 21.53 -13.63
C2 CHD FD . -18.94 22.85 -14.33
C3 CHD FD . -20.38 22.81 -14.83
O3 CHD FD . -20.76 24.01 -15.55
C4 CHD FD . -20.56 21.62 -15.76
C5 CHD FD . -20.11 20.27 -15.15
C6 CHD FD . -20.32 19.17 -16.21
C7 CHD FD . -19.31 19.17 -17.36
O7 CHD FD . -19.58 20.13 -18.40
C8 CHD FD . -17.88 19.25 -16.81
C9 CHD FD . -17.70 20.41 -15.77
C10 CHD FD . -18.68 20.29 -14.58
C11 CHD FD . -16.23 20.60 -15.34
C12 CHD FD . -15.24 20.58 -16.51
O12 CHD FD . -15.46 21.75 -17.28
C13 CHD FD . -15.38 19.32 -17.38
C14 CHD FD . -16.80 19.30 -17.92
C15 CHD FD . -16.79 18.25 -19.04
C16 CHD FD . -15.38 18.35 -19.65
C17 CHD FD . -14.57 19.30 -18.71
C18 CHD FD . -15.05 18.07 -16.53
C19 CHD FD . -18.40 19.03 -13.71
C20 CHD FD . -13.08 18.94 -18.65
C21 CHD FD . -12.28 19.93 -17.79
C22 CHD FD . -12.48 18.77 -20.05
C23 CHD FD . -12.40 20.00 -20.96
O25 CHD FD . -12.03 19.88 -23.30
C24 CHD FD . -11.53 19.81 -22.18
O26 CHD FD . -10.32 19.59 -21.98
C1 LFA GD . -18.50 27.10 -12.20
C2 LFA GD . -19.85 26.44 -12.21
C3 LFA GD . -20.14 25.58 -11.02
C4 LFA GD . -21.22 24.57 -11.28
C5 LFA GD . -21.19 23.32 -10.38
C6 LFA GD . -22.41 22.40 -10.53
C7 LFA GD . -22.30 21.00 -9.93
C8 LFA GD . -21.33 20.09 -10.64
C9 LFA GD . -20.91 18.88 -9.87
C10 LFA GD . -22.02 18.06 -9.30
C11 LFA GD . -21.64 16.63 -9.05
C12 LFA GD . -21.63 15.81 -10.31
C13 LFA GD . -21.65 14.32 -10.08
C14 LFA GD . -20.74 13.53 -10.97
C15 LFA GD . -19.27 13.68 -10.63
C16 LFA GD . -18.59 12.41 -10.12
C17 LFA GD . -18.36 12.36 -8.63
C1 LFA HD . -12.29 24.92 -20.06
C2 LFA HD . -12.64 24.25 -18.74
C3 LFA HD . -13.49 25.12 -17.81
C4 LFA HD . -13.25 25.00 -16.32
C5 LFA HD . -14.50 24.78 -15.44
C6 LFA HD . -14.23 24.93 -13.96
C7 LFA HD . -15.42 24.64 -13.05
C8 LFA HD . -15.23 23.53 -12.01
C9 LFA HD . -16.25 23.51 -10.90
C10 LFA HD . -16.22 22.30 -10.01
C11 LFA HD . -17.25 22.31 -8.89
C1 DMU ID . -29.80 14.89 9.03
C2 DMU ID . -30.50 14.57 10.38
C3 DMU ID . -31.82 15.28 10.45
C4 DMU ID . -32.58 14.84 9.28
O5 DMU ID . -32.07 15.45 8.15
C6 DMU ID . -30.70 15.33 7.93
O7 DMU ID . -32.55 14.97 11.63
O16 DMU ID . -30.19 16.41 7.19
C18 DMU ID . -30.49 16.29 5.79
C19 DMU ID . -29.18 16.16 4.97
C22 DMU ID . -29.46 16.36 3.48
C25 DMU ID . -28.43 15.62 2.58
C28 DMU ID . -28.68 16.00 1.11
C31 DMU ID . -28.21 14.95 0.09
C34 DMU ID . -28.49 15.50 -1.33
C37 DMU ID . -28.15 14.55 -2.44
C40 DMU ID . -28.29 15.22 -3.80
C43 DMU ID . -27.06 16.04 -4.21
O49 DMU ID . -29.08 13.75 8.54
O55 DMU ID . -29.69 14.95 11.52
C57 DMU ID . -34.01 15.21 9.44
O61 DMU ID . -34.34 16.11 8.40
CU1 CUA JD . -43.28 -16.01 1.71
CU2 CUA JD . -43.07 -14.83 -0.50
O16 DMU KD . -41.84 23.20 -2.70
C18 DMU KD . -40.73 22.56 -3.31
C19 DMU KD . -41.11 22.14 -4.71
C22 DMU KD . -40.10 22.65 -5.73
C25 DMU KD . -39.82 21.60 -6.80
C28 DMU KD . -40.05 22.18 -8.19
C31 DMU KD . -39.04 21.61 -9.16
C34 DMU KD . -39.65 21.42 -10.53
C37 DMU KD . -38.61 21.02 -11.55
C40 DMU KD . -39.02 21.45 -12.93
C43 DMU KD . -38.04 21.11 -13.99
O16 DMU LD . -30.43 28.38 -23.41
C18 DMU LD . -30.97 27.83 -22.21
C19 DMU LD . -31.71 26.58 -22.54
C22 DMU LD . -31.29 25.47 -21.61
C25 DMU LD . -32.50 24.67 -21.14
C28 DMU LD . -32.33 24.28 -19.67
C31 DMU LD . -33.13 23.05 -19.27
C34 DMU LD . -32.53 22.47 -17.99
C37 DMU LD . -33.63 21.84 -17.14
C40 DMU LD . -33.13 21.35 -15.82
C43 DMU LD . -34.13 20.41 -15.11
C1 DMU MD . -22.56 29.40 -30.73
C2 DMU MD . -22.17 30.81 -30.99
C3 DMU MD . -23.20 31.40 -31.87
C4 DMU MD . -24.58 31.35 -31.24
O5 DMU MD . -24.89 30.02 -30.69
C6 DMU MD . -23.83 29.38 -30.05
O7 DMU MD . -22.82 32.74 -32.11
O16 DMU MD . -24.01 28.01 -29.72
C18 DMU MD . -24.59 27.86 -28.41
C19 DMU MD . -25.89 27.12 -28.57
C22 DMU MD . -26.36 26.52 -27.28
C25 DMU MD . -27.42 25.54 -27.60
C28 DMU MD . -28.20 25.07 -26.40
C31 DMU MD . -29.44 24.41 -26.93
C34 DMU MD . -30.24 23.78 -25.87
C37 DMU MD . -31.46 23.25 -26.46
C40 DMU MD . -32.26 22.22 -25.70
C43 DMU MD . -31.91 21.89 -24.29
O49 DMU MD . -21.60 28.69 -29.95
O55 DMU MD . -20.92 30.88 -31.66
C57 DMU MD . -25.61 31.73 -32.30
O61 DMU MD . -26.94 31.76 -31.73
C1 EDO ND . -53.19 -5.30 0.20
O1 EDO ND . -52.02 -4.61 -0.29
C2 EDO ND . -54.02 -5.88 -0.90
O2 EDO ND . -54.62 -4.89 -1.73
C1 CHD OD . -22.37 5.26 4.88
C2 CHD OD . -22.96 5.25 6.28
C3 CHD OD . -22.01 5.84 7.31
O3 CHD OD . -22.61 5.73 8.62
C4 CHD OD . -20.69 5.10 7.28
C5 CHD OD . -20.08 5.10 5.87
C6 CHD OD . -18.73 4.39 5.89
C7 CHD OD . -18.82 2.86 5.98
O7 CHD OD . -19.26 2.54 7.30
C8 CHD OD . -19.80 2.29 4.95
C9 CHD OD . -21.17 3.00 4.98
C10 CHD OD . -21.01 4.54 4.77
C11 CHD OD . -22.14 2.35 4.00
C12 CHD OD . -22.30 0.84 4.19
O12 CHD OD . -22.89 0.54 5.44
C13 CHD OD . -20.93 0.18 4.05
C14 CHD OD . -20.00 0.80 5.10
C15 CHD OD . -18.78 -0.08 5.09
C16 CHD OD . -19.35 -1.50 4.83
C17 CHD OD . -20.85 -1.31 4.49
C18 CHD OD . -20.49 0.40 2.58
C19 CHD OD . -20.47 4.86 3.36
C20 CHD OD . -21.39 -2.39 3.57
C21 CHD OD . -22.77 -2.09 3.05
C22 CHD OD . -21.46 -3.68 4.40
C23 CHD OD . -21.51 -4.85 3.59
O25 CHD OD . -22.43 -6.18 5.36
C24 CHD OD . -21.60 -6.11 4.43
O26 CHD OD . -20.88 -7.06 4.09
UNK UNX PD . 11.83 -7.42 -19.32
P PGV QD . 7.18 -13.87 -25.93
C01 PGV QD . 3.10 -14.03 -25.33
C02 PGV QD . 4.14 -15.16 -25.25
C03 PGV QD . 4.92 -15.11 -26.52
C04 PGV QD . 8.45 -14.12 -28.24
C05 PGV QD . 9.93 -13.95 -28.25
C06 PGV QD . 10.42 -13.18 -29.46
O01 PGV QD . 3.34 -16.33 -25.24
O02 PGV QD . 4.07 -16.80 -23.14
O03 PGV QD . 2.51 -14.01 -24.09
O04 PGV QD . 0.43 -14.47 -24.96
O05 PGV QD . 10.51 -15.31 -28.26
O06 PGV QD . 11.84 -12.97 -29.38
O11 PGV QD . 5.73 -13.97 -26.54
O12 PGV QD . 8.02 -14.70 -26.99
O13 PGV QD . 7.18 -14.70 -24.68
O14 PGV QD . 7.53 -12.44 -25.91
C1 PGV QD . 3.42 -17.14 -24.11
C2 PGV QD . 2.66 -18.43 -24.32
C3 PGV QD . 2.77 -19.39 -23.17
C4 PGV QD . 1.69 -19.09 -22.16
C5 PGV QD . 1.64 -20.11 -21.05
C6 PGV QD . 0.56 -19.92 -20.00
C7 PGV QD . 0.51 -21.09 -19.01
C8 PGV QD . -0.45 -20.86 -17.87
C9 PGV QD . -0.61 -21.94 -16.81
C10 PGV QD . -1.71 -22.80 -17.28
C11 PGV QD . -2.34 -23.63 -16.23
C12 PGV QD . -3.71 -23.70 -16.26
C13 PGV QD . -4.50 -24.56 -15.28
C14 PGV QD . -3.78 -25.92 -15.18
C15 PGV QD . -3.57 -26.38 -13.71
C16 PGV QD . -3.17 -27.84 -13.62
C17 PGV QD . -1.71 -28.03 -14.02
C18 PGV QD . -1.26 -29.37 -13.45
C19 PGV QD . 1.11 -14.20 -23.95
C20 PGV QD . 0.55 -14.07 -22.58
C21 PGV QD . -0.52 -15.10 -22.32
C22 PGV QD . -0.74 -15.14 -20.84
C23 PGV QD . -1.48 -16.33 -20.41
C24 PGV QD . -2.02 -16.01 -19.05
C25 PGV QD . -2.13 -17.22 -18.24
C26 PGV QD . -2.83 -17.14 -16.84
C27 PGV QD . -3.91 -18.17 -17.04
C28 PGV QD . -4.86 -18.33 -15.95
C29 PGV QD . -5.69 -19.55 -16.27
C30 PGV QD . -7.08 -19.38 -15.60
C31 PGV QD . -7.21 -19.25 -14.10
C32 PGV QD . -8.56 -18.86 -13.48
C33 PGV QD . -8.98 -19.71 -12.24
C34 PGV QD . -10.22 -19.06 -11.68
C1 CDL RD . 8.35 -26.55 -32.39
O1 CDL RD . 8.66 -25.29 -32.98
CA2 CDL RD . 7.75 -27.63 -33.24
OA2 CDL RD . 6.70 -28.24 -32.40
PA1 CDL RD . 5.71 -27.24 -31.57
OA3 CDL RD . 5.51 -25.71 -31.83
OA4 CDL RD . 4.69 -28.38 -31.36
OA5 CDL RD . 6.28 -27.53 -30.10
CA3 CDL RD . 5.40 -27.90 -29.00
CA4 CDL RD . 5.57 -26.64 -28.20
OA6 CDL RD . 6.91 -26.04 -28.13
CA5 CDL RD . 6.80 -24.68 -28.07
OA7 CDL RD . 6.00 -23.96 -28.77
C11 CDL RD . 7.69 -24.42 -26.86
C12 CDL RD . 7.76 -25.63 -25.94
C13 CDL RD . 8.66 -25.40 -24.78
C14 CDL RD . 7.95 -25.27 -23.49
C15 CDL RD . 6.96 -26.33 -23.14
C16 CDL RD . 6.90 -26.67 -21.68
C17 CDL RD . 5.60 -27.25 -21.16
C18 CDL RD . 5.52 -27.29 -19.62
C19 CDL RD . 4.41 -28.14 -19.03
C20 CDL RD . 3.90 -27.73 -17.69
C21 CDL RD . 3.22 -28.78 -16.81
C22 CDL RD . 3.38 -28.47 -15.25
C23 CDL RD . 3.41 -29.66 -14.31
C24 CDL RD . 2.75 -29.52 -12.91
C25 CDL RD . 3.10 -28.25 -12.10
C26 CDL RD . 3.04 -28.33 -10.57
C27 CDL RD . 3.31 -27.09 -9.72
CA6 CDL RD . 5.17 -26.66 -26.76
OA8 CDL RD . 4.74 -25.27 -26.60
CA7 CDL RD . 3.75 -25.17 -25.73
OA9 CDL RD . 2.72 -25.74 -25.81
C31 CDL RD . 4.00 -24.41 -24.58
C32 CDL RD . 2.71 -23.95 -24.03
C33 CDL RD . 2.16 -24.98 -23.11
C34 CDL RD . 1.26 -24.42 -22.13
C35 CDL RD . 0.96 -25.35 -21.01
C36 CDL RD . -0.49 -25.43 -20.67
C37 CDL RD . -0.75 -26.33 -19.54
C38 CDL RD . -1.88 -27.31 -19.71
C39 CDL RD . -2.17 -28.09 -18.41
CB2 CDL RD . 9.32 -27.03 -31.35
OB2 CDL RD . 10.21 -25.98 -31.02
PB2 CDL RD . 10.70 -25.76 -29.50
OB3 CDL RD . 11.70 -24.57 -29.49
OB4 CDL RD . 9.33 -25.83 -28.82
OB5 CDL RD . 11.38 -27.21 -29.24
CB3 CDL RD . 10.62 -28.35 -28.69
CB4 CDL RD . 10.88 -29.74 -29.26
OB6 CDL RD . 11.89 -30.57 -28.54
CB5 CDL RD . 11.55 -31.47 -27.57
OB7 CDL RD . 12.12 -32.57 -27.52
C51 CDL RD . 10.53 -30.92 -26.55
C52 CDL RD . 9.08 -31.33 -26.86
C53 CDL RD . 8.08 -30.19 -26.78
C54 CDL RD . 7.66 -29.82 -25.39
C55 CDL RD . 6.18 -29.67 -25.24
C56 CDL RD . 5.47 -30.95 -24.81
C57 CDL RD . 5.30 -31.09 -23.31
C58 CDL RD . 4.17 -31.97 -22.86
C59 CDL RD . 3.11 -31.24 -22.06
C60 CDL RD . 2.61 -32.01 -20.83
C61 CDL RD . 1.57 -31.27 -19.99
C62 CDL RD . 1.23 -31.98 -18.67
CB6 CDL RD . 11.38 -29.74 -30.69
OB8 CDL RD . 10.77 -30.86 -31.39
CB7 CDL RD . 9.46 -30.80 -31.76
OB9 CDL RD . 8.60 -30.09 -31.19
C71 CDL RD . 9.16 -31.65 -33.01
C72 CDL RD . 8.85 -33.11 -32.77
C73 CDL RD . 7.33 -33.45 -32.76
C74 CDL RD . 6.89 -34.46 -31.67
C75 CDL RD . 5.53 -34.16 -30.99
C76 CDL RD . 5.47 -34.16 -29.45
C77 CDL RD . 4.35 -33.24 -28.82
C78 CDL RD . 3.40 -33.90 -27.79
C79 CDL RD . 2.15 -33.10 -27.43
C80 CDL RD . 1.47 -33.41 -26.10
C81 CDL RD . 0.55 -32.32 -25.57
C82 CDL RD . -0.45 -32.74 -24.52
C83 CDL RD . -0.85 -31.65 -23.56
C84 CDL RD . -2.20 -31.85 -22.83
C85 CDL RD . -2.33 -33.12 -21.98
C86 CDL RD . -3.39 -33.13 -20.86
C87 CDL RD . -3.75 -34.49 -20.31
C1 CHD SD . 18.95 -28.77 -12.29
C2 CHD SD . 20.14 -29.19 -11.45
C3 CHD SD . 20.29 -28.28 -10.24
O3 CHD SD . 21.40 -28.71 -9.41
C4 CHD SD . 20.51 -26.87 -10.70
C5 CHD SD . 19.34 -26.38 -11.57
C6 CHD SD . 19.48 -24.90 -11.97
C7 CHD SD . 20.40 -24.64 -13.14
O7 CHD SD . 21.67 -24.79 -12.46
C8 CHD SD . 20.17 -25.57 -14.35
C9 CHD SD . 20.08 -27.06 -13.91
C10 CHD SD . 19.01 -27.29 -12.80
C11 CHD SD . 19.99 -28.03 -15.10
C12 CHD SD . 21.19 -27.90 -16.04
O12 CHD SD . 22.43 -28.23 -15.34
C13 CHD SD . 21.25 -26.47 -16.59
C14 CHD SD . 21.30 -25.45 -15.40
C15 CHD SD . 21.60 -24.09 -16.10
C16 CHD SD . 22.39 -24.48 -17.38
C17 CHD SD . 22.60 -26.02 -17.25
C18 CHD SD . 20.04 -26.29 -17.53
C19 CHD SD . 17.61 -26.94 -13.37
C20 CHD SD . 23.15 -26.84 -18.45
C21 CHD SD . 24.45 -27.61 -18.14
C22 CHD SD . 23.37 -25.97 -19.67
C23 CHD SD . 22.07 -25.43 -20.19
O25 CHD SD . 21.94 -25.31 -22.51
C24 CHD SD . 22.45 -24.81 -21.48
O26 CHD SD . 23.23 -23.83 -21.39
O16 DMU TD . -11.62 -37.90 -6.91
C18 DMU TD . -12.36 -36.71 -6.70
C19 DMU TD . -12.59 -36.04 -8.05
C22 DMU TD . -11.85 -34.74 -8.13
C25 DMU TD . -12.60 -33.75 -9.02
C28 DMU TD . -12.04 -32.38 -8.89
C31 DMU TD . -12.32 -31.61 -10.14
C34 DMU TD . -12.16 -30.09 -9.95
C37 DMU TD . -12.25 -29.39 -11.34
C40 DMU TD . -12.85 -28.01 -11.31
C43 DMU TD . -13.21 -27.52 -12.71
C1 LFA UD . 1.41 -13.69 15.01
C2 LFA UD . 1.82 -13.58 13.54
C3 LFA UD . 2.94 -12.63 13.31
C4 LFA UD . 3.51 -12.51 11.91
C5 LFA UD . 4.85 -11.76 11.84
C6 LFA UD . 6.02 -12.59 12.29
C7 LFA UD . 7.36 -11.91 12.21
C8 LFA UD . 8.51 -12.65 12.88
C9 LFA UD . 9.83 -11.92 12.81
C10 LFA UD . 9.72 -10.44 12.44
C11 LFA UD . 9.91 -9.45 13.58
C1 LFA VD . 4.71 -10.72 7.30
C2 LFA VD . 6.22 -10.68 7.53
C3 LFA VD . 7.00 -11.79 6.84
C4 LFA VD . 8.35 -12.16 7.41
C5 LFA VD . 9.02 -13.32 6.70
C6 LFA VD . 10.13 -13.95 7.52
C1 LFA WD . -22.18 -4.87 11.90
C2 LFA WD . -20.79 -4.87 11.27
C3 LFA WD . -20.83 -5.12 9.78
C4 LFA WD . -19.69 -5.90 9.19
C5 LFA WD . -19.58 -5.84 7.68
C6 LFA WD . -18.39 -5.02 7.23
C7 LFA WD . -17.41 -5.72 6.31
C8 LFA WD . -17.43 -5.17 4.91
C9 LFA WD . -16.33 -5.63 4.00
C10 LFA WD . -15.86 -4.59 2.99
C11 LFA WD . -16.95 -3.72 2.37
C12 LFA WD . -16.47 -2.82 1.21
C13 LFA WD . -17.54 -2.32 0.24
C14 LFA WD . -17.06 -2.14 -1.19
C15 LFA WD . -16.40 -3.38 -1.85
C16 LFA WD . -15.04 -3.12 -2.43
C17 LFA WD . -14.68 -3.92 -3.68
C18 LFA WD . -13.40 -3.49 -4.35
C1 LFA XD . -15.40 -3.37 14.32
C2 LFA XD . -13.96 -3.86 14.28
C3 LFA XD . -12.99 -2.90 13.60
C4 LFA XD . -11.73 -3.55 13.09
C5 LFA XD . -11.44 -3.30 11.64
C6 LFA XD . -10.49 -4.32 11.05
C7 LFA XD . -10.26 -4.13 9.58
C8 LFA XD . -11.51 -3.95 8.75
C9 LFA XD . -11.66 -4.96 7.64
C10 LFA XD . -11.68 -4.40 6.27
C11 LFA XD . -10.53 -4.84 5.43
C1 LFA YD . 13.77 -4.44 -10.36
C2 LFA YD . 12.75 -5.12 -11.25
C3 LFA YD . 11.48 -5.34 -10.49
C4 LFA YD . 11.61 -4.95 -9.03
C5 LFA YD . 10.46 -5.37 -8.12
C6 LFA YD . 10.90 -5.98 -6.79
C7 LFA YD . 10.04 -7.11 -6.30
C8 LFA YD . 10.64 -7.91 -5.15
C9 LFA YD . 9.59 -8.65 -4.38
C10 LFA YD . 10.01 -9.16 -3.04
C11 LFA YD . 10.60 -8.13 -2.10
C1 LFA ZD . 2.63 -6.32 -10.23
C2 LFA ZD . 1.36 -7.09 -9.87
C3 LFA ZD . 1.02 -6.90 -8.43
C4 LFA ZD . -0.33 -7.38 -8.06
C5 LFA ZD . -1.01 -6.49 -7.15
C6 LFA ZD . -2.40 -6.83 -6.94
C7 LFA ZD . -2.61 -7.67 -5.77
C8 LFA ZD . -3.77 -7.27 -4.88
C9 LFA ZD . -4.59 -8.45 -4.48
C10 LFA ZD . -5.30 -8.32 -3.20
C11 LFA ZD . -6.51 -9.19 -3.08
C12 LFA ZD . -7.72 -8.44 -2.56
C13 LFA ZD . -7.57 -7.94 -1.16
C14 LFA ZD . -8.74 -7.09 -0.65
C15 LFA ZD . -8.60 -6.66 0.82
C1 LFA AE . 6.03 -2.52 -17.35
C2 LFA AE . 5.39 -2.33 -15.98
C3 LFA AE . 3.93 -2.79 -15.88
C4 LFA AE . 3.53 -3.26 -14.50
C5 LFA AE . 2.31 -4.10 -14.48
C6 LFA AE . 2.15 -4.87 -13.22
C7 LFA AE . 0.81 -5.56 -13.06
C8 LFA AE . -0.33 -4.61 -12.68
C9 LFA AE . -1.50 -5.20 -11.90
C10 LFA AE . -2.42 -4.14 -11.33
C11 LFA AE . -3.28 -4.56 -10.16
C12 LFA AE . -4.06 -3.39 -9.54
C13 LFA AE . -5.12 -3.74 -8.50
C1 DMU BE . -3.78 -11.05 17.49
C2 DMU BE . -4.86 -12.04 17.96
C3 DMU BE . -6.21 -11.33 17.97
C4 DMU BE . -6.51 -10.89 16.57
O5 DMU BE . -5.48 -10.08 16.02
C6 DMU BE . -4.15 -10.46 16.18
O7 DMU BE . -7.27 -12.21 18.33
O16 DMU BE . -3.40 -9.33 15.79
C18 DMU BE . -3.60 -9.06 14.38
C19 DMU BE . -2.87 -7.79 13.96
C22 DMU BE . -3.05 -7.51 12.49
C25 DMU BE . -1.78 -7.02 11.89
C28 DMU BE . -2.00 -6.03 10.75
C31 DMU BE . -0.65 -5.49 10.28
C34 DMU BE . -0.80 -4.38 9.23
C37 DMU BE . 0.04 -4.67 7.97
C40 DMU BE . 1.49 -4.21 8.08
C43 DMU BE . 2.19 -4.24 6.71
O49 DMU BE . -2.52 -11.75 17.40
O55 DMU BE . -4.55 -12.52 19.29
C57 DMU BE . -7.80 -10.09 16.59
O61 DMU BE . -7.91 -9.38 15.38
C5 DMU BE . -8.71 -13.20 19.78
C7 DMU BE . -10.05 -12.93 19.26
C8 DMU BE . -10.55 -11.61 19.77
C9 DMU BE . -9.58 -10.53 19.32
O1 DMU BE . -8.29 -10.77 19.93
C10 DMU BE . -7.72 -12.11 19.66
O2 DMU BE . -11.86 -11.32 19.23
O3 DMU BE . -8.21 -14.42 19.39
O4 DMU BE . -10.97 -13.95 19.64
C11 DMU BE . -10.13 -9.16 19.71
O6 DMU BE . -11.35 -8.95 18.98
C25 DMU CE . 7.57 -5.80 -9.09
C28 DMU CE . 6.17 -5.88 -8.45
C31 DMU CE . 6.28 -5.93 -6.93
C34 DMU CE . 4.97 -6.35 -6.28
C37 DMU CE . 5.23 -7.40 -5.20
C40 DMU CE . 5.55 -6.76 -3.86
C43 DMU CE . 5.66 -7.84 -2.82
C1 DMU DE . 4.01 -2.60 -6.94
C2 DMU DE . 3.93 -1.72 -8.18
C3 DMU DE . 2.66 -1.94 -8.92
C4 DMU DE . 1.54 -1.64 -8.00
O5 DMU DE . 1.53 -2.63 -6.97
C6 DMU DE . 2.71 -2.72 -6.21
O7 DMU DE . 2.63 -1.07 -10.06
O16 DMU DE . 2.71 -3.92 -5.40
C18 DMU DE . 1.65 -3.83 -4.42
C19 DMU DE . 2.24 -3.81 -3.03
C22 DMU DE . 1.19 -4.13 -1.98
C25 DMU DE . 1.75 -5.13 -0.95
C28 DMU DE . 1.21 -4.84 0.45
C31 DMU DE . 0.67 -6.10 1.09
C34 DMU DE . 0.58 -5.91 2.61
C37 DMU DE . -0.53 -6.74 3.21
C40 DMU DE . -1.39 -5.81 4.04
C43 DMU DE . -2.73 -6.44 4.28
O49 DMU DE . 5.05 -2.09 -6.05
O55 DMU DE . 5.02 -2.01 -9.03
C57 DMU DE . 0.22 -1.66 -8.69
O61 DMU DE . -0.74 -2.10 -7.74
C1 DMU EE . -21.69 -43.22 -17.23
C2 DMU EE . -21.65 -43.50 -15.71
C3 DMU EE . -22.23 -44.87 -15.39
C4 DMU EE . -21.61 -45.85 -16.34
O5 DMU EE . -22.00 -45.51 -17.63
C6 DMU EE . -21.39 -44.41 -18.08
O7 DMU EE . -21.87 -45.33 -14.08
O16 DMU EE . -21.58 -44.25 -19.45
C18 DMU EE . -20.44 -44.56 -20.27
C19 DMU EE . -20.53 -43.81 -21.62
C22 DMU EE . -19.26 -43.04 -21.91
C25 DMU EE . -19.46 -41.95 -22.95
C28 DMU EE . -18.16 -41.62 -23.67
C31 DMU EE . -18.18 -40.23 -24.22
C34 DMU EE . -17.53 -40.10 -25.57
C37 DMU EE . -16.39 -39.13 -25.52
C40 DMU EE . -15.95 -38.76 -26.90
C43 DMU EE . -14.89 -39.70 -27.41
O49 DMU EE . -20.75 -42.18 -17.53
O55 DMU EE . -22.40 -42.48 -15.05
C57 DMU EE . -22.00 -47.31 -16.02
O61 DMU EE . -23.32 -47.57 -16.50
C5 DMU EE . -21.65 -45.18 -11.77
C7 DMU EE . -22.38 -45.19 -10.53
C8 DMU EE . -23.49 -46.17 -10.72
C9 DMU EE . -23.91 -46.17 -12.19
O1 DMU EE . -23.74 -44.84 -12.73
C10 DMU EE . -22.34 -44.60 -12.94
O2 DMU EE . -23.01 -47.47 -10.36
O3 DMU EE . -21.04 -46.52 -12.02
O4 DMU EE . -22.89 -43.92 -10.25
C11 DMU EE . -25.32 -46.62 -12.34
O6 DMU EE . -25.36 -48.03 -12.26
C1 DMU FE . -17.45 -42.92 -14.29
C2 DMU FE . -17.20 -43.16 -12.81
C3 DMU FE . -18.04 -44.29 -12.36
C4 DMU FE . -17.74 -45.54 -13.17
O5 DMU FE . -17.86 -45.28 -14.59
C6 DMU FE . -17.19 -44.18 -15.07
O7 DMU FE . -17.79 -44.51 -10.99
O16 DMU FE . -17.35 -44.08 -16.45
C18 DMU FE . -16.34 -44.83 -17.18
C19 DMU FE . -15.77 -43.99 -18.38
C22 DMU FE . -14.66 -43.00 -17.92
C25 DMU FE . -13.81 -42.43 -19.09
C28 DMU FE . -14.63 -42.16 -20.39
C31 DMU FE . -14.15 -43.05 -21.58
C34 DMU FE . -14.25 -42.32 -22.92
C37 DMU FE . -13.20 -42.80 -23.90
C40 DMU FE . -12.79 -41.70 -24.89
C43 DMU FE . -12.17 -42.34 -26.10
O49 DMU FE . -16.62 -41.86 -14.72
O55 DMU FE . -17.53 -42.01 -12.03
C57 DMU FE . -18.70 -46.67 -12.74
O61 DMU FE . -18.66 -47.78 -13.66
C5 DMU FE . -16.80 -43.06 -9.39
C7 DMU FE . -16.99 -42.32 -8.15
C8 DMU FE . -17.83 -43.24 -7.25
C9 DMU FE . -18.53 -44.27 -8.12
O1 DMU FE . -19.03 -43.59 -9.26
C10 DMU FE . -17.99 -43.31 -10.17
O2 DMU FE . -17.02 -43.97 -6.34
O3 DMU FE . -16.07 -44.24 -9.22
O4 DMU FE . -17.63 -41.01 -8.44
C11 DMU FE . -19.67 -44.99 -7.41
O6 DMU FE . -19.24 -46.29 -7.00
C1 EDO GE . -10.94 -38.52 -20.49
O1 EDO GE . -10.78 -38.28 -21.85
C2 EDO GE . -11.15 -39.94 -20.25
O2 EDO GE . -12.52 -40.32 -20.39
C1 EDO HE . -30.50 -21.01 11.64
O1 EDO HE . -29.85 -21.46 12.76
C2 EDO HE . -31.15 -19.69 11.85
O2 EDO HE . -31.93 -19.61 13.02
C1 EDO IE . 25.67 -12.76 -11.63
O1 EDO IE . 26.32 -11.79 -10.89
C2 EDO IE . 24.29 -12.62 -11.18
O2 EDO IE . 23.30 -13.17 -12.05
C1 DMU JE . -26.00 -40.85 -17.48
C2 DMU JE . -26.65 -42.14 -17.25
C3 DMU JE . -26.63 -42.49 -15.79
C4 DMU JE . -27.22 -41.35 -14.92
O5 DMU JE . -26.54 -40.14 -15.19
C6 DMU JE . -26.58 -39.81 -16.56
O7 DMU JE . -27.44 -43.63 -15.62
O16 DMU JE . -26.19 -38.52 -16.80
C18 DMU JE . -27.10 -37.49 -16.32
C19 DMU JE . -26.25 -36.24 -16.01
C22 DMU JE . -26.98 -34.89 -16.30
C25 DMU JE . -26.17 -33.72 -15.84
C28 DMU JE . -26.78 -32.41 -16.34
C31 DMU JE . -26.83 -32.42 -17.88
C34 DMU JE . -26.47 -31.08 -18.45
C37 DMU JE . -26.01 -31.25 -19.85
C40 DMU JE . -25.92 -29.90 -20.47
C43 DMU JE . -25.91 -30.00 -21.95
O49 DMU JE . -26.23 -40.56 -18.85
O55 DMU JE . -25.98 -43.10 -18.05
C57 DMU JE . -27.20 -41.64 -13.37
O61 DMU JE . -25.87 -41.79 -12.85
C5 DMU JE . -27.75 -45.33 -17.42
C7 DMU JE . -28.62 -46.57 -17.30
C8 DMU JE . -28.73 -47.10 -15.86
C9 DMU JE . -28.39 -45.95 -14.98
O1 DMU JE . -27.01 -45.74 -15.16
C10 DMU JE . -26.91 -44.84 -16.21
O2 DMU JE . -30.04 -47.51 -15.58
O3 DMU JE . -28.34 -44.26 -18.19
O4 DMU JE . -28.12 -47.60 -18.14
C11 DMU JE . -28.71 -46.07 -13.52
O6 DMU JE . -28.54 -44.76 -13.04
C1 DMU KE . -44.81 12.21 -43.59
C2 DMU KE . -43.80 13.06 -44.43
C3 DMU KE . -42.58 13.26 -43.56
C4 DMU KE . -42.10 11.84 -43.20
O5 DMU KE . -43.01 11.25 -42.25
C6 DMU KE . -44.15 10.96 -42.92
O7 DMU KE . -41.59 13.93 -44.27
O16 DMU KE . -44.97 10.14 -42.22
C18 DMU KE . -44.32 9.23 -41.32
C19 DMU KE . -45.28 9.06 -40.21
C22 DMU KE . -44.64 8.67 -38.99
C25 DMU KE . -45.64 8.52 -37.91
C28 DMU KE . -44.96 7.80 -36.76
C31 DMU KE . -45.97 7.32 -35.81
C34 DMU KE . -45.38 7.18 -34.44
C37 DMU KE . -46.52 6.70 -33.60
C40 DMU KE . -46.24 6.54 -32.14
C43 DMU KE . -47.63 6.25 -31.58
O49 DMU KE . -45.86 11.78 -44.43
O55 DMU KE . -44.37 14.33 -44.95
C57 DMU KE . -40.79 11.67 -42.58
O61 DMU KE . -40.93 10.42 -41.77
C5 DMU KE . -40.82 15.70 -45.47
C7 DMU KE . -39.48 15.51 -44.94
C8 DMU KE . -39.29 16.40 -43.73
C9 DMU KE . -40.43 16.32 -42.71
O1 DMU KE . -41.78 16.13 -43.31
C10 DMU KE . -41.86 15.31 -44.53
O2 DMU KE . -38.04 16.10 -43.03
O3 DMU KE . -40.98 15.21 -46.74
O4 DMU KE . -38.54 15.82 -45.96
C11 DMU KE . -40.37 17.64 -41.91
O6 DMU KE . -41.21 17.61 -40.77
C1 EDO LE . -33.40 37.91 -66.15
O1 EDO LE . -31.97 37.84 -66.50
C2 EDO LE . -33.76 39.21 -65.53
O2 EDO LE . -32.68 39.63 -64.74
C1 EDO ME . -11.52 32.63 -50.96
O1 EDO ME . -11.23 34.01 -51.00
C2 EDO ME . -10.59 31.87 -50.10
O2 EDO ME . -9.25 32.06 -50.49
C1 EDO NE . -18.87 40.97 -61.74
O1 EDO NE . -18.85 41.75 -60.52
C2 EDO NE . -18.29 39.56 -61.63
O2 EDO NE . -17.18 39.56 -60.78
ZN ZN OE . -9.37 19.63 -41.66
C1 EDO PE . -16.00 11.35 -35.06
O1 EDO PE . -14.76 11.90 -34.68
C2 EDO PE . -16.33 11.83 -36.39
O2 EDO PE . -15.47 11.36 -37.47
C1 EDO QE . 11.69 -5.26 -30.82
O1 EDO QE . 10.61 -5.96 -31.49
C2 EDO QE . 11.58 -5.30 -29.34
O2 EDO QE . 12.00 -6.53 -28.76
C1 LFA RE . 23.05 -2.71 -2.55
C2 LFA RE . 22.15 -3.83 -2.13
C3 LFA RE . 22.82 -5.16 -1.70
C4 LFA RE . 21.83 -6.16 -1.11
C5 LFA RE . 22.44 -7.40 -0.39
C6 LFA RE . 21.61 -7.85 0.75
C7 LFA RE . 22.13 -8.93 1.62
C8 LFA RE . 22.04 -8.63 3.12
C9 LFA RE . 20.74 -8.96 3.64
C10 LFA RE . 20.31 -8.23 4.82
C11 LFA RE . 19.99 -6.74 4.63
C12 LFA RE . 19.30 -6.40 3.41
C13 LFA RE . 18.52 -5.10 3.44
C14 LFA RE . 18.67 -4.34 2.16
P PEK SE . -10.95 -30.62 4.17
N PEK SE . -7.68 -31.88 7.42
C01 PEK SE . -11.88 -29.47 0.62
C02 PEK SE . -10.46 -29.01 0.89
C03 PEK SE . -10.07 -28.94 2.34
C04 PEK SE . -8.89 -30.42 5.82
C05 PEK SE . -9.00 -31.32 6.99
O01 PEK SE . -10.32 -27.62 0.51
O02 PEK SE . -8.96 -28.18 -1.06
O03 PEK SE . -12.05 -29.70 -0.80
O04 PEK SE . -14.23 -30.00 -0.52
O11 PEK SE . -10.04 -30.30 2.89
O12 PEK SE . -10.21 -29.94 5.41
O13 PEK SE . -12.33 -29.99 4.18
O14 PEK SE . -10.79 -32.14 4.41
C1 PEK SE . -9.72 -27.33 -0.64
C2 PEK SE . -10.24 -25.95 -1.18
C3 PEK SE . -11.09 -26.10 -2.49
C4 PEK SE . -12.63 -25.92 -2.45
C5 PEK SE . -13.22 -25.10 -3.58
C6 PEK SE . -12.70 -24.69 -4.74
C7 PEK SE . -11.35 -23.97 -4.97
C8 PEK SE . -10.42 -24.61 -6.00
C9 PEK SE . -9.85 -25.86 -5.86
C10 PEK SE . -9.81 -26.97 -6.94
C11 PEK SE . -9.07 -28.28 -6.64
C12 PEK SE . -9.41 -29.29 -5.75
C13 PEK SE . -8.45 -30.09 -4.85
C14 PEK SE . -7.22 -29.22 -4.49
C15 PEK SE . -7.23 -27.85 -4.30
C16 PEK SE . -6.15 -26.81 -4.41
C17 PEK SE . -4.93 -27.14 -3.56
C18 PEK SE . -4.16 -25.95 -3.06
C19 PEK SE . -2.84 -26.20 -2.33
C20 PEK SE . -2.53 -27.66 -2.04
C21 PEK SE . -13.26 -30.02 -1.23
C22 PEK SE . -13.25 -30.61 -2.60
C23 PEK SE . -12.78 -29.78 -3.66
C24 PEK SE . -13.06 -30.45 -5.01
C25 PEK SE . -14.32 -29.99 -5.69
C26 PEK SE . -14.27 -28.60 -6.19
C27 PEK SE . -15.36 -28.25 -7.16
C28 PEK SE . -15.68 -26.78 -7.15
C29 PEK SE . -15.26 -26.06 -8.35
C30 PEK SE . -15.74 -24.65 -8.41
C31 PEK SE . -15.53 -24.09 -9.73
C32 PEK SE . -15.79 -22.64 -9.88
C33 PEK SE . -14.90 -22.02 -10.92
C34 PEK SE . -14.96 -20.53 -10.98
C35 PEK SE . -14.84 -19.96 -12.37
C36 PEK SE . -15.09 -18.51 -12.37
C37 PEK SE . -15.11 -17.86 -13.67
C38 PEK SE . -15.58 -16.34 -13.68
C1 LFA TE . 17.98 -2.77 -4.98
C2 LFA TE . 16.99 -2.35 -3.93
C3 LFA TE . 15.82 -3.27 -3.80
C4 LFA TE . 15.44 -3.58 -2.36
C5 LFA TE . 14.12 -4.26 -2.18
C6 LFA TE . 14.25 -5.67 -1.67
C7 LFA TE . 13.42 -6.00 -0.47
C8 LFA TE . 12.80 -7.39 -0.53
C9 LFA TE . 11.89 -7.72 0.62
C10 LFA TE . 11.60 -9.20 0.78
C11 LFA TE . 12.73 -10.03 1.36
C12 LFA TE . 12.48 -11.53 1.39
C13 LFA TE . 12.35 -12.11 2.76
C14 LFA TE . 11.77 -13.52 2.73
C1 LFA UE . 28.47 -17.58 -5.88
C2 LFA UE . 27.75 -17.82 -4.54
C3 LFA UE . 26.84 -19.06 -4.40
C4 LFA UE . 25.98 -19.07 -3.13
C5 LFA UE . 25.52 -20.44 -2.67
C6 LFA UE . 24.08 -20.52 -2.15
C7 LFA UE . 23.94 -20.28 -0.68
C8 LFA UE . 22.54 -20.01 -0.19
C9 LFA UE . 22.25 -20.65 1.14
C10 LFA UE . 21.17 -19.99 1.97
C11 LFA UE . 21.19 -20.45 3.42
C1 DMU VE . 4.74 -20.45 19.69
C2 DMU VE . 3.92 -20.81 20.90
C3 DMU VE . 4.66 -21.82 21.74
C4 DMU VE . 6.12 -21.51 21.98
O5 DMU VE . 6.76 -20.87 20.82
C6 DMU VE . 6.00 -19.89 20.17
O7 DMU VE . 4.04 -21.91 22.99
O16 DMU VE . 6.75 -19.09 19.31
C18 DMU VE . 6.62 -17.69 19.72
C19 DMU VE . 7.81 -16.84 19.25
C22 DMU VE . 8.18 -17.26 17.82
C25 DMU VE . 8.71 -16.15 16.96
C28 DMU VE . 8.70 -16.57 15.52
C31 DMU VE . 9.77 -15.90 14.67
C34 DMU VE . 10.17 -16.79 13.46
C37 DMU VE . 11.60 -16.51 12.99
C40 DMU VE . 11.83 -16.85 11.53
C43 DMU VE . 12.33 -15.64 10.74
O49 DMU VE . 4.00 -19.54 18.87
O55 DMU VE . 2.68 -21.37 20.53
C57 DMU VE . 6.81 -22.82 22.34
O61 DMU VE . 8.23 -22.72 22.11
C1 EDO WE . -13.87 -29.03 18.75
O1 EDO WE . -14.09 -28.68 17.39
C2 EDO WE . -15.02 -29.71 19.38
O2 EDO WE . -15.33 -30.97 18.76
C1 DMU XE . -22.63 -3.55 9.74
C2 DMU XE . -23.48 -3.33 11.00
C3 DMU XE . -24.09 -4.63 11.55
C4 DMU XE . -23.14 -5.81 11.47
O5 DMU XE . -22.54 -5.89 10.16
C6 DMU XE . -21.80 -4.75 9.89
O7 DMU XE . -24.48 -4.47 12.93
O16 DMU XE . -20.78 -4.92 8.94
C18 DMU XE . -19.49 -4.69 9.54
C19 DMU XE . -18.42 -4.62 8.45
C22 DMU XE . -18.44 -5.87 7.58
C25 DMU XE . -18.24 -5.49 6.12
C28 DMU XE . -17.28 -6.43 5.44
C31 DMU XE . -16.49 -5.72 4.34
C34 DMU XE . -17.43 -4.91 3.44
C37 DMU XE . -16.81 -4.57 2.09
C40 DMU XE . -17.61 -3.47 1.34
C43 DMU XE . -17.13 -3.34 -0.10
O49 DMU XE . -21.77 -2.39 9.50
O55 DMU XE . -24.54 -2.40 10.71
C57 DMU XE . -23.89 -7.08 11.76
O61 DMU XE . -24.26 -7.08 13.16
C5 DMU XE . -26.44 -3.47 14.06
C7 DMU XE . -26.26 -3.65 15.49
C8 DMU XE . -26.73 -5.05 15.91
C9 DMU XE . -26.10 -6.13 15.01
O1 DMU XE . -26.37 -5.86 13.62
C10 DMU XE . -25.94 -4.54 13.12
O2 DMU XE . -26.37 -5.33 17.29
O3 DMU XE . -26.30 -2.09 13.70
O4 DMU XE . -27.02 -2.57 16.13
C11 DMU XE . -26.64 -7.50 15.35
O6 DMU XE . -26.11 -8.45 14.40
O16 DMU YE . -25.25 -45.91 -23.47
C18 DMU YE . -25.55 -44.54 -23.73
C19 DMU YE . -24.30 -43.82 -24.22
C22 DMU YE . -24.61 -43.00 -25.47
C25 DMU YE . -23.47 -42.07 -25.83
C28 DMU YE . -23.95 -40.99 -26.81
C31 DMU YE . -22.80 -40.10 -27.23
C34 DMU YE . -21.80 -40.84 -28.11
C37 DMU YE . -20.56 -40.00 -28.34
C40 DMU YE . -19.57 -40.71 -29.27
C43 DMU YE . -19.72 -40.21 -30.70
C1 CDL ZE . -23.95 -22.15 -46.64
O1 CDL ZE . -24.07 -20.72 -46.66
CA2 CDL ZE . -23.11 -22.71 -47.78
OA2 CDL ZE . -21.95 -23.43 -47.21
PA1 CDL ZE . -21.99 -25.02 -47.01
OA3 CDL ZE . -22.88 -25.50 -48.13
OA4 CDL ZE . -20.62 -25.61 -46.76
OA5 CDL ZE . -22.61 -25.46 -45.57
CA3 CDL ZE . -24.05 -25.39 -45.34
CA4 CDL ZE . -24.60 -26.62 -44.66
OA6 CDL ZE . -25.65 -26.26 -43.67
CA5 CDL ZE . -26.93 -26.78 -43.78
OA7 CDL ZE . -27.74 -26.47 -44.66
C11 CDL ZE . -27.29 -27.77 -42.67
C12 CDL ZE . -26.78 -27.39 -41.29
C13 CDL ZE . -27.91 -27.09 -40.27
C14 CDL ZE . -27.45 -26.82 -38.84
C15 CDL ZE . -28.39 -25.94 -38.00
C16 CDL ZE . -27.80 -24.65 -37.35
C17 CDL ZE . -28.84 -23.53 -37.20
C18 CDL ZE . -28.59 -22.45 -36.16
C19 CDL ZE . -29.15 -22.73 -34.73
C20 CDL ZE . -30.67 -22.59 -34.52
C21 CDL ZE . -31.15 -22.98 -33.13
C22 CDL ZE . -31.55 -24.46 -32.94
C23 CDL ZE . -31.71 -24.88 -31.50
C24 CDL ZE . -32.98 -25.76 -31.17
C25 CDL ZE . -33.75 -25.36 -29.88
C26 CDL ZE . -34.92 -26.21 -29.36
C27 CDL ZE . -35.03 -26.27 -27.82
CA6 CDL ZE . -23.52 -27.49 -44.04
OA8 CDL ZE . -22.46 -26.65 -43.51
CA7 CDL ZE . -21.55 -27.28 -42.75
OA9 CDL ZE . -20.78 -28.14 -43.17
C31 CDL ZE . -21.60 -26.80 -41.32
C32 CDL ZE . -21.57 -27.94 -40.28
C33 CDL ZE . -21.39 -27.41 -38.84
C34 CDL ZE . -22.29 -26.20 -38.48
C35 CDL ZE . -22.88 -26.26 -37.04
C36 CDL ZE . -23.38 -24.94 -36.46
C37 CDL ZE . -23.55 -24.95 -34.94
C38 CDL ZE . -24.38 -23.75 -34.35
C39 CDL ZE . -25.03 -24.02 -32.99
C40 CDL ZE . -25.79 -22.86 -32.44
C41 CDL ZE . -25.03 -21.56 -32.32
CB2 CDL ZE . -25.35 -22.67 -46.69
OB2 CDL ZE . -26.11 -21.76 -45.90
PB2 CDL ZE . -27.68 -22.11 -45.77
OB3 CDL ZE . -27.79 -23.48 -46.39
OB4 CDL ZE . -28.73 -21.01 -46.00
OB5 CDL ZE . -27.73 -22.62 -44.23
CB3 CDL ZE . -27.07 -21.88 -43.24
CB4 CDL ZE . -27.10 -22.56 -41.92
OB6 CDL ZE . -26.37 -21.69 -41.02
CB5 CDL ZE . -27.02 -21.01 -40.01
OB7 CDL ZE . -27.09 -21.47 -38.88
C51 CDL ZE . -27.50 -19.65 -40.33
C52 CDL ZE . -28.56 -19.06 -39.37
C53 CDL ZE . -30.02 -19.33 -39.82
C54 CDL ZE . -30.64 -18.25 -40.64
C55 CDL ZE . -31.05 -17.07 -39.84
C56 CDL ZE . -31.18 -15.84 -40.62
C57 CDL ZE . -31.74 -14.72 -39.83
C58 CDL ZE . -31.40 -13.34 -40.35
C59 CDL ZE . -31.60 -12.26 -39.31
C60 CDL ZE . -30.62 -11.16 -39.39
C61 CDL ZE . -30.19 -10.60 -38.08
C62 CDL ZE . -28.67 -10.34 -38.02
C63 CDL ZE . -28.14 -9.40 -39.07
C64 CDL ZE . -26.81 -9.78 -39.60
C65 CDL ZE . -26.11 -8.70 -40.30
C66 CDL ZE . -25.75 -8.94 -41.73
C67 CDL ZE . -24.27 -9.16 -41.85
CB6 CDL ZE . -26.47 -23.93 -42.02
OB8 CDL ZE . -25.12 -23.92 -41.47
CB7 CDL ZE . -25.03 -24.27 -40.19
OB9 CDL ZE . -25.76 -25.14 -39.70
C71 CDL ZE . -23.90 -23.59 -39.41
C72 CDL ZE . -23.91 -22.06 -39.28
C73 CDL ZE . -22.68 -21.50 -38.56
C74 CDL ZE . -22.94 -20.96 -37.22
C75 CDL ZE . -23.92 -19.85 -37.25
C76 CDL ZE . -24.77 -19.75 -35.98
C77 CDL ZE . -25.29 -18.38 -35.76
C78 CDL ZE . -25.65 -18.04 -34.35
C79 CDL ZE . -27.01 -18.54 -33.99
C80 CDL ZE . -27.19 -18.57 -32.50
C81 CDL ZE . -28.54 -19.11 -32.04
C82 CDL ZE . -28.47 -20.51 -31.51
C83 CDL ZE . -28.56 -20.58 -30.03
C84 CDL ZE . -28.38 -22.00 -29.53
C85 CDL ZE . -27.97 -22.11 -28.11
C86 CDL ZE . -28.30 -23.52 -27.58
C87 CDL ZE . -29.48 -23.59 -26.65
C1 DMU AF . -53.18 -24.15 -33.03
C2 DMU AF . -54.04 -25.39 -33.26
C3 DMU AF . -55.47 -25.14 -32.95
C4 DMU AF . -55.95 -23.82 -33.58
O5 DMU AF . -55.10 -22.76 -33.18
C6 DMU AF . -53.79 -22.94 -33.55
O7 DMU AF . -56.22 -26.21 -33.48
O16 DMU AF . -53.06 -21.79 -33.34
C18 DMU AF . -53.52 -20.71 -34.22
C19 DMU AF . -52.91 -19.37 -33.83
C22 DMU AF . -53.67 -18.79 -32.70
C25 DMU AF . -53.20 -17.42 -32.35
C28 DMU AF . -51.87 -17.50 -31.68
C31 DMU AF . -51.97 -17.25 -30.21
C34 DMU AF . -50.90 -16.31 -29.74
C37 DMU AF . -50.02 -16.97 -28.78
C40 DMU AF . -48.80 -16.14 -28.42
C43 DMU AF . -48.45 -16.19 -26.95
O49 DMU AF . -51.91 -24.37 -33.66
O55 DMU AF . -53.57 -26.45 -32.44
C57 DMU AF . -57.38 -23.50 -33.20
O61 DMU AF . -57.80 -22.28 -33.83
C5 DMU AF . -56.49 -28.49 -32.82
C7 DMU AF . -57.12 -28.99 -34.05
C8 DMU AF . -58.61 -28.62 -34.00
C9 DMU AF . -58.78 -27.12 -33.72
O1 DMU AF . -58.21 -26.80 -32.45
C10 DMU AF . -56.79 -27.06 -32.48
O2 DMU AF . -59.24 -28.91 -35.25
O3 DMU AF . -55.18 -28.81 -32.66
O4 DMU AF . -56.92 -30.43 -34.21
C11 DMU AF . -60.27 -26.70 -33.81
O6 DMU AF . -60.70 -26.11 -32.59
C1 DMU BF . -42.99 -19.71 -55.51
C2 DMU BF . -42.53 -18.73 -56.57
C3 DMU BF . -43.70 -17.88 -56.92
C4 DMU BF . -44.21 -17.16 -55.67
O5 DMU BF . -44.54 -18.09 -54.58
C6 DMU BF . -43.55 -19.02 -54.30
O7 DMU BF . -43.33 -16.93 -57.93
O16 DMU BF . -43.85 -20.02 -53.35
C18 DMU BF . -43.02 -20.01 -52.19
C19 DMU BF . -43.86 -19.79 -50.93
C22 DMU BF . -43.68 -20.93 -49.92
C25 DMU BF . -42.84 -20.47 -48.76
C28 DMU BF . -41.98 -21.57 -48.18
C31 DMU BF . -41.65 -21.28 -46.73
C34 DMU BF . -42.00 -22.45 -45.82
C37 DMU BF . -41.58 -22.19 -44.36
C40 DMU BF . -40.81 -23.38 -43.72
C43 DMU BF . -41.15 -23.61 -42.25
O49 DMU BF . -41.91 -20.59 -55.13
O55 DMU BF . -42.07 -19.45 -57.72
C57 DMU BF . -45.43 -16.33 -56.03
O61 DMU BF . -45.05 -15.15 -56.75
C22 DMU CF . -43.97 -1.95 -51.45
C25 DMU CF . -45.41 -2.33 -51.83
C28 DMU CF . -46.22 -2.52 -50.54
C31 DMU CF . -47.20 -3.65 -50.59
C34 DMU CF . -47.47 -4.20 -49.23
C37 DMU CF . -48.56 -5.26 -49.21
C40 DMU CF . -48.18 -6.19 -48.06
C43 DMU CF . -49.28 -6.98 -47.43
#